data_7DWY
#
_entry.id   7DWY
#
_cell.length_a   1.00
_cell.length_b   1.00
_cell.length_c   1.00
_cell.angle_alpha   90.00
_cell.angle_beta   90.00
_cell.angle_gamma   90.00
#
_symmetry.space_group_name_H-M   'P 1'
#
loop_
_entity.id
_entity.type
_entity.pdbx_description
1 polymer 'Spike glycoprotein'
2 branched 2-acetamido-2-deoxy-beta-D-glucopyranose-(1-4)-2-acetamido-2-deoxy-beta-D-glucopyranose
3 non-polymer 2-acetamido-2-deoxy-beta-D-glucopyranose
4 non-polymer 'LINOLEIC ACID'
#
_entity_poly.entity_id   1
_entity_poly.type   'polypeptide(L)'
_entity_poly.pdbx_seq_one_letter_code
;MFVFLVLLPLVSSQCVNLTTRTQLPPAYTNSFTRGVYYPDKVFRSSVLHSTQDLFLPFFSNVTWFHAIHVSGTNGTKRFD
NPVLPFNDGVYFASTEKSNIIRGWIFGTTLDSKTQSLLIVNNATNVVIKVCEFQFCNDPFLGVYYHKNNKSWMESEFRVY
SSANNCTFEYVSQPFLMDLEGKQGNFKNLREFVFKNIDGYFKIYSKHTPINLVRDLPQGFSALEPLVDLPIGINITRFQT
LLALHRSYLTPGDSSSGWTAGAAAYYVGYLQPRTFLLKYNENGTITDAVDCALDPLSETKCTLKSFTVEKGIYQTSNFRV
QPTESIVRFPNITNLCPFGEVFNATRFASVYAWNRKRISNCVADYSVLYNSASFSTFKCYGVSPTKLNDLCFTNVYADSF
VIRGDEVRQIAPGQTGKIADYNYKLPDDFTGCVIAWNSNNLDSKVGGNYNYLYRLFRKSNLKPFERDISTEIYQAGSTPC
NGVEGFNCYFPLQSYGFQPTNGVGYQPYRVVVLSFELLHAPATVCGPKKSTNLVKNKCVNFNFNGLTGTGVLTESNKKFL
PFQQFGRDIADTTDAVRDPQTLEILDITPCSFGGVSVITPGTNTSNQVAVLYQDVNCTEVPVAIHADQLTPTWRVYSTGS
NVFQTRAGCLIGAEHVNNSYECDIPIGAGICASYQTQTNSPRRARSVASQSIIAYTMSLGAENSVAYSNNSIAIPTNFTI
SVTTEILPVSMTKTSVDCTMYICGDSTECSNLLLQYGSFCTQLNRALTGIAVEQDKNTQEVFAQVKQIYKTPPIKDFGGF
NFSQILPDPSKPSKRSFIEDLLFNKVTLADAGFIKQYGDCLGDIAARDLICAQKFNGLTVLPPLLTDEMIAQYTSALLAG
TITSGWTFGAGAALQIPFAMQMAYRFNGIGVTQNVLYENQKLIANQFNSAIGKIQDSLSSTASALGKLQDVVNQNAQALN
TLVKQLSSNFGAISSVLNDILSRLDPPEAEVQIDRLITGRLQSLQTYVTQQLIRAAEIRASANLAATKMSECVLGQSKRV
DFCGKGYHLMSFPQSAPHGVVFLHVTYVPAQEKNFTTAPAICHDGKAHFPREGVFVSNGTHWFVTQRNFYEPQIITTDNT
FVSGNCDVVIGIVNNTVYDPLQPELDSFKEELDKYFKNHTSPDVDLGDISGINASVVNIQKEIDRLNEVAKNLNESLIDL
QELGKYEQYIKWPWYIWLGFIAGLIAIVMVTIMLCCMTSCCSCLKGCCSCGSCCKFDEDDSEPVLKGVKLHYTLEDYKDD
DDK
;
_entity_poly.pdbx_strand_id   A,B,C
#
loop_
_chem_comp.id
_chem_comp.type
_chem_comp.name
_chem_comp.formula
EIC non-polymer 'LINOLEIC ACID' 'C18 H32 O2'
NAG D-saccharide, beta linking 2-acetamido-2-deoxy-beta-D-glucopyranose 'C8 H15 N O6'
#
# COMPACT_ATOMS: atom_id res chain seq x y z
N GLN A 14 42.57 2.59 -59.98
CA GLN A 14 41.60 3.67 -60.15
C GLN A 14 41.30 4.36 -58.84
N CYS A 15 42.14 5.30 -58.43
CA CYS A 15 41.85 6.00 -57.19
C CYS A 15 42.63 7.30 -57.15
N VAL A 16 41.90 8.42 -57.15
CA VAL A 16 42.51 9.73 -57.37
C VAL A 16 42.28 10.63 -56.16
N ASN A 17 43.13 11.64 -56.04
CA ASN A 17 43.02 12.65 -55.00
C ASN A 17 42.59 13.86 -55.81
N LEU A 18 41.39 14.36 -55.57
CA LEU A 18 40.85 15.46 -56.36
C LEU A 18 41.45 16.80 -55.93
N THR A 19 41.33 17.78 -56.82
CA THR A 19 41.82 19.13 -56.57
C THR A 19 40.81 20.12 -57.14
N THR A 20 41.25 21.38 -57.27
CA THR A 20 40.41 22.50 -57.71
C THR A 20 39.23 22.72 -56.78
N ARG A 21 39.49 22.69 -55.47
CA ARG A 21 38.46 22.83 -54.46
C ARG A 21 38.78 24.05 -53.61
N THR A 22 37.76 24.88 -53.37
CA THR A 22 37.95 26.13 -52.64
C THR A 22 37.78 25.90 -51.15
N GLN A 23 38.36 26.81 -50.36
CA GLN A 23 38.34 26.69 -48.91
C GLN A 23 37.15 27.47 -48.35
N LEU A 24 36.54 26.93 -47.31
CA LEU A 24 35.41 27.56 -46.63
C LEU A 24 35.30 26.98 -45.23
N PRO A 25 34.83 27.78 -44.27
CA PRO A 25 34.53 27.25 -42.94
C PRO A 25 33.22 26.48 -42.96
N PRO A 26 32.91 25.73 -41.90
CA PRO A 26 31.67 24.96 -41.87
C PRO A 26 30.44 25.84 -41.67
N ALA A 27 29.29 25.29 -42.04
CA ALA A 27 28.01 25.94 -41.90
C ALA A 27 27.09 25.11 -41.01
N TYR A 28 26.24 25.80 -40.25
CA TYR A 28 25.34 25.15 -39.32
C TYR A 28 23.92 25.60 -39.58
N THR A 29 22.97 24.79 -39.11
CA THR A 29 21.56 25.05 -39.34
C THR A 29 20.79 24.47 -38.16
N ASN A 30 19.52 24.84 -38.04
CA ASN A 30 18.65 24.38 -36.98
C ASN A 30 17.76 23.26 -37.50
N SER A 31 17.51 22.26 -36.66
CA SER A 31 16.59 21.18 -36.98
C SER A 31 15.25 21.45 -36.30
N PHE A 32 14.27 21.90 -37.07
CA PHE A 32 12.97 22.29 -36.52
C PHE A 32 12.10 21.05 -36.33
N THR A 33 12.30 20.36 -35.20
CA THR A 33 11.52 19.18 -34.85
C THR A 33 11.58 18.10 -35.92
N ARG A 34 12.79 17.81 -36.40
CA ARG A 34 12.99 16.80 -37.41
C ARG A 34 13.58 15.55 -36.78
N GLY A 35 13.38 14.41 -37.46
CA GLY A 35 14.06 13.18 -37.08
C GLY A 35 13.37 12.32 -36.05
N VAL A 36 12.08 12.04 -36.27
CA VAL A 36 11.31 11.16 -35.41
C VAL A 36 10.95 9.93 -36.21
N TYR A 37 10.97 8.77 -35.56
CA TYR A 37 10.69 7.51 -36.24
C TYR A 37 9.76 6.67 -35.39
N TYR A 38 9.11 5.71 -36.02
CA TYR A 38 8.26 4.77 -35.31
C TYR A 38 9.12 3.87 -34.43
N PRO A 39 8.94 3.87 -33.12
CA PRO A 39 9.85 3.11 -32.26
C PRO A 39 9.51 1.64 -32.08
N ASP A 40 8.37 1.16 -32.58
CA ASP A 40 8.10 -0.27 -32.56
C ASP A 40 7.34 -0.63 -33.83
N LYS A 41 6.83 -1.85 -33.88
CA LYS A 41 6.03 -2.33 -34.99
C LYS A 41 4.58 -2.58 -34.57
N VAL A 42 4.11 -1.86 -33.56
CA VAL A 42 2.74 -2.01 -33.07
C VAL A 42 1.90 -0.88 -33.61
N PHE A 43 0.64 -1.17 -33.92
CA PHE A 43 -0.29 -0.17 -34.40
C PHE A 43 -0.96 0.52 -33.22
N ARG A 44 -0.96 1.86 -33.24
CA ARG A 44 -1.64 2.66 -32.24
C ARG A 44 -2.42 3.75 -32.93
N SER A 45 -3.58 4.09 -32.38
CA SER A 45 -4.50 5.01 -33.02
C SER A 45 -5.13 5.91 -31.98
N SER A 46 -5.14 7.21 -32.25
CA SER A 46 -5.78 8.21 -31.40
C SER A 46 -5.26 8.13 -29.96
N VAL A 47 -3.97 8.42 -29.78
CA VAL A 47 -3.33 8.22 -28.50
C VAL A 47 -2.10 9.10 -28.40
N LEU A 48 -1.63 9.31 -27.17
CA LEU A 48 -0.36 9.97 -26.91
C LEU A 48 0.52 8.99 -26.15
N HIS A 49 1.66 8.63 -26.72
CA HIS A 49 2.51 7.58 -26.18
C HIS A 49 3.86 8.17 -25.80
N SER A 50 4.31 7.85 -24.60
CA SER A 50 5.61 8.32 -24.13
C SER A 50 6.65 7.24 -24.35
N THR A 51 7.79 7.62 -24.93
CA THR A 51 8.79 6.67 -25.39
C THR A 51 10.17 7.21 -25.09
N GLN A 52 11.07 6.36 -24.63
CA GLN A 52 12.47 6.71 -24.48
C GLN A 52 13.31 5.96 -25.49
N ASP A 53 14.15 6.69 -26.22
CA ASP A 53 15.01 6.09 -27.22
C ASP A 53 16.07 7.07 -27.71
N LEU A 54 16.84 6.69 -28.71
CA LEU A 54 17.84 7.57 -29.31
C LEU A 54 17.15 8.42 -30.35
N PHE A 55 16.96 9.70 -30.03
CA PHE A 55 16.27 10.64 -30.90
C PHE A 55 17.18 11.82 -31.18
N LEU A 56 16.85 12.55 -32.23
CA LEU A 56 17.53 13.80 -32.51
C LEU A 56 16.83 14.93 -31.75
N PRO A 57 17.50 15.59 -30.81
CA PRO A 57 16.83 16.60 -30.00
C PRO A 57 16.26 17.73 -30.85
N PHE A 58 15.16 18.30 -30.37
CA PHE A 58 14.49 19.36 -31.09
C PHE A 58 15.34 20.62 -31.09
N PHE A 59 15.32 21.33 -32.22
CA PHE A 59 16.09 22.57 -32.40
C PHE A 59 17.57 22.33 -32.11
N SER A 60 18.13 21.33 -32.79
CA SER A 60 19.53 20.99 -32.67
C SER A 60 20.35 21.70 -33.74
N ASN A 61 21.64 21.80 -33.48
CA ASN A 61 22.59 22.43 -34.38
C ASN A 61 23.18 21.38 -35.31
N VAL A 62 22.61 21.26 -36.51
CA VAL A 62 23.08 20.26 -37.46
C VAL A 62 24.09 20.91 -38.38
N THR A 63 24.97 20.08 -38.95
CA THR A 63 26.00 20.58 -39.84
C THR A 63 25.56 20.45 -41.29
N TRP A 64 25.97 21.42 -42.10
CA TRP A 64 25.48 21.63 -43.45
C TRP A 64 26.63 21.47 -44.43
N PHE A 65 26.44 20.64 -45.47
CA PHE A 65 27.46 20.37 -46.45
C PHE A 65 26.88 20.56 -47.85
N HIS A 66 27.62 21.14 -48.76
CA HIS A 66 27.06 21.32 -50.09
C HIS A 66 27.94 20.83 -51.23
N ALA A 67 27.83 21.48 -52.37
CA ALA A 67 28.59 21.14 -53.55
C ALA A 67 28.00 21.83 -54.73
N ILE A 68 28.34 23.10 -54.90
CA ILE A 68 27.87 23.88 -56.02
C ILE A 68 29.15 24.38 -56.67
N HIS A 69 29.21 24.28 -57.99
CA HIS A 69 30.38 24.73 -58.72
C HIS A 69 30.00 25.94 -59.55
N VAL A 70 30.76 27.03 -59.39
CA VAL A 70 30.55 28.28 -60.13
C VAL A 70 29.55 29.25 -59.47
N THR A 76 33.33 29.04 -57.77
CA THR A 76 33.34 28.26 -56.55
C THR A 76 32.96 26.81 -56.82
N LYS A 77 33.76 25.90 -56.25
CA LYS A 77 33.56 24.46 -56.35
C LYS A 77 33.49 24.03 -54.89
N ARG A 78 32.65 23.06 -54.57
CA ARG A 78 32.53 22.62 -53.19
C ARG A 78 32.08 21.19 -53.12
N PHE A 79 33.03 20.26 -53.06
CA PHE A 79 32.66 18.85 -53.00
C PHE A 79 32.89 18.36 -51.58
N ASP A 80 31.91 18.51 -50.69
CA ASP A 80 32.14 18.11 -49.31
C ASP A 80 31.87 16.63 -49.11
N ASN A 81 32.89 15.90 -48.66
CA ASN A 81 32.71 14.55 -48.17
C ASN A 81 33.79 14.20 -47.15
N PRO A 82 33.87 14.91 -46.03
CA PRO A 82 34.89 14.56 -45.02
C PRO A 82 34.48 13.34 -44.23
N VAL A 83 35.39 12.88 -43.38
CA VAL A 83 35.12 11.76 -42.49
C VAL A 83 34.53 12.31 -41.20
N LEU A 84 33.29 11.95 -40.91
CA LEU A 84 32.58 12.47 -39.76
C LEU A 84 32.44 11.40 -38.70
N PRO A 85 32.36 11.79 -37.43
CA PRO A 85 32.11 10.81 -36.38
C PRO A 85 30.73 10.18 -36.50
N PHE A 86 30.60 9.03 -35.87
CA PHE A 86 29.34 8.30 -35.76
C PHE A 86 29.17 7.98 -34.29
N ASN A 87 28.63 8.92 -33.53
CA ASN A 87 28.75 8.85 -32.08
C ASN A 87 27.84 7.78 -31.48
N ASP A 88 26.54 7.95 -31.60
CA ASP A 88 25.58 7.01 -31.06
C ASP A 88 24.48 6.67 -32.04
N GLY A 89 24.59 7.18 -33.26
CA GLY A 89 23.53 7.14 -34.24
C GLY A 89 23.59 8.45 -34.99
N VAL A 90 23.02 8.46 -36.19
CA VAL A 90 23.13 9.61 -37.07
C VAL A 90 21.79 9.87 -37.74
N TYR A 91 21.35 11.12 -37.70
CA TYR A 91 20.28 11.61 -38.55
C TYR A 91 20.95 12.26 -39.77
N PHE A 92 20.56 11.81 -40.95
CA PHE A 92 21.15 12.28 -42.19
C PHE A 92 20.02 12.73 -43.11
N ALA A 93 20.12 13.95 -43.63
CA ALA A 93 19.11 14.47 -44.52
C ALA A 93 19.75 14.97 -45.79
N SER A 94 19.08 14.77 -46.92
CA SER A 94 19.64 15.17 -48.20
C SER A 94 18.57 15.83 -49.05
N THR A 95 18.85 17.06 -49.47
CA THR A 95 18.01 17.78 -50.42
C THR A 95 18.70 17.78 -51.77
N GLU A 96 18.03 17.20 -52.77
CA GLU A 96 18.59 17.14 -54.11
C GLU A 96 17.51 17.23 -55.18
N LYS A 97 17.99 17.30 -56.42
CA LYS A 97 17.16 17.24 -57.61
C LYS A 97 17.74 16.32 -58.68
N SER A 98 18.99 15.90 -58.54
CA SER A 98 19.68 15.19 -59.62
C SER A 98 20.52 14.01 -59.13
N ASN A 99 20.17 13.46 -57.97
CA ASN A 99 20.73 12.19 -57.51
C ASN A 99 22.25 12.22 -57.33
N ILE A 100 22.72 13.06 -56.42
CA ILE A 100 24.15 13.25 -56.21
C ILE A 100 24.68 12.40 -55.06
N ILE A 101 23.95 12.30 -53.95
CA ILE A 101 24.36 11.42 -52.87
C ILE A 101 23.93 9.99 -53.20
N ARG A 102 24.86 9.05 -53.07
CA ARG A 102 24.67 7.68 -53.52
C ARG A 102 24.80 6.64 -52.43
N GLY A 103 25.30 7.00 -51.26
CA GLY A 103 25.46 6.03 -50.20
C GLY A 103 26.53 6.47 -49.23
N TRP A 104 26.93 5.53 -48.38
CA TRP A 104 27.87 5.83 -47.32
C TRP A 104 28.80 4.65 -47.10
N ILE A 105 29.90 4.92 -46.41
CA ILE A 105 30.78 3.89 -45.89
C ILE A 105 30.94 4.12 -44.40
N PHE A 106 30.88 3.05 -43.62
CA PHE A 106 30.96 3.10 -42.17
C PHE A 106 32.09 2.20 -41.70
N GLY A 107 32.77 2.60 -40.64
CA GLY A 107 33.84 1.79 -40.11
C GLY A 107 34.57 2.52 -39.00
N THR A 108 35.73 1.98 -38.63
CA THR A 108 36.60 2.65 -37.66
C THR A 108 37.88 3.20 -38.28
N THR A 109 38.66 2.39 -38.98
CA THR A 109 39.87 2.87 -39.62
C THR A 109 39.75 3.01 -41.13
N LEU A 110 38.86 2.27 -41.77
CA LEU A 110 38.60 2.38 -43.21
C LEU A 110 39.85 2.10 -44.04
N ASP A 111 40.72 1.21 -43.56
CA ASP A 111 41.99 1.01 -44.24
C ASP A 111 42.43 -0.45 -44.30
N SER A 112 41.49 -1.38 -44.39
CA SER A 112 41.76 -2.79 -44.65
C SER A 112 42.42 -3.52 -43.49
N LYS A 113 42.65 -2.85 -42.36
CA LYS A 113 43.03 -3.55 -41.15
C LYS A 113 41.83 -3.92 -40.31
N THR A 114 40.64 -3.47 -40.69
CA THR A 114 39.41 -3.74 -39.97
C THR A 114 38.29 -3.84 -40.99
N GLN A 115 37.17 -4.40 -40.55
CA GLN A 115 36.02 -4.59 -41.42
C GLN A 115 35.22 -3.30 -41.52
N SER A 116 34.61 -3.09 -42.68
CA SER A 116 33.84 -1.89 -42.94
C SER A 116 32.60 -2.24 -43.74
N LEU A 117 31.59 -1.39 -43.61
CA LEU A 117 30.31 -1.56 -44.28
C LEU A 117 30.19 -0.51 -45.37
N LEU A 118 29.65 -0.91 -46.51
CA LEU A 118 29.46 -0.05 -47.66
C LEU A 118 28.05 -0.20 -48.17
N ILE A 119 27.30 0.89 -48.20
CA ILE A 119 25.97 0.94 -48.79
C ILE A 119 26.07 1.90 -49.97
N VAL A 120 25.81 1.42 -51.17
CA VAL A 120 26.01 2.23 -52.36
C VAL A 120 24.88 2.00 -53.34
N ASN A 121 24.64 3.00 -54.18
CA ASN A 121 23.60 2.95 -55.20
C ASN A 121 24.27 3.20 -56.55
N ASN A 122 24.62 2.13 -57.25
CA ASN A 122 25.01 2.24 -58.65
C ASN A 122 23.84 2.76 -59.46
N ALA A 123 24.08 3.02 -60.73
CA ALA A 123 22.95 3.45 -61.54
C ALA A 123 21.96 2.32 -61.78
N THR A 124 22.26 1.10 -61.33
CA THR A 124 21.39 -0.05 -61.62
C THR A 124 20.99 -0.87 -60.40
N ASN A 125 21.84 -0.98 -59.38
CA ASN A 125 21.54 -1.78 -58.20
C ASN A 125 21.87 -1.02 -56.93
N VAL A 126 21.31 -1.51 -55.82
CA VAL A 126 21.73 -1.13 -54.47
C VAL A 126 22.58 -2.25 -53.91
N VAL A 127 23.77 -1.91 -53.42
CA VAL A 127 24.75 -2.89 -52.98
C VAL A 127 25.10 -2.62 -51.53
N ILE A 128 25.00 -3.64 -50.71
CA ILE A 128 25.40 -3.58 -49.30
C ILE A 128 26.45 -4.66 -49.09
N LYS A 129 27.61 -4.27 -48.57
CA LYS A 129 28.70 -5.21 -48.39
C LYS A 129 29.47 -4.92 -47.12
N VAL A 130 29.71 -5.95 -46.32
CA VAL A 130 30.43 -5.79 -45.06
C VAL A 130 31.69 -6.65 -45.05
N CYS A 131 32.75 -6.13 -45.68
CA CYS A 131 34.02 -6.85 -45.74
C CYS A 131 35.19 -5.92 -45.44
N GLU A 132 36.39 -6.35 -45.80
CA GLU A 132 37.60 -5.56 -45.57
C GLU A 132 37.97 -4.75 -46.80
N PHE A 133 37.63 -3.46 -46.78
CA PHE A 133 37.92 -2.57 -47.88
C PHE A 133 39.16 -1.74 -47.60
N GLN A 134 39.84 -1.33 -48.66
CA GLN A 134 40.87 -0.31 -48.60
C GLN A 134 40.33 0.91 -49.32
N PHE A 135 39.72 1.81 -48.57
CA PHE A 135 39.07 2.97 -49.16
C PHE A 135 40.09 4.05 -49.51
N CYS A 136 39.72 4.90 -50.46
CA CYS A 136 40.57 6.01 -50.86
C CYS A 136 40.37 7.22 -49.97
N ASN A 137 41.22 8.23 -50.18
CA ASN A 137 41.04 9.50 -49.51
C ASN A 137 39.85 10.27 -50.05
N ASP A 138 39.51 10.06 -51.32
CA ASP A 138 38.40 10.76 -51.97
C ASP A 138 37.60 9.75 -52.77
N PRO A 139 36.75 8.97 -52.12
CA PRO A 139 35.92 8.02 -52.85
C PRO A 139 34.72 8.70 -53.48
N PHE A 140 34.38 8.29 -54.69
CA PHE A 140 33.25 8.89 -55.37
C PHE A 140 32.80 8.00 -56.51
N LEU A 141 31.71 8.42 -57.14
CA LEU A 141 31.23 7.85 -58.38
C LEU A 141 31.29 8.95 -59.43
N GLY A 142 30.98 8.60 -60.67
CA GLY A 142 31.08 9.61 -61.70
C GLY A 142 30.23 9.34 -62.92
N VAL A 143 29.47 10.36 -63.34
CA VAL A 143 28.59 10.29 -64.49
C VAL A 143 29.19 11.12 -65.61
N TYR A 144 29.11 10.62 -66.84
CA TYR A 144 29.65 11.31 -68.00
C TYR A 144 28.51 11.72 -68.93
N TYR A 145 28.65 12.90 -69.52
CA TYR A 145 27.60 13.50 -70.35
C TYR A 145 28.10 13.70 -71.76
N HIS A 146 27.42 13.06 -72.72
CA HIS A 146 27.72 13.20 -74.13
C HIS A 146 26.65 14.05 -74.80
N LYS A 147 27.04 14.84 -75.80
CA LYS A 147 26.02 15.52 -76.61
C LYS A 147 25.75 14.77 -77.90
N ASN A 148 26.78 14.25 -78.55
CA ASN A 148 26.58 13.45 -79.75
C ASN A 148 25.58 12.34 -79.49
N ASN A 149 25.79 11.62 -78.38
CA ASN A 149 24.88 10.59 -77.92
C ASN A 149 24.00 11.36 -76.92
N LYS A 150 22.69 11.15 -76.97
CA LYS A 150 21.80 11.88 -76.07
C LYS A 150 21.67 11.16 -74.74
N SER A 151 22.65 11.32 -73.86
CA SER A 151 22.62 10.51 -72.63
C SER A 151 23.65 10.96 -71.61
N TRP A 152 23.24 10.91 -70.34
CA TRP A 152 24.13 10.86 -69.19
C TRP A 152 24.30 9.39 -68.81
N MET A 153 25.55 8.93 -68.70
CA MET A 153 25.78 7.53 -68.36
C MET A 153 26.74 7.43 -67.19
N GLU A 154 26.58 6.35 -66.41
CA GLU A 154 27.44 6.09 -65.27
C GLU A 154 28.79 5.56 -65.75
N SER A 155 29.86 6.26 -65.38
CA SER A 155 31.18 5.92 -65.89
C SER A 155 32.16 5.44 -64.84
N GLU A 156 32.41 6.19 -63.77
CA GLU A 156 33.43 5.81 -62.80
C GLU A 156 32.81 5.34 -61.50
N PHE A 157 33.49 4.39 -60.84
CA PHE A 157 33.16 3.91 -59.50
C PHE A 157 34.49 3.76 -58.78
N ARG A 158 34.94 4.83 -58.11
CA ARG A 158 36.26 4.85 -57.48
C ARG A 158 36.08 4.97 -55.98
N VAL A 159 35.89 3.84 -55.32
CA VAL A 159 35.67 3.79 -53.88
C VAL A 159 36.81 3.08 -53.17
N TYR A 160 37.09 1.84 -53.54
CA TYR A 160 38.06 1.03 -52.82
C TYR A 160 39.05 0.41 -53.80
N SER A 161 40.16 -0.07 -53.24
CA SER A 161 41.15 -0.79 -54.03
C SER A 161 40.97 -2.30 -53.91
N SER A 162 40.71 -2.80 -52.69
CA SER A 162 40.62 -4.22 -52.45
C SER A 162 39.43 -4.52 -51.55
N ALA A 163 39.00 -5.79 -51.57
CA ALA A 163 37.94 -6.29 -50.70
C ALA A 163 38.21 -7.76 -50.43
N ASN A 164 38.78 -8.06 -49.26
CA ASN A 164 39.34 -9.39 -49.06
C ASN A 164 38.41 -10.41 -48.41
N ASN A 165 38.01 -10.18 -47.17
CA ASN A 165 37.37 -11.21 -46.36
C ASN A 165 35.96 -10.74 -46.03
N CYS A 166 35.08 -10.89 -47.01
CA CYS A 166 33.70 -10.43 -46.90
C CYS A 166 32.86 -11.32 -46.04
N THR A 167 31.98 -10.71 -45.27
CA THR A 167 31.10 -11.50 -44.41
C THR A 167 29.63 -11.40 -44.78
N PHE A 168 29.18 -10.24 -45.23
CA PHE A 168 27.77 -10.01 -45.54
C PHE A 168 27.68 -9.33 -46.89
N GLU A 169 26.70 -9.74 -47.70
CA GLU A 169 26.53 -9.18 -49.02
C GLU A 169 25.07 -9.24 -49.43
N TYR A 170 24.57 -8.13 -49.97
CA TYR A 170 23.22 -8.06 -50.51
C TYR A 170 23.22 -7.18 -51.75
N VAL A 171 22.52 -7.61 -52.79
CA VAL A 171 22.38 -6.85 -54.03
C VAL A 171 20.91 -6.86 -54.43
N SER A 172 20.36 -5.68 -54.62
CA SER A 172 18.94 -5.51 -54.95
C SER A 172 18.66 -5.95 -56.38
N GLN A 173 17.36 -5.98 -56.75
CA GLN A 173 16.99 -6.23 -58.14
C GLN A 173 17.43 -5.09 -59.03
N PRO A 174 17.72 -5.36 -60.30
CA PRO A 174 18.24 -4.31 -61.17
C PRO A 174 17.18 -3.28 -61.52
N PHE A 175 17.64 -2.04 -61.71
CA PHE A 175 16.81 -0.94 -62.18
C PHE A 175 17.69 -0.02 -63.01
N LEU A 176 17.20 1.19 -63.26
CA LEU A 176 18.01 2.21 -63.90
C LEU A 176 17.52 3.58 -63.45
N MET A 177 18.42 4.34 -62.82
CA MET A 177 18.09 5.68 -62.36
C MET A 177 18.15 6.66 -63.53
N ASP A 178 17.96 7.94 -63.24
CA ASP A 178 17.85 8.95 -64.28
C ASP A 178 19.21 9.57 -64.60
N LEU A 179 19.93 10.00 -63.56
CA LEU A 179 21.27 10.55 -63.67
C LEU A 179 21.29 11.88 -64.40
N GLU A 180 20.15 12.33 -64.90
CA GLU A 180 20.09 13.53 -65.72
C GLU A 180 20.15 14.76 -64.83
N GLY A 181 20.94 15.74 -65.23
CA GLY A 181 21.15 16.93 -64.41
C GLY A 181 20.07 17.97 -64.63
N LYS A 182 19.28 18.22 -63.58
CA LYS A 182 18.22 19.21 -63.62
C LYS A 182 18.78 20.59 -63.30
N GLN A 183 17.94 21.62 -63.43
CA GLN A 183 18.38 23.00 -63.25
C GLN A 183 17.40 23.82 -62.43
N GLY A 184 16.41 23.19 -61.81
CA GLY A 184 15.39 23.93 -61.09
C GLY A 184 15.78 24.17 -59.64
N ASN A 185 14.89 23.79 -58.72
CA ASN A 185 15.17 23.85 -57.30
C ASN A 185 15.15 22.45 -56.74
N PHE A 186 15.61 22.33 -55.48
CA PHE A 186 15.63 21.03 -54.82
C PHE A 186 14.22 20.47 -54.72
N LYS A 187 14.01 19.31 -55.30
CA LYS A 187 12.69 18.72 -55.38
C LYS A 187 12.50 17.48 -54.53
N ASN A 188 13.56 16.94 -53.93
CA ASN A 188 13.46 15.69 -53.18
C ASN A 188 14.21 15.81 -51.87
N LEU A 189 13.53 15.49 -50.78
CA LEU A 189 14.15 15.39 -49.46
C LEU A 189 14.14 13.93 -49.05
N ARG A 190 15.29 13.42 -48.62
CA ARG A 190 15.40 12.05 -48.17
C ARG A 190 16.07 12.04 -46.80
N GLU A 191 15.42 11.43 -45.82
CA GLU A 191 15.92 11.43 -44.45
C GLU A 191 16.13 10.01 -43.98
N PHE A 192 17.24 9.80 -43.26
CA PHE A 192 17.65 8.50 -42.76
C PHE A 192 18.06 8.63 -41.31
N VAL A 193 17.79 7.58 -40.55
CA VAL A 193 18.32 7.42 -39.21
C VAL A 193 19.10 6.13 -39.17
N PHE A 194 20.36 6.20 -38.76
CA PHE A 194 21.26 5.06 -38.66
C PHE A 194 21.56 4.79 -37.20
N LYS A 195 21.25 3.57 -36.75
CA LYS A 195 21.60 3.12 -35.41
C LYS A 195 22.40 1.83 -35.51
N ASN A 196 23.19 1.56 -34.47
CA ASN A 196 24.08 0.39 -34.46
C ASN A 196 24.10 -0.19 -33.06
N ILE A 197 23.32 -1.25 -32.82
CA ILE A 197 23.20 -1.83 -31.48
C ILE A 197 23.12 -3.35 -31.59
N ASP A 198 23.85 -4.06 -30.72
CA ASP A 198 23.89 -5.53 -30.71
C ASP A 198 24.23 -6.12 -32.06
N GLY A 199 25.21 -5.52 -32.74
CA GLY A 199 25.60 -6.02 -34.02
C GLY A 199 24.56 -5.87 -35.10
N TYR A 200 23.50 -5.10 -34.84
CA TYR A 200 22.48 -4.80 -35.82
C TYR A 200 22.64 -3.35 -36.25
N PHE A 201 22.68 -3.14 -37.56
CA PHE A 201 22.68 -1.80 -38.14
C PHE A 201 21.27 -1.53 -38.64
N LYS A 202 20.56 -0.66 -37.93
CA LYS A 202 19.16 -0.36 -38.23
C LYS A 202 19.08 0.93 -39.02
N ILE A 203 18.27 0.91 -40.07
CA ILE A 203 18.07 2.06 -40.95
C ILE A 203 16.59 2.35 -41.02
N TYR A 204 16.23 3.59 -40.68
CA TYR A 204 14.90 4.16 -40.86
C TYR A 204 14.96 5.22 -41.94
N SER A 205 13.89 5.36 -42.71
CA SER A 205 13.96 6.20 -43.90
C SER A 205 12.61 6.83 -44.20
N LYS A 206 12.67 7.99 -44.84
CA LYS A 206 11.46 8.65 -45.34
C LYS A 206 11.81 9.56 -46.52
N HIS A 207 10.98 9.50 -47.55
CA HIS A 207 11.13 10.34 -48.73
C HIS A 207 9.99 11.34 -48.78
N THR A 208 10.29 12.58 -49.16
CA THR A 208 9.27 13.63 -49.23
C THR A 208 9.48 14.55 -50.42
N PRO A 209 8.39 14.94 -51.09
CA PRO A 209 8.49 15.90 -52.19
C PRO A 209 8.45 17.33 -51.66
N ILE A 210 9.45 18.13 -52.05
CA ILE A 210 9.56 19.50 -51.61
C ILE A 210 9.77 20.40 -52.83
N ASN A 211 9.89 21.70 -52.55
CA ASN A 211 10.20 22.71 -53.55
C ASN A 211 10.89 23.83 -52.78
N LEU A 212 12.22 23.85 -52.83
CA LEU A 212 12.98 24.65 -51.90
C LEU A 212 14.31 25.03 -52.55
N VAL A 213 15.01 25.98 -51.94
CA VAL A 213 16.26 26.48 -52.52
C VAL A 213 17.46 26.23 -51.62
N ARG A 214 17.25 26.15 -50.30
CA ARG A 214 18.36 25.96 -49.36
C ARG A 214 17.79 25.69 -47.98
N ASP A 215 18.69 25.50 -47.02
CA ASP A 215 18.33 25.61 -45.60
C ASP A 215 17.20 24.69 -45.18
N LEU A 216 17.51 23.40 -44.97
CA LEU A 216 16.55 22.31 -44.76
C LEU A 216 15.28 22.76 -44.08
N PRO A 217 14.11 22.40 -44.60
CA PRO A 217 12.86 23.05 -44.19
C PRO A 217 12.36 22.63 -42.82
N GLN A 218 11.24 23.22 -42.43
CA GLN A 218 10.51 22.83 -41.23
C GLN A 218 9.36 21.92 -41.61
N GLY A 219 8.75 21.30 -40.61
CA GLY A 219 7.69 20.37 -40.84
C GLY A 219 7.88 19.15 -39.96
N PHE A 220 6.96 18.21 -40.10
CA PHE A 220 7.01 16.99 -39.30
C PHE A 220 6.63 15.80 -40.17
N SER A 221 7.52 14.83 -40.26
CA SER A 221 7.22 13.55 -40.88
C SER A 221 8.03 12.48 -40.16
N ALA A 222 7.38 11.37 -39.86
CA ALA A 222 7.99 10.29 -39.09
C ALA A 222 8.59 9.26 -40.04
N LEU A 223 9.82 8.84 -39.75
CA LEU A 223 10.53 7.89 -40.58
C LEU A 223 10.13 6.46 -40.22
N GLU A 224 9.93 5.64 -41.23
CA GLU A 224 9.48 4.28 -41.01
C GLU A 224 10.65 3.31 -41.08
N PRO A 225 10.55 2.16 -40.40
CA PRO A 225 11.67 1.21 -40.39
C PRO A 225 11.95 0.67 -41.78
N LEU A 226 13.21 0.76 -42.19
CA LEU A 226 13.63 0.28 -43.49
C LEU A 226 14.28 -1.10 -43.40
N VAL A 227 15.31 -1.29 -42.59
CA VAL A 227 16.00 -2.58 -42.55
C VAL A 227 16.84 -2.72 -41.30
N ASP A 228 17.16 -3.97 -40.93
CA ASP A 228 18.11 -4.33 -39.88
C ASP A 228 19.15 -5.26 -40.49
N LEU A 229 20.37 -4.80 -40.61
CA LEU A 229 21.42 -5.64 -41.16
C LEU A 229 22.22 -6.27 -40.04
N PRO A 230 22.43 -7.58 -40.05
CA PRO A 230 23.25 -8.23 -39.01
C PRO A 230 24.74 -8.24 -39.36
N ILE A 231 25.40 -7.10 -39.18
CA ILE A 231 26.76 -6.93 -39.63
C ILE A 231 27.79 -7.24 -38.54
N GLY A 232 27.49 -6.90 -37.29
CA GLY A 232 28.36 -7.27 -36.19
C GLY A 232 29.73 -6.65 -36.19
N ILE A 233 29.86 -5.40 -36.63
CA ILE A 233 31.14 -4.72 -36.65
C ILE A 233 31.11 -3.50 -35.74
N ASN A 234 32.28 -2.94 -35.49
CA ASN A 234 32.41 -1.72 -34.69
C ASN A 234 32.43 -0.54 -35.63
N ILE A 235 31.68 0.50 -35.30
CA ILE A 235 31.54 1.68 -36.16
C ILE A 235 31.78 2.92 -35.31
N THR A 236 32.69 3.78 -35.76
CA THR A 236 32.96 5.03 -35.07
C THR A 236 33.06 6.21 -36.02
N ARG A 237 33.18 5.99 -37.32
CA ARG A 237 33.28 7.05 -38.31
C ARG A 237 32.51 6.64 -39.54
N PHE A 238 32.17 7.62 -40.37
CA PHE A 238 31.50 7.35 -41.63
C PHE A 238 31.79 8.47 -42.62
N GLN A 239 31.43 8.22 -43.87
CA GLN A 239 31.72 9.16 -44.94
C GLN A 239 30.71 8.98 -46.06
N THR A 240 30.40 10.08 -46.74
CA THR A 240 29.36 10.09 -47.76
C THR A 240 29.96 9.92 -49.14
N LEU A 241 29.21 9.26 -50.02
CA LEU A 241 29.63 8.97 -51.39
C LEU A 241 28.83 9.85 -52.34
N LEU A 242 29.53 10.73 -53.05
CA LEU A 242 28.90 11.64 -53.99
C LEU A 242 29.23 11.25 -55.42
N ALA A 243 28.41 11.72 -56.37
CA ALA A 243 28.63 11.48 -57.77
C ALA A 243 29.21 12.72 -58.43
N LEU A 244 30.06 12.50 -59.43
CA LEU A 244 30.76 13.55 -60.15
C LEU A 244 30.13 13.76 -61.51
N HIS A 245 30.43 14.89 -62.13
CA HIS A 245 29.95 15.19 -63.47
C HIS A 245 31.15 15.50 -64.36
N ARG A 246 31.23 14.78 -65.48
CA ARG A 246 32.29 14.99 -66.46
C ARG A 246 31.67 15.05 -67.84
N SER A 247 32.10 16.03 -68.63
CA SER A 247 31.58 16.20 -69.98
C SER A 247 32.62 16.95 -70.80
N TYR A 248 32.21 17.41 -71.99
CA TYR A 248 33.13 18.08 -72.90
C TYR A 248 33.58 19.44 -72.39
N LEU A 249 32.95 19.94 -71.32
CA LEU A 249 33.34 21.23 -70.76
C LEU A 249 34.28 21.09 -69.56
N THR A 250 34.69 19.88 -69.22
CA THR A 250 35.58 19.65 -68.08
C THR A 250 36.93 19.15 -68.57
N PRO A 251 37.81 20.04 -69.04
CA PRO A 251 39.05 19.55 -69.67
C PRO A 251 39.97 18.80 -68.72
N GLY A 252 40.49 19.49 -67.70
CA GLY A 252 41.30 18.91 -66.65
C GLY A 252 42.30 17.88 -67.16
N ASP A 253 42.63 16.91 -66.30
CA ASP A 253 43.13 15.65 -66.81
C ASP A 253 42.22 14.50 -66.39
N SER A 254 42.22 14.21 -65.09
CA SER A 254 41.22 13.37 -64.45
C SER A 254 40.98 13.79 -63.00
N SER A 255 41.63 14.87 -62.57
CA SER A 255 41.59 15.29 -61.18
C SER A 255 41.30 16.78 -61.07
N SER A 256 41.21 17.46 -62.21
CA SER A 256 40.81 18.86 -62.22
C SER A 256 39.68 19.07 -63.21
N GLY A 257 39.43 18.11 -64.09
CA GLY A 257 38.36 18.19 -65.05
C GLY A 257 37.07 17.57 -64.58
N TRP A 258 36.40 18.18 -63.61
CA TRP A 258 35.14 17.67 -63.10
C TRP A 258 34.28 18.84 -62.66
N THR A 259 32.97 18.68 -62.80
CA THR A 259 32.00 19.63 -62.27
C THR A 259 31.23 18.96 -61.15
N ALA A 260 30.84 19.75 -60.15
CA ALA A 260 30.25 19.20 -58.93
C ALA A 260 28.79 18.81 -59.16
N GLY A 261 27.96 19.77 -59.49
CA GLY A 261 26.52 19.53 -59.50
C GLY A 261 25.83 20.41 -58.48
N ALA A 262 24.73 19.91 -57.93
CA ALA A 262 23.98 20.66 -56.94
C ALA A 262 23.28 19.72 -55.98
N ALA A 263 23.72 19.71 -54.73
CA ALA A 263 23.04 18.94 -53.70
C ALA A 263 23.46 19.47 -52.34
N ALA A 264 22.67 19.16 -51.32
CA ALA A 264 23.07 19.53 -49.97
C ALA A 264 22.68 18.42 -49.01
N TYR A 265 23.47 18.26 -47.96
CA TYR A 265 23.11 17.28 -46.94
C TYR A 265 23.50 17.77 -45.56
N TYR A 266 22.74 17.31 -44.58
CA TYR A 266 22.81 17.79 -43.21
C TYR A 266 22.96 16.60 -42.29
N VAL A 267 23.79 16.77 -41.26
CA VAL A 267 24.15 15.68 -40.36
C VAL A 267 23.89 16.13 -38.93
N GLY A 268 23.20 15.28 -38.16
CA GLY A 268 23.03 15.51 -36.73
C GLY A 268 23.15 14.20 -35.98
N TYR A 269 23.32 14.29 -34.67
CA TYR A 269 23.61 13.13 -33.84
C TYR A 269 22.50 12.89 -32.83
N LEU A 270 22.18 11.62 -32.62
CA LEU A 270 21.12 11.23 -31.71
C LEU A 270 21.64 11.11 -30.28
N GLN A 271 20.73 11.31 -29.33
CA GLN A 271 21.01 11.10 -27.92
C GLN A 271 19.79 10.45 -27.28
N PRO A 272 19.94 9.82 -26.11
CA PRO A 272 18.79 9.20 -25.45
C PRO A 272 17.87 10.22 -24.80
N ARG A 273 16.66 10.33 -25.34
CA ARG A 273 15.66 11.28 -24.88
C ARG A 273 14.34 10.58 -24.66
N THR A 274 13.45 11.27 -23.96
CA THR A 274 12.05 10.87 -23.81
C THR A 274 11.20 11.81 -24.65
N PHE A 275 10.40 11.22 -25.53
CA PHE A 275 9.50 11.97 -26.39
C PHE A 275 8.07 11.56 -26.09
N LEU A 276 7.14 12.42 -26.43
CA LEU A 276 5.72 12.14 -26.35
C LEU A 276 5.16 12.25 -27.76
N LEU A 277 4.81 11.11 -28.36
CA LEU A 277 4.34 11.04 -29.72
C LEU A 277 2.83 11.05 -29.75
N LYS A 278 2.26 11.58 -30.83
CA LYS A 278 0.82 11.68 -30.99
C LYS A 278 0.40 10.91 -32.23
N TYR A 279 -0.44 9.89 -32.04
CA TYR A 279 -1.00 9.11 -33.13
C TYR A 279 -2.41 9.60 -33.42
N ASN A 280 -2.69 9.91 -34.68
CA ASN A 280 -4.05 10.28 -35.05
C ASN A 280 -4.90 9.03 -35.18
N GLU A 281 -6.13 9.15 -35.69
CA GLU A 281 -7.00 7.99 -35.73
C GLU A 281 -6.56 6.98 -36.77
N ASN A 282 -5.82 7.42 -37.79
CA ASN A 282 -5.35 6.53 -38.84
C ASN A 282 -4.07 5.81 -38.47
N GLY A 283 -3.47 6.13 -37.33
CA GLY A 283 -2.29 5.43 -36.87
C GLY A 283 -0.98 6.10 -37.20
N THR A 284 -1.03 7.32 -37.71
CA THR A 284 0.16 8.05 -38.11
C THR A 284 0.64 8.95 -36.97
N ILE A 285 1.95 9.04 -36.79
CA ILE A 285 2.52 9.99 -35.84
C ILE A 285 2.53 11.37 -36.50
N THR A 286 1.79 12.31 -35.92
CA THR A 286 1.67 13.64 -36.50
C THR A 286 2.32 14.74 -35.67
N ASP A 287 2.69 14.47 -34.42
CA ASP A 287 3.35 15.48 -33.62
C ASP A 287 4.09 14.82 -32.47
N ALA A 288 4.99 15.57 -31.86
CA ALA A 288 5.80 15.06 -30.77
C ALA A 288 6.23 16.20 -29.87
N VAL A 289 6.52 15.85 -28.62
CA VAL A 289 7.01 16.79 -27.62
C VAL A 289 8.30 16.23 -27.06
N ASP A 290 9.35 17.05 -27.06
CA ASP A 290 10.64 16.69 -26.48
C ASP A 290 10.63 17.05 -25.00
N CYS A 291 10.53 16.04 -24.14
CA CYS A 291 10.27 16.25 -22.72
C CYS A 291 11.48 16.79 -21.96
N ALA A 292 12.51 17.26 -22.65
CA ALA A 292 13.66 17.82 -21.94
C ALA A 292 14.19 19.07 -22.62
N LEU A 293 13.41 19.67 -23.52
CA LEU A 293 13.85 20.86 -24.23
C LEU A 293 13.74 22.09 -23.35
N ASP A 294 12.58 22.30 -22.73
CA ASP A 294 12.33 23.46 -21.88
C ASP A 294 11.60 22.98 -20.64
N PRO A 295 11.34 23.87 -19.68
CA PRO A 295 10.36 23.53 -18.64
C PRO A 295 8.94 23.48 -19.16
N LEU A 296 8.62 24.29 -20.18
CA LEU A 296 7.29 24.22 -20.79
C LEU A 296 7.02 22.82 -21.34
N SER A 297 7.99 22.25 -22.05
CA SER A 297 7.82 20.91 -22.58
C SER A 297 7.82 19.87 -21.48
N GLU A 298 8.62 20.10 -20.43
CA GLU A 298 8.55 19.23 -19.25
C GLU A 298 7.12 19.14 -18.72
N THR A 299 6.43 20.29 -18.63
CA THR A 299 5.07 20.29 -18.12
C THR A 299 4.11 19.68 -19.13
N LYS A 300 4.26 20.00 -20.42
CA LYS A 300 3.44 19.38 -21.45
C LYS A 300 3.53 17.86 -21.36
N CYS A 301 4.70 17.35 -20.99
CA CYS A 301 4.95 15.92 -21.07
C CYS A 301 4.51 15.23 -19.78
N THR A 302 4.67 15.90 -18.64
CA THR A 302 4.14 15.36 -17.39
C THR A 302 2.62 15.47 -17.32
N LEU A 303 2.04 16.40 -18.07
CA LEU A 303 0.59 16.50 -18.17
C LEU A 303 0.02 15.50 -19.17
N LYS A 304 0.86 14.95 -20.04
CA LYS A 304 0.41 14.10 -21.15
C LYS A 304 -0.64 14.81 -21.97
N SER A 305 -0.31 16.03 -22.38
CA SER A 305 -1.17 16.82 -23.23
C SER A 305 -0.33 17.85 -23.96
N PHE A 306 -0.81 18.29 -25.11
CA PHE A 306 -0.11 19.28 -25.91
C PHE A 306 -0.49 20.70 -25.57
N THR A 307 -1.51 20.89 -24.74
CA THR A 307 -1.97 22.21 -24.35
C THR A 307 -1.79 22.38 -22.85
N VAL A 308 -1.32 23.55 -22.44
CA VAL A 308 -1.16 23.88 -21.03
C VAL A 308 -2.06 25.06 -20.70
N GLU A 309 -2.77 24.96 -19.60
CA GLU A 309 -3.68 26.00 -19.16
C GLU A 309 -2.97 26.97 -18.23
N LYS A 310 -3.46 28.21 -18.20
CA LYS A 310 -2.84 29.27 -17.40
C LYS A 310 -2.58 28.80 -15.98
N GLY A 311 -1.40 29.12 -15.46
CA GLY A 311 -1.10 28.76 -14.09
C GLY A 311 0.39 28.66 -13.85
N ILE A 312 0.72 28.02 -12.73
CA ILE A 312 2.10 27.76 -12.34
C ILE A 312 2.20 26.30 -11.97
N TYR A 313 3.25 25.64 -12.46
CA TYR A 313 3.41 24.20 -12.33
C TYR A 313 4.78 23.86 -11.80
N GLN A 314 4.85 22.85 -10.94
CA GLN A 314 6.13 22.38 -10.42
C GLN A 314 6.78 21.45 -11.44
N THR A 315 8.07 21.63 -11.67
CA THR A 315 8.83 20.76 -12.56
C THR A 315 9.92 20.05 -11.74
N SER A 316 10.81 19.32 -12.38
CA SER A 316 11.83 18.57 -11.66
C SER A 316 12.84 19.51 -11.05
N ASN A 317 13.52 19.03 -10.00
CA ASN A 317 14.55 19.81 -9.34
C ASN A 317 15.66 20.15 -10.32
N PHE A 318 16.49 21.13 -9.96
CA PHE A 318 17.56 21.58 -10.84
C PHE A 318 18.68 20.54 -10.87
N ARG A 319 18.93 19.98 -12.04
CA ARG A 319 19.92 18.93 -12.20
C ARG A 319 21.22 19.49 -12.76
N VAL A 320 22.33 18.92 -12.32
CA VAL A 320 23.65 19.20 -12.87
C VAL A 320 24.26 17.89 -13.32
N GLN A 321 24.84 17.89 -14.52
CA GLN A 321 25.42 16.68 -15.08
C GLN A 321 26.90 16.59 -14.74
N PRO A 322 27.41 15.37 -14.52
CA PRO A 322 28.85 15.22 -14.24
C PRO A 322 29.70 15.49 -15.46
N THR A 323 30.85 16.12 -15.23
CA THR A 323 31.72 16.55 -16.30
C THR A 323 32.87 15.60 -16.56
N GLU A 324 33.34 14.90 -15.53
CA GLU A 324 34.50 14.03 -15.60
C GLU A 324 34.21 12.70 -14.94
N SER A 325 35.16 11.78 -15.08
CA SER A 325 35.14 10.48 -14.42
C SER A 325 36.52 10.25 -13.82
N ILE A 326 36.55 9.85 -12.55
CA ILE A 326 37.82 9.62 -11.87
C ILE A 326 37.80 8.25 -11.21
N VAL A 327 38.98 7.65 -11.12
CA VAL A 327 39.20 6.38 -10.45
C VAL A 327 40.35 6.55 -9.47
N ARG A 328 40.18 6.04 -8.26
CA ARG A 328 41.22 6.14 -7.23
C ARG A 328 41.38 4.78 -6.56
N PHE A 329 42.42 4.07 -6.95
CA PHE A 329 42.80 2.80 -6.35
C PHE A 329 44.10 2.99 -5.59
N PRO A 330 44.40 2.12 -4.63
CA PRO A 330 45.67 2.23 -3.91
C PRO A 330 46.87 1.95 -4.80
N ASN A 331 48.04 2.28 -4.28
CA ASN A 331 49.31 2.09 -5.00
C ASN A 331 49.74 0.64 -4.85
N ILE A 332 49.39 -0.19 -5.82
CA ILE A 332 49.75 -1.60 -5.83
C ILE A 332 50.49 -1.89 -7.13
N THR A 333 51.61 -2.60 -7.02
CA THR A 333 52.46 -2.86 -8.18
C THR A 333 52.54 -4.34 -8.53
N ASN A 334 52.70 -5.23 -7.54
CA ASN A 334 52.88 -6.64 -7.81
C ASN A 334 51.62 -7.27 -8.39
N LEU A 335 51.79 -8.45 -8.96
CA LEU A 335 50.67 -9.26 -9.41
C LEU A 335 50.44 -10.38 -8.42
N CYS A 336 49.18 -10.82 -8.30
CA CYS A 336 48.85 -11.82 -7.30
C CYS A 336 49.45 -13.16 -7.65
N PRO A 337 49.73 -14.00 -6.65
CA PRO A 337 50.37 -15.28 -6.91
C PRO A 337 49.48 -16.26 -7.63
N PHE A 338 49.20 -15.98 -8.91
CA PHE A 338 48.38 -16.86 -9.72
C PHE A 338 49.09 -18.16 -10.04
N GLY A 339 50.41 -18.16 -10.01
CA GLY A 339 51.16 -19.33 -10.40
C GLY A 339 51.62 -20.20 -9.25
N GLU A 340 51.39 -19.77 -8.02
CA GLU A 340 51.70 -20.65 -6.89
C GLU A 340 50.43 -21.04 -6.14
N VAL A 341 49.27 -20.71 -6.69
CA VAL A 341 47.99 -21.17 -6.18
C VAL A 341 47.33 -22.13 -7.17
N PHE A 342 47.29 -21.74 -8.44
CA PHE A 342 46.70 -22.58 -9.48
C PHE A 342 47.71 -23.50 -10.13
N ASN A 343 49.00 -23.20 -10.00
CA ASN A 343 50.03 -23.99 -10.67
C ASN A 343 50.95 -24.68 -9.68
N ALA A 344 50.47 -24.91 -8.46
CA ALA A 344 51.27 -25.54 -7.42
C ALA A 344 51.53 -27.00 -7.79
N THR A 345 52.49 -27.62 -7.11
CA THR A 345 52.90 -28.97 -7.44
C THR A 345 52.21 -30.03 -6.60
N ARG A 346 51.72 -29.67 -5.41
CA ARG A 346 51.06 -30.60 -4.52
C ARG A 346 49.94 -29.89 -3.79
N PHE A 347 48.75 -30.45 -3.86
CA PHE A 347 47.59 -29.90 -3.18
C PHE A 347 47.33 -30.68 -1.90
N ALA A 348 46.47 -30.13 -1.05
CA ALA A 348 46.19 -30.76 0.23
C ALA A 348 45.07 -31.78 0.10
N SER A 349 44.93 -32.60 1.14
CA SER A 349 43.79 -33.49 1.24
C SER A 349 42.57 -32.70 1.67
N VAL A 350 41.40 -33.15 1.26
CA VAL A 350 40.20 -32.37 1.53
C VAL A 350 39.88 -32.31 3.02
N TYR A 351 40.28 -33.33 3.80
CA TYR A 351 40.02 -33.28 5.22
C TYR A 351 40.94 -32.31 5.95
N ALA A 352 42.08 -31.98 5.35
CA ALA A 352 43.04 -31.05 5.93
C ALA A 352 43.36 -29.95 4.91
N TRP A 353 42.30 -29.37 4.34
CA TRP A 353 42.44 -28.41 3.25
C TRP A 353 43.34 -27.26 3.64
N ASN A 354 43.91 -26.59 2.63
CA ASN A 354 44.85 -25.52 2.90
C ASN A 354 44.19 -24.16 2.72
N ARG A 355 44.58 -23.21 3.56
CA ARG A 355 44.08 -21.84 3.48
C ARG A 355 45.26 -20.88 3.41
N LYS A 356 45.22 -19.99 2.43
CA LYS A 356 46.33 -19.08 2.16
C LYS A 356 45.82 -17.65 2.14
N ARG A 357 46.61 -16.73 2.69
CA ARG A 357 46.25 -15.32 2.73
C ARG A 357 46.81 -14.59 1.52
N ILE A 358 46.02 -13.70 0.93
CA ILE A 358 46.43 -12.97 -0.25
C ILE A 358 46.26 -11.48 0.01
N SER A 359 47.30 -10.69 -0.29
CA SER A 359 47.26 -9.27 0.00
C SER A 359 48.30 -8.55 -0.83
N ASN A 360 48.01 -7.28 -1.12
CA ASN A 360 48.94 -6.35 -1.76
C ASN A 360 49.35 -6.78 -3.16
N CYS A 361 48.37 -7.10 -4.01
CA CYS A 361 48.70 -7.49 -5.37
C CYS A 361 47.52 -7.18 -6.29
N VAL A 362 47.83 -6.90 -7.55
CA VAL A 362 46.82 -6.63 -8.56
C VAL A 362 46.26 -7.96 -9.05
N ALA A 363 44.94 -8.07 -9.08
CA ALA A 363 44.27 -9.33 -9.42
C ALA A 363 43.87 -9.35 -10.89
N ASP A 364 44.87 -9.34 -11.77
CA ASP A 364 44.66 -9.40 -13.21
C ASP A 364 44.63 -10.86 -13.65
N TYR A 365 43.44 -11.46 -13.66
CA TYR A 365 43.32 -12.89 -13.90
C TYR A 365 43.43 -13.28 -15.35
N SER A 366 43.52 -12.31 -16.27
CA SER A 366 43.66 -12.64 -17.68
C SER A 366 44.92 -13.43 -17.98
N VAL A 367 45.93 -13.36 -17.12
CA VAL A 367 47.14 -14.14 -17.31
C VAL A 367 46.86 -15.63 -17.20
N LEU A 368 45.70 -16.03 -16.69
CA LEU A 368 45.35 -17.44 -16.62
C LEU A 368 44.73 -17.95 -17.90
N TYR A 369 44.69 -17.14 -18.97
CA TYR A 369 43.97 -17.55 -20.16
C TYR A 369 44.78 -18.51 -21.02
N ASN A 370 46.10 -18.47 -20.94
CA ASN A 370 46.93 -19.33 -21.78
C ASN A 370 47.21 -20.69 -21.13
N SER A 371 47.35 -20.73 -19.81
CA SER A 371 47.92 -21.90 -19.17
C SER A 371 46.91 -22.65 -18.33
N ALA A 372 45.66 -22.22 -18.32
CA ALA A 372 44.68 -22.81 -17.43
C ALA A 372 43.33 -22.90 -18.11
N SER A 373 42.60 -23.97 -17.81
CA SER A 373 41.25 -24.15 -18.31
C SER A 373 40.43 -24.80 -17.22
N PHE A 374 39.47 -24.07 -16.69
CA PHE A 374 38.67 -24.49 -15.55
C PHE A 374 37.33 -25.03 -16.02
N SER A 375 36.95 -26.17 -15.48
CA SER A 375 35.66 -26.77 -15.80
C SER A 375 34.53 -26.24 -14.94
N THR A 376 34.83 -25.69 -13.78
CA THR A 376 33.82 -25.07 -12.93
C THR A 376 34.34 -23.72 -12.46
N PHE A 377 33.53 -22.68 -12.62
CA PHE A 377 33.87 -21.36 -12.08
C PHE A 377 32.57 -20.64 -11.76
N LYS A 378 32.29 -20.45 -10.48
CA LYS A 378 31.06 -19.80 -10.05
C LYS A 378 31.30 -18.86 -8.89
N CYS A 379 30.89 -17.60 -9.01
CA CYS A 379 30.94 -16.65 -7.91
C CYS A 379 29.57 -16.36 -7.31
N TYR A 380 29.56 -16.15 -6.01
CA TYR A 380 28.38 -15.84 -5.21
C TYR A 380 28.59 -14.48 -4.57
N GLY A 381 27.58 -13.62 -4.68
CA GLY A 381 27.61 -12.31 -4.08
C GLY A 381 28.18 -11.23 -4.96
N VAL A 382 28.59 -11.56 -6.18
CA VAL A 382 29.25 -10.62 -7.07
C VAL A 382 29.07 -11.16 -8.49
N SER A 383 29.17 -10.27 -9.46
CA SER A 383 29.06 -10.69 -10.84
C SER A 383 30.43 -10.88 -11.47
N PRO A 384 30.61 -11.90 -12.30
CA PRO A 384 31.91 -12.11 -12.92
C PRO A 384 32.35 -10.97 -13.81
N THR A 385 31.42 -10.26 -14.43
CA THR A 385 31.76 -9.13 -15.28
C THR A 385 32.15 -7.89 -14.50
N LYS A 386 31.99 -7.91 -13.18
CA LYS A 386 32.34 -6.76 -12.36
C LYS A 386 33.66 -6.93 -11.63
N LEU A 387 34.27 -8.10 -11.71
CA LEU A 387 35.47 -8.41 -10.93
C LEU A 387 36.66 -7.54 -11.28
N ASN A 388 36.66 -6.96 -12.47
CA ASN A 388 37.79 -6.16 -12.92
C ASN A 388 37.74 -4.72 -12.41
N ASP A 389 36.58 -4.28 -11.93
CA ASP A 389 36.43 -2.90 -11.44
C ASP A 389 36.54 -2.79 -9.94
N LEU A 390 36.46 -3.90 -9.22
CA LEU A 390 36.30 -3.89 -7.78
C LEU A 390 37.64 -3.90 -7.06
N CYS A 391 37.56 -4.00 -5.74
CA CYS A 391 38.71 -4.07 -4.87
C CYS A 391 38.29 -4.88 -3.65
N PHE A 392 39.10 -5.86 -3.27
CA PHE A 392 38.65 -6.96 -2.43
C PHE A 392 39.32 -6.90 -1.07
N THR A 393 38.55 -7.23 -0.03
CA THR A 393 38.99 -7.19 1.35
C THR A 393 39.08 -8.58 1.93
N ASN A 394 40.18 -8.85 2.64
CA ASN A 394 40.37 -10.10 3.39
C ASN A 394 40.28 -11.32 2.48
N VAL A 395 41.20 -11.42 1.54
CA VAL A 395 41.15 -12.44 0.51
C VAL A 395 41.88 -13.68 0.98
N TYR A 396 41.17 -14.81 0.99
CA TYR A 396 41.74 -16.10 1.34
C TYR A 396 41.47 -17.09 0.21
N ALA A 397 42.39 -18.03 0.04
CA ALA A 397 42.27 -19.07 -0.98
C ALA A 397 42.41 -20.42 -0.31
N ASP A 398 41.37 -21.24 -0.39
CA ASP A 398 41.38 -22.60 0.15
C ASP A 398 41.54 -23.58 -0.99
N SER A 399 42.47 -24.50 -0.85
CA SER A 399 42.79 -25.44 -1.92
C SER A 399 42.75 -26.87 -1.40
N PHE A 400 42.25 -27.77 -2.25
CA PHE A 400 42.27 -29.20 -1.96
C PHE A 400 42.00 -29.97 -3.25
N VAL A 401 41.90 -31.28 -3.13
CA VAL A 401 41.66 -32.19 -4.25
C VAL A 401 40.56 -33.16 -3.86
N ILE A 402 39.56 -33.33 -4.71
CA ILE A 402 38.47 -34.26 -4.45
C ILE A 402 38.20 -35.10 -5.69
N ARG A 403 37.21 -35.96 -5.57
CA ARG A 403 36.75 -36.75 -6.69
C ARG A 403 35.99 -35.88 -7.68
N GLY A 404 35.78 -36.40 -8.88
CA GLY A 404 35.07 -35.63 -9.89
C GLY A 404 33.59 -35.49 -9.60
N ASP A 405 33.01 -36.47 -8.91
CA ASP A 405 31.57 -36.45 -8.65
C ASP A 405 31.21 -35.50 -7.52
N GLU A 406 32.17 -35.13 -6.68
CA GLU A 406 31.88 -34.36 -5.49
C GLU A 406 32.08 -32.87 -5.68
N VAL A 407 32.43 -32.41 -6.88
CA VAL A 407 32.61 -30.99 -7.11
C VAL A 407 31.28 -30.26 -6.96
N ARG A 408 30.17 -30.94 -7.19
CA ARG A 408 28.86 -30.33 -6.97
C ARG A 408 28.60 -30.05 -5.51
N GLN A 409 29.33 -30.70 -4.60
CA GLN A 409 29.10 -30.49 -3.18
C GLN A 409 29.82 -29.27 -2.62
N ILE A 410 30.64 -28.60 -3.42
CA ILE A 410 31.27 -27.37 -2.96
C ILE A 410 30.35 -26.22 -3.34
N ALA A 411 29.36 -25.96 -2.51
CA ALA A 411 28.37 -24.92 -2.72
C ALA A 411 27.61 -24.73 -1.43
N PRO A 412 27.04 -23.55 -1.21
CA PRO A 412 26.28 -23.33 0.02
C PRO A 412 25.02 -24.19 0.05
N GLY A 413 24.79 -24.82 1.20
CA GLY A 413 23.59 -25.58 1.41
C GLY A 413 23.54 -26.94 0.76
N GLN A 414 24.64 -27.70 0.80
CA GLN A 414 24.71 -29.00 0.16
C GLN A 414 24.89 -30.09 1.20
N THR A 415 24.52 -31.30 0.83
CA THR A 415 24.68 -32.47 1.68
C THR A 415 25.53 -33.51 0.95
N GLY A 416 26.04 -34.46 1.72
CA GLY A 416 27.03 -35.40 1.24
C GLY A 416 28.23 -35.41 2.16
N LYS A 417 29.08 -36.41 1.94
CA LYS A 417 30.17 -36.62 2.90
C LYS A 417 31.20 -35.50 2.84
N ILE A 418 31.43 -34.91 1.67
CA ILE A 418 32.40 -33.83 1.59
C ILE A 418 31.87 -32.59 2.31
N ALA A 419 30.60 -32.26 2.11
CA ALA A 419 30.00 -31.11 2.73
C ALA A 419 29.65 -31.32 4.19
N ASP A 420 29.49 -32.57 4.62
CA ASP A 420 29.17 -32.88 6.00
C ASP A 420 30.39 -33.06 6.89
N TYR A 421 31.43 -33.75 6.41
CA TYR A 421 32.53 -34.13 7.27
C TYR A 421 33.85 -33.48 6.91
N ASN A 422 33.99 -32.89 5.74
CA ASN A 422 35.30 -32.42 5.28
C ASN A 422 35.37 -30.91 5.08
N TYR A 423 34.47 -30.34 4.30
CA TYR A 423 34.56 -28.92 3.95
C TYR A 423 33.16 -28.36 3.78
N LYS A 424 32.82 -27.35 4.58
CA LYS A 424 31.50 -26.76 4.58
C LYS A 424 31.59 -25.29 4.20
N LEU A 425 30.71 -24.86 3.32
CA LEU A 425 30.66 -23.46 2.93
C LEU A 425 29.54 -22.73 3.67
N PRO A 426 29.76 -21.50 4.09
CA PRO A 426 28.70 -20.75 4.77
C PRO A 426 27.57 -20.42 3.81
N ASP A 427 26.38 -20.21 4.37
CA ASP A 427 25.23 -19.87 3.54
C ASP A 427 25.28 -18.42 3.07
N ASP A 428 25.94 -17.55 3.83
CA ASP A 428 26.18 -16.16 3.46
C ASP A 428 27.53 -16.02 2.78
N PHE A 429 27.76 -16.80 1.73
CA PHE A 429 29.08 -16.89 1.12
C PHE A 429 29.26 -15.81 0.06
N THR A 430 30.43 -15.18 0.06
CA THR A 430 30.83 -14.22 -0.96
C THR A 430 32.19 -14.61 -1.50
N GLY A 431 32.28 -14.88 -2.79
CA GLY A 431 33.51 -15.33 -3.39
C GLY A 431 33.21 -16.35 -4.47
N CYS A 432 34.27 -16.91 -5.04
CA CYS A 432 34.09 -17.88 -6.12
C CYS A 432 34.69 -19.23 -5.82
N VAL A 433 34.16 -20.24 -6.51
CA VAL A 433 34.62 -21.61 -6.47
C VAL A 433 35.12 -21.97 -7.86
N ILE A 434 36.35 -22.48 -7.94
CA ILE A 434 37.01 -22.82 -9.20
C ILE A 434 37.49 -24.25 -9.09
N ALA A 435 37.28 -25.03 -10.15
CA ALA A 435 37.64 -26.44 -10.13
C ALA A 435 38.04 -26.89 -11.52
N TRP A 436 39.08 -27.72 -11.59
CA TRP A 436 39.53 -28.24 -12.88
C TRP A 436 40.07 -29.65 -12.73
N ASN A 437 39.95 -30.43 -13.80
CA ASN A 437 40.41 -31.81 -13.81
C ASN A 437 41.92 -31.87 -13.80
N SER A 438 42.46 -32.75 -12.96
CA SER A 438 43.90 -32.93 -12.84
C SER A 438 44.25 -34.42 -12.86
N ASN A 439 43.68 -35.14 -13.81
CA ASN A 439 43.99 -36.55 -13.96
C ASN A 439 45.43 -36.76 -14.43
N ASN A 440 46.04 -35.73 -15.00
CA ASN A 440 47.38 -35.85 -15.54
C ASN A 440 48.47 -35.62 -14.50
N LEU A 441 48.11 -35.24 -13.28
CA LEU A 441 49.10 -34.95 -12.26
C LEU A 441 48.89 -35.72 -10.96
N ASP A 442 47.67 -36.18 -10.67
CA ASP A 442 47.37 -36.78 -9.38
C ASP A 442 47.02 -38.24 -9.47
N SER A 443 47.34 -38.92 -10.57
CA SER A 443 47.06 -40.34 -10.70
C SER A 443 48.30 -41.08 -11.18
N LYS A 444 48.55 -42.24 -10.58
CA LYS A 444 49.59 -43.14 -11.04
C LYS A 444 48.95 -44.41 -11.57
N VAL A 445 49.75 -45.19 -12.31
CA VAL A 445 49.24 -46.41 -12.94
C VAL A 445 48.96 -47.50 -11.90
N GLY A 446 49.61 -47.45 -10.74
CA GLY A 446 49.30 -48.40 -9.69
C GLY A 446 48.23 -47.88 -8.75
N GLY A 447 48.01 -46.57 -8.76
CA GLY A 447 47.06 -45.94 -7.86
C GLY A 447 47.76 -44.85 -7.09
N ASN A 448 46.98 -43.85 -6.67
CA ASN A 448 47.50 -42.75 -5.88
C ASN A 448 46.73 -42.66 -4.58
N TYR A 449 47.32 -43.16 -3.50
CA TYR A 449 46.67 -43.20 -2.20
C TYR A 449 47.20 -42.12 -1.26
N ASN A 450 47.64 -40.99 -1.81
CA ASN A 450 48.12 -39.88 -1.01
C ASN A 450 46.99 -38.98 -0.53
N TYR A 451 45.88 -38.92 -1.26
CA TYR A 451 44.78 -38.04 -0.93
C TYR A 451 43.74 -38.78 -0.11
N LEU A 452 43.39 -38.24 1.06
CA LEU A 452 42.47 -38.88 1.97
C LEU A 452 41.23 -38.03 2.15
N TYR A 453 40.22 -38.62 2.79
CA TYR A 453 39.00 -37.92 3.14
C TYR A 453 38.40 -38.57 4.37
N ARG A 454 37.64 -37.80 5.13
CA ARG A 454 36.99 -38.31 6.32
C ARG A 454 35.65 -38.94 5.94
N LEU A 455 35.40 -40.15 6.45
CA LEU A 455 34.21 -40.89 6.10
C LEU A 455 33.21 -41.00 7.23
N PHE A 456 33.65 -40.90 8.49
CA PHE A 456 32.78 -41.00 9.65
C PHE A 456 32.98 -39.80 10.56
N ARG A 457 31.89 -39.31 11.13
CA ARG A 457 31.95 -38.24 12.11
C ARG A 457 30.67 -38.26 12.92
N LYS A 458 30.75 -37.76 14.16
CA LYS A 458 29.59 -37.75 15.04
C LYS A 458 28.62 -36.62 14.71
N SER A 459 29.08 -35.55 14.07
CA SER A 459 28.21 -34.45 13.71
C SER A 459 28.79 -33.74 12.49
N ASN A 460 27.93 -33.00 11.81
CA ASN A 460 28.38 -32.23 10.67
C ASN A 460 29.33 -31.13 11.12
N LEU A 461 30.11 -30.63 10.17
CA LEU A 461 31.04 -29.55 10.44
C LEU A 461 30.32 -28.21 10.45
N LYS A 462 30.96 -27.23 11.07
CA LYS A 462 30.53 -25.85 10.96
C LYS A 462 31.20 -25.21 9.75
N PRO A 463 30.63 -24.13 9.22
CA PRO A 463 31.25 -23.48 8.06
C PRO A 463 32.69 -23.09 8.31
N PHE A 464 33.56 -23.47 7.37
CA PHE A 464 34.98 -23.14 7.39
C PHE A 464 35.68 -23.70 8.62
N GLU A 465 35.26 -24.86 9.08
CA GLU A 465 35.90 -25.57 10.17
C GLU A 465 36.67 -26.76 9.64
N ARG A 466 37.78 -27.09 10.30
CA ARG A 466 38.69 -28.12 9.83
C ARG A 466 38.97 -29.12 10.95
N ASP A 467 38.78 -30.40 10.66
CA ASP A 467 38.95 -31.47 11.62
C ASP A 467 40.04 -32.42 11.14
N ILE A 468 41.16 -32.48 11.87
CA ILE A 468 42.28 -33.30 11.44
C ILE A 468 42.55 -34.40 12.46
N SER A 469 41.58 -34.67 13.32
CA SER A 469 41.71 -35.71 14.33
C SER A 469 41.63 -37.09 13.68
N THR A 470 42.23 -38.08 14.35
CA THR A 470 42.26 -39.44 13.84
C THR A 470 41.94 -40.45 14.95
N GLU A 471 40.95 -40.14 15.77
CA GLU A 471 40.49 -41.07 16.78
C GLU A 471 39.60 -42.12 16.13
N ILE A 472 39.54 -43.30 16.75
CA ILE A 472 38.74 -44.39 16.23
C ILE A 472 37.27 -44.07 16.41
N TYR A 473 36.51 -44.18 15.33
CA TYR A 473 35.09 -43.86 15.36
C TYR A 473 34.28 -45.05 15.84
N GLN A 474 33.54 -44.87 16.92
CA GLN A 474 32.71 -45.91 17.50
C GLN A 474 31.33 -45.85 16.85
N ALA A 475 31.04 -46.83 16.00
CA ALA A 475 29.76 -46.88 15.31
C ALA A 475 28.75 -47.79 16.00
N GLY A 476 29.20 -48.68 16.88
CA GLY A 476 28.32 -49.62 17.53
C GLY A 476 27.94 -49.20 18.93
N SER A 477 27.81 -50.18 19.83
CA SER A 477 27.40 -49.94 21.20
C SER A 477 28.46 -50.39 22.19
N THR A 478 29.74 -50.25 21.84
CA THR A 478 30.83 -50.68 22.70
C THR A 478 32.02 -49.75 22.59
N PRO A 479 32.67 -49.42 23.70
CA PRO A 479 33.94 -48.67 23.61
C PRO A 479 34.98 -49.47 22.83
N CYS A 480 35.74 -48.75 22.01
CA CYS A 480 36.78 -49.37 21.19
C CYS A 480 38.18 -49.25 21.75
N ASN A 481 38.39 -48.41 22.75
CA ASN A 481 39.69 -48.28 23.39
C ASN A 481 40.81 -47.99 22.38
N GLY A 482 40.45 -47.45 21.22
CA GLY A 482 41.42 -47.18 20.18
C GLY A 482 42.16 -48.38 19.65
N VAL A 483 41.46 -49.46 19.30
CA VAL A 483 42.10 -50.64 18.73
C VAL A 483 41.56 -50.98 17.34
N GLU A 484 40.50 -50.30 16.89
CA GLU A 484 39.97 -50.50 15.54
C GLU A 484 39.55 -51.95 15.31
N GLY A 485 38.57 -52.41 16.06
CA GLY A 485 38.07 -53.76 15.90
C GLY A 485 36.82 -53.84 15.05
N PHE A 486 35.78 -54.49 15.56
CA PHE A 486 34.52 -54.64 14.85
C PHE A 486 33.57 -53.55 15.31
N ASN A 487 32.90 -52.90 14.35
CA ASN A 487 32.01 -51.77 14.62
C ASN A 487 32.78 -50.58 15.22
N CYS A 488 34.09 -50.54 14.99
CA CYS A 488 34.90 -49.38 15.31
C CYS A 488 35.89 -49.17 14.17
N TYR A 489 35.77 -48.05 13.48
CA TYR A 489 36.47 -47.84 12.22
C TYR A 489 37.51 -46.74 12.35
N PHE A 490 38.48 -46.78 11.45
CA PHE A 490 39.36 -45.65 11.28
C PHE A 490 38.63 -44.57 10.49
N PRO A 491 38.68 -43.32 10.90
CA PRO A 491 37.81 -42.31 10.30
C PRO A 491 38.18 -41.92 8.89
N LEU A 492 39.46 -41.97 8.54
CA LEU A 492 39.93 -41.51 7.24
C LEU A 492 40.06 -42.67 6.27
N GLN A 493 39.68 -42.43 5.02
CA GLN A 493 39.88 -43.38 3.94
C GLN A 493 40.61 -42.67 2.82
N SER A 494 40.99 -43.43 1.80
CA SER A 494 41.86 -42.93 0.76
C SER A 494 41.19 -43.01 -0.61
N TYR A 495 41.38 -41.98 -1.41
CA TYR A 495 40.99 -42.01 -2.81
C TYR A 495 41.97 -42.88 -3.59
N GLY A 496 41.45 -43.71 -4.47
CA GLY A 496 42.34 -44.43 -5.37
C GLY A 496 42.27 -43.90 -6.77
N PHE A 497 43.28 -43.12 -7.16
CA PHE A 497 43.25 -42.39 -8.42
C PHE A 497 44.14 -43.10 -9.44
N GLN A 498 43.51 -43.76 -10.41
CA GLN A 498 44.21 -44.38 -11.51
C GLN A 498 43.79 -43.71 -12.82
N PRO A 499 44.71 -43.60 -13.79
CA PRO A 499 44.40 -42.84 -15.00
C PRO A 499 43.34 -43.48 -15.87
N THR A 500 42.87 -44.68 -15.54
CA THR A 500 41.85 -45.37 -16.32
C THR A 500 40.54 -45.42 -15.56
N ASN A 501 40.27 -44.38 -14.76
CA ASN A 501 39.01 -44.26 -14.06
C ASN A 501 37.99 -43.55 -14.94
N GLY A 502 36.72 -43.74 -14.63
CA GLY A 502 35.71 -42.90 -15.23
C GLY A 502 35.90 -41.46 -14.83
N VAL A 503 35.32 -40.56 -15.62
CA VAL A 503 35.51 -39.14 -15.36
C VAL A 503 34.98 -38.79 -13.97
N GLY A 504 33.96 -39.50 -13.49
CA GLY A 504 33.42 -39.22 -12.18
C GLY A 504 34.31 -39.68 -11.05
N TYR A 505 35.36 -40.44 -11.35
CA TYR A 505 36.29 -40.92 -10.34
C TYR A 505 37.69 -40.34 -10.50
N GLN A 506 37.88 -39.41 -11.41
CA GLN A 506 39.18 -38.80 -11.61
C GLN A 506 39.35 -37.60 -10.69
N PRO A 507 40.58 -37.26 -10.33
CA PRO A 507 40.78 -36.20 -9.35
C PRO A 507 40.56 -34.82 -9.94
N TYR A 508 40.00 -33.93 -9.12
CA TYR A 508 39.79 -32.54 -9.49
C TYR A 508 40.43 -31.66 -8.42
N ARG A 509 41.12 -30.62 -8.87
CA ARG A 509 41.69 -29.63 -7.97
C ARG A 509 40.71 -28.49 -7.80
N VAL A 510 40.50 -28.07 -6.56
CA VAL A 510 39.49 -27.08 -6.21
C VAL A 510 40.15 -25.96 -5.42
N VAL A 511 39.87 -24.72 -5.84
CA VAL A 511 40.30 -23.50 -5.17
C VAL A 511 39.05 -22.67 -4.87
N VAL A 512 38.91 -22.25 -3.62
CA VAL A 512 37.78 -21.43 -3.17
C VAL A 512 38.33 -20.10 -2.72
N LEU A 513 38.00 -19.03 -3.43
CA LEU A 513 38.41 -17.69 -3.09
C LEU A 513 37.30 -17.00 -2.31
N SER A 514 37.64 -16.44 -1.14
CA SER A 514 36.68 -15.79 -0.27
C SER A 514 37.17 -14.41 0.10
N PHE A 515 36.28 -13.42 0.03
CA PHE A 515 36.63 -12.02 0.25
C PHE A 515 35.38 -11.26 0.69
N GLU A 516 35.57 -9.98 1.02
CA GLU A 516 34.47 -9.06 1.29
C GLU A 516 34.60 -7.85 0.38
N LEU A 517 33.49 -7.12 0.22
CA LEU A 517 33.38 -6.06 -0.77
C LEU A 517 32.81 -4.80 -0.16
N LEU A 518 33.54 -3.69 -0.31
CA LEU A 518 33.03 -2.33 -0.14
C LEU A 518 32.65 -1.94 1.28
N HIS A 519 33.38 -2.42 2.29
CA HIS A 519 33.12 -1.97 3.64
C HIS A 519 34.36 -1.54 4.41
N ALA A 520 35.51 -2.12 4.13
CA ALA A 520 36.72 -1.88 4.92
C ALA A 520 37.86 -1.56 3.97
N PRO A 521 39.03 -1.18 4.48
CA PRO A 521 40.17 -0.97 3.59
C PRO A 521 40.58 -2.25 2.86
N ALA A 522 40.84 -2.11 1.56
CA ALA A 522 41.16 -3.25 0.72
C ALA A 522 42.56 -3.08 0.15
N THR A 523 43.17 -4.20 -0.24
CA THR A 523 44.54 -4.17 -0.75
C THR A 523 44.75 -4.99 -2.02
N VAL A 524 43.70 -5.58 -2.59
CA VAL A 524 43.91 -6.41 -3.77
C VAL A 524 43.65 -5.60 -5.04
N CYS A 525 42.43 -5.13 -5.22
CA CYS A 525 42.06 -4.35 -6.39
C CYS A 525 42.24 -5.16 -7.68
N GLY A 526 41.89 -4.55 -8.80
CA GLY A 526 42.01 -5.21 -10.09
C GLY A 526 43.07 -4.59 -10.97
N PRO A 527 42.81 -4.54 -12.28
CA PRO A 527 43.77 -3.96 -13.23
C PRO A 527 43.47 -2.50 -13.57
N LYS A 528 42.36 -2.00 -13.06
CA LYS A 528 41.96 -0.62 -13.31
C LYS A 528 43.10 0.35 -13.03
N LYS A 529 43.11 1.47 -13.74
CA LYS A 529 44.15 2.48 -13.56
C LYS A 529 43.57 3.76 -12.97
N SER A 530 44.33 4.38 -12.08
CA SER A 530 43.88 5.57 -11.39
C SER A 530 44.09 6.87 -12.17
N THR A 531 43.41 7.91 -11.70
CA THR A 531 43.47 9.23 -12.29
C THR A 531 43.83 10.22 -11.20
N ASN A 532 43.72 11.52 -11.51
CA ASN A 532 43.96 12.54 -10.51
C ASN A 532 42.66 12.88 -9.79
N LEU A 533 42.81 13.64 -8.70
CA LEU A 533 41.68 14.01 -7.84
C LEU A 533 41.19 15.39 -8.24
N VAL A 534 39.96 15.45 -8.74
CA VAL A 534 39.30 16.71 -9.09
C VAL A 534 38.30 17.04 -8.00
N LYS A 535 38.51 18.15 -7.32
CA LYS A 535 37.66 18.59 -6.24
C LYS A 535 36.83 19.79 -6.68
N ASN A 536 35.73 20.02 -5.97
CA ASN A 536 34.84 21.16 -6.18
C ASN A 536 34.13 21.11 -7.52
N LYS A 537 33.90 19.92 -8.08
CA LYS A 537 33.20 19.78 -9.34
C LYS A 537 32.33 18.53 -9.29
N CYS A 538 31.37 18.47 -10.20
CA CYS A 538 30.51 17.30 -10.31
C CYS A 538 31.20 16.24 -11.17
N VAL A 539 31.54 15.10 -10.56
CA VAL A 539 32.26 14.04 -11.26
C VAL A 539 31.62 12.70 -10.93
N ASN A 540 31.77 11.75 -11.84
CA ASN A 540 31.61 10.35 -11.48
C ASN A 540 32.89 9.88 -10.83
N PHE A 541 32.77 9.09 -9.77
CA PHE A 541 33.95 8.64 -9.05
C PHE A 541 33.88 7.14 -8.85
N ASN A 542 35.07 6.54 -8.72
CA ASN A 542 35.24 5.14 -8.38
C ASN A 542 36.32 5.06 -7.32
N PHE A 543 35.92 4.93 -6.05
CA PHE A 543 36.84 4.84 -4.94
C PHE A 543 36.87 3.41 -4.44
N ASN A 544 37.98 2.71 -4.70
CA ASN A 544 38.17 1.33 -4.24
C ASN A 544 37.05 0.41 -4.70
N GLY A 545 36.48 0.67 -5.86
CA GLY A 545 35.40 -0.13 -6.38
C GLY A 545 34.02 0.45 -6.15
N LEU A 546 33.88 1.38 -5.21
CA LEU A 546 32.60 2.01 -4.92
C LEU A 546 32.38 3.16 -5.89
N THR A 547 31.34 3.05 -6.72
CA THR A 547 31.06 4.03 -7.76
C THR A 547 30.03 5.03 -7.28
N GLY A 548 30.01 6.19 -7.91
CA GLY A 548 29.01 7.18 -7.57
C GLY A 548 29.16 8.44 -8.37
N THR A 549 28.36 9.44 -8.01
CA THR A 549 28.36 10.75 -8.65
C THR A 549 28.24 11.82 -7.58
N GLY A 550 28.98 12.91 -7.73
CA GLY A 550 28.81 14.01 -6.81
C GLY A 550 29.99 14.96 -6.83
N VAL A 551 30.05 15.78 -5.80
CA VAL A 551 31.08 16.79 -5.62
C VAL A 551 31.93 16.39 -4.43
N LEU A 552 33.25 16.42 -4.60
CA LEU A 552 34.19 16.03 -3.56
C LEU A 552 34.83 17.28 -2.97
N THR A 553 34.83 17.38 -1.65
CA THR A 553 35.42 18.53 -0.98
C THR A 553 36.26 18.05 0.20
N GLU A 554 37.17 18.91 0.64
CA GLU A 554 38.02 18.58 1.77
C GLU A 554 37.19 18.51 3.05
N SER A 555 37.56 17.60 3.93
CA SER A 555 36.72 17.26 5.07
C SER A 555 37.43 17.55 6.38
N ASN A 556 36.65 17.62 7.45
CA ASN A 556 37.15 17.76 8.80
C ASN A 556 36.94 16.51 9.65
N LYS A 557 36.17 15.55 9.17
CA LYS A 557 36.03 14.28 9.86
C LYS A 557 37.39 13.59 9.91
N LYS A 558 37.56 12.75 10.92
CA LYS A 558 38.84 12.11 11.16
C LYS A 558 38.61 10.65 11.49
N PHE A 559 38.98 9.76 10.57
CA PHE A 559 38.66 8.36 10.67
C PHE A 559 39.64 7.64 11.57
N LEU A 560 39.16 6.58 12.21
CA LEU A 560 40.07 5.65 12.87
C LEU A 560 40.81 4.84 11.82
N PRO A 561 41.96 4.27 12.15
CA PRO A 561 42.77 3.59 11.12
C PRO A 561 42.08 2.43 10.43
N PHE A 562 41.08 1.81 11.05
CA PHE A 562 40.39 0.68 10.45
C PHE A 562 39.15 1.08 9.66
N GLN A 563 39.01 2.36 9.32
CA GLN A 563 37.83 2.85 8.63
C GLN A 563 38.20 3.40 7.26
N GLN A 564 37.32 3.20 6.29
CA GLN A 564 37.54 3.69 4.93
C GLN A 564 36.39 4.53 4.41
N PHE A 565 35.15 4.18 4.74
CA PHE A 565 33.98 4.90 4.28
C PHE A 565 33.21 5.46 5.46
N GLY A 566 32.45 6.52 5.21
CA GLY A 566 31.58 7.11 6.20
C GLY A 566 30.15 7.21 5.68
N ARG A 567 29.19 6.92 6.54
CA ARG A 567 27.79 6.86 6.13
C ARG A 567 26.95 7.79 7.00
N ASP A 568 25.91 8.34 6.39
CA ASP A 568 24.96 9.19 7.10
C ASP A 568 23.77 8.38 7.59
N ILE A 569 22.72 9.07 8.04
CA ILE A 569 21.58 8.38 8.61
C ILE A 569 20.77 7.62 7.57
N ALA A 570 20.71 8.13 6.33
CA ALA A 570 20.07 7.40 5.25
C ALA A 570 20.96 6.29 4.68
N ASP A 571 22.11 6.05 5.30
CA ASP A 571 23.03 4.97 4.95
C ASP A 571 23.71 5.18 3.61
N THR A 572 23.71 6.39 3.07
CA THR A 572 24.48 6.68 1.88
C THR A 572 25.89 7.09 2.26
N THR A 573 26.85 6.77 1.40
CA THR A 573 28.23 7.11 1.65
C THR A 573 28.42 8.60 1.44
N ASP A 574 28.81 9.31 2.50
CA ASP A 574 29.00 10.74 2.40
C ASP A 574 30.43 11.17 2.70
N ALA A 575 31.30 10.26 3.12
CA ALA A 575 32.70 10.56 3.30
C ALA A 575 33.53 9.37 2.85
N VAL A 576 34.75 9.63 2.42
CA VAL A 576 35.63 8.57 1.94
C VAL A 576 37.07 8.97 2.20
N ARG A 577 37.91 7.98 2.48
CA ARG A 577 39.34 8.22 2.61
C ARG A 577 40.03 7.92 1.29
N ASP A 578 40.76 8.90 0.77
CA ASP A 578 41.44 8.71 -0.49
C ASP A 578 42.54 7.66 -0.33
N PRO A 579 42.57 6.62 -1.15
CA PRO A 579 43.48 5.49 -0.91
C PRO A 579 44.94 5.78 -1.24
N GLN A 580 45.26 6.91 -1.84
CA GLN A 580 46.64 7.24 -2.16
C GLN A 580 47.20 8.38 -1.31
N THR A 581 46.40 9.41 -1.03
CA THR A 581 46.87 10.51 -0.21
C THR A 581 46.42 10.40 1.24
N LEU A 582 45.54 9.46 1.56
CA LEU A 582 45.07 9.19 2.92
C LEU A 582 44.38 10.40 3.53
N GLU A 583 43.71 11.19 2.70
CA GLU A 583 42.97 12.34 3.17
C GLU A 583 41.48 12.06 3.06
N ILE A 584 40.72 12.62 3.99
CA ILE A 584 39.28 12.41 4.05
C ILE A 584 38.59 13.42 3.16
N LEU A 585 37.58 12.99 2.44
CA LEU A 585 36.81 13.82 1.53
C LEU A 585 35.34 13.64 1.82
N ASP A 586 34.59 14.72 1.67
CA ASP A 586 33.13 14.69 1.73
C ASP A 586 32.55 14.64 0.34
N ILE A 587 31.49 13.84 0.20
CA ILE A 587 30.79 13.64 -1.07
C ILE A 587 29.40 14.26 -0.93
N THR A 588 29.13 15.28 -1.73
CA THR A 588 27.86 15.98 -1.67
C THR A 588 27.13 15.78 -2.99
N PRO A 589 25.83 15.54 -2.96
CA PRO A 589 25.08 15.34 -4.21
C PRO A 589 25.13 16.57 -5.10
N CYS A 590 24.64 16.41 -6.33
CA CYS A 590 24.84 17.43 -7.34
C CYS A 590 23.56 18.20 -7.67
N SER A 591 22.40 17.55 -7.56
CA SER A 591 21.13 18.19 -7.88
C SER A 591 20.50 18.76 -6.62
N PHE A 592 19.90 19.95 -6.75
CA PHE A 592 19.40 20.68 -5.59
C PHE A 592 18.56 21.86 -6.05
N GLY A 593 17.42 22.07 -5.41
CA GLY A 593 16.61 23.25 -5.68
C GLY A 593 15.41 23.00 -6.55
N GLY A 594 14.26 23.52 -6.12
CA GLY A 594 13.02 23.34 -6.86
C GLY A 594 12.86 24.36 -7.97
N VAL A 595 12.02 24.02 -8.94
CA VAL A 595 11.79 24.85 -10.11
C VAL A 595 10.31 24.82 -10.46
N SER A 596 9.75 25.99 -10.74
CA SER A 596 8.37 26.08 -11.20
C SER A 596 8.31 26.92 -12.47
N VAL A 597 7.33 26.63 -13.30
CA VAL A 597 7.15 27.33 -14.56
C VAL A 597 5.79 28.01 -14.55
N ILE A 598 5.78 29.29 -14.91
CA ILE A 598 4.59 30.12 -14.93
C ILE A 598 4.21 30.37 -16.38
N THR A 599 3.04 29.90 -16.77
CA THR A 599 2.58 30.11 -18.13
C THR A 599 1.22 30.83 -18.15
N PRO A 600 1.02 31.73 -19.10
CA PRO A 600 -0.31 32.30 -19.33
C PRO A 600 -1.22 31.42 -20.15
N GLY A 601 -0.86 30.16 -20.35
CA GLY A 601 -1.61 29.26 -21.20
C GLY A 601 -1.05 29.21 -22.60
N THR A 602 -0.86 28.00 -23.11
CA THR A 602 -0.27 27.86 -24.43
C THR A 602 -1.29 28.07 -25.54
N ASN A 603 -2.53 28.40 -25.17
CA ASN A 603 -3.54 28.76 -26.14
C ASN A 603 -3.57 30.27 -26.35
N THR A 604 -2.65 30.97 -25.72
CA THR A 604 -2.51 32.41 -25.82
C THR A 604 -1.10 32.83 -26.19
N SER A 605 -0.09 32.11 -25.69
CA SER A 605 1.30 32.39 -26.01
C SER A 605 2.16 31.27 -25.46
N ASN A 606 3.36 31.13 -26.01
CA ASN A 606 4.34 30.20 -25.47
C ASN A 606 5.46 30.94 -24.72
N GLN A 607 5.23 32.18 -24.33
CA GLN A 607 6.08 32.85 -23.37
C GLN A 607 5.87 32.23 -21.99
N VAL A 608 6.96 32.05 -21.25
CA VAL A 608 6.89 31.51 -19.91
C VAL A 608 7.85 32.27 -19.01
N ALA A 609 7.62 32.17 -17.72
CA ALA A 609 8.59 32.62 -16.73
C ALA A 609 8.99 31.43 -15.87
N VAL A 610 10.16 31.49 -15.27
CA VAL A 610 10.67 30.37 -14.49
C VAL A 610 11.06 30.87 -13.12
N LEU A 611 10.60 30.18 -12.08
CA LEU A 611 10.90 30.52 -10.70
C LEU A 611 11.83 29.46 -10.13
N TYR A 612 13.05 29.88 -9.81
CA TYR A 612 14.03 29.03 -9.14
C TYR A 612 13.91 29.29 -7.65
N GLN A 613 13.33 28.34 -6.94
CA GLN A 613 12.92 28.55 -5.57
C GLN A 613 14.06 28.49 -4.57
N ASP A 614 15.30 28.38 -5.04
CA ASP A 614 16.41 28.26 -4.10
C ASP A 614 17.63 29.07 -4.54
N VAL A 615 17.42 30.07 -5.39
CA VAL A 615 18.51 30.91 -5.88
C VAL A 615 18.35 32.35 -5.41
N ASN A 616 19.47 32.99 -5.11
CA ASN A 616 19.48 34.38 -4.66
C ASN A 616 20.48 35.19 -5.46
N CYS A 617 19.98 35.94 -6.43
CA CYS A 617 20.84 36.74 -7.29
C CYS A 617 20.86 38.23 -6.96
N THR A 618 22.03 38.73 -6.59
CA THR A 618 22.16 40.14 -6.26
C THR A 618 23.57 40.66 -6.54
N TRP A 633 25.12 31.47 -11.75
CA TRP A 633 23.99 31.00 -10.96
C TRP A 633 23.55 29.62 -11.41
N ARG A 634 22.80 28.94 -10.55
CA ARG A 634 22.25 27.63 -10.87
C ARG A 634 20.90 27.80 -11.56
N VAL A 635 20.95 28.34 -12.78
CA VAL A 635 19.77 28.59 -13.58
C VAL A 635 19.97 27.98 -14.96
N TYR A 636 18.86 27.71 -15.65
CA TYR A 636 18.92 27.19 -17.01
C TYR A 636 19.26 28.27 -18.01
N SER A 637 18.75 29.47 -17.83
CA SER A 637 18.99 30.60 -18.72
C SER A 637 18.99 31.87 -17.88
N THR A 638 19.46 32.96 -18.47
CA THR A 638 19.52 34.22 -17.74
C THR A 638 18.71 35.34 -18.37
N GLY A 639 18.51 35.33 -19.69
CA GLY A 639 17.67 36.28 -20.39
C GLY A 639 17.74 37.71 -19.87
N SER A 640 16.58 38.33 -19.69
CA SER A 640 16.49 39.62 -19.02
C SER A 640 15.33 39.54 -18.04
N ASN A 641 15.08 40.65 -17.36
CA ASN A 641 14.07 40.70 -16.31
C ASN A 641 14.34 39.62 -15.25
N VAL A 642 15.45 39.75 -14.54
CA VAL A 642 15.70 38.94 -13.36
C VAL A 642 15.18 39.69 -12.14
N PHE A 643 14.31 39.04 -11.37
CA PHE A 643 13.64 39.69 -10.25
C PHE A 643 13.69 38.76 -9.05
N GLN A 644 14.23 39.24 -7.94
CA GLN A 644 14.41 38.43 -6.75
C GLN A 644 13.19 38.54 -5.85
N THR A 645 12.78 37.42 -5.27
CA THR A 645 11.62 37.33 -4.41
C THR A 645 11.94 36.45 -3.21
N ARG A 646 11.18 36.62 -2.14
CA ARG A 646 11.30 35.73 -1.00
C ARG A 646 10.82 34.32 -1.31
N ALA A 647 10.34 34.09 -2.53
CA ALA A 647 10.01 32.76 -3.01
C ALA A 647 11.03 32.23 -3.99
N GLY A 648 12.03 33.02 -4.37
CA GLY A 648 13.07 32.57 -5.26
C GLY A 648 13.34 33.61 -6.32
N CYS A 649 14.18 33.24 -7.28
CA CYS A 649 14.55 34.11 -8.38
C CYS A 649 13.62 33.86 -9.55
N LEU A 650 12.92 34.90 -10.00
CA LEU A 650 11.98 34.80 -11.10
C LEU A 650 12.64 35.38 -12.35
N ILE A 651 12.62 34.60 -13.43
CA ILE A 651 13.31 34.96 -14.66
C ILE A 651 12.31 34.89 -15.80
N GLY A 652 12.13 36.02 -16.49
CA GLY A 652 11.23 36.11 -17.61
C GLY A 652 10.04 37.00 -17.40
N ALA A 653 9.92 37.65 -16.25
CA ALA A 653 8.79 38.51 -15.94
C ALA A 653 9.29 39.85 -15.45
N GLU A 654 8.61 40.92 -15.89
CA GLU A 654 9.02 42.28 -15.57
C GLU A 654 8.34 42.76 -14.29
N HIS A 655 9.12 43.35 -13.39
CA HIS A 655 8.60 43.83 -12.13
C HIS A 655 7.99 45.23 -12.30
N VAL A 656 6.77 45.40 -11.80
CA VAL A 656 6.08 46.68 -11.87
C VAL A 656 5.83 47.18 -10.46
N ASN A 657 5.45 48.45 -10.36
CA ASN A 657 5.21 49.08 -9.06
C ASN A 657 3.73 49.14 -8.67
N ASN A 658 2.84 48.77 -9.58
CA ASN A 658 1.43 48.81 -9.26
C ASN A 658 1.05 47.64 -8.36
N SER A 659 -0.25 47.46 -8.16
CA SER A 659 -0.77 46.36 -7.37
C SER A 659 -2.19 46.08 -7.82
N TYR A 660 -2.47 44.80 -8.09
CA TYR A 660 -3.78 44.38 -8.55
C TYR A 660 -4.23 43.19 -7.73
N GLU A 661 -5.37 42.63 -8.07
CA GLU A 661 -5.77 41.35 -7.50
C GLU A 661 -4.90 40.24 -8.06
N CYS A 662 -4.70 39.20 -7.27
CA CYS A 662 -3.84 38.11 -7.68
C CYS A 662 -4.41 37.42 -8.91
N ASP A 663 -3.54 37.13 -9.87
CA ASP A 663 -3.92 36.41 -11.08
C ASP A 663 -3.32 35.01 -11.08
N ILE A 664 -2.00 34.93 -10.98
CA ILE A 664 -1.29 33.67 -10.82
C ILE A 664 -0.44 33.80 -9.57
N PRO A 665 -0.71 33.05 -8.51
CA PRO A 665 0.04 33.24 -7.26
C PRO A 665 1.43 32.65 -7.34
N ILE A 666 2.43 33.52 -7.29
CA ILE A 666 3.82 33.08 -7.17
C ILE A 666 4.15 32.70 -5.73
N GLY A 667 3.74 33.53 -4.78
CA GLY A 667 4.01 33.23 -3.39
C GLY A 667 4.67 34.36 -2.65
N ALA A 668 4.69 34.28 -1.32
CA ALA A 668 5.29 35.29 -0.46
C ALA A 668 4.78 36.69 -0.77
N GLY A 669 3.53 36.79 -1.21
CA GLY A 669 2.88 38.06 -1.48
C GLY A 669 2.99 38.51 -2.92
N ILE A 670 3.60 37.72 -3.79
CA ILE A 670 3.85 38.12 -5.17
C ILE A 670 2.98 37.33 -6.11
N CYS A 671 2.36 38.01 -7.06
CA CYS A 671 1.55 37.39 -8.11
C CYS A 671 2.09 37.80 -9.46
N ALA A 672 1.60 37.14 -10.52
CA ALA A 672 2.04 37.41 -11.87
C ALA A 672 0.86 37.37 -12.82
N SER A 673 0.99 38.09 -13.93
CA SER A 673 -0.11 38.15 -14.88
C SER A 673 0.41 38.55 -16.26
N TYR A 674 -0.36 38.17 -17.27
CA TYR A 674 -0.04 38.45 -18.67
C TYR A 674 -0.66 39.78 -19.10
N GLN A 675 0.03 40.87 -18.80
CA GLN A 675 -0.46 42.20 -19.14
C GLN A 675 0.40 42.86 -20.23
N THR A 676 0.49 44.18 -20.18
CA THR A 676 1.27 44.94 -21.15
C THR A 676 2.24 45.87 -20.43
N GLN A 690 2.56 42.44 -25.59
CA GLN A 690 2.20 41.74 -24.37
C GLN A 690 3.42 41.08 -23.75
N SER A 691 3.38 40.91 -22.43
CA SER A 691 4.48 40.33 -21.68
C SER A 691 3.94 39.86 -20.34
N ILE A 692 4.82 39.27 -19.53
CA ILE A 692 4.47 38.75 -18.21
C ILE A 692 5.02 39.70 -17.17
N ILE A 693 4.16 40.13 -16.25
CA ILE A 693 4.53 41.08 -15.21
C ILE A 693 4.36 40.41 -13.86
N ALA A 694 5.14 40.87 -12.89
CA ALA A 694 5.09 40.36 -11.53
C ALA A 694 4.93 41.54 -10.59
N TYR A 695 4.03 41.41 -9.62
CA TYR A 695 3.72 42.53 -8.74
C TYR A 695 3.41 42.00 -7.34
N THR A 696 3.25 42.93 -6.41
CA THR A 696 2.78 42.63 -5.07
C THR A 696 1.27 42.77 -5.02
N MET A 697 0.58 41.73 -4.57
CA MET A 697 -0.87 41.75 -4.57
C MET A 697 -1.38 42.78 -3.58
N SER A 698 -2.51 43.39 -3.93
CA SER A 698 -3.16 44.36 -3.07
C SER A 698 -4.24 43.69 -2.25
N LEU A 699 -4.36 44.09 -1.00
CA LEU A 699 -5.35 43.51 -0.10
C LEU A 699 -6.73 44.10 -0.29
N GLY A 700 -6.81 45.34 -0.75
CA GLY A 700 -8.08 46.00 -0.95
C GLY A 700 -7.92 47.50 -0.84
N ALA A 701 -9.01 48.18 -1.15
CA ALA A 701 -9.03 49.64 -1.12
C ALA A 701 -8.94 50.14 0.31
N GLU A 702 -8.22 51.24 0.50
CA GLU A 702 -8.06 51.82 1.82
C GLU A 702 -9.27 52.67 2.17
N ASN A 703 -9.59 52.69 3.46
CA ASN A 703 -10.80 53.36 3.92
C ASN A 703 -10.57 53.87 5.33
N SER A 704 -11.31 54.90 5.69
CA SER A 704 -11.20 55.52 7.00
C SER A 704 -12.60 55.90 7.47
N VAL A 705 -12.86 55.65 8.75
CA VAL A 705 -14.16 55.93 9.34
C VAL A 705 -14.06 57.23 10.11
N ALA A 706 -15.04 58.11 9.91
CA ALA A 706 -15.04 59.42 10.54
C ALA A 706 -15.55 59.30 11.97
N TYR A 707 -14.73 58.69 12.82
CA TYR A 707 -15.11 58.42 14.20
C TYR A 707 -14.92 59.68 15.04
N SER A 708 -15.96 60.02 15.80
CA SER A 708 -15.89 61.03 16.84
C SER A 708 -16.73 60.54 18.01
N ASN A 709 -16.64 61.24 19.14
CA ASN A 709 -17.31 60.77 20.34
C ASN A 709 -18.78 61.20 20.40
N ASN A 710 -19.25 62.00 19.47
CA ASN A 710 -20.67 62.30 19.42
C ASN A 710 -21.22 62.35 18.01
N SER A 711 -20.82 61.42 17.15
CA SER A 711 -21.28 61.41 15.77
C SER A 711 -21.77 60.02 15.42
N ILE A 712 -22.90 59.96 14.73
CA ILE A 712 -23.50 58.69 14.33
C ILE A 712 -23.93 58.80 12.89
N ALA A 713 -23.98 57.67 12.20
CA ALA A 713 -24.44 57.62 10.82
C ALA A 713 -25.63 56.68 10.73
N ILE A 714 -26.73 57.19 10.19
CA ILE A 714 -27.98 56.44 10.12
C ILE A 714 -28.36 56.27 8.66
N PRO A 715 -28.76 55.07 8.23
CA PRO A 715 -29.19 54.91 6.85
C PRO A 715 -30.54 55.55 6.59
N THR A 716 -30.75 55.98 5.35
CA THR A 716 -32.01 56.58 4.96
C THR A 716 -32.73 55.81 3.87
N ASN A 717 -32.08 54.85 3.23
CA ASN A 717 -32.73 54.01 2.22
C ASN A 717 -32.20 52.60 2.39
N PHE A 718 -32.65 51.69 1.54
CA PHE A 718 -32.17 50.32 1.61
C PHE A 718 -32.14 49.73 0.21
N THR A 719 -31.56 48.54 0.12
CA THR A 719 -31.56 47.75 -1.09
C THR A 719 -31.88 46.32 -0.72
N ILE A 720 -32.63 45.66 -1.59
CA ILE A 720 -32.95 44.24 -1.45
C ILE A 720 -31.99 43.48 -2.35
N SER A 721 -31.13 42.68 -1.76
CA SER A 721 -30.09 41.98 -2.49
C SER A 721 -30.41 40.50 -2.55
N VAL A 722 -30.10 39.87 -3.68
CA VAL A 722 -30.27 38.44 -3.87
C VAL A 722 -28.95 37.84 -4.31
N THR A 723 -28.45 36.87 -3.58
CA THR A 723 -27.16 36.27 -3.88
C THR A 723 -27.29 34.76 -3.97
N THR A 724 -26.37 34.13 -4.69
CA THR A 724 -26.38 32.68 -4.84
C THR A 724 -25.29 32.04 -4.01
N GLU A 725 -25.56 30.81 -3.59
CA GLU A 725 -24.56 30.00 -2.89
C GLU A 725 -24.69 28.56 -3.36
N ILE A 726 -23.60 27.98 -3.84
CA ILE A 726 -23.60 26.66 -4.45
C ILE A 726 -22.95 25.67 -3.50
N LEU A 727 -23.55 24.49 -3.35
CA LEU A 727 -23.02 23.50 -2.42
C LEU A 727 -23.13 22.10 -3.03
N PRO A 728 -22.03 21.35 -3.06
CA PRO A 728 -22.11 19.96 -3.52
C PRO A 728 -22.77 19.07 -2.48
N VAL A 729 -23.58 18.12 -2.96
CA VAL A 729 -24.32 17.24 -2.06
C VAL A 729 -24.01 15.76 -2.28
N SER A 730 -23.66 15.34 -3.49
CA SER A 730 -23.37 13.93 -3.74
C SER A 730 -22.21 13.83 -4.71
N MET A 731 -21.69 12.62 -4.84
CA MET A 731 -20.75 12.29 -5.90
C MET A 731 -21.18 10.99 -6.53
N THR A 732 -20.43 10.56 -7.55
CA THR A 732 -20.82 9.37 -8.30
C THR A 732 -20.59 8.11 -7.48
N LYS A 733 -21.56 7.21 -7.53
CA LYS A 733 -21.46 5.91 -6.89
C LYS A 733 -20.87 4.91 -7.87
N THR A 734 -19.77 4.29 -7.48
CA THR A 734 -19.07 3.37 -8.36
C THR A 734 -18.94 2.01 -7.68
N SER A 735 -18.67 1.00 -8.49
CA SER A 735 -18.40 -0.34 -8.02
C SER A 735 -17.33 -0.96 -8.90
N VAL A 736 -16.60 -1.92 -8.36
CA VAL A 736 -15.46 -2.51 -9.03
C VAL A 736 -15.55 -4.02 -8.91
N ASP A 737 -15.32 -4.72 -10.01
CA ASP A 737 -15.14 -6.15 -10.03
C ASP A 737 -13.65 -6.45 -10.02
N CYS A 738 -13.12 -6.93 -8.89
CA CYS A 738 -11.70 -7.25 -8.80
C CYS A 738 -11.26 -8.22 -9.88
N THR A 739 -11.94 -9.35 -10.00
CA THR A 739 -11.47 -10.38 -10.91
C THR A 739 -11.36 -9.85 -12.33
N MET A 740 -12.31 -9.02 -12.75
CA MET A 740 -12.31 -8.52 -14.11
C MET A 740 -11.24 -7.47 -14.31
N TYR A 741 -10.88 -6.75 -13.26
CA TYR A 741 -9.86 -5.71 -13.39
C TYR A 741 -8.47 -6.31 -13.35
N ILE A 742 -8.22 -7.22 -12.42
CA ILE A 742 -6.90 -7.77 -12.21
C ILE A 742 -6.58 -8.82 -13.24
N CYS A 743 -7.53 -9.70 -13.55
CA CYS A 743 -7.24 -10.85 -14.39
C CYS A 743 -7.88 -10.79 -15.77
N GLY A 744 -9.09 -10.28 -15.89
CA GLY A 744 -9.79 -10.42 -17.16
C GLY A 744 -10.42 -11.79 -17.26
N ASP A 745 -10.40 -12.36 -18.46
CA ASP A 745 -10.90 -13.70 -18.68
C ASP A 745 -9.82 -14.77 -18.53
N SER A 746 -8.73 -14.45 -17.85
CA SER A 746 -7.69 -15.43 -17.55
C SER A 746 -8.14 -16.34 -16.42
N THR A 747 -8.09 -17.65 -16.66
CA THR A 747 -8.48 -18.60 -15.62
C THR A 747 -7.30 -18.93 -14.71
N GLU A 748 -6.09 -18.94 -15.25
CA GLU A 748 -4.90 -19.12 -14.43
C GLU A 748 -4.74 -17.98 -13.44
N CYS A 749 -4.88 -16.74 -13.91
CA CYS A 749 -4.81 -15.61 -13.01
C CYS A 749 -5.90 -15.66 -11.96
N SER A 750 -7.12 -16.04 -12.36
CA SER A 750 -8.22 -16.04 -11.41
C SER A 750 -8.04 -17.12 -10.36
N ASN A 751 -7.40 -18.24 -10.72
CA ASN A 751 -7.08 -19.23 -9.69
C ASN A 751 -5.95 -18.77 -8.80
N LEU A 752 -4.99 -18.03 -9.34
CA LEU A 752 -3.91 -17.51 -8.51
C LEU A 752 -4.42 -16.44 -7.57
N LEU A 753 -5.51 -15.76 -7.92
CA LEU A 753 -6.00 -14.64 -7.13
C LEU A 753 -6.73 -15.09 -5.88
N LEU A 754 -7.05 -16.38 -5.76
CA LEU A 754 -7.88 -16.82 -4.63
C LEU A 754 -7.16 -16.71 -3.29
N GLN A 755 -5.90 -16.28 -3.28
CA GLN A 755 -5.21 -15.98 -2.02
C GLN A 755 -5.40 -14.53 -1.61
N TYR A 756 -6.18 -13.78 -2.37
CA TYR A 756 -6.40 -12.37 -2.08
C TYR A 756 -7.88 -12.01 -2.18
N GLY A 757 -8.76 -12.92 -1.73
CA GLY A 757 -10.18 -12.64 -1.81
C GLY A 757 -10.68 -11.74 -0.69
N SER A 758 -10.05 -11.83 0.47
CA SER A 758 -10.41 -10.95 1.58
C SER A 758 -10.22 -9.49 1.20
N PHE A 759 -9.17 -9.20 0.43
CA PHE A 759 -8.87 -7.84 0.06
C PHE A 759 -9.94 -7.26 -0.87
N CYS A 760 -10.48 -8.09 -1.76
CA CYS A 760 -11.53 -7.61 -2.63
C CYS A 760 -12.86 -7.49 -1.92
N THR A 761 -13.20 -8.42 -1.03
CA THR A 761 -14.39 -8.20 -0.23
C THR A 761 -14.28 -6.91 0.56
N GLN A 762 -13.08 -6.61 1.05
CA GLN A 762 -12.87 -5.37 1.81
C GLN A 762 -13.06 -4.13 0.93
N LEU A 763 -12.46 -4.13 -0.26
CA LEU A 763 -12.62 -3.02 -1.18
C LEU A 763 -14.08 -2.77 -1.49
N ASN A 764 -14.82 -3.83 -1.81
CA ASN A 764 -16.21 -3.65 -2.18
C ASN A 764 -17.07 -3.22 -0.99
N ARG A 765 -16.73 -3.68 0.21
CA ARG A 765 -17.41 -3.18 1.39
C ARG A 765 -17.26 -1.67 1.52
N ALA A 766 -16.04 -1.18 1.36
CA ALA A 766 -15.81 0.26 1.44
C ALA A 766 -16.61 1.00 0.37
N LEU A 767 -16.58 0.52 -0.85
CA LEU A 767 -17.26 1.22 -1.93
C LEU A 767 -18.78 1.23 -1.72
N THR A 768 -19.35 0.15 -1.20
CA THR A 768 -20.79 0.16 -0.94
C THR A 768 -21.15 1.09 0.19
N GLY A 769 -20.30 1.19 1.21
CA GLY A 769 -20.54 2.19 2.24
C GLY A 769 -20.66 3.59 1.66
N ILE A 770 -19.70 3.95 0.81
CA ILE A 770 -19.77 5.26 0.14
C ILE A 770 -21.06 5.38 -0.66
N ALA A 771 -21.44 4.32 -1.37
CA ALA A 771 -22.58 4.40 -2.27
C ALA A 771 -23.88 4.64 -1.52
N VAL A 772 -24.06 3.99 -0.37
CA VAL A 772 -25.31 4.25 0.36
C VAL A 772 -25.25 5.59 1.08
N GLU A 773 -24.04 6.03 1.47
CA GLU A 773 -23.92 7.33 2.10
C GLU A 773 -24.36 8.45 1.15
N GLN A 774 -24.12 8.29 -0.15
CA GLN A 774 -24.53 9.35 -1.09
C GLN A 774 -26.03 9.55 -1.09
N ASP A 775 -26.80 8.46 -1.14
CA ASP A 775 -28.24 8.58 -1.10
C ASP A 775 -28.71 9.15 0.23
N LYS A 776 -28.05 8.75 1.32
CA LYS A 776 -28.42 9.33 2.60
C LYS A 776 -28.20 10.85 2.60
N ASN A 777 -27.10 11.29 2.01
CA ASN A 777 -26.82 12.73 1.89
C ASN A 777 -27.96 13.45 1.19
N THR A 778 -28.31 12.98 0.00
CA THR A 778 -29.38 13.66 -0.74
C THR A 778 -30.67 13.68 0.05
N GLN A 779 -30.95 12.61 0.79
CA GLN A 779 -32.18 12.58 1.57
C GLN A 779 -32.17 13.60 2.71
N GLU A 780 -31.03 13.74 3.40
CA GLU A 780 -31.01 14.75 4.46
C GLU A 780 -31.18 16.14 3.91
N VAL A 781 -30.63 16.43 2.73
CA VAL A 781 -30.73 17.78 2.23
C VAL A 781 -32.13 18.08 1.73
N PHE A 782 -32.68 17.23 0.87
CA PHE A 782 -33.88 17.63 0.13
C PHE A 782 -35.18 17.11 0.71
N ALA A 783 -35.17 16.04 1.50
CA ALA A 783 -36.40 15.41 1.98
C ALA A 783 -36.77 15.87 3.37
N GLN A 784 -36.54 17.15 3.67
CA GLN A 784 -36.82 17.66 5.01
C GLN A 784 -38.29 17.54 5.36
N VAL A 785 -39.18 17.96 4.46
CA VAL A 785 -40.61 17.93 4.68
C VAL A 785 -41.22 16.80 3.88
N LYS A 786 -42.24 16.15 4.45
CA LYS A 786 -42.91 15.05 3.78
C LYS A 786 -44.36 15.38 3.46
N GLN A 787 -44.63 16.62 3.08
CA GLN A 787 -45.89 17.02 2.49
C GLN A 787 -45.57 17.80 1.22
N ILE A 788 -46.14 17.37 0.11
CA ILE A 788 -45.84 17.98 -1.17
C ILE A 788 -46.82 19.11 -1.39
N TYR A 789 -46.46 20.30 -0.95
CA TYR A 789 -47.31 21.47 -1.09
C TYR A 789 -47.30 21.95 -2.53
N LYS A 790 -48.44 22.40 -3.00
CA LYS A 790 -48.54 23.07 -4.29
C LYS A 790 -48.90 24.53 -4.09
N THR A 791 -48.46 25.37 -5.01
CA THR A 791 -48.83 26.76 -4.92
C THR A 791 -50.12 27.00 -5.70
N PRO A 792 -51.04 27.77 -5.14
CA PRO A 792 -52.34 27.94 -5.77
C PRO A 792 -52.23 28.73 -7.05
N PRO A 793 -53.26 28.71 -7.90
CA PRO A 793 -53.28 29.62 -9.05
C PRO A 793 -53.46 31.08 -8.68
N ILE A 794 -53.60 31.38 -7.39
CA ILE A 794 -53.68 32.75 -6.89
C ILE A 794 -52.25 33.29 -6.84
N LYS A 795 -51.82 33.91 -7.93
CA LYS A 795 -50.48 34.48 -7.97
C LYS A 795 -50.52 35.94 -7.52
N ASP A 796 -51.15 36.17 -6.38
CA ASP A 796 -51.25 37.50 -5.79
C ASP A 796 -50.37 37.54 -4.55
N PHE A 797 -49.09 37.84 -4.74
CA PHE A 797 -48.13 37.85 -3.66
C PHE A 797 -47.67 39.24 -3.30
N GLY A 798 -48.55 40.23 -3.41
CA GLY A 798 -48.22 41.59 -3.04
C GLY A 798 -47.37 42.33 -4.03
N GLY A 799 -47.21 41.82 -5.25
CA GLY A 799 -46.37 42.43 -6.24
C GLY A 799 -45.08 41.69 -6.50
N PHE A 800 -44.73 40.72 -5.68
CA PHE A 800 -43.53 39.94 -5.88
C PHE A 800 -43.76 38.89 -6.96
N ASN A 801 -42.78 38.71 -7.83
CA ASN A 801 -42.88 37.82 -8.97
C ASN A 801 -41.95 36.64 -8.76
N PHE A 802 -42.53 35.45 -8.58
CA PHE A 802 -41.76 34.24 -8.34
C PHE A 802 -41.80 33.31 -9.55
N SER A 803 -41.98 33.87 -10.74
CA SER A 803 -42.20 33.05 -11.92
C SER A 803 -40.96 32.35 -12.42
N GLN A 804 -39.77 32.88 -12.14
CA GLN A 804 -38.55 32.26 -12.63
C GLN A 804 -38.03 31.17 -11.72
N ILE A 805 -38.57 31.03 -10.52
CA ILE A 805 -38.16 29.97 -9.60
C ILE A 805 -39.27 28.99 -9.31
N LEU A 806 -40.42 29.17 -9.89
CA LEU A 806 -41.51 28.23 -9.70
C LEU A 806 -41.59 27.28 -10.88
N PRO A 807 -42.10 26.06 -10.68
CA PRO A 807 -42.08 25.05 -11.73
C PRO A 807 -42.71 25.49 -13.05
N ASP A 808 -42.16 24.98 -14.15
CA ASP A 808 -42.67 25.26 -15.48
C ASP A 808 -43.44 24.07 -15.99
N PRO A 809 -44.78 24.11 -16.05
CA PRO A 809 -45.53 22.95 -16.55
C PRO A 809 -45.39 22.71 -18.03
N SER A 810 -44.65 23.56 -18.74
CA SER A 810 -44.49 23.43 -20.19
C SER A 810 -43.31 22.54 -20.56
N LYS A 811 -42.60 22.01 -19.58
CA LYS A 811 -41.44 21.16 -19.81
C LYS A 811 -41.85 19.70 -19.65
N PRO A 812 -41.05 18.75 -20.15
CA PRO A 812 -41.28 17.35 -19.78
C PRO A 812 -41.14 17.15 -18.29
N SER A 813 -40.03 17.62 -17.73
CA SER A 813 -39.88 17.75 -16.29
C SER A 813 -40.66 18.97 -15.82
N LYS A 814 -40.69 19.19 -14.52
CA LYS A 814 -41.34 20.37 -13.97
C LYS A 814 -40.30 21.25 -13.31
N ARG A 815 -39.18 21.45 -14.01
CA ARG A 815 -38.10 22.27 -13.50
C ARG A 815 -38.37 23.74 -13.77
N SER A 816 -37.81 24.59 -12.92
CA SER A 816 -37.95 26.02 -13.05
C SER A 816 -37.17 26.54 -14.24
N PHE A 817 -37.22 27.85 -14.44
CA PHE A 817 -36.34 28.48 -15.41
C PHE A 817 -34.90 28.47 -14.93
N ILE A 818 -34.68 28.89 -13.69
CA ILE A 818 -33.33 28.93 -13.13
C ILE A 818 -32.75 27.52 -13.02
N GLU A 819 -33.58 26.54 -12.70
CA GLU A 819 -33.09 25.17 -12.59
C GLU A 819 -32.66 24.64 -13.94
N ASP A 820 -33.35 25.04 -15.01
CA ASP A 820 -32.92 24.66 -16.34
C ASP A 820 -31.62 25.34 -16.72
N LEU A 821 -31.48 26.63 -16.40
CA LEU A 821 -30.21 27.29 -16.69
C LEU A 821 -29.06 26.62 -15.94
N LEU A 822 -29.32 26.18 -14.71
CA LEU A 822 -28.27 25.50 -13.94
C LEU A 822 -27.96 24.13 -14.52
N PHE A 823 -28.98 23.44 -15.01
CA PHE A 823 -28.80 22.07 -15.49
C PHE A 823 -27.90 22.00 -16.72
N ASN A 824 -27.82 23.07 -17.49
CA ASN A 824 -27.05 23.06 -18.73
C ASN A 824 -25.65 23.61 -18.55
N LYS A 825 -25.26 23.97 -17.34
CA LYS A 825 -23.91 24.46 -17.08
C LYS A 825 -23.02 23.42 -16.42
N VAL A 826 -23.53 22.21 -16.21
CA VAL A 826 -22.75 21.11 -15.66
C VAL A 826 -22.86 19.94 -16.61
N THR A 827 -21.76 19.60 -17.26
CA THR A 827 -21.73 18.51 -18.23
C THR A 827 -21.30 17.23 -17.54
N LEU A 828 -22.22 16.27 -17.45
CA LEU A 828 -21.90 14.98 -16.86
C LEU A 828 -21.10 14.12 -17.83
N ALA A 829 -20.85 12.87 -17.43
CA ALA A 829 -20.17 11.92 -18.30
C ALA A 829 -21.07 10.76 -18.69
N ASP A 830 -22.19 10.58 -17.99
CA ASP A 830 -23.12 9.49 -18.24
C ASP A 830 -24.49 10.06 -18.53
N ALA A 831 -24.85 10.17 -19.81
CA ALA A 831 -26.20 10.54 -20.20
C ALA A 831 -27.07 9.29 -20.18
N GLY A 832 -27.54 8.95 -18.99
CA GLY A 832 -28.19 7.68 -18.76
C GLY A 832 -27.23 6.66 -18.18
N PHE A 833 -27.77 5.48 -17.87
CA PHE A 833 -26.95 4.44 -17.27
C PHE A 833 -27.16 3.08 -17.92
N ILE A 834 -27.63 3.03 -19.15
CA ILE A 834 -27.79 1.78 -19.89
C ILE A 834 -26.96 1.90 -21.17
N LYS A 835 -25.74 1.36 -21.14
CA LYS A 835 -24.88 1.27 -22.31
C LYS A 835 -24.73 -0.20 -22.65
N GLN A 836 -25.39 -0.63 -23.71
CA GLN A 836 -25.50 -2.05 -24.02
C GLN A 836 -24.21 -2.59 -24.62
N TYR A 837 -24.04 -3.90 -24.53
CA TYR A 837 -22.86 -4.55 -25.08
C TYR A 837 -22.77 -4.34 -26.58
N GLY A 838 -23.86 -4.59 -27.30
CA GLY A 838 -23.85 -4.40 -28.73
C GLY A 838 -23.60 -2.99 -29.18
N ASP A 839 -23.71 -2.01 -28.27
CA ASP A 839 -23.60 -0.62 -28.67
C ASP A 839 -22.15 -0.19 -28.85
N CYS A 840 -21.24 -0.70 -28.02
CA CYS A 840 -19.82 -0.57 -28.30
C CYS A 840 -19.21 -1.95 -28.49
N LEU A 841 -19.31 -2.44 -29.73
CA LEU A 841 -18.74 -3.73 -30.10
C LEU A 841 -17.88 -3.52 -31.34
N GLY A 842 -16.57 -3.61 -31.17
CA GLY A 842 -15.63 -3.31 -32.23
C GLY A 842 -14.54 -2.39 -31.72
N ASP A 843 -14.24 -1.37 -32.52
CA ASP A 843 -13.26 -0.36 -32.13
C ASP A 843 -13.91 0.82 -31.41
N ILE A 844 -15.23 0.80 -31.26
CA ILE A 844 -15.90 1.80 -30.43
C ILE A 844 -15.41 1.70 -28.99
N ALA A 845 -15.04 0.50 -28.56
CA ALA A 845 -14.36 0.33 -27.28
C ALA A 845 -12.96 0.92 -27.38
N ALA A 846 -12.44 1.39 -26.24
CA ALA A 846 -11.12 2.01 -26.15
C ALA A 846 -11.02 3.26 -27.01
N ARG A 847 -12.18 3.80 -27.39
CA ARG A 847 -12.27 5.11 -27.99
C ARG A 847 -13.39 5.86 -27.29
N ASP A 848 -14.32 5.11 -26.70
CA ASP A 848 -15.28 5.64 -25.75
C ASP A 848 -14.80 5.28 -24.36
N LEU A 849 -14.55 6.28 -23.53
CA LEU A 849 -13.94 6.02 -22.23
C LEU A 849 -14.83 5.17 -21.34
N ILE A 850 -16.15 5.26 -21.52
CA ILE A 850 -17.05 4.54 -20.63
C ILE A 850 -17.02 3.05 -20.93
N CYS A 851 -16.94 2.68 -22.21
CA CYS A 851 -16.80 1.26 -22.54
C CYS A 851 -15.42 0.73 -22.13
N ALA A 852 -14.40 1.57 -22.22
CA ALA A 852 -13.08 1.18 -21.71
C ALA A 852 -13.15 0.90 -20.22
N GLN A 853 -13.90 1.71 -19.48
CA GLN A 853 -14.04 1.46 -18.04
C GLN A 853 -14.86 0.21 -17.79
N LYS A 854 -15.91 0.00 -18.57
CA LYS A 854 -16.80 -1.12 -18.34
C LYS A 854 -16.17 -2.46 -18.68
N PHE A 855 -15.35 -2.51 -19.72
CA PHE A 855 -14.69 -3.75 -20.06
C PHE A 855 -13.64 -4.16 -19.04
N ASN A 856 -13.30 -3.28 -18.10
CA ASN A 856 -12.32 -3.58 -17.07
C ASN A 856 -12.95 -3.69 -15.69
N GLY A 857 -14.28 -3.76 -15.61
CA GLY A 857 -14.95 -4.04 -14.36
C GLY A 857 -15.33 -2.84 -13.53
N LEU A 858 -15.36 -1.64 -14.11
CA LEU A 858 -15.64 -0.42 -13.36
C LEU A 858 -17.03 0.08 -13.73
N THR A 859 -17.97 0.01 -12.79
CA THR A 859 -19.37 0.31 -13.03
C THR A 859 -19.77 1.57 -12.26
N VAL A 860 -20.71 2.32 -12.83
CA VAL A 860 -21.29 3.48 -12.18
C VAL A 860 -22.78 3.22 -11.96
N LEU A 861 -23.22 3.32 -10.72
CA LEU A 861 -24.61 3.01 -10.40
C LEU A 861 -25.46 4.26 -10.37
N PRO A 862 -26.74 4.19 -10.70
CA PRO A 862 -27.58 5.37 -10.76
C PRO A 862 -28.06 5.78 -9.38
N PRO A 863 -28.30 7.07 -9.16
CA PRO A 863 -28.80 7.52 -7.86
C PRO A 863 -30.22 7.06 -7.61
N LEU A 864 -30.59 6.99 -6.34
CA LEU A 864 -31.91 6.51 -5.97
C LEU A 864 -33.01 7.50 -6.36
N LEU A 865 -32.80 8.78 -6.11
CA LEU A 865 -33.77 9.80 -6.45
C LEU A 865 -33.42 10.38 -7.82
N THR A 866 -34.38 10.30 -8.74
CA THR A 866 -34.18 10.91 -10.04
C THR A 866 -34.19 12.44 -9.91
N ASP A 867 -33.83 13.12 -10.99
CA ASP A 867 -33.79 14.57 -10.95
C ASP A 867 -35.18 15.18 -10.85
N GLU A 868 -36.18 14.49 -11.37
CA GLU A 868 -37.55 14.97 -11.27
C GLU A 868 -38.05 14.91 -9.83
N MET A 869 -37.65 13.89 -9.08
CA MET A 869 -38.05 13.82 -7.68
C MET A 869 -37.42 14.94 -6.87
N ILE A 870 -36.16 15.25 -7.15
CA ILE A 870 -35.50 16.35 -6.44
C ILE A 870 -36.14 17.68 -6.82
N ALA A 871 -36.54 17.84 -8.07
CA ALA A 871 -37.24 19.04 -8.48
C ALA A 871 -38.59 19.15 -7.77
N GLN A 872 -39.27 18.02 -7.59
CA GLN A 872 -40.52 18.03 -6.83
C GLN A 872 -40.30 18.46 -5.39
N TYR A 873 -39.24 17.96 -4.78
CA TYR A 873 -38.96 18.35 -3.40
C TYR A 873 -38.70 19.85 -3.28
N THR A 874 -37.87 20.41 -4.16
CA THR A 874 -37.60 21.84 -4.07
C THR A 874 -38.85 22.65 -4.38
N SER A 875 -39.70 22.15 -5.27
CA SER A 875 -40.95 22.84 -5.54
C SER A 875 -41.85 22.86 -4.32
N ALA A 876 -41.93 21.76 -3.58
CA ALA A 876 -42.72 21.74 -2.37
C ALA A 876 -42.16 22.70 -1.33
N LEU A 877 -40.83 22.75 -1.20
CA LEU A 877 -40.24 23.69 -0.26
C LEU A 877 -40.57 25.13 -0.61
N LEU A 878 -40.47 25.49 -1.89
CA LEU A 878 -40.78 26.85 -2.32
C LEU A 878 -42.24 27.19 -2.07
N ALA A 879 -43.15 26.29 -2.44
CA ALA A 879 -44.56 26.56 -2.25
C ALA A 879 -44.88 26.76 -0.77
N GLY A 880 -44.34 25.88 0.08
CA GLY A 880 -44.57 26.04 1.50
C GLY A 880 -44.02 27.36 2.03
N THR A 881 -42.84 27.75 1.56
CA THR A 881 -42.21 28.93 2.15
C THR A 881 -42.86 30.22 1.66
N ILE A 882 -43.48 30.22 0.49
CA ILE A 882 -44.11 31.45 0.04
C ILE A 882 -45.59 31.53 0.39
N THR A 883 -46.22 30.42 0.77
CA THR A 883 -47.59 30.52 1.22
C THR A 883 -47.77 30.33 2.72
N SER A 884 -46.72 30.00 3.46
CA SER A 884 -46.86 29.73 4.88
C SER A 884 -45.79 30.37 5.73
N GLY A 885 -44.82 31.03 5.14
CA GLY A 885 -43.75 31.60 5.93
C GLY A 885 -42.87 30.54 6.53
N TRP A 886 -42.66 30.60 7.84
CA TRP A 886 -41.81 29.64 8.52
C TRP A 886 -42.60 28.67 9.38
N THR A 887 -43.90 28.54 9.16
CA THR A 887 -44.71 27.71 10.04
C THR A 887 -44.76 26.27 9.57
N PHE A 888 -44.54 26.02 8.28
CA PHE A 888 -44.58 24.65 7.80
C PHE A 888 -43.36 23.84 8.22
N GLY A 889 -42.32 24.51 8.72
CA GLY A 889 -41.18 23.80 9.24
C GLY A 889 -41.26 23.43 10.71
N ALA A 890 -42.30 23.90 11.39
CA ALA A 890 -42.48 23.63 12.82
C ALA A 890 -43.73 22.85 13.12
N GLY A 891 -44.54 22.53 12.12
CA GLY A 891 -45.79 21.86 12.34
C GLY A 891 -46.64 21.85 11.09
N ALA A 892 -47.90 22.24 11.22
CA ALA A 892 -48.80 22.34 10.07
C ALA A 892 -48.66 23.71 9.43
N ALA A 893 -48.76 23.74 8.10
CA ALA A 893 -48.63 25.00 7.38
C ALA A 893 -49.84 25.89 7.66
N LEU A 894 -49.57 27.12 8.09
CA LEU A 894 -50.59 28.10 8.40
C LEU A 894 -50.44 29.24 7.41
N GLN A 895 -51.44 29.44 6.57
CA GLN A 895 -51.34 30.43 5.52
C GLN A 895 -51.25 31.84 6.11
N ILE A 896 -50.71 32.76 5.33
CA ILE A 896 -50.57 34.16 5.72
C ILE A 896 -50.26 34.95 4.46
N PRO A 897 -50.85 36.12 4.26
CA PRO A 897 -50.54 36.92 3.07
C PRO A 897 -49.05 37.24 3.01
N PHE A 898 -48.53 37.31 1.78
CA PHE A 898 -47.08 37.41 1.63
C PHE A 898 -46.55 38.74 2.15
N ALA A 899 -47.31 39.82 1.98
CA ALA A 899 -46.84 41.11 2.47
C ALA A 899 -46.76 41.12 3.98
N MET A 900 -47.69 40.46 4.67
CA MET A 900 -47.63 40.43 6.12
C MET A 900 -46.49 39.54 6.60
N GLN A 901 -46.18 38.48 5.86
CA GLN A 901 -45.01 37.67 6.18
C GLN A 901 -43.73 38.47 6.00
N MET A 902 -43.67 39.27 4.93
CA MET A 902 -42.51 40.13 4.74
C MET A 902 -42.39 41.17 5.83
N ALA A 903 -43.51 41.65 6.36
CA ALA A 903 -43.47 42.57 7.48
C ALA A 903 -42.94 41.89 8.74
N TYR A 904 -43.37 40.66 8.98
CA TYR A 904 -42.79 39.88 10.08
C TYR A 904 -41.28 39.77 9.93
N ARG A 905 -40.82 39.50 8.71
CA ARG A 905 -39.38 39.33 8.51
C ARG A 905 -38.64 40.65 8.64
N PHE A 906 -39.28 41.77 8.31
CA PHE A 906 -38.67 43.07 8.57
C PHE A 906 -38.56 43.34 10.06
N ASN A 907 -39.57 42.94 10.82
CA ASN A 907 -39.48 43.03 12.28
C ASN A 907 -38.30 42.24 12.81
N GLY A 908 -38.03 41.09 12.22
CA GLY A 908 -36.96 40.23 12.70
C GLY A 908 -35.56 40.80 12.58
N ILE A 909 -35.35 41.84 11.78
CA ILE A 909 -34.04 42.44 11.63
C ILE A 909 -33.96 43.83 12.26
N GLY A 910 -34.99 44.25 12.96
CA GLY A 910 -34.96 45.51 13.67
C GLY A 910 -35.50 46.70 12.93
N VAL A 911 -36.45 46.47 12.02
CA VAL A 911 -37.09 47.54 11.27
C VAL A 911 -38.60 47.40 11.46
N THR A 912 -39.27 48.51 11.71
CA THR A 912 -40.70 48.45 11.97
C THR A 912 -41.47 48.07 10.72
N GLN A 913 -42.71 47.62 10.90
CA GLN A 913 -43.47 47.10 9.78
C GLN A 913 -43.93 48.19 8.84
N ASN A 914 -44.20 49.39 9.36
CA ASN A 914 -44.64 50.46 8.48
C ASN A 914 -43.59 50.81 7.45
N VAL A 915 -42.33 50.49 7.70
CA VAL A 915 -41.29 50.70 6.70
C VAL A 915 -41.52 49.80 5.49
N LEU A 916 -42.02 48.59 5.73
CA LEU A 916 -42.39 47.74 4.62
C LEU A 916 -43.68 48.20 3.97
N TYR A 917 -44.72 48.41 4.76
CA TYR A 917 -46.02 48.70 4.18
C TYR A 917 -46.04 50.00 3.42
N GLU A 918 -45.17 50.95 3.78
CA GLU A 918 -45.17 52.23 3.09
C GLU A 918 -44.26 52.22 1.88
N ASN A 919 -43.38 51.22 1.76
CA ASN A 919 -42.49 51.09 0.63
C ASN A 919 -42.69 49.79 -0.13
N GLN A 920 -43.92 49.30 -0.22
CA GLN A 920 -44.13 47.95 -0.72
C GLN A 920 -43.81 47.82 -2.19
N LYS A 921 -44.21 48.81 -3.00
CA LYS A 921 -43.95 48.73 -4.43
C LYS A 921 -42.46 48.81 -4.73
N LEU A 922 -41.74 49.69 -4.04
CA LEU A 922 -40.30 49.80 -4.24
C LEU A 922 -39.61 48.50 -3.89
N ILE A 923 -40.03 47.86 -2.80
CA ILE A 923 -39.40 46.61 -2.37
C ILE A 923 -39.69 45.50 -3.37
N ALA A 924 -40.94 45.40 -3.83
CA ALA A 924 -41.27 44.39 -4.83
C ALA A 924 -40.48 44.59 -6.10
N ASN A 925 -40.32 45.84 -6.54
CA ASN A 925 -39.56 46.11 -7.75
C ASN A 925 -38.09 45.76 -7.58
N GLN A 926 -37.51 46.07 -6.43
CA GLN A 926 -36.11 45.73 -6.18
C GLN A 926 -35.93 44.22 -6.18
N PHE A 927 -36.85 43.49 -5.57
CA PHE A 927 -36.75 42.03 -5.56
C PHE A 927 -36.84 41.47 -6.98
N ASN A 928 -37.80 41.94 -7.77
CA ASN A 928 -37.95 41.44 -9.13
C ASN A 928 -36.72 41.74 -9.96
N SER A 929 -36.15 42.94 -9.81
CA SER A 929 -34.95 43.28 -10.55
C SER A 929 -33.78 42.40 -10.14
N ALA A 930 -33.65 42.11 -8.86
CA ALA A 930 -32.53 41.27 -8.41
C ALA A 930 -32.65 39.85 -8.94
N ILE A 931 -33.87 39.31 -8.97
CA ILE A 931 -34.05 37.98 -9.53
C ILE A 931 -33.73 37.98 -11.02
N GLY A 932 -34.18 39.00 -11.73
CA GLY A 932 -33.81 39.11 -13.14
C GLY A 932 -32.31 39.17 -13.35
N LYS A 933 -31.60 39.85 -12.46
CA LYS A 933 -30.15 39.94 -12.56
C LYS A 933 -29.50 38.57 -12.44
N ILE A 934 -30.04 37.71 -11.58
CA ILE A 934 -29.51 36.36 -11.37
C ILE A 934 -29.60 35.58 -12.67
N GLN A 935 -30.82 35.39 -13.15
CA GLN A 935 -31.03 34.65 -14.39
C GLN A 935 -30.08 35.18 -15.45
N ASP A 936 -30.10 36.50 -15.62
CA ASP A 936 -29.22 37.15 -16.59
C ASP A 936 -27.81 36.61 -16.44
N SER A 937 -27.15 37.01 -15.35
CA SER A 937 -25.77 36.58 -15.07
C SER A 937 -25.53 35.11 -15.41
N LEU A 938 -26.41 34.24 -14.93
CA LEU A 938 -26.27 32.82 -15.20
C LEU A 938 -26.25 32.55 -16.69
N SER A 939 -27.42 32.65 -17.32
CA SER A 939 -27.56 32.41 -18.75
C SER A 939 -26.43 33.06 -19.55
N SER A 940 -25.77 34.03 -18.94
CA SER A 940 -24.67 34.72 -19.58
C SER A 940 -23.40 33.90 -19.41
N THR A 941 -22.75 34.05 -18.26
CA THR A 941 -21.52 33.32 -17.95
C THR A 941 -20.80 33.96 -16.77
N ALA A 944 -20.02 30.78 -12.95
CA ALA A 944 -20.28 29.40 -13.33
C ALA A 944 -20.38 28.51 -12.11
N LEU A 945 -20.71 27.24 -12.34
CA LEU A 945 -20.80 26.26 -11.26
C LEU A 945 -19.53 25.43 -11.18
N GLY A 946 -18.41 26.07 -10.85
CA GLY A 946 -17.15 25.36 -10.84
C GLY A 946 -17.09 24.31 -9.74
N LYS A 947 -17.68 24.62 -8.58
CA LYS A 947 -17.60 23.70 -7.46
C LYS A 947 -18.38 22.41 -7.71
N LEU A 948 -19.39 22.47 -8.56
CA LEU A 948 -20.14 21.28 -8.92
C LEU A 948 -19.53 20.52 -10.09
N GLN A 949 -18.78 21.21 -10.94
CA GLN A 949 -18.11 20.53 -12.04
C GLN A 949 -16.83 19.85 -11.59
N ASP A 950 -16.17 20.38 -10.56
CA ASP A 950 -14.96 19.75 -10.07
C ASP A 950 -15.22 18.35 -9.53
N VAL A 951 -16.39 18.10 -8.96
CA VAL A 951 -16.70 16.77 -8.45
C VAL A 951 -16.75 15.77 -9.60
N VAL A 952 -17.50 16.11 -10.65
CA VAL A 952 -17.59 15.24 -11.82
C VAL A 952 -16.22 15.02 -12.43
N ASN A 953 -15.44 16.09 -12.57
CA ASN A 953 -14.13 15.97 -13.16
C ASN A 953 -13.23 15.06 -12.35
N GLN A 954 -13.26 15.19 -11.02
CA GLN A 954 -12.40 14.37 -10.18
C GLN A 954 -12.77 12.91 -10.27
N ASN A 955 -14.05 12.59 -10.23
CA ASN A 955 -14.44 11.18 -10.31
C ASN A 955 -14.06 10.58 -11.66
N ALA A 956 -14.31 11.31 -12.74
CA ALA A 956 -13.94 10.80 -14.06
C ALA A 956 -12.44 10.59 -14.18
N GLN A 957 -11.66 11.55 -13.68
CA GLN A 957 -10.21 11.41 -13.77
C GLN A 957 -9.71 10.23 -12.95
N ALA A 958 -10.31 9.98 -11.79
CA ALA A 958 -9.89 8.83 -11.00
C ALA A 958 -10.15 7.53 -11.74
N LEU A 959 -11.32 7.38 -12.34
CA LEU A 959 -11.60 6.15 -13.08
C LEU A 959 -10.67 5.99 -14.27
N ASN A 960 -10.41 7.07 -14.99
CA ASN A 960 -9.55 6.94 -16.16
C ASN A 960 -8.11 6.65 -15.75
N THR A 961 -7.66 7.19 -14.63
CA THR A 961 -6.32 6.84 -14.14
C THR A 961 -6.24 5.37 -13.79
N LEU A 962 -7.30 4.82 -13.18
CA LEU A 962 -7.33 3.39 -12.95
C LEU A 962 -7.16 2.62 -14.24
N VAL A 963 -7.83 3.06 -15.30
CA VAL A 963 -7.75 2.31 -16.56
C VAL A 963 -6.36 2.37 -17.15
N LYS A 964 -5.73 3.56 -17.18
CA LYS A 964 -4.39 3.62 -17.74
C LYS A 964 -3.36 2.93 -16.87
N GLN A 965 -3.62 2.76 -15.59
CA GLN A 965 -2.59 2.07 -14.82
C GLN A 965 -2.54 0.59 -15.10
N LEU A 966 -3.25 0.07 -16.09
CA LEU A 966 -3.13 -1.32 -16.49
C LEU A 966 -2.01 -1.55 -17.47
N SER A 967 -1.18 -0.54 -17.71
CA SER A 967 -0.07 -0.62 -18.65
C SER A 967 1.27 -0.68 -17.93
N SER A 968 1.25 -0.93 -16.63
CA SER A 968 2.46 -0.98 -15.84
C SER A 968 2.92 -2.42 -15.69
N ASN A 969 4.24 -2.62 -15.79
CA ASN A 969 4.81 -3.94 -15.63
C ASN A 969 4.91 -4.33 -14.18
N PHE A 970 5.12 -3.36 -13.29
CA PHE A 970 5.35 -3.61 -11.87
C PHE A 970 6.56 -4.49 -11.64
N GLY A 971 7.51 -4.50 -12.56
CA GLY A 971 8.69 -5.33 -12.44
C GLY A 971 8.59 -6.68 -13.10
N ALA A 972 7.56 -6.91 -13.90
CA ALA A 972 7.41 -8.15 -14.65
C ALA A 972 7.99 -7.97 -16.04
N ILE A 973 7.89 -9.00 -16.87
CA ILE A 973 8.44 -8.93 -18.22
C ILE A 973 7.51 -8.24 -19.19
N SER A 974 6.21 -8.17 -18.90
CA SER A 974 5.24 -7.51 -19.74
C SER A 974 4.04 -7.17 -18.87
N SER A 975 3.14 -6.37 -19.42
CA SER A 975 1.93 -5.97 -18.71
C SER A 975 0.70 -6.67 -19.25
N VAL A 976 0.85 -7.64 -20.15
CA VAL A 976 -0.26 -8.39 -20.71
C VAL A 976 -0.18 -9.80 -20.19
N LEU A 977 -1.31 -10.31 -19.70
CA LEU A 977 -1.32 -11.68 -19.18
C LEU A 977 -1.18 -12.69 -20.31
N ASN A 978 -1.56 -12.32 -21.53
CA ASN A 978 -1.53 -13.29 -22.62
C ASN A 978 -0.15 -13.40 -23.24
N ASP A 979 0.70 -12.39 -23.06
CA ASP A 979 2.10 -12.55 -23.47
C ASP A 979 2.88 -13.34 -22.44
N ILE A 980 2.46 -13.32 -21.19
CA ILE A 980 3.14 -14.14 -20.20
C ILE A 980 2.68 -15.59 -20.30
N LEU A 981 1.36 -15.80 -20.38
CA LEU A 981 0.84 -17.16 -20.34
C LEU A 981 1.18 -17.92 -21.60
N SER A 982 1.48 -17.21 -22.68
CA SER A 982 2.02 -17.80 -23.90
C SER A 982 3.45 -17.34 -24.08
N ARG A 983 4.38 -18.28 -24.26
CA ARG A 983 5.83 -18.18 -24.08
C ARG A 983 6.35 -18.49 -22.67
N LEU A 984 5.48 -18.80 -21.72
CA LEU A 984 5.96 -19.24 -20.42
C LEU A 984 5.03 -20.31 -19.87
N ASP A 985 5.60 -21.26 -19.15
CA ASP A 985 4.84 -22.38 -18.61
C ASP A 985 4.49 -22.13 -17.15
N PRO A 986 3.50 -22.84 -16.61
CA PRO A 986 2.84 -22.41 -15.36
C PRO A 986 3.79 -22.01 -14.26
N PRO A 987 4.70 -22.89 -13.80
CA PRO A 987 5.42 -22.57 -12.55
C PRO A 987 6.31 -21.35 -12.65
N GLU A 988 6.78 -21.02 -13.83
CA GLU A 988 7.65 -19.87 -13.99
C GLU A 988 6.94 -18.68 -14.63
N ALA A 989 5.69 -18.85 -15.04
CA ALA A 989 4.82 -17.71 -15.33
C ALA A 989 4.13 -17.21 -14.08
N GLU A 990 4.04 -18.05 -13.04
CA GLU A 990 3.37 -17.64 -11.81
C GLU A 990 4.10 -16.49 -11.12
N VAL A 991 5.42 -16.40 -11.27
CA VAL A 991 6.14 -15.30 -10.64
C VAL A 991 5.73 -13.97 -11.26
N GLN A 992 5.67 -13.93 -12.60
CA GLN A 992 5.26 -12.72 -13.28
C GLN A 992 3.81 -12.38 -12.98
N ILE A 993 2.93 -13.38 -12.99
CA ILE A 993 1.53 -13.11 -12.69
C ILE A 993 1.38 -12.62 -11.26
N ASP A 994 2.22 -13.10 -10.35
CA ASP A 994 2.18 -12.61 -8.98
C ASP A 994 2.57 -11.14 -8.91
N ARG A 995 3.61 -10.75 -9.64
CA ARG A 995 3.98 -9.34 -9.67
C ARG A 995 2.83 -8.48 -10.18
N LEU A 996 2.20 -8.90 -11.28
CA LEU A 996 1.09 -8.13 -11.82
C LEU A 996 -0.06 -8.05 -10.83
N ILE A 997 -0.38 -9.16 -10.17
CA ILE A 997 -1.49 -9.19 -9.23
C ILE A 997 -1.23 -8.21 -8.09
N THR A 998 -0.03 -8.23 -7.54
CA THR A 998 0.29 -7.32 -6.44
C THR A 998 0.16 -5.86 -6.87
N GLY A 999 0.72 -5.53 -8.03
CA GLY A 999 0.62 -4.15 -8.51
C GLY A 999 -0.82 -3.70 -8.67
N ARG A 1000 -1.63 -4.50 -9.35
CA ARG A 1000 -2.99 -4.08 -9.63
C ARG A 1000 -3.84 -4.03 -8.36
N LEU A 1001 -3.59 -4.93 -7.40
CA LEU A 1001 -4.27 -4.83 -6.13
C LEU A 1001 -3.96 -3.52 -5.43
N GLN A 1002 -2.70 -3.11 -5.42
CA GLN A 1002 -2.38 -1.87 -4.73
C GLN A 1002 -2.95 -0.67 -5.48
N SER A 1003 -3.08 -0.76 -6.79
CA SER A 1003 -3.77 0.30 -7.54
C SER A 1003 -5.21 0.44 -7.08
N LEU A 1004 -5.93 -0.67 -7.00
CA LEU A 1004 -7.31 -0.63 -6.51
C LEU A 1004 -7.38 -0.08 -5.10
N GLN A 1005 -6.43 -0.45 -4.25
CA GLN A 1005 -6.43 0.03 -2.87
C GLN A 1005 -6.26 1.53 -2.81
N THR A 1006 -5.34 2.08 -3.61
CA THR A 1006 -5.15 3.52 -3.63
C THR A 1006 -6.42 4.23 -4.06
N TYR A 1007 -7.08 3.71 -5.10
CA TYR A 1007 -8.32 4.31 -5.55
C TYR A 1007 -9.35 4.35 -4.43
N VAL A 1008 -9.55 3.22 -3.75
CA VAL A 1008 -10.59 3.16 -2.73
C VAL A 1008 -10.28 4.10 -1.58
N THR A 1009 -9.01 4.20 -1.19
CA THR A 1009 -8.65 5.10 -0.11
C THR A 1009 -8.94 6.55 -0.45
N GLN A 1010 -8.54 6.99 -1.65
CA GLN A 1010 -8.81 8.37 -2.01
C GLN A 1010 -10.29 8.63 -2.17
N GLN A 1011 -11.06 7.63 -2.60
CA GLN A 1011 -12.51 7.79 -2.66
C GLN A 1011 -13.10 7.98 -1.28
N LEU A 1012 -12.60 7.24 -0.29
CA LEU A 1012 -13.10 7.42 1.07
C LEU A 1012 -12.82 8.81 1.58
N ILE A 1013 -11.62 9.32 1.32
CA ILE A 1013 -11.29 10.67 1.78
C ILE A 1013 -12.20 11.70 1.11
N ARG A 1014 -12.40 11.57 -0.19
CA ARG A 1014 -13.28 12.53 -0.88
C ARG A 1014 -14.72 12.43 -0.39
N ALA A 1015 -15.17 11.22 -0.06
CA ALA A 1015 -16.53 11.06 0.43
C ALA A 1015 -16.71 11.72 1.79
N ALA A 1016 -15.67 11.71 2.62
CA ALA A 1016 -15.77 12.44 3.88
C ALA A 1016 -15.97 13.93 3.65
N GLU A 1017 -15.25 14.49 2.69
CA GLU A 1017 -15.40 15.91 2.39
C GLU A 1017 -16.79 16.23 1.85
N ILE A 1018 -17.30 15.39 0.95
CA ILE A 1018 -18.64 15.61 0.43
C ILE A 1018 -19.68 15.46 1.52
N ARG A 1019 -19.44 14.57 2.49
CA ARG A 1019 -20.35 14.42 3.61
C ARG A 1019 -20.41 15.69 4.44
N ALA A 1020 -19.26 16.30 4.70
CA ALA A 1020 -19.26 17.57 5.42
C ALA A 1020 -20.03 18.64 4.66
N SER A 1021 -19.82 18.71 3.33
CA SER A 1021 -20.54 19.70 2.54
C SER A 1021 -22.05 19.47 2.57
N ALA A 1022 -22.48 18.22 2.51
CA ALA A 1022 -23.91 17.92 2.54
C ALA A 1022 -24.51 18.22 3.90
N ASN A 1023 -23.75 18.02 4.98
CA ASN A 1023 -24.26 18.39 6.30
C ASN A 1023 -24.44 19.90 6.40
N LEU A 1024 -23.48 20.66 5.86
CA LEU A 1024 -23.64 22.11 5.84
C LEU A 1024 -24.86 22.52 5.02
N ALA A 1025 -25.09 21.85 3.90
CA ALA A 1025 -26.25 22.20 3.07
C ALA A 1025 -27.56 21.88 3.78
N ALA A 1026 -27.60 20.78 4.54
CA ALA A 1026 -28.81 20.47 5.28
C ALA A 1026 -29.08 21.49 6.38
N THR A 1027 -28.02 21.91 7.07
CA THR A 1027 -28.17 22.96 8.07
C THR A 1027 -28.67 24.26 7.45
N LYS A 1028 -28.12 24.64 6.30
CA LYS A 1028 -28.58 25.84 5.64
C LYS A 1028 -30.02 25.72 5.18
N MET A 1029 -30.43 24.53 4.76
CA MET A 1029 -31.82 24.34 4.36
C MET A 1029 -32.75 24.50 5.55
N SER A 1030 -32.39 23.99 6.71
CA SER A 1030 -33.30 24.11 7.84
C SER A 1030 -33.29 25.50 8.43
N GLU A 1031 -32.16 26.20 8.39
CA GLU A 1031 -32.06 27.46 9.12
C GLU A 1031 -32.24 28.70 8.26
N CYS A 1032 -31.97 28.64 6.95
CA CYS A 1032 -32.18 29.80 6.11
C CYS A 1032 -33.47 29.71 5.30
N VAL A 1033 -33.88 28.52 4.90
CA VAL A 1033 -35.08 28.35 4.09
C VAL A 1033 -36.32 28.13 4.95
N LEU A 1034 -36.21 27.31 5.99
CA LEU A 1034 -37.33 27.01 6.85
C LEU A 1034 -37.45 27.99 8.02
N GLY A 1035 -36.65 29.03 8.04
CA GLY A 1035 -36.70 30.02 9.09
C GLY A 1035 -35.99 31.28 8.68
N GLN A 1036 -35.72 32.13 9.66
CA GLN A 1036 -34.94 33.34 9.46
C GLN A 1036 -33.78 33.35 10.43
N SER A 1037 -32.58 33.56 9.93
CA SER A 1037 -31.36 33.36 10.71
C SER A 1037 -30.83 34.69 11.23
N LYS A 1038 -30.35 34.67 12.47
CA LYS A 1038 -29.67 35.80 13.07
C LYS A 1038 -28.16 35.66 13.00
N ARG A 1039 -27.67 34.53 12.52
CA ARG A 1039 -26.23 34.30 12.41
C ARG A 1039 -25.66 35.12 11.27
N VAL A 1040 -24.61 35.86 11.57
CA VAL A 1040 -24.03 36.80 10.60
C VAL A 1040 -23.35 36.04 9.48
N ASP A 1041 -23.64 36.44 8.25
CA ASP A 1041 -23.02 35.88 7.05
C ASP A 1041 -23.27 34.40 6.88
N PHE A 1042 -24.28 33.86 7.54
CA PHE A 1042 -24.59 32.45 7.34
C PHE A 1042 -25.50 32.25 6.14
N CYS A 1043 -26.40 33.18 5.88
CA CYS A 1043 -27.34 33.10 4.77
C CYS A 1043 -27.19 34.34 3.91
N GLY A 1044 -25.96 34.68 3.55
CA GLY A 1044 -25.69 35.79 2.66
C GLY A 1044 -25.11 36.97 3.40
N LYS A 1045 -24.77 38.00 2.62
CA LYS A 1045 -24.21 39.23 3.15
C LYS A 1045 -25.31 40.26 3.33
N GLY A 1046 -25.46 40.78 4.53
CA GLY A 1046 -26.55 41.66 4.89
C GLY A 1046 -27.38 41.06 6.01
N TYR A 1047 -28.56 41.62 6.19
CA TYR A 1047 -29.50 41.08 7.15
C TYR A 1047 -30.43 40.11 6.44
N HIS A 1048 -30.42 38.86 6.86
CA HIS A 1048 -31.13 37.81 6.14
C HIS A 1048 -32.64 38.03 6.24
N LEU A 1049 -33.30 38.05 5.09
CA LEU A 1049 -34.76 38.08 5.03
C LEU A 1049 -35.34 36.70 4.72
N MET A 1050 -34.93 36.10 3.61
CA MET A 1050 -35.43 34.76 3.29
C MET A 1050 -34.48 34.08 2.33
N SER A 1051 -34.83 32.84 1.95
CA SER A 1051 -34.00 32.06 1.04
C SER A 1051 -34.87 31.11 0.25
N PHE A 1052 -34.41 30.80 -0.96
CA PHE A 1052 -35.12 29.88 -1.84
C PHE A 1052 -34.14 28.83 -2.35
N PRO A 1053 -34.49 27.55 -2.33
CA PRO A 1053 -33.62 26.51 -2.87
C PRO A 1053 -33.91 26.18 -4.32
N GLN A 1054 -32.86 25.83 -5.04
CA GLN A 1054 -32.94 25.32 -6.39
C GLN A 1054 -32.02 24.12 -6.50
N SER A 1055 -32.43 23.11 -7.25
CA SER A 1055 -31.62 21.91 -7.38
C SER A 1055 -30.68 22.05 -8.56
N ALA A 1056 -29.49 21.47 -8.43
CA ALA A 1056 -28.49 21.50 -9.48
C ALA A 1056 -27.86 20.12 -9.57
N PRO A 1057 -27.20 19.80 -10.68
CA PRO A 1057 -26.58 18.48 -10.79
C PRO A 1057 -25.61 18.19 -9.66
N HIS A 1058 -25.94 17.21 -8.82
CA HIS A 1058 -25.14 16.80 -7.68
C HIS A 1058 -25.03 17.89 -6.61
N GLY A 1059 -25.97 18.82 -6.55
CA GLY A 1059 -25.83 19.86 -5.55
C GLY A 1059 -27.06 20.72 -5.42
N VAL A 1060 -26.92 21.76 -4.62
CA VAL A 1060 -28.02 22.69 -4.36
C VAL A 1060 -27.51 24.11 -4.49
N VAL A 1061 -28.41 25.00 -4.90
CA VAL A 1061 -28.15 26.43 -5.00
C VAL A 1061 -29.14 27.14 -4.10
N PHE A 1062 -28.66 28.07 -3.30
CA PHE A 1062 -29.52 28.88 -2.45
C PHE A 1062 -29.52 30.30 -2.98
N LEU A 1063 -30.71 30.87 -3.12
CA LEU A 1063 -30.88 32.29 -3.40
C LEU A 1063 -31.25 32.96 -2.09
N HIS A 1064 -30.33 33.75 -1.56
CA HIS A 1064 -30.50 34.43 -0.28
C HIS A 1064 -30.95 35.84 -0.54
N VAL A 1065 -32.11 36.20 -0.01
CA VAL A 1065 -32.63 37.56 -0.07
C VAL A 1065 -32.32 38.24 1.24
N THR A 1066 -31.53 39.32 1.18
CA THR A 1066 -31.06 40.05 2.33
C THR A 1066 -31.34 41.55 2.17
N TYR A 1067 -31.27 42.26 3.28
CA TYR A 1067 -31.57 43.68 3.37
C TYR A 1067 -30.26 44.43 3.65
N VAL A 1068 -29.93 45.38 2.78
CA VAL A 1068 -28.67 46.10 2.86
C VAL A 1068 -28.97 47.58 3.02
N PRO A 1069 -28.54 48.23 4.10
CA PRO A 1069 -28.81 49.66 4.26
C PRO A 1069 -28.04 50.49 3.23
N ALA A 1070 -28.54 51.70 2.99
CA ALA A 1070 -27.96 52.53 1.95
C ALA A 1070 -28.26 53.99 2.22
N GLN A 1071 -27.43 54.86 1.63
CA GLN A 1071 -27.60 56.30 1.71
C GLN A 1071 -27.61 56.80 3.14
N GLU A 1072 -26.51 56.59 3.85
CA GLU A 1072 -26.43 57.00 5.24
C GLU A 1072 -26.21 58.50 5.36
N LYS A 1073 -26.43 59.01 6.56
CA LYS A 1073 -26.33 60.43 6.81
C LYS A 1073 -25.78 60.65 8.20
N ASN A 1074 -25.04 61.75 8.37
CA ASN A 1074 -24.38 62.08 9.62
C ASN A 1074 -25.32 62.83 10.55
N PHE A 1075 -25.22 62.52 11.85
CA PHE A 1075 -26.00 63.20 12.86
C PHE A 1075 -25.15 63.32 14.12
N THR A 1076 -25.49 64.31 14.93
CA THR A 1076 -25.00 64.40 16.29
C THR A 1076 -25.87 63.55 17.19
N THR A 1077 -25.26 62.94 18.20
CA THR A 1077 -25.96 61.99 19.04
C THR A 1077 -25.61 62.23 20.50
N ALA A 1078 -26.36 61.58 21.39
CA ALA A 1078 -26.16 61.73 22.82
C ALA A 1078 -26.64 60.47 23.50
N PRO A 1079 -26.04 60.09 24.62
CA PRO A 1079 -26.49 58.88 25.31
C PRO A 1079 -27.80 59.06 26.06
N ALA A 1080 -28.05 60.24 26.64
CA ALA A 1080 -29.24 60.47 27.43
C ALA A 1080 -29.65 61.93 27.31
N ILE A 1081 -30.88 62.20 27.75
CA ILE A 1081 -31.45 63.55 27.72
C ILE A 1081 -31.82 63.92 29.15
N CYS A 1082 -31.48 65.13 29.56
CA CYS A 1082 -31.75 65.62 30.90
C CYS A 1082 -32.87 66.64 30.83
N HIS A 1083 -33.97 66.38 31.52
CA HIS A 1083 -35.12 67.28 31.46
C HIS A 1083 -35.44 67.98 32.77
N ASP A 1084 -35.68 67.23 33.85
CA ASP A 1084 -36.01 67.82 35.14
C ASP A 1084 -35.09 67.27 36.22
N GLY A 1085 -33.79 67.28 35.98
CA GLY A 1085 -32.88 66.65 36.90
C GLY A 1085 -33.01 65.14 36.83
N LYS A 1086 -33.57 64.65 35.74
CA LYS A 1086 -33.71 63.23 35.51
C LYS A 1086 -33.15 62.88 34.15
N ALA A 1087 -32.60 61.68 34.03
CA ALA A 1087 -31.99 61.20 32.80
C ALA A 1087 -32.97 60.30 32.07
N HIS A 1088 -33.15 60.55 30.78
CA HIS A 1088 -34.08 59.79 29.96
C HIS A 1088 -33.33 59.03 28.88
N PHE A 1089 -33.57 57.74 28.78
CA PHE A 1089 -32.93 56.90 27.80
C PHE A 1089 -33.97 56.41 26.79
N PRO A 1090 -33.60 56.23 25.53
CA PRO A 1090 -34.58 55.79 24.55
C PRO A 1090 -34.98 54.35 24.79
N ARG A 1091 -36.20 54.01 24.42
CA ARG A 1091 -36.68 52.65 24.65
C ARG A 1091 -36.12 51.70 23.60
N GLU A 1092 -36.35 51.99 22.31
CA GLU A 1092 -35.84 51.12 21.26
C GLU A 1092 -35.24 51.94 20.12
N GLY A 1093 -34.46 52.94 20.45
CA GLY A 1093 -33.93 53.80 19.42
C GLY A 1093 -32.65 54.46 19.83
N VAL A 1094 -32.41 55.63 19.24
CA VAL A 1094 -31.21 56.40 19.49
C VAL A 1094 -31.57 57.88 19.33
N PHE A 1095 -30.96 58.72 20.14
CA PHE A 1095 -31.17 60.15 20.09
C PHE A 1095 -30.29 60.78 19.03
N VAL A 1096 -30.89 61.51 18.09
CA VAL A 1096 -30.15 62.20 17.05
C VAL A 1096 -30.55 63.67 17.05
N SER A 1097 -29.80 64.47 16.32
CA SER A 1097 -30.07 65.90 16.22
C SER A 1097 -29.74 66.39 14.82
N ASN A 1098 -30.69 67.05 14.18
CA ASN A 1098 -30.48 67.57 12.83
C ASN A 1098 -29.64 68.84 12.84
N GLY A 1099 -29.09 69.20 13.99
CA GLY A 1099 -28.29 70.40 14.13
C GLY A 1099 -28.84 71.35 15.17
N THR A 1100 -30.17 71.46 15.25
CA THR A 1100 -30.81 72.33 16.22
C THR A 1100 -31.83 71.62 17.09
N HIS A 1101 -32.59 70.66 16.57
CA HIS A 1101 -33.60 69.96 17.33
C HIS A 1101 -33.17 68.53 17.56
N TRP A 1102 -33.75 67.90 18.59
CA TRP A 1102 -33.43 66.54 18.97
C TRP A 1102 -34.62 65.64 18.70
N PHE A 1103 -34.35 64.48 18.12
CA PHE A 1103 -35.36 63.47 17.85
C PHE A 1103 -34.86 62.12 18.35
N VAL A 1104 -35.76 61.15 18.37
CA VAL A 1104 -35.41 59.76 18.64
C VAL A 1104 -35.82 58.93 17.44
N THR A 1105 -34.90 58.11 16.95
CA THR A 1105 -35.16 57.31 15.76
C THR A 1105 -34.84 55.85 16.05
N GLN A 1106 -35.15 54.99 15.08
CA GLN A 1106 -34.72 53.60 15.14
C GLN A 1106 -33.36 53.47 14.49
N ARG A 1107 -32.62 52.43 14.88
CA ARG A 1107 -31.20 52.40 14.58
C ARG A 1107 -30.92 52.10 13.12
N ASN A 1108 -31.79 51.37 12.44
CA ASN A 1108 -31.49 50.86 11.10
C ASN A 1108 -32.18 51.63 9.98
N PHE A 1109 -32.94 52.66 10.30
CA PHE A 1109 -33.66 53.41 9.29
C PHE A 1109 -34.02 54.75 9.88
N TYR A 1110 -33.68 55.82 9.18
CA TYR A 1110 -33.88 57.16 9.70
C TYR A 1110 -35.35 57.51 9.64
N GLU A 1111 -35.99 57.62 10.80
CA GLU A 1111 -37.40 57.97 10.90
C GLU A 1111 -37.59 58.77 12.18
N PRO A 1112 -37.30 60.07 12.14
CA PRO A 1112 -37.22 60.84 13.38
C PRO A 1112 -38.58 61.12 13.99
N GLN A 1113 -38.61 61.15 15.31
CA GLN A 1113 -39.84 61.37 16.05
C GLN A 1113 -39.55 62.27 17.24
N ILE A 1114 -40.60 62.90 17.75
CA ILE A 1114 -40.48 63.81 18.87
C ILE A 1114 -40.28 63.01 20.14
N ILE A 1115 -39.35 63.47 20.98
CA ILE A 1115 -39.06 62.79 22.24
C ILE A 1115 -40.19 63.04 23.22
N THR A 1116 -40.88 61.96 23.62
CA THR A 1116 -41.95 62.06 24.59
C THR A 1116 -41.66 61.13 25.76
N THR A 1117 -42.62 60.97 26.65
CA THR A 1117 -42.50 60.03 27.76
C THR A 1117 -42.91 58.62 27.38
N ASP A 1118 -43.35 58.42 26.14
CA ASP A 1118 -43.67 57.10 25.62
C ASP A 1118 -42.54 56.54 24.78
N ASN A 1119 -41.60 57.37 24.38
CA ASN A 1119 -40.41 56.94 23.66
C ASN A 1119 -39.26 56.58 24.58
N THR A 1120 -39.25 57.12 25.79
CA THR A 1120 -38.09 57.06 26.67
C THR A 1120 -38.49 56.42 27.99
N PHE A 1121 -37.50 56.20 28.83
CA PHE A 1121 -37.73 55.80 30.20
C PHE A 1121 -36.72 56.51 31.08
N VAL A 1122 -37.07 56.69 32.34
CA VAL A 1122 -36.28 57.49 33.26
C VAL A 1122 -35.49 56.56 34.17
N SER A 1123 -34.28 56.97 34.50
CA SER A 1123 -33.47 56.23 35.48
C SER A 1123 -32.41 57.18 36.02
N GLY A 1124 -32.51 57.52 37.29
CA GLY A 1124 -31.48 58.30 37.94
C GLY A 1124 -31.59 59.78 37.66
N ASN A 1125 -30.54 60.50 38.04
CA ASN A 1125 -30.44 61.94 37.84
C ASN A 1125 -29.34 62.23 36.83
N CYS A 1126 -29.08 63.52 36.64
CA CYS A 1126 -28.26 63.97 35.52
C CYS A 1126 -26.79 64.16 35.89
N ASP A 1127 -26.28 63.37 36.85
CA ASP A 1127 -24.92 63.59 37.33
C ASP A 1127 -23.94 62.47 36.99
N VAL A 1128 -24.42 61.35 36.45
CA VAL A 1128 -23.56 60.19 36.25
C VAL A 1128 -23.26 59.93 34.77
N VAL A 1129 -24.22 60.09 33.89
CA VAL A 1129 -24.01 59.84 32.48
C VAL A 1129 -23.03 60.87 31.93
N ILE A 1130 -22.16 60.44 31.02
CA ILE A 1130 -21.03 61.25 30.61
C ILE A 1130 -21.43 62.34 29.61
N GLY A 1131 -22.04 61.96 28.50
CA GLY A 1131 -22.35 62.93 27.47
C GLY A 1131 -23.79 63.36 27.44
N ILE A 1132 -24.42 63.45 28.62
CA ILE A 1132 -25.83 63.83 28.70
C ILE A 1132 -26.01 65.26 28.21
N VAL A 1133 -27.15 65.52 27.56
CA VAL A 1133 -27.47 66.85 27.05
C VAL A 1133 -28.82 67.29 27.57
N ASN A 1134 -29.04 68.59 27.53
CA ASN A 1134 -30.26 69.22 28.02
C ASN A 1134 -31.26 69.37 26.89
N ASN A 1135 -32.48 68.88 27.09
CA ASN A 1135 -33.55 69.08 26.13
C ASN A 1135 -34.87 68.81 26.82
N THR A 1136 -35.96 69.08 26.10
CA THR A 1136 -37.31 68.95 26.62
C THR A 1136 -37.90 67.62 26.23
N VAL A 1137 -38.63 67.00 27.16
CA VAL A 1137 -39.31 65.73 26.93
C VAL A 1137 -40.81 65.99 27.04
N TYR A 1138 -41.49 65.94 25.91
CA TYR A 1138 -42.88 66.35 25.83
C TYR A 1138 -43.79 65.32 26.45
N ASP A 1139 -44.58 65.73 27.44
CA ASP A 1139 -45.55 64.86 28.09
C ASP A 1139 -46.89 64.98 27.39
N PRO A 1140 -47.43 63.91 26.82
CA PRO A 1140 -48.69 64.03 26.07
C PRO A 1140 -49.94 63.88 26.91
N LEU A 1141 -49.99 64.50 28.09
CA LEU A 1141 -51.18 64.39 28.92
C LEU A 1141 -51.70 65.76 29.35
N GLN A 1142 -50.79 66.66 29.68
CA GLN A 1142 -51.15 68.00 30.11
C GLN A 1142 -52.04 68.66 29.06
N PRO A 1143 -51.62 68.58 27.80
CA PRO A 1143 -52.40 69.16 26.72
C PRO A 1143 -53.85 68.66 26.79
N GLU A 1144 -54.00 67.43 27.29
CA GLU A 1144 -55.31 66.82 27.45
C GLU A 1144 -56.00 67.38 28.68
N LEU A 1145 -55.29 68.24 29.41
CA LEU A 1145 -55.82 68.86 30.61
C LEU A 1145 -55.71 70.37 30.52
N ASP A 1146 -55.49 70.87 29.31
CA ASP A 1146 -55.37 72.31 29.08
C ASP A 1146 -56.16 72.74 27.84
N GLN B 14 59.03 -30.44 31.79
CA GLN B 14 58.75 -29.23 32.57
C GLN B 14 57.26 -29.00 32.71
N CYS B 15 56.63 -29.67 33.67
CA CYS B 15 55.20 -29.44 33.85
C CYS B 15 54.80 -29.91 35.25
N VAL B 16 54.36 -28.97 36.08
CA VAL B 16 54.18 -29.22 37.50
C VAL B 16 52.72 -29.00 37.89
N ASN B 17 52.34 -29.62 39.00
CA ASN B 17 51.03 -29.47 39.59
C ASN B 17 51.35 -28.66 40.84
N LEU B 18 50.84 -27.43 40.90
CA LEU B 18 51.17 -26.54 42.02
C LEU B 18 50.37 -26.89 43.26
N THR B 19 50.86 -26.41 44.40
CA THR B 19 50.22 -26.63 45.69
C THR B 19 50.32 -25.35 46.50
N THR B 20 50.06 -25.47 47.81
CA THR B 20 50.04 -24.35 48.76
C THR B 20 48.98 -23.32 48.35
N ARG B 21 47.80 -23.79 48.00
CA ARG B 21 46.70 -22.94 47.55
C ARG B 21 45.52 -23.11 48.48
N THR B 22 44.94 -22.00 48.91
CA THR B 22 43.86 -22.02 49.88
C THR B 22 42.51 -22.15 49.18
N GLN B 23 41.52 -22.63 49.92
CA GLN B 23 40.20 -22.87 49.36
C GLN B 23 39.31 -21.66 49.60
N LEU B 24 38.46 -21.36 48.62
CA LEU B 24 37.51 -20.25 48.70
C LEU B 24 36.38 -20.50 47.71
N PRO B 25 35.18 -20.03 48.03
CA PRO B 25 34.09 -20.08 47.05
C PRO B 25 34.25 -18.98 46.01
N PRO B 26 33.48 -19.03 44.92
CA PRO B 26 33.61 -18.00 43.88
C PRO B 26 33.03 -16.66 44.32
N ALA B 27 33.47 -15.62 43.61
CA ALA B 27 33.00 -14.26 43.84
C ALA B 27 32.37 -13.71 42.57
N TYR B 28 31.36 -12.86 42.74
CA TYR B 28 30.62 -12.30 41.62
C TYR B 28 30.60 -10.78 41.75
N THR B 29 30.35 -10.13 40.62
CA THR B 29 30.37 -8.68 40.55
C THR B 29 29.39 -8.26 39.45
N ASN B 30 29.05 -6.98 39.43
CA ASN B 30 28.13 -6.43 38.45
C ASN B 30 28.92 -5.72 37.35
N SER B 31 28.45 -5.84 36.12
CA SER B 31 29.03 -5.14 34.99
C SER B 31 28.19 -3.91 34.68
N PHE B 32 28.69 -2.73 35.06
CA PHE B 32 27.93 -1.49 34.91
C PHE B 32 28.10 -0.96 33.49
N THR B 33 27.28 -1.49 32.58
CA THR B 33 27.29 -1.06 31.17
C THR B 33 28.66 -1.18 30.54
N ARG B 34 29.31 -2.32 30.73
CA ARG B 34 30.62 -2.57 30.17
C ARG B 34 30.50 -3.52 28.97
N GLY B 35 31.48 -3.47 28.09
CA GLY B 35 31.60 -4.45 27.03
C GLY B 35 30.88 -4.13 25.75
N VAL B 36 31.06 -2.93 25.23
CA VAL B 36 30.49 -2.52 23.96
C VAL B 36 31.64 -2.31 22.97
N TYR B 37 31.41 -2.70 21.72
CA TYR B 37 32.44 -2.59 20.70
C TYR B 37 31.85 -2.03 19.43
N TYR B 38 32.72 -1.51 18.57
CA TYR B 38 32.29 -1.01 17.28
C TYR B 38 31.85 -2.19 16.41
N PRO B 39 30.60 -2.23 15.95
CA PRO B 39 30.11 -3.41 15.24
C PRO B 39 30.41 -3.43 13.75
N ASP B 40 30.95 -2.37 13.16
CA ASP B 40 31.39 -2.42 11.78
C ASP B 40 32.64 -1.56 11.65
N LYS B 41 33.06 -1.34 10.40
CA LYS B 41 34.19 -0.48 10.08
C LYS B 41 33.77 0.77 9.36
N VAL B 42 32.53 1.23 9.58
CA VAL B 42 32.01 2.42 8.93
C VAL B 42 32.07 3.58 9.93
N PHE B 43 32.35 4.78 9.41
CA PHE B 43 32.38 5.97 10.24
C PHE B 43 30.99 6.57 10.34
N ARG B 44 30.56 6.86 11.56
CA ARG B 44 29.30 7.54 11.81
C ARG B 44 29.51 8.64 12.81
N SER B 45 28.78 9.74 12.65
CA SER B 45 29.00 10.93 13.45
C SER B 45 27.66 11.56 13.79
N SER B 46 27.48 11.91 15.07
CA SER B 46 26.29 12.60 15.55
C SER B 46 25.02 11.85 15.17
N VAL B 47 24.86 10.65 15.73
CA VAL B 47 23.77 9.76 15.33
C VAL B 47 23.49 8.76 16.43
N LEU B 48 22.31 8.16 16.37
CA LEU B 48 21.95 7.03 17.21
C LEU B 48 21.63 5.85 16.32
N HIS B 49 22.38 4.78 16.46
CA HIS B 49 22.32 3.63 15.55
C HIS B 49 21.86 2.40 16.33
N SER B 50 20.88 1.70 15.79
CA SER B 50 20.38 0.47 16.41
C SER B 50 21.05 -0.72 15.77
N THR B 51 21.55 -1.64 16.60
CA THR B 51 22.38 -2.74 16.13
C THR B 51 22.05 -4.00 16.90
N GLN B 52 21.98 -5.13 16.20
CA GLN B 52 21.82 -6.42 16.85
C GLN B 52 23.11 -7.22 16.70
N ASP B 53 23.61 -7.75 17.81
CA ASP B 53 24.83 -8.55 17.79
C ASP B 53 25.04 -9.26 19.11
N LEU B 54 26.17 -9.93 19.27
CA LEU B 54 26.52 -10.60 20.51
C LEU B 54 27.15 -9.57 21.44
N PHE B 55 26.40 -9.17 22.46
CA PHE B 55 26.85 -8.15 23.40
C PHE B 55 26.80 -8.73 24.80
N LEU B 56 27.51 -8.07 25.71
CA LEU B 56 27.40 -8.40 27.12
C LEU B 56 26.26 -7.61 27.73
N PRO B 57 25.21 -8.26 28.22
CA PRO B 57 24.05 -7.52 28.72
C PRO B 57 24.42 -6.60 29.87
N PHE B 58 23.69 -5.49 29.97
CA PHE B 58 23.95 -4.49 30.99
C PHE B 58 23.60 -5.04 32.36
N PHE B 59 24.42 -4.67 33.34
CA PHE B 59 24.23 -5.11 34.72
C PHE B 59 24.16 -6.64 34.81
N SER B 60 25.18 -7.28 34.25
CA SER B 60 25.31 -8.73 34.26
C SER B 60 26.14 -9.16 35.45
N ASN B 61 25.97 -10.44 35.80
CA ASN B 61 26.68 -11.06 36.92
C ASN B 61 27.95 -11.70 36.39
N VAL B 62 29.07 -10.99 36.50
CA VAL B 62 30.33 -11.50 35.99
C VAL B 62 31.07 -12.19 37.13
N THR B 63 31.95 -13.12 36.78
CA THR B 63 32.71 -13.86 37.77
C THR B 63 34.07 -13.22 37.98
N TRP B 64 34.55 -13.28 39.23
CA TRP B 64 35.70 -12.53 39.69
C TRP B 64 36.77 -13.50 40.15
N PHE B 65 37.99 -13.33 39.66
CA PHE B 65 39.10 -14.22 39.98
C PHE B 65 40.29 -13.38 40.42
N HIS B 66 41.01 -13.82 41.44
CA HIS B 66 42.16 -13.03 41.85
C HIS B 66 43.47 -13.79 41.97
N ALA B 67 44.31 -13.34 42.90
CA ALA B 67 45.59 -13.96 43.15
C ALA B 67 46.43 -13.04 43.98
N ILE B 68 46.19 -13.08 45.28
CA ILE B 68 46.94 -12.27 46.23
C ILE B 68 47.48 -13.28 47.21
N HIS B 69 48.75 -13.14 47.54
CA HIS B 69 49.39 -14.05 48.47
C HIS B 69 49.73 -13.27 49.74
N VAL B 70 49.27 -13.80 50.88
CA VAL B 70 49.52 -13.20 52.20
C VAL B 70 48.51 -12.13 52.63
N THR B 76 47.31 -16.10 52.91
CA THR B 76 46.41 -16.47 51.82
C THR B 76 47.12 -16.38 50.47
N LYS B 77 46.97 -17.44 49.68
CA LYS B 77 47.52 -17.56 48.34
C LYS B 77 46.28 -17.82 47.48
N ARG B 78 46.24 -17.28 46.27
CA ARG B 78 45.09 -17.48 45.42
C ARG B 78 45.47 -17.38 43.96
N PHE B 79 45.81 -18.51 43.35
CA PHE B 79 46.20 -18.47 41.94
C PHE B 79 45.04 -19.04 41.13
N ASP B 80 44.07 -18.20 40.73
CA ASP B 80 42.93 -18.75 40.01
C ASP B 80 43.22 -18.84 38.52
N ASN B 81 43.13 -20.06 37.98
CA ASN B 81 43.10 -20.26 36.54
C ASN B 81 42.36 -21.54 36.20
N PRO B 82 41.07 -21.66 36.53
CA PRO B 82 40.34 -22.86 36.18
C PRO B 82 39.96 -22.88 34.70
N VAL B 83 39.40 -24.00 34.27
CA VAL B 83 38.92 -24.12 32.89
C VAL B 83 37.47 -23.66 32.85
N LEU B 84 37.22 -22.59 32.11
CA LEU B 84 35.92 -21.97 32.04
C LEU B 84 35.25 -22.25 30.70
N PRO B 85 33.93 -22.29 30.65
CA PRO B 85 33.25 -22.44 29.37
C PRO B 85 33.47 -21.23 28.47
N PHE B 86 33.26 -21.47 27.18
CA PHE B 86 33.29 -20.42 26.16
C PHE B 86 32.00 -20.59 25.38
N ASN B 87 30.93 -19.97 25.86
CA ASN B 87 29.61 -20.36 25.39
C ASN B 87 29.33 -19.82 23.99
N ASP B 88 29.27 -18.50 23.84
CA ASP B 88 29.00 -17.88 22.56
C ASP B 88 29.95 -16.73 22.26
N GLY B 89 30.92 -16.53 23.12
CA GLY B 89 31.77 -15.36 23.12
C GLY B 89 32.04 -15.00 24.55
N VAL B 90 33.11 -14.25 24.78
CA VAL B 90 33.55 -13.96 26.13
C VAL B 90 33.99 -12.51 26.23
N TYR B 91 33.49 -11.81 27.25
CA TYR B 91 34.05 -10.54 27.68
C TYR B 91 35.01 -10.82 28.81
N PHE B 92 36.25 -10.37 28.66
CA PHE B 92 37.30 -10.63 29.63
C PHE B 92 37.91 -9.28 30.02
N ALA B 93 37.99 -9.03 31.32
CA ALA B 93 38.58 -7.79 31.79
C ALA B 93 39.66 -8.10 32.82
N SER B 94 40.72 -7.32 32.80
CA SER B 94 41.84 -7.56 33.70
C SER B 94 42.31 -6.24 34.29
N THR B 95 42.33 -6.17 35.62
CA THR B 95 42.90 -5.04 36.35
C THR B 95 44.23 -5.49 36.94
N GLU B 96 45.31 -4.80 36.54
CA GLU B 96 46.63 -5.14 37.03
C GLU B 96 47.51 -3.90 37.16
N LYS B 97 48.69 -4.14 37.73
CA LYS B 97 49.77 -3.16 37.81
C LYS B 97 51.13 -3.74 37.46
N SER B 98 51.25 -5.06 37.35
CA SER B 98 52.55 -5.70 37.21
C SER B 98 52.55 -6.86 36.21
N ASN B 99 51.63 -6.84 35.26
CA ASN B 99 51.67 -7.73 34.10
C ASN B 99 51.61 -9.20 34.47
N ILE B 100 50.51 -9.63 35.09
CA ILE B 100 50.37 -11.00 35.56
C ILE B 100 49.63 -11.88 34.58
N ILE B 101 48.56 -11.38 33.96
CA ILE B 101 47.87 -12.15 32.93
C ILE B 101 48.63 -11.99 31.61
N ARG B 102 48.90 -13.12 30.95
CA ARG B 102 49.77 -13.16 29.79
C ARG B 102 49.11 -13.69 28.54
N GLY B 103 47.93 -14.28 28.64
CA GLY B 103 47.27 -14.82 27.47
C GLY B 103 46.31 -15.92 27.86
N TRP B 104 45.86 -16.65 26.85
CA TRP B 104 44.84 -17.66 27.04
C TRP B 104 45.11 -18.85 26.13
N ILE B 105 44.46 -19.96 26.46
CA ILE B 105 44.39 -21.12 25.59
C ILE B 105 42.92 -21.47 25.38
N PHE B 106 42.56 -21.78 24.15
CA PHE B 106 41.18 -22.08 23.77
C PHE B 106 41.14 -23.44 23.10
N GLY B 107 40.07 -24.18 23.33
CA GLY B 107 39.93 -25.48 22.69
C GLY B 107 38.72 -26.20 23.22
N THR B 108 38.64 -27.51 22.93
CA THR B 108 37.58 -28.35 23.46
C THR B 108 38.08 -29.35 24.49
N THR B 109 39.08 -30.17 24.16
CA THR B 109 39.61 -31.12 25.12
C THR B 109 40.97 -30.73 25.67
N LEU B 110 41.75 -29.92 24.96
CA LEU B 110 43.04 -29.41 25.42
C LEU B 110 44.01 -30.54 25.75
N ASP B 111 43.94 -31.65 25.02
CA ASP B 111 44.76 -32.81 25.37
C ASP B 111 45.33 -33.55 24.17
N SER B 112 45.65 -32.82 23.11
CA SER B 112 46.39 -33.36 21.96
C SER B 112 45.61 -34.34 21.12
N LYS B 113 44.35 -34.60 21.44
CA LYS B 113 43.47 -35.32 20.54
C LYS B 113 42.70 -34.39 19.62
N THR B 114 42.82 -33.08 19.84
CA THR B 114 42.13 -32.07 19.05
C THR B 114 43.03 -30.84 18.97
N GLN B 115 42.71 -29.97 18.03
CA GLN B 115 43.48 -28.76 17.82
C GLN B 115 43.08 -27.69 18.83
N SER B 116 44.05 -26.87 19.21
CA SER B 116 43.82 -25.82 20.19
C SER B 116 44.60 -24.58 19.78
N LEU B 117 44.10 -23.44 20.26
CA LEU B 117 44.68 -22.13 19.98
C LEU B 117 45.34 -21.60 21.24
N LEU B 118 46.50 -20.99 21.08
CA LEU B 118 47.28 -20.43 22.17
C LEU B 118 47.69 -19.02 21.81
N ILE B 119 47.28 -18.05 22.64
CA ILE B 119 47.71 -16.67 22.52
C ILE B 119 48.49 -16.36 23.78
N VAL B 120 49.77 -16.01 23.63
CA VAL B 120 50.62 -15.83 24.79
C VAL B 120 51.52 -14.64 24.58
N ASN B 121 51.95 -14.05 25.69
CA ASN B 121 52.85 -12.89 25.69
C ASN B 121 54.08 -13.26 26.49
N ASN B 122 55.13 -13.72 25.82
CA ASN B 122 56.43 -13.84 26.46
C ASN B 122 56.93 -12.46 26.87
N ALA B 123 58.04 -12.43 27.56
CA ALA B 123 58.57 -11.12 27.90
C ALA B 123 59.09 -10.37 26.69
N THR B 124 59.11 -10.99 25.51
CA THR B 124 59.68 -10.37 24.33
C THR B 124 58.79 -10.37 23.10
N ASN B 125 57.94 -11.39 22.91
CA ASN B 125 57.08 -11.45 21.73
C ASN B 125 55.65 -11.81 22.12
N VAL B 126 54.73 -11.57 21.19
CA VAL B 126 53.38 -12.11 21.24
C VAL B 126 53.30 -13.27 20.27
N VAL B 127 52.83 -14.42 20.73
CA VAL B 127 52.83 -15.65 19.97
C VAL B 127 51.41 -16.17 19.87
N ILE B 128 50.96 -16.43 18.65
CA ILE B 128 49.66 -17.03 18.38
C ILE B 128 49.91 -18.31 17.60
N LYS B 129 49.39 -19.43 18.10
CA LYS B 129 49.63 -20.71 17.47
C LYS B 129 48.40 -21.59 17.55
N VAL B 130 48.01 -22.18 16.43
CA VAL B 130 46.84 -23.05 16.38
C VAL B 130 47.23 -24.45 15.92
N CYS B 131 47.73 -25.26 16.86
CA CYS B 131 48.13 -26.62 16.56
C CYS B 131 47.64 -27.60 17.62
N GLU B 132 48.22 -28.79 17.64
CA GLU B 132 47.84 -29.81 18.62
C GLU B 132 48.75 -29.78 19.83
N PHE B 133 48.27 -29.18 20.92
CA PHE B 133 49.03 -29.09 22.15
C PHE B 133 48.59 -30.13 23.15
N GLN B 134 49.51 -30.53 24.02
CA GLN B 134 49.19 -31.31 25.21
C GLN B 134 49.42 -30.39 26.40
N PHE B 135 48.35 -29.74 26.84
CA PHE B 135 48.46 -28.76 27.91
C PHE B 135 48.51 -29.45 29.27
N CYS B 136 49.09 -28.75 30.24
CA CYS B 136 49.17 -29.25 31.61
C CYS B 136 47.90 -28.94 32.39
N ASN B 137 47.84 -29.50 33.60
CA ASN B 137 46.75 -29.16 34.51
C ASN B 137 46.91 -27.75 35.07
N ASP B 138 48.14 -27.27 35.18
CA ASP B 138 48.43 -25.95 35.72
C ASP B 138 49.45 -25.25 34.84
N PRO B 139 49.03 -24.73 33.70
CA PRO B 139 49.96 -24.01 32.83
C PRO B 139 50.22 -22.60 33.34
N PHE B 140 51.47 -22.17 33.24
CA PHE B 140 51.81 -20.84 33.70
C PHE B 140 53.15 -20.41 33.11
N LEU B 141 53.50 -19.17 33.41
CA LEU B 141 54.82 -18.64 33.14
C LEU B 141 55.44 -18.28 34.48
N GLY B 142 56.68 -17.84 34.47
CA GLY B 142 57.33 -17.55 35.72
C GLY B 142 58.49 -16.60 35.63
N VAL B 143 58.48 -15.58 36.49
CA VAL B 143 59.50 -14.55 36.54
C VAL B 143 60.32 -14.76 37.80
N TYR B 144 61.64 -14.60 37.70
CA TYR B 144 62.54 -14.76 38.82
C TYR B 144 63.19 -13.43 39.18
N TYR B 145 63.36 -13.20 40.48
CA TYR B 145 63.84 -11.93 41.01
C TYR B 145 65.15 -12.14 41.75
N HIS B 146 66.19 -11.46 41.29
CA HIS B 146 67.51 -11.49 41.92
C HIS B 146 67.76 -10.16 42.62
N LYS B 147 68.46 -10.19 43.76
CA LYS B 147 68.90 -8.94 44.35
C LYS B 147 70.34 -8.62 44.00
N ASN B 148 71.22 -9.62 43.98
CA ASN B 148 72.59 -9.42 43.57
C ASN B 148 72.64 -8.73 42.21
N ASN B 149 71.86 -9.28 41.28
CA ASN B 149 71.69 -8.70 39.95
C ASN B 149 70.43 -7.86 40.11
N LYS B 150 70.43 -6.64 39.60
CA LYS B 150 69.27 -5.76 39.76
C LYS B 150 68.25 -6.02 38.65
N SER B 151 67.45 -7.07 38.79
CA SER B 151 66.58 -7.42 37.67
C SER B 151 65.55 -8.48 38.03
N TRP B 152 64.35 -8.31 37.50
CA TRP B 152 63.36 -9.36 37.33
C TRP B 152 63.50 -9.91 35.92
N MET B 153 63.66 -11.22 35.78
CA MET B 153 63.84 -11.82 34.46
C MET B 153 62.85 -12.96 34.26
N GLU B 154 62.48 -13.17 33.00
CA GLU B 154 61.55 -14.25 32.63
C GLU B 154 62.29 -15.58 32.65
N SER B 155 61.81 -16.52 33.45
CA SER B 155 62.51 -17.78 33.65
C SER B 155 61.76 -19.00 33.14
N GLU B 156 60.53 -19.25 33.58
CA GLU B 156 59.83 -20.47 33.18
C GLU B 156 58.71 -20.19 32.20
N PHE B 157 58.47 -21.16 31.32
CA PHE B 157 57.36 -21.16 30.37
C PHE B 157 56.83 -22.59 30.37
N ARG B 158 55.88 -22.90 31.25
CA ARG B 158 55.41 -24.27 31.43
C ARG B 158 53.93 -24.32 31.05
N VAL B 159 53.68 -24.50 29.75
CA VAL B 159 52.34 -24.53 29.20
C VAL B 159 51.99 -25.90 28.64
N TYR B 160 52.79 -26.38 27.69
CA TYR B 160 52.46 -27.62 26.98
C TYR B 160 53.67 -28.54 26.97
N SER B 161 53.41 -29.80 26.65
CA SER B 161 54.47 -30.79 26.49
C SER B 161 54.84 -30.96 25.03
N SER B 162 53.85 -31.02 24.14
CA SER B 162 54.10 -31.28 22.73
C SER B 162 53.26 -30.37 21.87
N ALA B 163 53.66 -30.23 20.60
CA ALA B 163 52.93 -29.46 19.60
C ALA B 163 53.19 -30.08 18.25
N ASN B 164 52.24 -30.88 17.76
CA ASN B 164 52.55 -31.75 16.63
C ASN B 164 52.20 -31.19 15.25
N ASN B 165 50.93 -30.96 14.99
CA ASN B 165 50.46 -30.71 13.62
C ASN B 165 49.88 -29.30 13.58
N CYS B 166 50.77 -28.32 13.52
CA CYS B 166 50.41 -26.91 13.55
C CYS B 166 49.83 -26.44 12.24
N THR B 167 48.82 -25.59 12.34
CA THR B 167 48.21 -25.06 11.13
C THR B 167 48.40 -23.56 10.95
N PHE B 168 48.39 -22.80 12.03
CA PHE B 168 48.49 -21.35 11.96
C PHE B 168 49.52 -20.89 12.97
N GLU B 169 50.33 -19.91 12.59
CA GLU B 169 51.37 -19.39 13.46
C GLU B 169 51.66 -17.94 13.14
N TYR B 170 51.74 -17.13 14.20
CA TYR B 170 52.11 -15.72 14.07
C TYR B 170 52.98 -15.33 15.26
N VAL B 171 54.05 -14.58 14.99
CA VAL B 171 54.94 -14.07 16.03
C VAL B 171 55.20 -12.60 15.76
N SER B 172 54.94 -11.77 16.77
CA SER B 172 55.07 -10.32 16.64
C SER B 172 56.53 -9.90 16.61
N GLN B 173 56.78 -8.61 16.35
CA GLN B 173 58.14 -8.07 16.44
C GLN B 173 58.62 -8.10 17.87
N PRO B 174 59.93 -8.22 18.09
CA PRO B 174 60.45 -8.34 19.46
C PRO B 174 60.33 -7.05 20.23
N PHE B 175 60.14 -7.18 21.54
CA PHE B 175 60.14 -6.07 22.46
C PHE B 175 60.68 -6.58 23.80
N LEU B 176 60.47 -5.80 24.86
CA LEU B 176 60.79 -6.25 26.20
C LEU B 176 59.86 -5.56 27.19
N MET B 177 59.10 -6.35 27.93
CA MET B 177 58.19 -5.82 28.93
C MET B 177 58.96 -5.48 30.20
N ASP B 178 58.24 -5.04 31.22
CA ASP B 178 58.87 -4.55 32.43
C ASP B 178 59.07 -5.66 33.45
N LEU B 179 58.01 -6.44 33.72
CA LEU B 179 58.04 -7.59 34.62
C LEU B 179 58.28 -7.20 36.07
N GLU B 180 58.51 -5.92 36.33
CA GLU B 180 58.87 -5.46 37.66
C GLU B 180 57.62 -5.40 38.54
N GLY B 181 57.73 -5.88 39.77
CA GLY B 181 56.59 -5.95 40.65
C GLY B 181 56.34 -4.64 41.38
N LYS B 182 55.21 -4.01 41.10
CA LYS B 182 54.83 -2.75 41.73
C LYS B 182 54.11 -3.05 43.04
N GLN B 183 53.82 -2.00 43.81
CA GLN B 183 53.22 -2.14 45.13
C GLN B 183 52.08 -1.15 45.38
N GLY B 184 51.64 -0.44 44.35
CA GLY B 184 50.63 0.58 44.54
C GLY B 184 49.22 0.03 44.43
N ASN B 185 48.42 0.64 43.56
CA ASN B 185 47.08 0.16 43.26
C ASN B 185 47.03 -0.24 41.79
N PHE B 186 45.93 -0.90 41.42
CA PHE B 186 45.74 -1.32 40.04
C PHE B 186 45.72 -0.10 39.13
N LYS B 187 46.64 -0.06 38.18
CA LYS B 187 46.80 1.09 37.32
C LYS B 187 46.39 0.86 35.89
N ASN B 188 46.11 -0.37 35.48
CA ASN B 188 45.82 -0.67 34.09
C ASN B 188 44.61 -1.58 33.99
N LEU B 189 43.64 -1.18 33.18
CA LEU B 189 42.49 -2.01 32.85
C LEU B 189 42.59 -2.39 31.38
N ARG B 190 42.45 -3.68 31.09
CA ARG B 190 42.50 -4.17 29.72
C ARG B 190 41.28 -5.04 29.49
N GLU B 191 40.50 -4.71 28.46
CA GLU B 191 39.27 -5.41 28.16
C GLU B 191 39.32 -6.01 26.77
N PHE B 192 38.82 -7.23 26.65
CA PHE B 192 38.81 -7.99 25.42
C PHE B 192 37.45 -8.60 25.20
N VAL B 193 37.06 -8.70 23.94
CA VAL B 193 35.90 -9.47 23.53
C VAL B 193 36.37 -10.51 22.53
N PHE B 194 36.06 -11.77 22.80
CA PHE B 194 36.43 -12.90 21.97
C PHE B 194 35.17 -13.48 21.35
N LYS B 195 35.14 -13.54 20.01
CA LYS B 195 34.05 -14.19 19.28
C LYS B 195 34.65 -15.22 18.34
N ASN B 196 33.84 -16.22 17.98
CA ASN B 196 34.29 -17.33 17.14
C ASN B 196 33.17 -17.71 16.19
N ILE B 197 33.24 -17.23 14.94
CA ILE B 197 32.18 -17.47 13.96
C ILE B 197 32.78 -17.70 12.59
N ASP B 198 32.27 -18.70 11.87
CA ASP B 198 32.74 -19.06 10.53
C ASP B 198 34.24 -19.31 10.49
N GLY B 199 34.75 -20.00 11.49
CA GLY B 199 36.17 -20.27 11.53
C GLY B 199 37.03 -19.05 11.72
N TYR B 200 36.44 -17.92 12.09
CA TYR B 200 37.18 -16.71 12.39
C TYR B 200 37.11 -16.47 13.89
N PHE B 201 38.27 -16.25 14.50
CA PHE B 201 38.37 -15.86 15.89
C PHE B 201 38.62 -14.36 15.91
N LYS B 202 37.61 -13.59 16.31
CA LYS B 202 37.67 -12.15 16.32
C LYS B 202 37.96 -11.65 17.72
N ILE B 203 38.89 -10.70 17.81
CA ILE B 203 39.32 -10.12 19.07
C ILE B 203 39.15 -8.62 18.98
N TYR B 204 38.39 -8.06 19.92
CA TYR B 204 38.25 -6.62 20.14
C TYR B 204 38.92 -6.27 21.47
N SER B 205 39.52 -5.07 21.54
CA SER B 205 40.35 -4.77 22.69
C SER B 205 40.30 -3.29 23.00
N LYS B 206 40.52 -2.97 24.28
CA LYS B 206 40.67 -1.59 24.73
C LYS B 206 41.50 -1.53 26.00
N HIS B 207 42.41 -0.57 26.05
CA HIS B 207 43.25 -0.35 27.22
C HIS B 207 42.86 0.99 27.86
N THR B 208 42.83 1.03 29.18
CA THR B 208 42.46 2.25 29.89
C THR B 208 43.28 2.46 31.15
N PRO B 209 43.68 3.69 31.43
CA PRO B 209 44.41 3.98 32.68
C PRO B 209 43.42 4.25 33.80
N ILE B 210 43.61 3.54 34.91
CA ILE B 210 42.74 3.66 36.08
C ILE B 210 43.60 3.85 37.32
N ASN B 211 42.91 3.98 38.46
CA ASN B 211 43.54 4.07 39.77
C ASN B 211 42.50 3.52 40.75
N LEU B 212 42.65 2.25 41.12
CA LEU B 212 41.56 1.55 41.78
C LEU B 212 42.16 0.46 42.66
N VAL B 213 41.33 -0.11 43.54
CA VAL B 213 41.81 -1.10 44.50
C VAL B 213 41.15 -2.46 44.30
N ARG B 214 39.92 -2.49 43.77
CA ARG B 214 39.20 -3.75 43.60
C ARG B 214 37.94 -3.49 42.79
N ASP B 215 37.17 -4.56 42.55
CA ASP B 215 35.79 -4.42 42.13
C ASP B 215 35.61 -3.60 40.85
N LEU B 216 35.86 -4.22 39.70
CA LEU B 216 35.96 -3.58 38.39
C LEU B 216 35.05 -2.36 38.26
N PRO B 217 35.57 -1.23 37.78
CA PRO B 217 34.86 0.05 37.92
C PRO B 217 33.67 0.20 36.98
N GLN B 218 33.01 1.35 37.11
CA GLN B 218 31.96 1.77 36.21
C GLN B 218 32.53 2.74 35.18
N GLY B 219 31.75 3.01 34.15
CA GLY B 219 32.19 3.88 33.09
C GLY B 219 31.79 3.28 31.75
N PHE B 220 32.16 3.98 30.69
CA PHE B 220 31.83 3.52 29.35
C PHE B 220 33.00 3.79 28.43
N SER B 221 33.50 2.72 27.80
CA SER B 221 34.48 2.83 26.74
C SER B 221 34.23 1.70 25.75
N ALA B 222 34.27 2.03 24.47
CA ALA B 222 33.97 1.08 23.41
C ALA B 222 35.24 0.43 22.91
N LEU B 223 35.21 -0.90 22.76
CA LEU B 223 36.38 -1.65 22.32
C LEU B 223 36.49 -1.63 20.81
N GLU B 224 37.69 -1.46 20.31
CA GLU B 224 37.91 -1.36 18.89
C GLU B 224 38.40 -2.68 18.31
N PRO B 225 38.13 -2.96 17.04
CA PRO B 225 38.54 -4.24 16.45
C PRO B 225 40.05 -4.40 16.46
N LEU B 226 40.51 -5.53 16.99
CA LEU B 226 41.93 -5.82 17.06
C LEU B 226 42.37 -6.76 15.93
N VAL B 227 41.75 -7.93 15.78
CA VAL B 227 42.21 -8.89 14.77
C VAL B 227 41.14 -9.94 14.49
N ASP B 228 41.26 -10.57 13.31
CA ASP B 228 40.46 -11.74 12.92
C ASP B 228 41.44 -12.83 12.52
N LEU B 229 41.50 -13.89 13.29
CA LEU B 229 42.38 -15.00 12.97
C LEU B 229 41.60 -16.09 12.26
N PRO B 230 42.07 -16.58 11.12
CA PRO B 230 41.39 -17.68 10.42
C PRO B 230 41.85 -19.06 10.90
N ILE B 231 41.34 -19.46 12.06
CA ILE B 231 41.83 -20.68 12.71
C ILE B 231 41.00 -21.89 12.37
N GLY B 232 39.69 -21.74 12.22
CA GLY B 232 38.84 -22.85 11.77
C GLY B 232 38.75 -24.03 12.70
N ILE B 233 38.75 -23.80 14.01
CA ILE B 233 38.65 -24.89 14.98
C ILE B 233 37.39 -24.73 15.80
N ASN B 234 37.06 -25.78 16.55
CA ASN B 234 35.91 -25.78 17.45
C ASN B 234 36.40 -25.37 18.84
N ILE B 235 35.69 -24.47 19.49
CA ILE B 235 36.07 -23.95 20.79
C ILE B 235 34.88 -24.04 21.72
N THR B 236 35.09 -24.66 22.89
CA THR B 236 34.05 -24.74 23.90
C THR B 236 34.55 -24.43 25.29
N ARG B 237 35.86 -24.38 25.52
CA ARG B 237 36.43 -24.09 26.82
C ARG B 237 37.66 -23.22 26.62
N PHE B 238 38.07 -22.55 27.70
CA PHE B 238 39.29 -21.76 27.65
C PHE B 238 39.87 -21.62 29.05
N GLN B 239 41.10 -21.13 29.11
CA GLN B 239 41.82 -21.03 30.37
C GLN B 239 42.84 -19.90 30.29
N THR B 240 43.08 -19.25 31.42
CA THR B 240 43.94 -18.09 31.46
C THR B 240 45.35 -18.48 31.88
N LEU B 241 46.34 -17.75 31.35
CA LEU B 241 47.74 -18.00 31.62
C LEU B 241 48.28 -16.88 32.51
N LEU B 242 48.71 -17.23 33.71
CA LEU B 242 49.23 -16.27 34.67
C LEU B 242 50.74 -16.45 34.83
N ALA B 243 51.39 -15.41 35.33
CA ALA B 243 52.82 -15.43 35.60
C ALA B 243 53.06 -15.61 37.09
N LEU B 244 54.14 -16.30 37.41
CA LEU B 244 54.52 -16.64 38.77
C LEU B 244 55.68 -15.75 39.21
N HIS B 245 55.90 -15.70 40.51
CA HIS B 245 57.01 -14.96 41.09
C HIS B 245 57.85 -15.89 41.94
N ARG B 246 59.15 -15.94 41.65
CA ARG B 246 60.08 -16.74 42.42
C ARG B 246 61.31 -15.91 42.73
N SER B 247 61.75 -15.98 43.98
CA SER B 247 62.92 -15.22 44.42
C SER B 247 63.52 -15.92 45.62
N TYR B 248 64.44 -15.23 46.30
CA TYR B 248 65.15 -15.82 47.43
C TYR B 248 64.25 -16.04 48.64
N LEU B 249 63.04 -15.50 48.61
CA LEU B 249 62.10 -15.68 49.71
C LEU B 249 61.11 -16.81 49.47
N THR B 250 61.24 -17.53 48.37
CA THR B 250 60.31 -18.61 48.04
C THR B 250 61.05 -19.95 48.09
N PRO B 251 61.28 -20.54 49.27
CA PRO B 251 62.13 -21.73 49.34
C PRO B 251 61.56 -22.93 48.62
N GLY B 252 60.42 -23.44 49.06
CA GLY B 252 59.70 -24.52 48.42
C GLY B 252 60.60 -25.63 47.90
N ASP B 253 60.15 -26.29 46.84
CA ASP B 253 61.09 -26.97 45.97
C ASP B 253 61.01 -26.42 44.54
N SER B 254 59.89 -26.71 43.88
CA SER B 254 59.48 -26.02 42.66
C SER B 254 57.96 -25.94 42.54
N SER B 255 57.26 -26.40 43.56
CA SER B 255 55.81 -26.49 43.51
C SER B 255 55.18 -25.90 44.77
N SER B 256 56.01 -25.48 45.71
CA SER B 256 55.52 -24.80 46.90
C SER B 256 56.28 -23.49 47.11
N GLY B 257 57.41 -23.32 46.42
CA GLY B 257 58.19 -22.11 46.51
C GLY B 257 57.86 -21.09 45.45
N TRP B 258 56.68 -20.47 45.55
CA TRP B 258 56.27 -19.46 44.60
C TRP B 258 55.39 -18.44 45.31
N THR B 259 55.47 -17.20 44.85
CA THR B 259 54.57 -16.14 45.31
C THR B 259 53.67 -15.73 44.15
N ALA B 260 52.44 -15.35 44.47
CA ALA B 260 51.44 -15.10 43.45
C ALA B 260 51.66 -13.75 42.76
N GLY B 261 51.59 -12.67 43.53
CA GLY B 261 51.54 -11.36 42.94
C GLY B 261 50.25 -10.66 43.26
N ALA B 262 49.81 -9.81 42.35
CA ALA B 262 48.55 -9.08 42.53
C ALA B 262 47.91 -8.77 41.19
N ALA B 263 46.78 -9.41 40.93
CA ALA B 263 46.01 -9.08 39.72
C ALA B 263 44.60 -9.59 39.91
N ALA B 264 43.67 -9.07 39.10
CA ALA B 264 42.32 -9.59 39.13
C ALA B 264 41.76 -9.62 37.73
N TYR B 265 40.90 -10.59 37.46
CA TYR B 265 40.24 -10.63 36.16
C TYR B 265 38.82 -11.12 36.30
N TYR B 266 37.98 -10.65 35.38
CA TYR B 266 36.53 -10.84 35.41
C TYR B 266 36.09 -11.40 34.08
N VAL B 267 35.14 -12.32 34.13
CA VAL B 267 34.68 -13.06 32.96
C VAL B 267 33.17 -12.96 32.86
N GLY B 268 32.67 -12.60 31.67
CA GLY B 268 31.25 -12.63 31.41
C GLY B 268 31.00 -13.15 30.00
N TYR B 269 29.75 -13.51 29.74
CA TYR B 269 29.38 -14.18 28.50
C TYR B 269 28.43 -13.33 27.67
N LEU B 270 28.63 -13.34 26.36
CA LEU B 270 27.82 -12.55 25.45
C LEU B 270 26.56 -13.31 25.04
N GLN B 271 25.52 -12.55 24.70
CA GLN B 271 24.29 -13.10 24.14
C GLN B 271 23.82 -12.17 23.04
N PRO B 272 22.94 -12.65 22.15
CA PRO B 272 22.43 -11.79 21.08
C PRO B 272 21.41 -10.79 21.57
N ARG B 273 21.78 -9.51 21.52
CA ARG B 273 20.94 -8.42 21.99
C ARG B 273 20.86 -7.33 20.93
N THR B 274 19.89 -6.44 21.12
CA THR B 274 19.78 -5.22 20.35
C THR B 274 20.18 -4.05 21.23
N PHE B 275 21.13 -3.26 20.77
CA PHE B 275 21.61 -2.09 21.47
C PHE B 275 21.35 -0.85 20.62
N LEU B 276 21.30 0.29 21.29
CA LEU B 276 21.19 1.58 20.63
C LEU B 276 22.44 2.37 21.01
N LEU B 277 23.35 2.55 20.06
CA LEU B 277 24.61 3.21 20.29
C LEU B 277 24.52 4.68 19.90
N LYS B 278 25.30 5.51 20.57
CA LYS B 278 25.30 6.95 20.33
C LYS B 278 26.69 7.39 19.89
N TYR B 279 26.78 7.94 18.69
CA TYR B 279 28.02 8.48 18.16
C TYR B 279 28.00 9.99 18.33
N ASN B 280 29.06 10.55 18.91
CA ASN B 280 29.16 11.99 19.02
C ASN B 280 29.64 12.55 17.68
N GLU B 281 29.98 13.84 17.63
CA GLU B 281 30.33 14.44 16.35
C GLU B 281 31.69 13.96 15.87
N ASN B 282 32.55 13.51 16.77
CA ASN B 282 33.87 13.04 16.40
C ASN B 282 33.88 11.58 15.96
N GLY B 283 32.75 10.89 16.07
CA GLY B 283 32.66 9.54 15.59
C GLY B 283 32.84 8.48 16.65
N THR B 284 32.92 8.86 17.91
CA THR B 284 33.13 7.94 19.01
C THR B 284 31.81 7.51 19.62
N ILE B 285 31.72 6.24 19.99
CA ILE B 285 30.56 5.74 20.71
C ILE B 285 30.71 6.13 22.17
N THR B 286 29.79 6.96 22.66
CA THR B 286 29.88 7.47 24.03
C THR B 286 28.78 6.96 24.95
N ASP B 287 27.73 6.33 24.43
CA ASP B 287 26.69 5.79 25.28
C ASP B 287 25.90 4.74 24.52
N ALA B 288 25.15 3.94 25.26
CA ALA B 288 24.38 2.86 24.67
C ALA B 288 23.18 2.56 25.55
N VAL B 289 22.15 2.00 24.93
CA VAL B 289 20.93 1.57 25.61
C VAL B 289 20.71 0.10 25.26
N ASP B 290 20.51 -0.72 26.29
CA ASP B 290 20.20 -2.14 26.12
C ASP B 290 18.69 -2.30 25.99
N CYS B 291 18.22 -2.57 24.78
CA CYS B 291 16.79 -2.49 24.48
C CYS B 291 16.00 -3.66 25.05
N ALA B 292 16.57 -4.43 25.97
CA ALA B 292 15.81 -5.53 26.56
C ALA B 292 16.08 -5.65 28.05
N LEU B 293 16.67 -4.62 28.66
CA LEU B 293 16.95 -4.67 30.08
C LEU B 293 15.70 -4.44 30.92
N ASP B 294 14.96 -3.38 30.62
CA ASP B 294 13.76 -3.03 31.36
C ASP B 294 12.69 -2.64 30.34
N PRO B 295 11.47 -2.34 30.80
CA PRO B 295 10.53 -1.64 29.92
C PRO B 295 10.92 -0.20 29.66
N LEU B 296 11.57 0.45 30.62
CA LEU B 296 12.05 1.81 30.40
C LEU B 296 13.02 1.85 29.22
N SER B 297 13.95 0.91 29.17
CA SER B 297 14.89 0.87 28.05
C SER B 297 14.21 0.46 26.77
N GLU B 298 13.21 -0.43 26.86
CA GLU B 298 12.39 -0.75 25.70
C GLU B 298 11.79 0.51 25.08
N THR B 299 11.28 1.41 25.92
CA THR B 299 10.69 2.64 25.40
C THR B 299 11.76 3.60 24.90
N LYS B 300 12.87 3.73 25.63
CA LYS B 300 13.97 4.55 25.16
C LYS B 300 14.41 4.11 23.77
N CYS B 301 14.34 2.82 23.50
CA CYS B 301 14.90 2.28 22.27
C CYS B 301 13.89 2.35 21.14
N THR B 302 12.61 2.15 21.45
CA THR B 302 11.58 2.33 20.43
C THR B 302 11.34 3.80 20.11
N LEU B 303 11.68 4.69 21.03
CA LEU B 303 11.64 6.12 20.78
C LEU B 303 12.86 6.61 20.02
N LYS B 304 13.93 5.82 20.00
CA LYS B 304 15.21 6.25 19.44
C LYS B 304 15.66 7.56 20.08
N SER B 305 15.66 7.58 21.40
CA SER B 305 16.13 8.72 22.16
C SER B 305 16.54 8.25 23.54
N PHE B 306 17.43 9.01 24.17
CA PHE B 306 17.91 8.68 25.50
C PHE B 306 17.07 9.30 26.61
N THR B 307 16.15 10.19 26.26
CA THR B 307 15.29 10.85 27.23
C THR B 307 13.84 10.46 26.97
N VAL B 308 13.10 10.21 28.04
CA VAL B 308 11.69 9.90 27.95
C VAL B 308 10.91 10.96 28.70
N GLU B 309 9.84 11.44 28.09
CA GLU B 309 9.01 12.48 28.66
C GLU B 309 7.87 11.85 29.45
N LYS B 310 7.38 12.59 30.46
CA LYS B 310 6.33 12.10 31.34
C LYS B 310 5.17 11.52 30.55
N GLY B 311 4.68 10.37 30.99
CA GLY B 311 3.54 9.78 30.32
C GLY B 311 3.46 8.28 30.55
N ILE B 312 2.67 7.64 29.71
CA ILE B 312 2.49 6.19 29.71
C ILE B 312 2.66 5.71 28.28
N TYR B 313 3.42 4.64 28.10
CA TYR B 313 3.80 4.15 26.79
C TYR B 313 3.52 2.66 26.67
N GLN B 314 3.07 2.23 25.50
CA GLN B 314 2.85 0.81 25.25
C GLN B 314 4.17 0.16 24.88
N THR B 315 4.44 -1.01 25.46
CA THR B 315 5.63 -1.79 25.13
C THR B 315 5.19 -3.12 24.51
N SER B 316 6.10 -4.04 24.27
CA SER B 316 5.77 -5.30 23.63
C SER B 316 4.96 -6.17 24.57
N ASN B 317 4.19 -7.09 23.99
CA ASN B 317 3.41 -8.03 24.77
C ASN B 317 4.30 -8.85 25.69
N PHE B 318 3.70 -9.50 26.67
CA PHE B 318 4.46 -10.28 27.63
C PHE B 318 4.93 -11.58 26.98
N ARG B 319 6.25 -11.76 26.89
CA ARG B 319 6.83 -12.91 26.25
C ARG B 319 7.28 -13.94 27.26
N VAL B 320 7.15 -15.22 26.90
CA VAL B 320 7.68 -16.33 27.67
C VAL B 320 8.59 -17.13 26.76
N GLN B 321 9.76 -17.48 27.28
CA GLN B 321 10.75 -18.22 26.50
C GLN B 321 10.58 -19.73 26.70
N PRO B 322 10.82 -20.52 25.66
CA PRO B 322 10.73 -21.98 25.80
C PRO B 322 11.86 -22.54 26.64
N THR B 323 11.53 -23.54 27.45
CA THR B 323 12.46 -24.10 28.41
C THR B 323 13.11 -25.38 27.90
N GLU B 324 12.42 -26.15 27.08
CA GLU B 324 12.88 -27.45 26.60
C GLU B 324 12.69 -27.57 25.10
N SER B 325 13.21 -28.66 24.56
CA SER B 325 13.02 -29.05 23.17
C SER B 325 12.65 -30.51 23.13
N ILE B 326 11.60 -30.84 22.39
CA ILE B 326 11.15 -32.22 22.30
C ILE B 326 10.99 -32.62 20.84
N VAL B 327 11.20 -33.91 20.57
CA VAL B 327 11.02 -34.50 19.25
C VAL B 327 10.13 -35.72 19.42
N ARG B 328 9.16 -35.88 18.53
CA ARG B 328 8.24 -37.02 18.58
C ARG B 328 8.09 -37.59 17.19
N PHE B 329 8.78 -38.68 16.91
CA PHE B 329 8.67 -39.42 15.67
C PHE B 329 8.00 -40.76 15.95
N PRO B 330 7.42 -41.40 14.95
CA PRO B 330 6.82 -42.72 15.16
C PRO B 330 7.85 -43.78 15.48
N ASN B 331 7.35 -44.92 15.95
CA ASN B 331 8.18 -46.06 16.31
C ASN B 331 8.57 -46.83 15.05
N ILE B 332 9.73 -46.50 14.50
CA ILE B 332 10.25 -47.16 13.31
C ILE B 332 11.63 -47.72 13.63
N THR B 333 11.85 -48.97 13.25
CA THR B 333 13.11 -49.65 13.56
C THR B 333 13.94 -50.01 12.35
N ASN B 334 13.32 -50.51 11.28
CA ASN B 334 14.06 -50.95 10.12
C ASN B 334 14.70 -49.79 9.38
N LEU B 335 15.65 -50.10 8.51
CA LEU B 335 16.26 -49.13 7.62
C LEU B 335 15.68 -49.32 6.23
N CYS B 336 15.62 -48.23 5.46
CA CYS B 336 14.98 -48.30 4.17
C CYS B 336 15.81 -49.12 3.19
N PRO B 337 15.18 -49.73 2.20
CA PRO B 337 15.91 -50.59 1.27
C PRO B 337 16.84 -49.82 0.35
N PHE B 338 17.92 -49.28 0.93
CA PHE B 338 18.91 -48.56 0.16
C PHE B 338 19.70 -49.47 -0.75
N GLY B 339 19.79 -50.75 -0.41
CA GLY B 339 20.61 -51.67 -1.17
C GLY B 339 19.87 -52.49 -2.19
N GLU B 340 18.54 -52.38 -2.23
CA GLU B 340 17.81 -53.04 -3.30
C GLU B 340 17.13 -52.04 -4.22
N VAL B 341 17.43 -50.76 -4.05
CA VAL B 341 17.01 -49.72 -4.97
C VAL B 341 18.20 -49.13 -5.71
N PHE B 342 19.26 -48.80 -4.99
CA PHE B 342 20.46 -48.24 -5.59
C PHE B 342 21.48 -49.30 -5.97
N ASN B 343 21.37 -50.50 -5.40
CA ASN B 343 22.34 -51.56 -5.64
C ASN B 343 21.71 -52.76 -6.33
N ALA B 344 20.61 -52.55 -7.05
CA ALA B 344 19.93 -53.63 -7.73
C ALA B 344 20.78 -54.13 -8.88
N THR B 345 20.42 -55.30 -9.42
CA THR B 345 21.23 -55.94 -10.44
C THR B 345 20.73 -55.65 -11.85
N ARG B 346 19.46 -55.30 -12.01
CA ARG B 346 18.87 -55.02 -13.31
C ARG B 346 17.86 -53.90 -13.16
N PHE B 347 18.01 -52.87 -13.97
CA PHE B 347 17.10 -51.74 -13.98
C PHE B 347 16.14 -51.88 -15.16
N ALA B 348 15.08 -51.08 -15.14
CA ALA B 348 14.07 -51.15 -16.18
C ALA B 348 14.43 -50.27 -17.36
N SER B 349 13.74 -50.49 -18.47
CA SER B 349 13.84 -49.61 -19.61
C SER B 349 13.07 -48.33 -19.33
N VAL B 350 13.50 -47.23 -19.94
CA VAL B 350 12.88 -45.95 -19.62
C VAL B 350 11.44 -45.89 -20.10
N TYR B 351 11.09 -46.61 -21.16
CA TYR B 351 9.71 -46.58 -21.62
C TYR B 351 8.79 -47.38 -20.72
N ALA B 352 9.33 -48.31 -19.93
CA ALA B 352 8.56 -49.12 -19.00
C ALA B 352 9.16 -49.01 -17.61
N TRP B 353 9.42 -47.78 -17.17
CA TRP B 353 10.13 -47.51 -15.92
C TRP B 353 9.46 -48.20 -14.75
N ASN B 354 10.22 -48.43 -13.69
CA ASN B 354 9.69 -49.15 -12.54
C ASN B 354 9.35 -48.19 -11.42
N ARG B 355 8.27 -48.49 -10.70
CA ARG B 355 7.84 -47.69 -9.55
C ARG B 355 7.69 -48.60 -8.34
N LYS B 356 8.31 -48.21 -7.23
CA LYS B 356 8.34 -49.02 -6.04
C LYS B 356 7.84 -48.22 -4.85
N ARG B 357 7.08 -48.87 -3.97
CA ARG B 357 6.53 -48.22 -2.79
C ARG B 357 7.47 -48.40 -1.61
N ILE B 358 7.66 -47.35 -0.82
CA ILE B 358 8.56 -47.39 0.32
C ILE B 358 7.80 -46.94 1.56
N SER B 359 7.89 -47.71 2.65
CA SER B 359 7.15 -47.40 3.85
C SER B 359 7.77 -48.12 5.04
N ASN B 360 7.59 -47.51 6.21
CA ASN B 360 7.96 -48.10 7.50
C ASN B 360 9.45 -48.35 7.64
N CYS B 361 10.27 -47.34 7.35
CA CYS B 361 11.71 -47.52 7.50
C CYS B 361 12.36 -46.17 7.75
N VAL B 362 13.47 -46.20 8.48
CA VAL B 362 14.25 -45.00 8.76
C VAL B 362 15.11 -44.68 7.55
N ALA B 363 15.07 -43.43 7.10
CA ALA B 363 15.76 -43.00 5.89
C ALA B 363 17.12 -42.37 6.21
N ASP B 364 18.01 -43.18 6.76
CA ASP B 364 19.36 -42.76 7.08
C ASP B 364 20.26 -42.99 5.87
N TYR B 365 20.38 -41.98 5.02
CA TYR B 365 21.07 -42.13 3.74
C TYR B 365 22.58 -42.09 3.86
N SER B 366 23.13 -41.81 5.04
CA SER B 366 24.57 -41.78 5.21
C SER B 366 25.22 -43.13 4.91
N VAL B 367 24.47 -44.22 4.99
CA VAL B 367 25.01 -45.53 4.64
C VAL B 367 25.38 -45.60 3.16
N LEU B 368 24.94 -44.65 2.35
CA LEU B 368 25.32 -44.64 0.95
C LEU B 368 26.65 -43.94 0.70
N TYR B 369 27.37 -43.56 1.75
CA TYR B 369 28.57 -42.75 1.56
C TYR B 369 29.76 -43.60 1.15
N ASN B 370 29.79 -44.88 1.51
CA ASN B 370 30.93 -45.73 1.19
C ASN B 370 30.80 -46.39 -0.17
N SER B 371 29.59 -46.76 -0.57
CA SER B 371 29.43 -47.67 -1.69
C SER B 371 28.81 -47.01 -2.90
N ALA B 372 28.54 -45.71 -2.84
CA ALA B 372 27.83 -45.04 -3.91
C ALA B 372 28.39 -43.65 -4.13
N SER B 373 28.42 -43.23 -5.39
CA SER B 373 28.83 -41.89 -5.76
C SER B 373 27.96 -41.43 -6.91
N PHE B 374 27.13 -40.42 -6.64
CA PHE B 374 26.14 -39.94 -7.59
C PHE B 374 26.65 -38.71 -8.29
N SER B 375 26.49 -38.67 -9.60
CA SER B 375 26.89 -37.52 -10.39
C SER B 375 25.81 -36.45 -10.46
N THR B 376 24.55 -36.80 -10.23
CA THR B 376 23.47 -35.83 -10.19
C THR B 376 22.61 -36.12 -8.96
N PHE B 377 22.35 -35.09 -8.16
CA PHE B 377 21.43 -35.21 -7.04
C PHE B 377 20.77 -33.86 -6.82
N LYS B 378 19.48 -33.75 -7.10
CA LYS B 378 18.77 -32.49 -6.97
C LYS B 378 17.38 -32.71 -6.40
N CYS B 379 17.03 -32.02 -5.31
CA CYS B 379 15.68 -32.04 -4.77
C CYS B 379 14.92 -30.75 -5.04
N TYR B 380 13.62 -30.91 -5.24
CA TYR B 380 12.67 -29.85 -5.52
C TYR B 380 11.62 -29.85 -4.41
N GLY B 381 11.36 -28.67 -3.86
CA GLY B 381 10.36 -28.52 -2.83
C GLY B 381 10.87 -28.69 -1.42
N VAL B 382 12.16 -28.95 -1.25
CA VAL B 382 12.73 -29.22 0.05
C VAL B 382 14.22 -28.94 -0.05
N SER B 383 14.86 -28.70 1.09
CA SER B 383 16.30 -28.43 1.11
C SER B 383 17.06 -29.69 1.50
N PRO B 384 18.18 -29.95 0.83
CA PRO B 384 18.94 -31.16 1.18
C PRO B 384 19.43 -31.18 2.60
N THR B 385 19.69 -30.03 3.19
CA THR B 385 20.14 -29.97 4.57
C THR B 385 19.02 -30.19 5.58
N LYS B 386 17.77 -30.27 5.13
CA LYS B 386 16.65 -30.49 6.02
C LYS B 386 16.13 -31.91 5.99
N LEU B 387 16.66 -32.74 5.09
CA LEU B 387 16.12 -34.08 4.88
C LEU B 387 16.26 -34.97 6.10
N ASN B 388 17.18 -34.66 7.00
CA ASN B 388 17.43 -35.50 8.16
C ASN B 388 16.46 -35.21 9.31
N ASP B 389 15.77 -34.08 9.27
CA ASP B 389 14.84 -33.71 10.34
C ASP B 389 13.40 -34.04 10.01
N LEU B 390 13.09 -34.33 8.76
CA LEU B 390 11.72 -34.41 8.28
C LEU B 390 11.17 -35.81 8.41
N CYS B 391 9.95 -35.97 7.89
CA CYS B 391 9.25 -37.24 7.86
C CYS B 391 8.34 -37.22 6.65
N PHE B 392 8.39 -38.27 5.84
CA PHE B 392 7.93 -38.23 4.46
C PHE B 392 6.68 -39.08 4.27
N THR B 393 5.77 -38.58 3.45
CA THR B 393 4.49 -39.23 3.19
C THR B 393 4.43 -39.72 1.75
N ASN B 394 3.94 -40.95 1.58
CA ASN B 394 3.68 -41.51 0.26
C ASN B 394 4.93 -41.56 -0.61
N VAL B 395 5.92 -42.31 -0.16
CA VAL B 395 7.23 -42.31 -0.80
C VAL B 395 7.26 -43.38 -1.90
N TYR B 396 7.57 -42.94 -3.12
CA TYR B 396 7.74 -43.83 -4.25
C TYR B 396 9.09 -43.60 -4.90
N ALA B 397 9.65 -44.66 -5.45
CA ALA B 397 10.94 -44.61 -6.13
C ALA B 397 10.80 -45.15 -7.53
N ASP B 398 11.05 -44.31 -8.53
CA ASP B 398 11.00 -44.71 -9.93
C ASP B 398 12.41 -44.90 -10.45
N SER B 399 12.67 -46.02 -11.09
CA SER B 399 14.01 -46.35 -11.54
C SER B 399 14.00 -46.72 -13.02
N PHE B 400 15.06 -46.29 -13.71
CA PHE B 400 15.27 -46.67 -15.10
C PHE B 400 16.72 -46.36 -15.47
N VAL B 401 17.04 -46.59 -16.75
CA VAL B 401 18.38 -46.37 -17.30
C VAL B 401 18.24 -45.60 -18.61
N ILE B 402 19.02 -44.53 -18.76
CA ILE B 402 18.99 -43.73 -19.97
C ILE B 402 20.42 -43.46 -20.43
N ARG B 403 20.51 -42.70 -21.52
CA ARG B 403 21.79 -42.24 -22.03
C ARG B 403 22.36 -41.17 -21.12
N GLY B 404 23.65 -40.87 -21.29
CA GLY B 404 24.28 -39.86 -20.47
C GLY B 404 23.83 -38.46 -20.80
N ASP B 405 23.45 -38.23 -22.07
CA ASP B 405 23.09 -36.88 -22.51
C ASP B 405 21.69 -36.50 -22.08
N GLU B 406 20.85 -37.48 -21.74
CA GLU B 406 19.45 -37.25 -21.47
C GLU B 406 19.15 -37.06 -20.00
N VAL B 407 20.15 -37.12 -19.13
CA VAL B 407 19.90 -36.93 -17.70
C VAL B 407 19.39 -35.52 -17.42
N ARG B 408 19.75 -34.56 -18.27
CA ARG B 408 19.23 -33.21 -18.12
C ARG B 408 17.74 -33.13 -18.38
N GLN B 409 17.17 -34.13 -19.05
CA GLN B 409 15.75 -34.10 -19.37
C GLN B 409 14.88 -34.61 -18.23
N ILE B 410 15.47 -35.12 -17.15
CA ILE B 410 14.68 -35.53 -16.00
C ILE B 410 14.57 -34.33 -15.07
N ALA B 411 13.61 -33.46 -15.35
CA ALA B 411 13.39 -32.25 -14.59
C ALA B 411 12.05 -31.68 -15.01
N PRO B 412 11.40 -30.91 -14.14
CA PRO B 412 10.11 -30.33 -14.52
C PRO B 412 10.26 -29.32 -15.65
N GLY B 413 9.37 -29.42 -16.63
CA GLY B 413 9.33 -28.46 -17.71
C GLY B 413 10.40 -28.61 -18.77
N GLN B 414 10.70 -29.84 -19.18
CA GLN B 414 11.75 -30.10 -20.16
C GLN B 414 11.15 -30.68 -21.43
N THR B 415 11.88 -30.53 -22.52
CA THR B 415 11.49 -31.08 -23.81
C THR B 415 12.59 -32.01 -24.32
N GLY B 416 12.23 -32.83 -25.29
CA GLY B 416 13.08 -33.91 -25.74
C GLY B 416 12.33 -35.22 -25.73
N LYS B 417 12.95 -36.23 -26.35
CA LYS B 417 12.20 -37.47 -26.54
C LYS B 417 11.96 -38.21 -25.24
N ILE B 418 12.88 -38.10 -24.27
CA ILE B 418 12.66 -38.78 -23.00
C ILE B 418 11.54 -38.13 -22.23
N ALA B 419 11.52 -36.80 -22.20
CA ALA B 419 10.48 -36.07 -21.49
C ALA B 419 9.16 -36.02 -22.23
N ASP B 420 9.16 -36.21 -23.55
CA ASP B 420 7.94 -36.19 -24.34
C ASP B 420 7.28 -37.55 -24.45
N TYR B 421 8.05 -38.62 -24.66
CA TYR B 421 7.47 -39.91 -24.99
C TYR B 421 7.69 -40.99 -23.94
N ASN B 422 8.60 -40.79 -22.99
CA ASN B 422 8.97 -41.86 -22.08
C ASN B 422 8.66 -41.57 -20.63
N TYR B 423 9.13 -40.45 -20.09
CA TYR B 423 8.99 -40.17 -18.67
C TYR B 423 8.84 -38.67 -18.46
N LYS B 424 7.72 -38.26 -17.88
CA LYS B 424 7.41 -36.85 -17.68
C LYS B 424 7.28 -36.56 -16.20
N LEU B 425 7.89 -35.47 -15.76
CA LEU B 425 7.79 -35.05 -14.38
C LEU B 425 6.76 -33.93 -14.24
N PRO B 426 5.96 -33.94 -13.17
CA PRO B 426 4.98 -32.87 -12.97
C PRO B 426 5.68 -31.56 -12.67
N ASP B 427 4.99 -30.45 -12.96
CA ASP B 427 5.55 -29.13 -12.70
C ASP B 427 5.50 -28.79 -11.22
N ASP B 428 4.56 -29.37 -10.48
CA ASP B 428 4.45 -29.23 -9.04
C ASP B 428 5.16 -30.38 -8.34
N PHE B 429 6.43 -30.60 -8.67
CA PHE B 429 7.14 -31.79 -8.23
C PHE B 429 7.78 -31.55 -6.87
N THR B 430 7.67 -32.54 -5.98
CA THR B 430 8.34 -32.55 -4.69
C THR B 430 9.10 -33.85 -4.52
N GLY B 431 10.40 -33.77 -4.36
CA GLY B 431 11.22 -34.96 -4.26
C GLY B 431 12.54 -34.73 -4.95
N CYS B 432 13.36 -35.78 -5.01
CA CYS B 432 14.69 -35.63 -5.60
C CYS B 432 14.90 -36.56 -6.79
N VAL B 433 15.85 -36.16 -7.63
CA VAL B 433 16.31 -36.92 -8.79
C VAL B 433 17.78 -37.24 -8.57
N ILE B 434 18.13 -38.52 -8.68
CA ILE B 434 19.47 -39.02 -8.44
C ILE B 434 19.89 -39.82 -9.65
N ALA B 435 21.13 -39.62 -10.10
CA ALA B 435 21.62 -40.27 -11.29
C ALA B 435 23.11 -40.53 -11.17
N TRP B 436 23.55 -41.69 -11.66
CA TRP B 436 24.96 -42.04 -11.62
C TRP B 436 25.33 -42.89 -12.82
N ASN B 437 26.60 -42.77 -13.22
CA ASN B 437 27.12 -43.52 -14.37
C ASN B 437 27.25 -44.99 -14.03
N SER B 438 26.79 -45.84 -14.95
CA SER B 438 26.88 -47.28 -14.78
C SER B 438 27.41 -47.93 -16.04
N ASN B 439 28.50 -47.39 -16.56
CA ASN B 439 29.15 -47.98 -17.73
C ASN B 439 29.77 -49.32 -17.40
N ASN B 440 30.01 -49.59 -16.13
CA ASN B 440 30.67 -50.82 -15.72
C ASN B 440 29.71 -51.99 -15.54
N LEU B 441 28.42 -51.76 -15.66
CA LEU B 441 27.43 -52.82 -15.46
C LEU B 441 26.46 -52.99 -16.60
N ASP B 442 26.24 -51.97 -17.43
CA ASP B 442 25.21 -52.03 -18.45
C ASP B 442 25.75 -52.00 -19.86
N SER B 443 27.04 -52.27 -20.06
CA SER B 443 27.60 -52.30 -21.39
C SER B 443 28.42 -53.57 -21.60
N LYS B 444 28.27 -54.16 -22.78
CA LYS B 444 29.09 -55.30 -23.19
C LYS B 444 29.96 -54.87 -24.36
N VAL B 445 30.98 -55.68 -24.63
CA VAL B 445 31.94 -55.36 -25.69
C VAL B 445 31.31 -55.50 -27.08
N GLY B 446 30.25 -56.30 -27.21
CA GLY B 446 29.57 -56.39 -28.49
C GLY B 446 28.41 -55.40 -28.58
N GLY B 447 27.98 -54.90 -27.44
CA GLY B 447 26.84 -53.99 -27.38
C GLY B 447 25.81 -54.55 -26.43
N ASN B 448 25.01 -53.66 -25.85
CA ASN B 448 23.94 -54.04 -24.94
C ASN B 448 22.62 -53.48 -25.47
N TYR B 449 21.83 -54.35 -26.10
CA TYR B 449 20.57 -53.95 -26.70
C TYR B 449 19.38 -54.38 -25.87
N ASN B 450 19.54 -54.45 -24.55
CA ASN B 450 18.46 -54.80 -23.65
C ASN B 450 17.61 -53.60 -23.25
N TYR B 451 18.18 -52.40 -23.28
CA TYR B 451 17.49 -51.19 -22.86
C TYR B 451 16.88 -50.50 -24.06
N LEU B 452 15.58 -50.25 -24.01
CA LEU B 452 14.85 -49.65 -25.12
C LEU B 452 14.29 -48.28 -24.72
N TYR B 453 13.82 -47.56 -25.72
CA TYR B 453 13.15 -46.29 -25.50
C TYR B 453 12.16 -46.06 -26.63
N ARG B 454 11.12 -45.29 -26.36
CA ARG B 454 10.13 -44.96 -27.37
C ARG B 454 10.58 -43.75 -28.17
N LEU B 455 10.49 -43.86 -29.49
CA LEU B 455 10.97 -42.82 -30.38
C LEU B 455 9.85 -42.06 -31.08
N PHE B 456 8.68 -42.68 -31.26
CA PHE B 456 7.56 -42.05 -31.94
C PHE B 456 6.32 -42.14 -31.06
N ARG B 457 5.53 -41.08 -31.07
CA ARG B 457 4.25 -41.06 -30.38
C ARG B 457 3.39 -39.96 -30.97
N LYS B 458 2.08 -40.13 -30.87
CA LYS B 458 1.14 -39.16 -31.42
C LYS B 458 0.98 -37.92 -30.55
N SER B 459 1.27 -38.02 -29.26
CA SER B 459 1.16 -36.88 -28.37
C SER B 459 2.12 -37.08 -27.20
N ASN B 460 2.43 -35.98 -26.53
CA ASN B 460 3.28 -36.07 -25.36
C ASN B 460 2.57 -36.80 -24.24
N LEU B 461 3.36 -37.29 -23.30
CA LEU B 461 2.82 -37.99 -22.14
C LEU B 461 2.29 -37.01 -21.11
N LYS B 462 1.43 -37.51 -20.24
CA LYS B 462 1.04 -36.78 -19.05
C LYS B 462 2.02 -37.07 -17.92
N PRO B 463 2.11 -36.21 -16.92
CA PRO B 463 3.02 -36.46 -15.81
C PRO B 463 2.79 -37.81 -15.15
N PHE B 464 3.87 -38.58 -14.97
CA PHE B 464 3.86 -39.87 -14.31
C PHE B 464 2.94 -40.86 -15.02
N GLU B 465 2.88 -40.79 -16.34
CA GLU B 465 2.13 -41.74 -17.14
C GLU B 465 3.10 -42.67 -17.87
N ARG B 466 2.69 -43.90 -18.08
CA ARG B 466 3.55 -44.94 -18.65
C ARG B 466 2.86 -45.60 -19.83
N ASP B 467 3.55 -45.66 -20.97
CA ASP B 467 3.01 -46.22 -22.19
C ASP B 467 3.87 -47.39 -22.63
N ILE B 468 3.31 -48.59 -22.61
CA ILE B 468 4.09 -49.79 -22.95
C ILE B 468 3.51 -50.46 -24.19
N SER B 469 2.71 -49.73 -24.95
CA SER B 469 2.13 -50.25 -26.18
C SER B 469 3.19 -50.36 -27.26
N THR B 470 2.96 -51.28 -28.22
CA THR B 470 3.90 -51.52 -29.31
C THR B 470 3.17 -51.61 -30.65
N GLU B 471 2.21 -50.72 -30.87
CA GLU B 471 1.54 -50.65 -32.16
C GLU B 471 2.42 -49.92 -33.16
N ILE B 472 2.23 -50.24 -34.44
CA ILE B 472 3.02 -49.61 -35.48
C ILE B 472 2.62 -48.16 -35.63
N TYR B 473 3.61 -47.27 -35.61
CA TYR B 473 3.35 -45.84 -35.69
C TYR B 473 3.23 -45.41 -37.14
N GLN B 474 2.09 -44.83 -37.49
CA GLN B 474 1.84 -44.35 -38.85
C GLN B 474 2.31 -42.91 -38.96
N ALA B 475 3.41 -42.70 -39.67
CA ALA B 475 3.97 -41.37 -39.84
C ALA B 475 3.55 -40.72 -41.15
N GLY B 476 3.05 -41.50 -42.10
CA GLY B 476 2.69 -40.96 -43.40
C GLY B 476 1.20 -40.72 -43.54
N SER B 477 0.68 -40.97 -44.74
CA SER B 477 -0.73 -40.74 -45.06
C SER B 477 -1.41 -42.03 -45.49
N THR B 478 -1.03 -43.17 -44.91
CA THR B 478 -1.61 -44.45 -45.29
C THR B 478 -1.70 -45.38 -44.09
N PRO B 479 -2.80 -46.12 -43.95
CA PRO B 479 -2.86 -47.15 -42.92
C PRO B 479 -1.79 -48.20 -43.13
N CYS B 480 -1.18 -48.64 -42.03
CA CYS B 480 -0.13 -49.64 -42.07
C CYS B 480 -0.57 -51.05 -41.77
N ASN B 481 -1.77 -51.23 -41.24
CA ASN B 481 -2.31 -52.56 -40.99
C ASN B 481 -1.36 -53.41 -40.12
N GLY B 482 -0.49 -52.75 -39.36
CA GLY B 482 0.48 -53.45 -38.54
C GLY B 482 1.44 -54.35 -39.29
N VAL B 483 2.08 -53.85 -40.35
CA VAL B 483 3.06 -54.63 -41.09
C VAL B 483 4.43 -53.96 -41.12
N GLU B 484 4.54 -52.72 -40.64
CA GLU B 484 5.81 -52.02 -40.55
C GLU B 484 6.49 -51.91 -41.91
N GLY B 485 5.86 -51.18 -42.83
CA GLY B 485 6.43 -50.97 -44.14
C GLY B 485 7.14 -49.66 -44.28
N PHE B 486 6.79 -48.88 -45.30
CA PHE B 486 7.42 -47.59 -45.56
C PHE B 486 6.53 -46.51 -44.95
N ASN B 487 7.15 -45.56 -44.23
CA ASN B 487 6.45 -44.50 -43.52
C ASN B 487 5.56 -45.08 -42.41
N CYS B 488 5.86 -46.29 -41.97
CA CYS B 488 5.24 -46.87 -40.78
C CYS B 488 6.32 -47.58 -39.98
N TYR B 489 6.59 -47.10 -38.77
CA TYR B 489 7.75 -47.53 -38.02
C TYR B 489 7.34 -48.31 -36.78
N PHE B 490 8.28 -49.10 -36.29
CA PHE B 490 8.13 -49.67 -34.96
C PHE B 490 8.47 -48.61 -33.92
N PRO B 491 7.65 -48.44 -32.90
CA PRO B 491 7.80 -47.28 -32.02
C PRO B 491 9.03 -47.33 -31.13
N LEU B 492 9.48 -48.51 -30.74
CA LEU B 492 10.58 -48.64 -29.81
C LEU B 492 11.90 -48.87 -30.52
N GLN B 493 12.96 -48.24 -30.02
CA GLN B 493 14.30 -48.46 -30.51
C GLN B 493 15.18 -48.83 -29.33
N SER B 494 16.43 -49.20 -29.62
CA SER B 494 17.30 -49.75 -28.61
C SER B 494 18.56 -48.91 -28.45
N TYR B 495 18.97 -48.72 -27.21
CA TYR B 495 20.27 -48.12 -26.92
C TYR B 495 21.36 -49.12 -27.22
N GLY B 496 22.44 -48.66 -27.84
CA GLY B 496 23.60 -49.53 -28.01
C GLY B 496 24.73 -49.12 -27.10
N PHE B 497 24.92 -49.85 -26.00
CA PHE B 497 25.85 -49.45 -24.96
C PHE B 497 27.11 -50.29 -25.07
N GLN B 498 28.19 -49.68 -25.54
CA GLN B 498 29.50 -50.30 -25.59
C GLN B 498 30.47 -49.55 -24.69
N PRO B 499 31.41 -50.24 -24.05
CA PRO B 499 32.27 -49.58 -23.07
C PRO B 499 33.21 -48.56 -23.66
N THR B 500 33.27 -48.43 -24.98
CA THR B 500 34.14 -47.48 -25.65
C THR B 500 33.33 -46.34 -26.26
N ASN B 501 32.22 -45.98 -25.63
CA ASN B 501 31.41 -44.85 -26.07
C ASN B 501 31.91 -43.59 -25.41
N GLY B 502 31.58 -42.46 -26.00
CA GLY B 502 31.77 -41.20 -25.33
C GLY B 502 30.93 -41.12 -24.08
N VAL B 503 31.33 -40.24 -23.16
CA VAL B 503 30.62 -40.15 -21.90
C VAL B 503 29.15 -39.80 -22.12
N GLY B 504 28.86 -39.05 -23.20
CA GLY B 504 27.49 -38.70 -23.48
C GLY B 504 26.65 -39.84 -24.02
N TYR B 505 27.29 -40.96 -24.34
CA TYR B 505 26.57 -42.13 -24.84
C TYR B 505 26.65 -43.32 -23.91
N GLN B 506 27.20 -43.15 -22.72
CA GLN B 506 27.29 -44.23 -21.76
C GLN B 506 26.03 -44.28 -20.91
N PRO B 507 25.69 -45.45 -20.38
CA PRO B 507 24.42 -45.57 -19.64
C PRO B 507 24.50 -44.95 -18.26
N TYR B 508 23.39 -44.36 -17.84
CA TYR B 508 23.25 -43.79 -16.52
C TYR B 508 22.01 -44.38 -15.87
N ARG B 509 22.13 -44.74 -14.59
CA ARG B 509 21.00 -45.23 -13.82
C ARG B 509 20.38 -44.06 -13.08
N VAL B 510 19.05 -43.96 -13.13
CA VAL B 510 18.31 -42.84 -12.59
C VAL B 510 17.25 -43.35 -11.63
N VAL B 511 17.21 -42.75 -10.44
CA VAL B 511 16.20 -42.99 -9.43
C VAL B 511 15.54 -41.67 -9.07
N VAL B 512 14.22 -41.63 -9.11
CA VAL B 512 13.43 -40.45 -8.80
C VAL B 512 12.59 -40.76 -7.57
N LEU B 513 12.88 -40.09 -6.47
CA LEU B 513 12.13 -40.25 -5.22
C LEU B 513 11.08 -39.15 -5.13
N SER B 514 9.83 -39.54 -4.88
CA SER B 514 8.71 -38.62 -4.81
C SER B 514 7.94 -38.85 -3.52
N PHE B 515 7.61 -37.77 -2.83
CA PHE B 515 6.95 -37.83 -1.53
C PHE B 515 6.18 -36.54 -1.29
N GLU B 516 5.46 -36.49 -0.17
CA GLU B 516 4.80 -35.28 0.31
C GLU B 516 5.25 -34.98 1.72
N LEU B 517 5.07 -33.73 2.15
CA LEU B 517 5.63 -33.24 3.39
C LEU B 517 4.59 -32.50 4.22
N LEU B 518 4.41 -32.94 5.47
CA LEU B 518 3.75 -32.18 6.53
C LEU B 518 2.26 -31.96 6.35
N HIS B 519 1.54 -32.92 5.79
CA HIS B 519 0.09 -32.80 5.73
C HIS B 519 -0.66 -34.03 6.21
N ALA B 520 -0.11 -35.23 6.07
CA ALA B 520 -0.83 -36.45 6.36
C ALA B 520 0.04 -37.33 7.24
N PRO B 521 -0.47 -38.46 7.74
CA PRO B 521 0.40 -39.36 8.51
C PRO B 521 1.55 -39.90 7.67
N ALA B 522 2.74 -39.92 8.25
CA ALA B 522 3.94 -40.34 7.55
C ALA B 522 4.54 -41.55 8.24
N THR B 523 5.32 -42.33 7.50
CA THR B 523 5.91 -43.55 8.04
C THR B 523 7.39 -43.71 7.74
N VAL B 524 8.04 -42.75 7.09
CA VAL B 524 9.44 -42.94 6.74
C VAL B 524 10.34 -42.30 7.81
N CYS B 525 10.25 -41.00 7.97
CA CYS B 525 11.06 -40.28 8.95
C CYS B 525 12.55 -40.41 8.64
N GLY B 526 13.37 -39.76 9.46
CA GLY B 526 14.81 -39.80 9.27
C GLY B 526 15.52 -40.55 10.39
N PRO B 527 16.70 -40.08 10.77
CA PRO B 527 17.47 -40.71 11.83
C PRO B 527 17.29 -40.05 13.19
N LYS B 528 16.54 -38.95 13.22
CA LYS B 528 16.29 -38.22 14.45
C LYS B 528 15.79 -39.14 15.55
N LYS B 529 16.08 -38.80 16.79
CA LYS B 529 15.65 -39.61 17.93
C LYS B 529 14.63 -38.86 18.77
N SER B 530 13.64 -39.60 19.26
CA SER B 530 12.56 -39.02 20.03
C SER B 530 12.87 -38.81 21.51
N THR B 531 12.03 -38.01 22.13
CA THR B 531 12.15 -37.67 23.55
C THR B 531 10.81 -37.98 24.23
N ASN B 532 10.66 -37.54 25.47
CA ASN B 532 9.39 -37.71 26.16
C ASN B 532 8.50 -36.50 25.91
N LEU B 533 7.24 -36.65 26.31
CA LEU B 533 6.22 -35.64 26.11
C LEU B 533 6.09 -34.79 27.35
N VAL B 534 6.43 -33.52 27.25
CA VAL B 534 6.28 -32.54 28.33
C VAL B 534 5.07 -31.69 28.03
N LYS B 535 4.07 -31.77 28.91
CA LYS B 535 2.83 -31.02 28.74
C LYS B 535 2.77 -29.89 29.77
N ASN B 536 1.94 -28.90 29.48
CA ASN B 536 1.68 -27.76 30.35
C ASN B 536 2.89 -26.87 30.54
N LYS B 537 3.79 -26.81 29.56
CA LYS B 537 4.97 -25.96 29.62
C LYS B 537 5.27 -25.41 28.24
N CYS B 538 6.07 -24.35 28.20
CA CYS B 538 6.49 -23.77 26.94
C CYS B 538 7.70 -24.52 26.41
N VAL B 539 7.55 -25.19 25.28
CA VAL B 539 8.61 -26.00 24.71
C VAL B 539 8.70 -25.74 23.22
N ASN B 540 9.89 -25.93 22.66
CA ASN B 540 10.02 -26.16 21.23
C ASN B 540 9.67 -27.61 20.93
N PHE B 541 8.92 -27.83 19.85
CA PHE B 541 8.51 -29.18 19.53
C PHE B 541 8.81 -29.48 18.08
N ASN B 542 9.00 -30.77 17.80
CA ASN B 542 9.16 -31.30 16.46
C ASN B 542 8.28 -32.54 16.35
N PHE B 543 7.11 -32.39 15.74
CA PHE B 543 6.16 -33.48 15.56
C PHE B 543 6.19 -33.91 14.10
N ASN B 544 6.75 -35.08 13.83
CA ASN B 544 6.81 -35.64 12.48
C ASN B 544 7.44 -34.70 11.48
N GLY B 545 8.41 -33.90 11.92
CA GLY B 545 9.07 -32.94 11.07
C GLY B 545 8.55 -31.53 11.16
N LEU B 546 7.34 -31.35 11.69
CA LEU B 546 6.75 -30.03 11.85
C LEU B 546 7.25 -29.40 13.14
N THR B 547 7.97 -28.30 13.02
CA THR B 547 8.60 -27.64 14.16
C THR B 547 7.73 -26.50 14.66
N GLY B 548 7.93 -26.13 15.91
CA GLY B 548 7.19 -24.99 16.44
C GLY B 548 7.54 -24.73 17.89
N THR B 549 6.79 -23.80 18.48
CA THR B 549 6.95 -23.41 19.88
C THR B 549 5.57 -23.23 20.50
N GLY B 550 5.42 -23.68 21.73
CA GLY B 550 4.17 -23.43 22.42
C GLY B 550 3.97 -24.35 23.60
N VAL B 551 2.73 -24.40 24.06
CA VAL B 551 2.31 -25.20 25.19
C VAL B 551 1.40 -26.30 24.69
N LEU B 552 1.66 -27.53 25.11
CA LEU B 552 0.88 -28.69 24.69
C LEU B 552 -0.03 -29.13 25.82
N THR B 553 -1.30 -29.34 25.51
CA THR B 553 -2.27 -29.74 26.51
C THR B 553 -3.14 -30.85 25.94
N GLU B 554 -3.77 -31.61 26.83
CA GLU B 554 -4.64 -32.68 26.40
C GLU B 554 -5.89 -32.12 25.74
N SER B 555 -6.38 -32.82 24.72
CA SER B 555 -7.41 -32.28 23.85
C SER B 555 -8.68 -33.11 23.90
N ASN B 556 -9.76 -32.52 23.43
CA ASN B 556 -11.05 -33.20 23.28
C ASN B 556 -11.43 -33.40 21.82
N LYS B 557 -10.72 -32.78 20.88
CA LYS B 557 -10.95 -33.06 19.47
C LYS B 557 -10.67 -34.52 19.18
N LYS B 558 -11.31 -35.04 18.15
CA LYS B 558 -11.21 -36.45 17.83
C LYS B 558 -11.06 -36.61 16.32
N PHE B 559 -9.86 -36.99 15.90
CA PHE B 559 -9.50 -37.02 14.49
C PHE B 559 -10.02 -38.27 13.82
N LEU B 560 -10.31 -38.15 12.53
CA LEU B 560 -10.55 -39.33 11.72
C LEU B 560 -9.23 -40.04 11.48
N PRO B 561 -9.24 -41.35 11.15
CA PRO B 561 -7.99 -42.10 11.06
C PRO B 561 -7.01 -41.57 10.02
N PHE B 562 -7.45 -40.84 9.01
CA PHE B 562 -6.58 -40.33 7.98
C PHE B 562 -6.07 -38.93 8.26
N GLN B 563 -6.20 -38.44 9.50
CA GLN B 563 -5.81 -37.08 9.85
C GLN B 563 -4.68 -37.11 10.87
N GLN B 564 -3.77 -36.14 10.76
CA GLN B 564 -2.65 -36.03 11.67
C GLN B 564 -2.54 -34.64 12.30
N PHE B 565 -2.84 -33.59 11.56
CA PHE B 565 -2.74 -32.22 12.04
C PHE B 565 -4.11 -31.56 12.00
N GLY B 566 -4.27 -30.55 12.85
CA GLY B 566 -5.49 -29.75 12.85
C GLY B 566 -5.15 -28.28 12.73
N ARG B 567 -5.94 -27.55 11.96
CA ARG B 567 -5.66 -26.16 11.66
C ARG B 567 -6.85 -25.28 12.02
N ASP B 568 -6.55 -24.05 12.45
CA ASP B 568 -7.58 -23.08 12.76
C ASP B 568 -7.87 -22.19 11.55
N ILE B 569 -8.60 -21.10 11.78
CA ILE B 569 -9.02 -20.24 10.67
C ILE B 569 -7.84 -19.47 10.09
N ALA B 570 -6.86 -19.10 10.90
CA ALA B 570 -5.65 -18.46 10.40
C ALA B 570 -4.68 -19.46 9.80
N ASP B 571 -5.07 -20.73 9.69
CA ASP B 571 -4.30 -21.79 9.04
C ASP B 571 -3.06 -22.18 9.82
N THR B 572 -2.97 -21.83 11.09
CA THR B 572 -1.89 -22.30 11.93
C THR B 572 -2.26 -23.63 12.55
N THR B 573 -1.26 -24.47 12.77
CA THR B 573 -1.50 -25.78 13.36
C THR B 573 -1.78 -25.60 14.85
N ASP B 574 -2.98 -25.99 15.27
CA ASP B 574 -3.36 -25.84 16.67
C ASP B 574 -3.67 -27.17 17.34
N ALA B 575 -3.68 -28.28 16.61
CA ALA B 575 -3.82 -29.60 17.20
C ALA B 575 -2.94 -30.58 16.46
N VAL B 576 -2.52 -31.62 17.15
CA VAL B 576 -1.64 -32.62 16.55
C VAL B 576 -1.90 -33.96 17.22
N ARG B 577 -1.75 -35.04 16.45
CA ARG B 577 -1.85 -36.37 17.00
C ARG B 577 -0.45 -36.89 17.31
N ASP B 578 -0.24 -37.29 18.55
CA ASP B 578 1.08 -37.78 18.93
C ASP B 578 1.36 -39.10 18.22
N PRO B 579 2.50 -39.21 17.52
CA PRO B 579 2.72 -40.38 16.66
C PRO B 579 3.05 -41.66 17.40
N GLN B 580 3.26 -41.62 18.71
CA GLN B 580 3.57 -42.83 19.47
C GLN B 580 2.44 -43.26 20.40
N THR B 581 1.77 -42.31 21.04
CA THR B 581 0.65 -42.65 21.92
C THR B 581 -0.70 -42.48 21.26
N LEU B 582 -0.76 -41.89 20.07
CA LEU B 582 -1.97 -41.72 19.29
C LEU B 582 -3.01 -40.89 20.03
N GLU B 583 -2.56 -39.95 20.83
CA GLU B 583 -3.45 -39.05 21.55
C GLU B 583 -3.38 -37.66 20.94
N ILE B 584 -4.50 -36.96 20.98
CA ILE B 584 -4.60 -35.63 20.39
C ILE B 584 -4.17 -34.60 21.41
N LEU B 585 -3.43 -33.60 20.96
CA LEU B 585 -2.92 -32.53 21.79
C LEU B 585 -3.26 -31.20 21.16
N ASP B 586 -3.54 -30.22 22.00
CA ASP B 586 -3.71 -28.84 21.57
C ASP B 586 -2.43 -28.06 21.79
N ILE B 587 -2.12 -27.19 20.83
CA ILE B 587 -0.94 -26.36 20.85
C ILE B 587 -1.39 -24.91 21.00
N THR B 588 -1.01 -24.30 22.12
CA THR B 588 -1.39 -22.93 22.40
C THR B 588 -0.16 -22.05 22.44
N PRO B 589 -0.21 -20.85 21.86
CA PRO B 589 0.97 -19.98 21.87
C PRO B 589 1.40 -19.61 23.28
N CYS B 590 2.56 -18.97 23.37
CA CYS B 590 3.18 -18.77 24.68
C CYS B 590 3.13 -17.32 25.14
N SER B 591 3.14 -16.36 24.22
CA SER B 591 3.12 -14.95 24.56
C SER B 591 1.70 -14.42 24.54
N PHE B 592 1.38 -13.56 25.50
CA PHE B 592 0.00 -13.12 25.70
C PHE B 592 -0.04 -11.97 26.70
N GLY B 593 -0.80 -10.93 26.39
CA GLY B 593 -1.02 -9.85 27.34
C GLY B 593 -0.22 -8.60 27.05
N GLY B 594 -0.89 -7.46 27.11
CA GLY B 594 -0.24 -6.19 26.85
C GLY B 594 0.44 -5.62 28.08
N VAL B 595 1.39 -4.74 27.84
CA VAL B 595 2.20 -4.14 28.90
C VAL B 595 2.41 -2.66 28.59
N SER B 596 2.23 -1.82 29.60
CA SER B 596 2.52 -0.40 29.46
C SER B 596 3.42 0.05 30.60
N VAL B 597 4.22 1.07 30.34
CA VAL B 597 5.15 1.61 31.32
C VAL B 597 4.80 3.06 31.58
N ILE B 598 4.71 3.41 32.86
CA ILE B 598 4.35 4.74 33.32
C ILE B 598 5.59 5.40 33.88
N THR B 599 6.01 6.49 33.27
CA THR B 599 7.18 7.21 33.75
C THR B 599 6.85 8.66 34.06
N PRO B 600 7.42 9.21 35.12
CA PRO B 600 7.33 10.65 35.37
C PRO B 600 8.32 11.47 34.57
N GLY B 601 8.96 10.88 33.57
CA GLY B 601 9.99 11.55 32.82
C GLY B 601 11.37 11.22 33.35
N THR B 602 12.28 10.86 32.43
CA THR B 602 13.61 10.48 32.87
C THR B 602 14.49 11.70 33.13
N ASN B 603 13.93 12.88 32.99
CA ASN B 603 14.64 14.10 33.36
C ASN B 603 14.34 14.49 34.79
N THR B 604 13.57 13.66 35.49
CA THR B 604 13.19 13.87 36.88
C THR B 604 13.53 12.66 37.74
N SER B 605 13.38 11.45 37.19
CA SER B 605 13.70 10.22 37.91
C SER B 605 13.63 9.05 36.94
N ASN B 606 14.30 7.96 37.29
CA ASN B 606 14.17 6.72 36.54
C ASN B 606 13.34 5.70 37.26
N GLN B 607 12.53 6.13 38.23
CA GLN B 607 11.47 5.30 38.77
C GLN B 607 10.38 5.14 37.73
N VAL B 608 9.82 3.93 37.63
CA VAL B 608 8.74 3.65 36.69
C VAL B 608 7.73 2.76 37.38
N ALA B 609 6.53 2.73 36.84
CA ALA B 609 5.53 1.75 37.20
C ALA B 609 5.16 0.96 35.95
N VAL B 610 4.67 -0.26 36.12
CA VAL B 610 4.36 -1.12 35.00
C VAL B 610 2.94 -1.61 35.14
N LEU B 611 2.16 -1.49 34.07
CA LEU B 611 0.77 -1.94 34.04
C LEU B 611 0.67 -3.15 33.14
N TYR B 612 0.33 -4.30 33.74
CA TYR B 612 0.08 -5.53 33.02
C TYR B 612 -1.42 -5.60 32.77
N GLN B 613 -1.82 -5.37 31.53
CA GLN B 613 -3.21 -5.15 31.19
C GLN B 613 -4.03 -6.43 31.13
N ASP B 614 -3.45 -7.57 31.50
CA ASP B 614 -4.20 -8.82 31.40
C ASP B 614 -3.96 -9.74 32.59
N VAL B 615 -3.51 -9.18 33.71
CA VAL B 615 -3.25 -9.97 34.91
C VAL B 615 -4.20 -9.56 36.05
N ASN B 616 -4.59 -10.56 36.84
CA ASN B 616 -5.48 -10.33 37.97
C ASN B 616 -4.91 -10.98 39.22
N CYS B 617 -4.30 -10.18 40.08
CA CYS B 617 -3.69 -10.69 41.30
C CYS B 617 -4.50 -10.43 42.56
N THR B 618 -4.92 -11.50 43.22
CA THR B 618 -5.69 -11.38 44.45
C THR B 618 -5.49 -12.57 45.37
N TRP B 633 2.62 -15.23 38.95
CA TRP B 633 1.94 -14.38 37.98
C TRP B 633 2.79 -14.18 36.75
N ARG B 634 2.16 -13.75 35.66
CA ARG B 634 2.85 -13.47 34.42
C ARG B 634 3.33 -12.01 34.42
N VAL B 635 4.29 -11.74 35.30
CA VAL B 635 4.86 -10.41 35.46
C VAL B 635 6.38 -10.51 35.37
N TYR B 636 7.03 -9.39 35.06
CA TYR B 636 8.48 -9.34 35.00
C TYR B 636 9.09 -9.27 36.40
N SER B 637 8.46 -8.54 37.30
CA SER B 637 8.93 -8.38 38.68
C SER B 637 7.73 -8.25 39.58
N THR B 638 7.96 -8.36 40.88
CA THR B 638 6.85 -8.26 41.83
C THR B 638 7.00 -7.12 42.83
N GLY B 639 8.22 -6.71 43.17
CA GLY B 639 8.48 -5.58 44.04
C GLY B 639 7.53 -5.43 45.21
N SER B 640 7.05 -4.20 45.42
CA SER B 640 5.98 -3.95 46.37
C SER B 640 5.00 -3.00 45.70
N ASN B 641 3.95 -2.63 46.44
CA ASN B 641 2.88 -1.82 45.90
C ASN B 641 2.26 -2.49 44.67
N VAL B 642 1.65 -3.66 44.85
CA VAL B 642 0.83 -4.27 43.82
C VAL B 642 -0.60 -3.79 43.99
N PHE B 643 -1.18 -3.23 42.94
CA PHE B 643 -2.50 -2.63 43.01
C PHE B 643 -3.32 -3.07 41.81
N GLN B 644 -4.47 -3.67 42.06
CA GLN B 644 -5.29 -4.22 41.00
C GLN B 644 -6.29 -3.18 40.50
N THR B 645 -6.49 -3.12 39.19
CA THR B 645 -7.36 -2.16 38.55
C THR B 645 -8.16 -2.86 37.46
N ARG B 646 -9.28 -2.27 37.10
CA ARG B 646 -10.05 -2.77 35.96
C ARG B 646 -9.32 -2.57 34.64
N ALA B 647 -8.14 -1.95 34.66
CA ALA B 647 -7.28 -1.85 33.51
C ALA B 647 -6.08 -2.79 33.59
N GLY B 648 -5.91 -3.51 34.69
CA GLY B 648 -4.84 -4.45 34.83
C GLY B 648 -4.17 -4.33 36.17
N CYS B 649 -3.08 -5.05 36.34
CA CYS B 649 -2.30 -5.04 37.58
C CYS B 649 -1.20 -4.00 37.45
N LEU B 650 -1.19 -3.03 38.36
CA LEU B 650 -0.21 -1.97 38.36
C LEU B 650 0.82 -2.27 39.44
N ILE B 651 2.09 -2.24 39.06
CA ILE B 651 3.20 -2.63 39.94
C ILE B 651 4.20 -1.49 39.97
N GLY B 652 4.46 -0.97 41.16
CA GLY B 652 5.40 0.11 41.35
C GLY B 652 4.80 1.42 41.79
N ALA B 653 3.49 1.49 42.00
CA ALA B 653 2.82 2.71 42.40
C ALA B 653 1.96 2.46 43.62
N GLU B 654 1.94 3.41 44.54
CA GLU B 654 1.23 3.26 45.80
C GLU B 654 -0.19 3.81 45.66
N HIS B 655 -1.17 3.05 46.15
CA HIS B 655 -2.56 3.45 46.07
C HIS B 655 -2.92 4.35 47.23
N VAL B 656 -3.54 5.49 46.92
CA VAL B 656 -3.96 6.45 47.93
C VAL B 656 -5.48 6.57 47.90
N ASN B 657 -6.04 7.19 48.93
CA ASN B 657 -7.48 7.35 49.04
C ASN B 657 -7.99 8.72 48.59
N ASN B 658 -7.08 9.65 48.30
CA ASN B 658 -7.52 10.96 47.86
C ASN B 658 -8.01 10.91 46.43
N SER B 659 -8.24 12.09 45.87
CA SER B 659 -8.65 12.22 44.48
C SER B 659 -8.24 13.60 43.98
N TYR B 660 -7.59 13.64 42.83
CA TYR B 660 -7.14 14.88 42.24
C TYR B 660 -7.54 14.90 40.77
N GLU B 661 -7.13 15.94 40.07
CA GLU B 661 -7.27 15.96 38.62
C GLU B 661 -6.29 14.97 38.00
N CYS B 662 -6.68 14.42 36.86
CA CYS B 662 -5.84 13.41 36.21
C CYS B 662 -4.51 14.01 35.81
N ASP B 663 -3.43 13.26 36.07
CA ASP B 663 -2.09 13.67 35.67
C ASP B 663 -1.57 12.79 34.55
N ILE B 664 -1.52 11.48 34.78
CA ILE B 664 -1.19 10.49 33.77
C ILE B 664 -2.34 9.50 33.74
N PRO B 665 -3.10 9.42 32.65
CA PRO B 665 -4.28 8.55 32.65
C PRO B 665 -3.89 7.08 32.48
N ILE B 666 -4.14 6.30 33.53
CA ILE B 666 -3.99 4.86 33.45
C ILE B 666 -5.19 4.21 32.76
N GLY B 667 -6.40 4.63 33.13
CA GLY B 667 -7.57 4.09 32.49
C GLY B 667 -8.59 3.57 33.47
N ALA B 668 -9.81 3.32 32.99
CA ALA B 668 -10.91 2.83 33.82
C ALA B 668 -11.13 3.68 35.06
N GLY B 669 -10.85 4.97 34.95
CA GLY B 669 -11.08 5.92 36.03
C GLY B 669 -9.88 6.16 36.91
N ILE B 670 -8.74 5.53 36.61
CA ILE B 670 -7.57 5.61 37.47
C ILE B 670 -6.48 6.43 36.79
N CYS B 671 -5.86 7.32 37.56
CA CYS B 671 -4.76 8.14 37.08
C CYS B 671 -3.58 7.94 38.02
N ALA B 672 -2.41 8.44 37.61
CA ALA B 672 -1.19 8.29 38.38
C ALA B 672 -0.39 9.58 38.33
N SER B 673 0.43 9.79 39.35
CA SER B 673 1.21 11.02 39.42
C SER B 673 2.41 10.83 40.33
N TYR B 674 3.43 11.66 40.10
CA TYR B 674 4.66 11.64 40.87
C TYR B 674 4.57 12.60 42.05
N GLN B 675 3.99 12.13 43.15
CA GLN B 675 3.81 12.94 44.34
C GLN B 675 4.68 12.45 45.49
N THR B 676 4.19 12.64 46.71
CA THR B 676 4.91 12.22 47.91
C THR B 676 4.01 11.37 48.80
N GLN B 690 10.03 11.16 47.30
CA GLN B 690 9.09 11.15 46.20
C GLN B 690 8.84 9.72 45.73
N SER B 691 7.66 9.51 45.16
CA SER B 691 7.24 8.20 44.69
C SER B 691 6.09 8.40 43.71
N ILE B 692 5.61 7.29 43.15
CA ILE B 692 4.51 7.30 42.18
C ILE B 692 3.26 6.80 42.88
N ILE B 693 2.18 7.57 42.78
CA ILE B 693 0.92 7.25 43.41
C ILE B 693 -0.14 7.06 42.35
N ALA B 694 -1.14 6.24 42.68
CA ALA B 694 -2.25 5.96 41.79
C ALA B 694 -3.54 6.21 42.54
N TYR B 695 -4.48 6.88 41.89
CA TYR B 695 -5.70 7.29 42.55
C TYR B 695 -6.86 7.25 41.57
N THR B 696 -8.06 7.44 42.10
CA THR B 696 -9.26 7.61 41.28
C THR B 696 -9.47 9.09 41.00
N MET B 697 -9.61 9.44 39.74
CA MET B 697 -9.74 10.84 39.37
C MET B 697 -11.06 11.41 39.87
N SER B 698 -11.03 12.67 40.24
CA SER B 698 -12.22 13.38 40.70
C SER B 698 -12.85 14.14 39.55
N LEU B 699 -14.18 14.13 39.51
CA LEU B 699 -14.90 14.80 38.45
C LEU B 699 -15.03 16.29 38.69
N GLY B 700 -15.02 16.71 39.94
CA GLY B 700 -15.17 18.12 40.28
C GLY B 700 -15.76 18.28 41.66
N ALA B 701 -15.79 19.53 42.10
CA ALA B 701 -16.31 19.86 43.41
C ALA B 701 -17.81 19.65 43.46
N GLU B 702 -18.29 19.17 44.59
CA GLU B 702 -19.72 18.92 44.76
C GLU B 702 -20.44 20.21 45.12
N ASN B 703 -21.67 20.32 44.66
CA ASN B 703 -22.43 21.55 44.82
C ASN B 703 -23.91 21.21 44.92
N SER B 704 -24.65 22.09 45.56
CA SER B 704 -26.08 21.91 45.74
C SER B 704 -26.77 23.25 45.58
N VAL B 705 -27.91 23.25 44.90
CA VAL B 705 -28.67 24.46 44.64
C VAL B 705 -29.81 24.51 45.63
N ALA B 706 -30.00 25.68 46.23
CA ALA B 706 -31.04 25.87 47.24
C ALA B 706 -32.39 26.10 46.56
N TYR B 707 -32.90 25.03 45.96
CA TYR B 707 -34.14 25.11 45.20
C TYR B 707 -35.34 25.07 46.14
N SER B 708 -36.25 26.03 45.95
CA SER B 708 -37.56 26.01 46.57
C SER B 708 -38.56 26.51 45.55
N ASN B 709 -39.85 26.39 45.86
CA ASN B 709 -40.88 26.74 44.89
C ASN B 709 -41.21 28.23 44.88
N ASN B 710 -40.63 29.02 45.78
CA ASN B 710 -40.80 30.46 45.69
C ASN B 710 -39.54 31.23 46.02
N SER B 711 -38.39 30.78 45.55
CA SER B 711 -37.13 31.45 45.83
C SER B 711 -36.38 31.68 44.54
N ILE B 712 -35.81 32.87 44.39
CA ILE B 712 -35.06 33.22 43.19
C ILE B 712 -33.77 33.89 43.63
N ALA B 713 -32.75 33.82 42.79
CA ALA B 713 -31.48 34.46 43.04
C ALA B 713 -31.18 35.42 41.90
N ILE B 714 -30.94 36.69 42.24
CA ILE B 714 -30.72 37.73 41.25
C ILE B 714 -29.32 38.30 41.44
N PRO B 715 -28.56 38.49 40.37
CA PRO B 715 -27.23 39.10 40.53
C PRO B 715 -27.32 40.57 40.85
N THR B 716 -26.32 41.07 41.56
CA THR B 716 -26.26 42.47 41.90
C THR B 716 -25.04 43.18 41.34
N ASN B 717 -24.06 42.46 40.82
CA ASN B 717 -22.90 43.05 40.20
C ASN B 717 -22.53 42.20 38.99
N PHE B 718 -21.47 42.59 38.29
CA PHE B 718 -21.03 41.82 37.14
C PHE B 718 -19.52 41.88 37.03
N THR B 719 -18.99 41.08 36.13
CA THR B 719 -17.58 41.09 35.77
C THR B 719 -17.47 41.03 34.26
N ILE B 720 -16.50 41.76 33.73
CA ILE B 720 -16.18 41.72 32.31
C ILE B 720 -15.00 40.79 32.13
N SER B 721 -15.22 39.67 31.45
CA SER B 721 -14.21 38.66 31.31
C SER B 721 -13.68 38.63 29.88
N VAL B 722 -12.38 38.39 29.73
CA VAL B 722 -11.74 38.27 28.43
C VAL B 722 -11.01 36.94 28.38
N THR B 723 -11.33 36.13 27.37
CA THR B 723 -10.75 34.80 27.27
C THR B 723 -10.15 34.61 25.88
N THR B 724 -9.20 33.70 25.76
CA THR B 724 -8.57 33.43 24.49
C THR B 724 -9.04 32.10 23.92
N GLU B 725 -9.04 32.01 22.59
CA GLU B 725 -9.34 30.76 21.91
C GLU B 725 -8.43 30.65 20.70
N ILE B 726 -7.69 29.55 20.60
CA ILE B 726 -6.68 29.36 19.57
C ILE B 726 -7.19 28.36 18.54
N LEU B 727 -6.98 28.66 17.26
CA LEU B 727 -7.46 27.78 16.21
C LEU B 727 -6.44 27.67 15.09
N PRO B 728 -6.06 26.46 14.69
CA PRO B 728 -5.17 26.30 13.54
C PRO B 728 -5.90 26.56 12.23
N VAL B 729 -5.20 27.21 11.30
CA VAL B 729 -5.81 27.59 10.03
C VAL B 729 -5.08 27.00 8.82
N SER B 730 -3.77 26.78 8.89
CA SER B 730 -3.04 26.22 7.76
C SER B 730 -2.00 25.24 8.27
N MET B 731 -1.43 24.50 7.33
CA MET B 731 -0.24 23.69 7.61
C MET B 731 0.75 23.93 6.49
N THR B 732 1.91 23.29 6.60
CA THR B 732 2.98 23.52 5.65
C THR B 732 2.65 22.90 4.29
N LYS B 733 2.93 23.63 3.23
CA LYS B 733 2.77 23.14 1.88
C LYS B 733 4.07 22.51 1.42
N THR B 734 4.01 21.26 1.01
CA THR B 734 5.20 20.52 0.62
C THR B 734 5.02 19.99 -0.80
N SER B 735 6.16 19.64 -1.40
CA SER B 735 6.19 19.01 -2.70
C SER B 735 7.31 18.00 -2.72
N VAL B 736 7.18 16.99 -3.57
CA VAL B 736 8.11 15.87 -3.61
C VAL B 736 8.50 15.59 -5.06
N ASP B 737 9.78 15.42 -5.29
CA ASP B 737 10.29 14.93 -6.57
C ASP B 737 10.52 13.42 -6.44
N CYS B 738 9.65 12.63 -7.09
CA CYS B 738 9.81 11.18 -7.04
C CYS B 738 11.18 10.72 -7.48
N THR B 739 11.61 11.14 -8.66
CA THR B 739 12.85 10.61 -9.20
C THR B 739 14.01 10.85 -8.25
N MET B 740 14.04 12.03 -7.63
CA MET B 740 15.16 12.35 -6.75
C MET B 740 15.09 11.59 -5.44
N TYR B 741 13.88 11.23 -5.01
CA TYR B 741 13.74 10.50 -3.75
C TYR B 741 14.02 9.02 -3.94
N ILE B 742 13.47 8.44 -5.01
CA ILE B 742 13.57 7.01 -5.22
C ILE B 742 14.93 6.63 -5.79
N CYS B 743 15.43 7.40 -6.75
CA CYS B 743 16.63 7.02 -7.47
C CYS B 743 17.85 7.87 -7.15
N GLY B 744 17.69 9.17 -6.97
CA GLY B 744 18.86 10.02 -6.89
C GLY B 744 19.37 10.34 -8.28
N ASP B 745 20.70 10.38 -8.43
CA ASP B 745 21.31 10.61 -9.73
C ASP B 745 21.61 9.32 -10.47
N SER B 746 20.96 8.22 -10.10
CA SER B 746 21.10 6.95 -10.82
C SER B 746 20.31 7.00 -12.11
N THR B 747 20.97 6.70 -13.23
CA THR B 747 20.28 6.70 -14.51
C THR B 747 19.64 5.34 -14.78
N GLU B 748 20.25 4.27 -14.30
CA GLU B 748 19.64 2.94 -14.42
C GLU B 748 18.34 2.88 -13.63
N CYS B 749 18.35 3.36 -12.40
CA CYS B 749 17.14 3.39 -11.60
C CYS B 749 16.08 4.27 -12.26
N SER B 750 16.48 5.41 -12.82
CA SER B 750 15.49 6.32 -13.38
C SER B 750 14.88 5.74 -14.65
N ASN B 751 15.65 4.93 -15.39
CA ASN B 751 15.06 4.24 -16.54
C ASN B 751 14.15 3.10 -16.09
N LEU B 752 14.50 2.43 -15.00
CA LEU B 752 13.63 1.38 -14.48
C LEU B 752 12.34 1.94 -13.92
N LEU B 753 12.36 3.20 -13.48
CA LEU B 753 11.20 3.79 -12.83
C LEU B 753 10.11 4.19 -13.81
N LEU B 754 10.41 4.20 -15.11
CA LEU B 754 9.43 4.70 -16.08
C LEU B 754 8.19 3.82 -16.20
N GLN B 755 8.14 2.71 -15.48
CA GLN B 755 6.92 1.90 -15.41
C GLN B 755 6.03 2.32 -14.26
N TYR B 756 6.42 3.38 -13.54
CA TYR B 756 5.66 3.84 -12.40
C TYR B 756 5.51 5.36 -12.43
N GLY B 757 5.31 5.94 -13.61
CA GLY B 757 5.19 7.38 -13.71
C GLY B 757 3.79 7.87 -13.35
N SER B 758 2.77 7.05 -13.64
CA SER B 758 1.42 7.41 -13.26
C SER B 758 1.30 7.61 -11.76
N PHE B 759 2.01 6.80 -10.99
CA PHE B 759 1.92 6.87 -9.53
C PHE B 759 2.51 8.17 -9.01
N CYS B 760 3.58 8.66 -9.65
CA CYS B 760 4.15 9.91 -9.21
C CYS B 760 3.34 11.11 -9.66
N THR B 761 2.78 11.08 -10.86
CA THR B 761 1.86 12.15 -11.23
C THR B 761 0.69 12.20 -10.26
N GLN B 762 0.22 11.03 -9.81
CA GLN B 762 -0.88 10.97 -8.86
C GLN B 762 -0.48 11.57 -7.51
N LEU B 763 0.68 11.18 -6.99
CA LEU B 763 1.15 11.73 -5.73
C LEU B 763 1.24 13.25 -5.79
N ASN B 764 1.83 13.78 -6.86
CA ASN B 764 2.00 15.22 -6.94
C ASN B 764 0.68 15.94 -7.14
N ARG B 765 -0.27 15.31 -7.83
CA ARG B 765 -1.60 15.88 -7.92
C ARG B 765 -2.21 16.05 -6.53
N ALA B 766 -2.13 15.00 -5.71
CA ALA B 766 -2.68 15.10 -4.36
C ALA B 766 -2.00 16.20 -3.56
N LEU B 767 -0.67 16.27 -3.63
CA LEU B 767 0.04 17.26 -2.84
C LEU B 767 -0.29 18.68 -3.28
N THR B 768 -0.45 18.91 -4.58
CA THR B 768 -0.81 20.25 -5.03
C THR B 768 -2.23 20.62 -4.62
N GLY B 769 -3.14 19.66 -4.62
CA GLY B 769 -4.47 19.93 -4.07
C GLY B 769 -4.40 20.45 -2.66
N ILE B 770 -3.65 19.76 -1.80
CA ILE B 770 -3.46 20.21 -0.42
C ILE B 770 -2.87 21.62 -0.41
N ALA B 771 -1.88 21.86 -1.26
CA ALA B 771 -1.15 23.12 -1.22
C ALA B 771 -2.04 24.30 -1.56
N VAL B 772 -2.93 24.15 -2.55
CA VAL B 772 -3.79 25.29 -2.86
C VAL B 772 -4.92 25.39 -1.84
N GLU B 773 -5.33 24.27 -1.25
CA GLU B 773 -6.35 24.34 -0.21
C GLU B 773 -5.87 25.16 0.99
N GLN B 774 -4.57 25.11 1.30
CA GLN B 774 -4.09 25.88 2.45
C GLN B 774 -4.28 27.39 2.24
N ASP B 775 -3.92 27.89 1.06
CA ASP B 775 -4.12 29.30 0.78
C ASP B 775 -5.60 29.66 0.76
N LYS B 776 -6.44 28.75 0.25
CA LYS B 776 -7.87 29.03 0.29
C LYS B 776 -8.35 29.14 1.73
N ASN B 777 -7.86 28.28 2.62
CA ASN B 777 -8.21 28.35 4.03
C ASN B 777 -7.90 29.72 4.62
N THR B 778 -6.65 30.15 4.45
CA THR B 778 -6.26 31.44 5.02
C THR B 778 -7.13 32.56 4.46
N GLN B 779 -7.49 32.48 3.18
CA GLN B 779 -8.31 33.53 2.60
C GLN B 779 -9.71 33.54 3.18
N GLU B 780 -10.32 32.38 3.41
CA GLU B 780 -11.66 32.40 4.00
C GLU B 780 -11.62 32.96 5.41
N VAL B 781 -10.56 32.68 6.16
CA VAL B 781 -10.56 33.17 7.54
C VAL B 781 -10.30 34.66 7.60
N PHE B 782 -9.26 35.15 6.94
CA PHE B 782 -8.79 36.51 7.21
C PHE B 782 -9.28 37.55 6.22
N ALA B 783 -9.66 37.18 5.01
CA ALA B 783 -9.99 38.14 3.96
C ALA B 783 -11.49 38.36 3.86
N GLN B 784 -12.19 38.37 5.00
CA GLN B 784 -13.63 38.54 4.99
C GLN B 784 -14.04 39.87 4.39
N VAL B 785 -13.41 40.96 4.81
CA VAL B 785 -13.74 42.29 4.34
C VAL B 785 -12.64 42.77 3.40
N LYS B 786 -13.04 43.50 2.37
CA LYS B 786 -12.11 44.03 1.38
C LYS B 786 -12.03 45.53 1.40
N GLN B 787 -12.12 46.13 2.58
CA GLN B 787 -11.80 47.52 2.80
C GLN B 787 -10.85 47.61 3.98
N ILE B 788 -9.71 48.23 3.78
CA ILE B 788 -8.69 48.30 4.80
C ILE B 788 -8.94 49.53 5.65
N TYR B 789 -9.74 49.37 6.69
CA TYR B 789 -10.06 50.47 7.59
C TYR B 789 -8.87 50.80 8.47
N LYS B 790 -8.67 52.08 8.73
CA LYS B 790 -7.70 52.52 9.71
C LYS B 790 -8.41 53.16 10.90
N THR B 791 -7.79 53.06 12.06
CA THR B 791 -8.37 53.72 13.21
C THR B 791 -7.83 55.14 13.33
N PRO B 792 -8.70 56.11 13.61
CA PRO B 792 -8.27 57.50 13.62
C PRO B 792 -7.32 57.78 14.77
N PRO B 793 -6.61 58.90 14.74
CA PRO B 793 -5.84 59.30 15.92
C PRO B 793 -6.69 59.74 17.09
N ILE B 794 -8.01 59.72 16.94
CA ILE B 794 -8.94 60.02 18.02
C ILE B 794 -9.06 58.77 18.88
N LYS B 795 -8.21 58.66 19.89
CA LYS B 795 -8.25 57.50 20.77
C LYS B 795 -9.16 57.80 21.96
N ASP B 796 -10.36 58.25 21.66
CA ASP B 796 -11.37 58.55 22.67
C ASP B 796 -12.48 57.52 22.56
N PHE B 797 -12.29 56.39 23.23
CA PHE B 797 -13.22 55.27 23.15
C PHE B 797 -14.00 55.09 24.45
N GLY B 798 -14.30 56.17 25.14
CA GLY B 798 -15.07 56.09 26.36
C GLY B 798 -14.32 55.60 27.57
N GLY B 799 -13.00 55.53 27.51
CA GLY B 799 -12.20 55.02 28.60
C GLY B 799 -11.60 53.66 28.35
N PHE B 800 -12.01 52.98 27.29
CA PHE B 800 -11.46 51.68 26.95
C PHE B 800 -10.12 51.85 26.26
N ASN B 801 -9.16 51.01 26.63
CA ASN B 801 -7.80 51.10 26.13
C ASN B 801 -7.52 49.92 25.22
N PHE B 802 -7.34 50.17 23.93
CA PHE B 802 -7.08 49.13 22.94
C PHE B 802 -5.65 49.16 22.46
N SER B 803 -4.74 49.65 23.28
CA SER B 803 -3.37 49.89 22.83
C SER B 803 -2.56 48.61 22.67
N GLN B 804 -2.90 47.54 23.38
CA GLN B 804 -2.13 46.32 23.29
C GLN B 804 -2.57 45.42 22.14
N ILE B 805 -3.71 45.71 21.50
CA ILE B 805 -4.18 44.93 20.37
C ILE B 805 -4.21 45.73 19.08
N LEU B 806 -3.82 46.99 19.12
CA LEU B 806 -3.77 47.79 17.93
C LEU B 806 -2.36 47.85 17.39
N PRO B 807 -2.18 48.05 16.08
CA PRO B 807 -0.85 47.98 15.48
C PRO B 807 0.18 48.90 16.12
N ASP B 808 1.43 48.44 16.14
CA ASP B 808 2.54 49.21 16.67
C ASP B 808 3.37 49.78 15.52
N PRO B 809 3.29 51.07 15.23
CA PRO B 809 4.09 51.61 14.12
C PRO B 809 5.58 51.68 14.39
N SER B 810 6.02 51.27 15.59
CA SER B 810 7.43 51.32 15.94
C SER B 810 8.18 50.05 15.55
N LYS B 811 7.48 49.10 14.95
CA LYS B 811 8.09 47.84 14.55
C LYS B 811 8.40 47.88 13.06
N PRO B 812 9.25 46.98 12.55
CA PRO B 812 9.37 46.84 11.09
C PRO B 812 8.04 46.41 10.49
N SER B 813 7.45 45.35 11.05
CA SER B 813 6.07 45.01 10.77
C SER B 813 5.15 45.94 11.53
N LYS B 814 3.85 45.82 11.33
CA LYS B 814 2.89 46.60 12.07
C LYS B 814 2.06 45.68 12.95
N ARG B 815 2.75 44.77 13.65
CA ARG B 815 2.08 43.83 14.52
C ARG B 815 1.82 44.45 15.87
N SER B 816 0.78 43.97 16.54
CA SER B 816 0.40 44.44 17.86
C SER B 816 1.42 43.99 18.90
N PHE B 817 1.15 44.36 20.14
CA PHE B 817 1.93 43.82 21.24
C PHE B 817 1.61 42.35 21.48
N ILE B 818 0.31 42.02 21.53
CA ILE B 818 -0.11 40.64 21.75
C ILE B 818 0.31 39.76 20.59
N GLU B 819 0.26 40.29 19.36
CA GLU B 819 0.66 39.50 18.21
C GLU B 819 2.15 39.18 18.25
N ASP B 820 2.96 40.12 18.75
CA ASP B 820 4.38 39.84 18.93
C ASP B 820 4.61 38.80 20.00
N LEU B 821 3.89 38.89 21.12
CA LEU B 821 4.04 37.86 22.15
C LEU B 821 3.66 36.49 21.61
N LEU B 822 2.63 36.43 20.76
CA LEU B 822 2.23 35.16 20.18
C LEU B 822 3.26 34.66 19.18
N PHE B 823 3.87 35.56 18.43
CA PHE B 823 4.78 35.17 17.38
C PHE B 823 6.04 34.49 17.92
N ASN B 824 6.41 34.78 19.15
CA ASN B 824 7.63 34.23 19.72
C ASN B 824 7.41 32.98 20.54
N LYS B 825 6.17 32.48 20.61
CA LYS B 825 5.89 31.25 21.33
C LYS B 825 5.70 30.06 20.41
N VAL B 826 5.86 30.24 19.10
CA VAL B 826 5.78 29.17 18.12
C VAL B 826 7.05 29.17 17.32
N THR B 827 7.87 28.14 17.49
CA THR B 827 9.16 28.03 16.80
C THR B 827 8.97 27.22 15.53
N LEU B 828 9.13 27.88 14.38
CA LEU B 828 9.03 27.18 13.10
C LEU B 828 10.30 26.40 12.82
N ALA B 829 10.36 25.82 11.62
CA ALA B 829 11.57 25.09 11.20
C ALA B 829 12.24 25.77 10.01
N ASP B 830 11.55 26.69 9.34
CA ASP B 830 12.08 27.38 8.17
C ASP B 830 12.05 28.88 8.43
N ALA B 831 13.18 29.46 8.82
CA ALA B 831 13.30 30.91 8.94
C ALA B 831 13.63 31.46 7.56
N GLY B 832 12.58 31.65 6.75
CA GLY B 832 12.75 31.95 5.34
C GLY B 832 12.62 30.71 4.50
N PHE B 833 12.69 30.91 3.19
CA PHE B 833 12.53 29.79 2.25
C PHE B 833 13.59 29.81 1.15
N ILE B 834 14.73 30.46 1.37
CA ILE B 834 15.83 30.45 0.40
C ILE B 834 17.06 29.89 1.11
N LYS B 835 17.30 28.60 0.93
CA LYS B 835 18.51 27.95 1.43
C LYS B 835 19.34 27.53 0.23
N GLN B 836 20.42 28.24 -0.01
CA GLN B 836 21.18 28.09 -1.25
C GLN B 836 22.02 26.83 -1.22
N TYR B 837 22.39 26.37 -2.41
CA TYR B 837 23.23 25.17 -2.53
C TYR B 837 24.58 25.38 -1.85
N GLY B 838 25.24 26.50 -2.14
CA GLY B 838 26.53 26.75 -1.53
C GLY B 838 26.50 26.90 -0.03
N ASP B 839 25.31 27.08 0.55
CA ASP B 839 25.22 27.35 1.98
C ASP B 839 25.36 26.08 2.81
N CYS B 840 24.83 24.95 2.32
CA CYS B 840 25.17 23.66 2.90
C CYS B 840 25.86 22.80 1.85
N LEU B 841 27.18 22.99 1.75
CA LEU B 841 28.01 22.22 0.84
C LEU B 841 29.18 21.65 1.63
N GLY B 842 29.15 20.33 1.84
CA GLY B 842 30.12 19.67 2.68
C GLY B 842 29.43 18.74 3.66
N ASP B 843 29.87 18.81 4.91
CA ASP B 843 29.24 18.03 5.97
C ASP B 843 28.12 18.79 6.67
N ILE B 844 27.87 20.04 6.25
CA ILE B 844 26.70 20.76 6.74
C ILE B 844 25.42 20.03 6.35
N ALA B 845 25.45 19.34 5.20
CA ALA B 845 24.37 18.43 4.85
C ALA B 845 24.37 17.23 5.78
N ALA B 846 23.19 16.65 5.99
CA ALA B 846 23.01 15.50 6.87
C ALA B 846 23.42 15.83 8.32
N ARG B 847 23.47 17.13 8.61
CA ARG B 847 23.61 17.60 9.98
C ARG B 847 22.60 18.73 10.16
N ASP B 848 22.22 19.35 9.06
CA ASP B 848 21.07 20.24 9.00
C ASP B 848 19.93 19.47 8.36
N LEU B 849 18.82 19.32 9.09
CA LEU B 849 17.75 18.45 8.61
C LEU B 849 17.12 18.98 7.34
N ILE B 850 17.15 20.29 7.13
CA ILE B 850 16.49 20.85 5.96
C ILE B 850 17.27 20.55 4.70
N CYS B 851 18.60 20.61 4.76
CA CYS B 851 19.40 20.21 3.60
C CYS B 851 19.31 18.71 3.36
N ALA B 852 19.20 17.91 4.42
CA ALA B 852 18.96 16.49 4.25
C ALA B 852 17.65 16.24 3.53
N GLN B 853 16.62 17.01 3.84
CA GLN B 853 15.35 16.85 3.15
C GLN B 853 15.46 17.33 1.70
N LYS B 854 16.18 18.42 1.47
CA LYS B 854 16.25 19.00 0.14
C LYS B 854 17.08 18.15 -0.82
N PHE B 855 18.14 17.52 -0.33
CA PHE B 855 18.94 16.66 -1.19
C PHE B 855 18.20 15.40 -1.59
N ASN B 856 17.06 15.11 -0.99
CA ASN B 856 16.27 13.93 -1.32
C ASN B 856 14.96 14.29 -2.01
N GLY B 857 14.81 15.53 -2.45
CA GLY B 857 13.68 15.93 -3.25
C GLY B 857 12.45 16.42 -2.50
N LEU B 858 12.59 16.80 -1.25
CA LEU B 858 11.45 17.22 -0.43
C LEU B 858 11.52 18.72 -0.22
N THR B 859 10.58 19.45 -0.82
CA THR B 859 10.58 20.90 -0.83
C THR B 859 9.42 21.44 -0.02
N VAL B 860 9.61 22.61 0.59
CA VAL B 860 8.56 23.32 1.31
C VAL B 860 8.32 24.64 0.61
N LEU B 861 7.09 24.90 0.21
CA LEU B 861 6.77 26.10 -0.54
C LEU B 861 6.25 27.19 0.39
N PRO B 862 6.48 28.46 0.07
CA PRO B 862 6.07 29.54 0.96
C PRO B 862 4.60 29.86 0.79
N PRO B 863 3.94 30.34 1.84
CA PRO B 863 2.53 30.70 1.73
C PRO B 863 2.33 31.94 0.86
N LEU B 864 1.12 32.07 0.31
CA LEU B 864 0.83 33.17 -0.59
C LEU B 864 0.77 34.50 0.14
N LEU B 865 0.12 34.54 1.30
CA LEU B 865 0.03 35.76 2.08
C LEU B 865 1.14 35.78 3.11
N THR B 866 1.96 36.83 3.07
CA THR B 866 2.98 37.00 4.09
C THR B 866 2.34 37.31 5.44
N ASP B 867 3.15 37.29 6.49
CA ASP B 867 2.63 37.57 7.82
C ASP B 867 2.22 39.02 7.98
N GLU B 868 2.86 39.92 7.24
CA GLU B 868 2.48 41.32 7.30
C GLU B 868 1.12 41.55 6.68
N MET B 869 0.79 40.81 5.62
CA MET B 869 -0.53 40.96 5.01
C MET B 869 -1.61 40.46 5.96
N ILE B 870 -1.36 39.36 6.67
CA ILE B 870 -2.33 38.87 7.62
C ILE B 870 -2.49 39.84 8.79
N ALA B 871 -1.39 40.45 9.21
CA ALA B 871 -1.48 41.47 10.25
C ALA B 871 -2.28 42.67 9.78
N GLN B 872 -2.14 43.05 8.51
CA GLN B 872 -2.95 44.13 7.97
C GLN B 872 -4.42 43.78 7.98
N TYR B 873 -4.76 42.54 7.61
CA TYR B 873 -6.15 42.13 7.63
C TYR B 873 -6.74 42.18 9.02
N THR B 874 -6.03 41.65 10.02
CA THR B 874 -6.58 41.69 11.38
C THR B 874 -6.67 43.13 11.89
N SER B 875 -5.73 43.99 11.48
CA SER B 875 -5.81 45.38 11.86
C SER B 875 -7.05 46.05 11.28
N ALA B 876 -7.37 45.76 10.02
CA ALA B 876 -8.58 46.33 9.43
C ALA B 876 -9.82 45.82 10.13
N LEU B 877 -9.85 44.54 10.49
CA LEU B 877 -11.00 44.01 11.22
C LEU B 877 -11.17 44.71 12.56
N LEU B 878 -10.09 44.90 13.30
CA LEU B 878 -10.17 45.57 14.59
C LEU B 878 -10.64 47.01 14.45
N ALA B 879 -10.06 47.75 13.50
CA ALA B 879 -10.46 49.13 13.33
C ALA B 879 -11.93 49.24 12.97
N GLY B 880 -12.40 48.39 12.05
CA GLY B 880 -13.80 48.41 11.71
C GLY B 880 -14.69 48.09 12.89
N THR B 881 -14.29 47.12 13.71
CA THR B 881 -15.19 46.68 14.77
C THR B 881 -15.22 47.65 15.93
N ILE B 882 -14.17 48.44 16.12
CA ILE B 882 -14.21 49.40 17.23
C ILE B 882 -14.68 50.77 16.80
N THR B 883 -14.73 51.07 15.50
CA THR B 883 -15.29 52.35 15.09
C THR B 883 -16.66 52.24 14.43
N SER B 884 -17.15 51.02 14.17
CA SER B 884 -18.39 50.87 13.45
C SER B 884 -19.33 49.84 14.05
N GLY B 885 -18.92 49.14 15.10
CA GLY B 885 -19.76 48.12 15.66
C GLY B 885 -19.88 46.93 14.73
N TRP B 886 -21.12 46.53 14.44
CA TRP B 886 -21.37 45.39 13.58
C TRP B 886 -21.92 45.79 12.23
N THR B 887 -21.77 47.05 11.83
CA THR B 887 -22.38 47.51 10.59
C THR B 887 -21.46 47.30 9.40
N PHE B 888 -20.16 47.25 9.62
CA PHE B 888 -19.24 47.08 8.49
C PHE B 888 -19.27 45.66 7.96
N GLY B 889 -19.87 44.72 8.69
CA GLY B 889 -20.03 43.38 8.18
C GLY B 889 -21.28 43.15 7.38
N ALA B 890 -22.17 44.13 7.32
CA ALA B 890 -23.43 44.01 6.60
C ALA B 890 -23.56 45.00 5.46
N GLY B 891 -22.58 45.86 5.25
CA GLY B 891 -22.67 46.89 4.24
C GLY B 891 -21.56 47.91 4.40
N ALA B 892 -21.92 49.19 4.39
CA ALA B 892 -20.95 50.26 4.60
C ALA B 892 -20.80 50.52 6.07
N ALA B 893 -19.57 50.84 6.49
CA ALA B 893 -19.31 51.11 7.89
C ALA B 893 -19.96 52.42 8.31
N LEU B 894 -20.77 52.36 9.36
CA LEU B 894 -21.46 53.52 9.90
C LEU B 894 -20.91 53.79 11.29
N GLN B 895 -20.27 54.93 11.47
CA GLN B 895 -19.62 55.23 12.74
C GLN B 895 -20.64 55.36 13.85
N ILE B 896 -20.16 55.16 15.08
CA ILE B 896 -20.98 55.27 16.28
C ILE B 896 -20.04 55.36 17.47
N PRO B 897 -20.30 56.21 18.46
CA PRO B 897 -19.43 56.28 19.63
C PRO B 897 -19.35 54.94 20.33
N PHE B 898 -18.18 54.65 20.90
CA PHE B 898 -17.95 53.31 21.42
C PHE B 898 -18.83 53.01 22.62
N ALA B 899 -19.11 54.00 23.46
CA ALA B 899 -19.97 53.74 24.61
C ALA B 899 -21.39 53.42 24.18
N MET B 900 -21.88 54.06 23.13
CA MET B 900 -23.23 53.76 22.67
C MET B 900 -23.28 52.39 22.01
N GLN B 901 -22.20 51.98 21.34
CA GLN B 901 -22.13 50.63 20.81
C GLN B 901 -22.12 49.60 21.93
N MET B 902 -21.39 49.89 23.01
CA MET B 902 -21.40 48.99 24.15
C MET B 902 -22.77 48.93 24.80
N ALA B 903 -23.51 50.03 24.79
CA ALA B 903 -24.88 50.00 25.31
C ALA B 903 -25.78 49.14 24.44
N TYR B 904 -25.64 49.24 23.12
CA TYR B 904 -26.35 48.33 22.23
C TYR B 904 -26.04 46.88 22.56
N ARG B 905 -24.78 46.57 22.81
CA ARG B 905 -24.41 45.19 23.09
C ARG B 905 -24.91 44.74 24.45
N PHE B 906 -25.04 45.66 25.41
CA PHE B 906 -25.66 45.32 26.68
C PHE B 906 -27.15 45.03 26.50
N ASN B 907 -27.81 45.79 25.65
CA ASN B 907 -29.20 45.48 25.31
C ASN B 907 -29.32 44.08 24.74
N GLY B 908 -28.36 43.66 23.92
CA GLY B 908 -28.44 42.37 23.28
C GLY B 908 -28.41 41.18 24.19
N ILE B 909 -27.98 41.33 25.45
CA ILE B 909 -27.94 40.22 26.39
C ILE B 909 -28.99 40.35 27.48
N GLY B 910 -29.88 41.33 27.39
CA GLY B 910 -30.97 41.45 28.33
C GLY B 910 -30.70 42.36 29.50
N VAL B 911 -29.86 43.37 29.34
CA VAL B 911 -29.57 44.35 30.37
C VAL B 911 -29.82 45.73 29.79
N THR B 912 -30.48 46.58 30.55
CA THR B 912 -30.83 47.89 30.04
C THR B 912 -29.59 48.76 29.87
N GLN B 913 -29.72 49.83 29.08
CA GLN B 913 -28.56 50.63 28.75
C GLN B 913 -28.07 51.46 29.93
N ASN B 914 -28.99 51.89 30.79
CA ASN B 914 -28.56 52.70 31.91
C ASN B 914 -27.62 51.94 32.83
N VAL B 915 -27.65 50.61 32.78
CA VAL B 915 -26.70 49.82 33.56
C VAL B 915 -25.28 50.05 33.05
N LEU B 916 -25.14 50.23 31.72
CA LEU B 916 -23.84 50.58 31.18
C LEU B 916 -23.48 52.02 31.48
N TYR B 917 -24.39 52.93 31.15
CA TYR B 917 -24.06 54.35 31.25
C TYR B 917 -23.79 54.77 32.67
N GLU B 918 -24.37 54.10 33.66
CA GLU B 918 -24.15 54.48 35.04
C GLU B 918 -22.93 53.80 35.64
N ASN B 919 -22.41 52.76 34.99
CA ASN B 919 -21.22 52.05 35.46
C ASN B 919 -20.10 52.10 34.44
N GLN B 920 -19.95 53.19 33.70
CA GLN B 920 -19.05 53.18 32.55
C GLN B 920 -17.60 53.08 32.98
N LYS B 921 -17.21 53.81 34.02
CA LYS B 921 -15.82 53.78 34.45
C LYS B 921 -15.44 52.42 35.01
N LEU B 922 -16.32 51.81 35.79
CA LEU B 922 -16.05 50.48 36.33
C LEU B 922 -15.88 49.46 35.21
N ILE B 923 -16.72 49.55 34.18
CA ILE B 923 -16.65 48.59 33.08
C ILE B 923 -15.37 48.80 32.28
N ALA B 924 -15.00 50.05 32.01
CA ALA B 924 -13.76 50.31 31.30
C ALA B 924 -12.56 49.81 32.08
N ASN B 925 -12.57 49.99 33.40
CA ASN B 925 -11.45 49.52 34.21
C ASN B 925 -11.37 48.01 34.22
N GLN B 926 -12.52 47.34 34.31
CA GLN B 926 -12.50 45.88 34.29
C GLN B 926 -11.99 45.35 32.95
N PHE B 927 -12.39 45.99 31.86
CA PHE B 927 -11.89 45.58 30.55
C PHE B 927 -10.39 45.76 30.44
N ASN B 928 -9.89 46.93 30.86
CA ASN B 928 -8.46 47.18 30.77
C ASN B 928 -7.67 46.20 31.63
N SER B 929 -8.17 45.89 32.83
CA SER B 929 -7.49 44.93 33.68
C SER B 929 -7.48 43.54 33.06
N ALA B 930 -8.58 43.14 32.43
CA ALA B 930 -8.63 41.81 31.82
C ALA B 930 -7.66 41.70 30.65
N ILE B 931 -7.55 42.76 29.85
CA ILE B 931 -6.59 42.73 28.75
C ILE B 931 -5.16 42.67 29.28
N GLY B 932 -4.87 43.44 30.33
CA GLY B 932 -3.56 43.35 30.95
C GLY B 932 -3.26 41.94 31.46
N LYS B 933 -4.26 41.28 32.00
CA LYS B 933 -4.08 39.91 32.49
C LYS B 933 -3.68 38.96 31.37
N ILE B 934 -4.24 39.16 30.18
CA ILE B 934 -3.94 38.32 29.03
C ILE B 934 -2.46 38.44 28.68
N GLN B 935 -2.05 39.65 28.32
CA GLN B 935 -0.66 39.90 27.97
C GLN B 935 0.24 39.28 29.03
N ASP B 936 -0.05 39.60 30.28
CA ASP B 936 0.71 39.07 31.41
C ASP B 936 0.88 37.56 31.23
N SER B 937 -0.22 36.84 31.44
CA SER B 937 -0.24 35.38 31.32
C SER B 937 0.59 34.88 30.15
N LEU B 938 0.38 35.46 28.97
CA LEU B 938 1.11 35.05 27.79
C LEU B 938 2.61 35.22 28.00
N SER B 939 3.07 36.48 27.98
CA SER B 939 4.48 36.78 28.16
C SER B 939 5.10 35.97 29.29
N SER B 940 4.25 35.45 30.17
CA SER B 940 4.72 34.65 31.29
C SER B 940 4.94 33.22 30.82
N THR B 941 3.86 32.44 30.76
CA THR B 941 3.92 31.05 30.34
C THR B 941 2.66 30.29 30.74
N ALA B 944 0.21 28.22 26.87
CA ALA B 944 1.02 28.22 25.66
C ALA B 944 0.16 27.93 24.44
N LEU B 945 0.77 27.99 23.26
CA LEU B 945 0.08 27.70 22.02
C LEU B 945 0.40 26.29 21.56
N GLY B 946 -0.03 25.30 22.34
CA GLY B 946 0.29 23.93 22.02
C GLY B 946 -0.38 23.46 20.74
N LYS B 947 -1.61 23.90 20.50
CA LYS B 947 -2.36 23.43 19.34
C LYS B 947 -1.75 23.94 18.04
N LEU B 948 -1.06 25.07 18.09
CA LEU B 948 -0.39 25.59 16.91
C LEU B 948 1.01 25.02 16.73
N GLN B 949 1.65 24.59 17.81
CA GLN B 949 2.97 23.98 17.71
C GLN B 949 2.88 22.52 17.29
N ASP B 950 1.79 21.85 17.63
CA ASP B 950 1.64 20.46 17.22
C ASP B 950 1.59 20.31 15.71
N VAL B 951 1.03 21.29 15.00
CA VAL B 951 0.98 21.20 13.54
C VAL B 951 2.39 21.23 12.95
N VAL B 952 3.19 22.19 13.39
CA VAL B 952 4.57 22.29 12.93
C VAL B 952 5.34 21.02 13.27
N ASN B 953 5.18 20.54 14.50
CA ASN B 953 5.89 19.33 14.92
C ASN B 953 5.50 18.13 14.06
N GLN B 954 4.22 17.98 13.78
CA GLN B 954 3.77 16.83 13.01
C GLN B 954 4.31 16.87 11.58
N ASN B 955 4.28 18.04 10.94
CA ASN B 955 4.79 18.10 9.58
C ASN B 955 6.29 17.83 9.54
N ALA B 956 7.04 18.41 10.48
CA ALA B 956 8.48 18.16 10.50
C ALA B 956 8.78 16.70 10.75
N GLN B 957 8.06 16.06 11.67
CA GLN B 957 8.31 14.67 11.95
C GLN B 957 7.98 13.79 10.76
N ALA B 958 6.93 14.12 10.02
CA ALA B 958 6.61 13.33 8.83
C ALA B 958 7.73 13.41 7.79
N LEU B 959 8.24 14.62 7.54
CA LEU B 959 9.31 14.73 6.56
C LEU B 959 10.57 14.00 7.01
N ASN B 960 10.91 14.10 8.30
CA ASN B 960 12.11 13.43 8.76
C ASN B 960 11.95 11.92 8.75
N THR B 961 10.75 11.41 9.01
CA THR B 961 10.52 9.98 8.90
C THR B 961 10.69 9.52 7.46
N LEU B 962 10.21 10.31 6.51
CA LEU B 962 10.48 10.00 5.11
C LEU B 962 11.97 9.87 4.85
N VAL B 963 12.75 10.79 5.39
CA VAL B 963 14.18 10.76 5.11
C VAL B 963 14.84 9.52 5.72
N LYS B 964 14.52 9.19 6.97
CA LYS B 964 15.15 8.01 7.55
C LYS B 964 14.65 6.72 6.92
N GLN B 965 13.48 6.72 6.32
CA GLN B 965 13.07 5.45 5.70
C GLN B 965 13.83 5.13 4.47
N LEU B 966 14.88 5.85 4.10
CA LEU B 966 15.73 5.51 2.98
C LEU B 966 16.84 4.54 3.37
N SER B 967 16.78 4.00 4.58
CA SER B 967 17.78 3.06 5.08
C SER B 967 17.23 1.65 5.15
N SER B 968 16.10 1.40 4.52
CA SER B 968 15.48 0.09 4.56
C SER B 968 15.87 -0.69 3.31
N ASN B 969 16.13 -1.98 3.50
CA ASN B 969 16.48 -2.84 2.39
C ASN B 969 15.25 -3.28 1.61
N PHE B 970 14.11 -3.40 2.29
CA PHE B 970 12.88 -3.91 1.70
C PHE B 970 13.06 -5.31 1.13
N GLY B 971 14.01 -6.07 1.65
CA GLY B 971 14.27 -7.41 1.16
C GLY B 971 15.34 -7.50 0.10
N ALA B 972 16.08 -6.43 -0.13
CA ALA B 972 17.18 -6.44 -1.08
C ALA B 972 18.47 -6.72 -0.34
N ILE B 973 19.60 -6.72 -1.06
CA ILE B 973 20.89 -7.01 -0.43
C ILE B 973 21.48 -5.80 0.25
N SER B 974 21.07 -4.59 -0.12
CA SER B 974 21.57 -3.37 0.49
C SER B 974 20.54 -2.28 0.22
N SER B 975 20.70 -1.15 0.88
CA SER B 975 19.81 -0.02 0.72
C SER B 975 20.44 1.10 -0.08
N VAL B 976 21.62 0.89 -0.66
CA VAL B 976 22.32 1.88 -1.46
C VAL B 976 22.31 1.42 -2.89
N LEU B 977 21.92 2.31 -3.81
CA LEU B 977 21.90 1.93 -5.21
C LEU B 977 23.30 1.76 -5.76
N ASN B 978 24.29 2.41 -5.15
CA ASN B 978 25.64 2.34 -5.70
C ASN B 978 26.38 1.09 -5.25
N ASP B 979 25.95 0.46 -4.16
CA ASP B 979 26.49 -0.85 -3.80
C ASP B 979 25.86 -1.95 -4.64
N ILE B 980 24.64 -1.74 -5.11
CA ILE B 980 24.05 -2.74 -5.99
C ILE B 980 24.58 -2.59 -7.40
N LEU B 981 24.64 -1.37 -7.92
CA LEU B 981 25.01 -1.16 -9.31
C LEU B 981 26.48 -1.45 -9.54
N SER B 982 27.27 -1.41 -8.48
CA SER B 982 28.66 -1.86 -8.51
C SER B 982 28.79 -3.10 -7.66
N ARG B 983 29.35 -4.17 -8.23
CA ARG B 983 29.28 -5.58 -7.80
C ARG B 983 28.10 -6.37 -8.37
N LEU B 984 27.24 -5.76 -9.18
CA LEU B 984 26.20 -6.53 -9.86
C LEU B 984 25.97 -5.96 -11.24
N ASP B 985 25.66 -6.84 -12.19
CA ASP B 985 25.47 -6.45 -13.58
C ASP B 985 23.98 -6.30 -13.88
N PRO B 986 23.64 -5.59 -14.96
CA PRO B 986 22.27 -5.06 -15.11
C PRO B 986 21.17 -6.07 -14.83
N PRO B 987 21.11 -7.20 -15.54
CA PRO B 987 19.91 -8.04 -15.45
C PRO B 987 19.65 -8.60 -14.07
N GLU B 988 20.70 -8.80 -13.27
CA GLU B 988 20.52 -9.36 -11.95
C GLU B 988 20.66 -8.31 -10.86
N ALA B 989 21.01 -7.07 -11.21
CA ALA B 989 20.82 -5.94 -10.32
C ALA B 989 19.41 -5.37 -10.41
N GLU B 990 18.73 -5.63 -11.51
CA GLU B 990 17.38 -5.12 -11.70
C GLU B 990 16.41 -5.67 -10.67
N VAL B 991 16.63 -6.89 -10.20
CA VAL B 991 15.72 -7.45 -9.18
C VAL B 991 15.83 -6.66 -7.89
N GLN B 992 17.06 -6.38 -7.46
CA GLN B 992 17.26 -5.60 -6.25
C GLN B 992 16.74 -4.18 -6.41
N ILE B 993 17.01 -3.56 -7.54
CA ILE B 993 16.53 -2.20 -7.75
C ILE B 993 15.01 -2.18 -7.78
N ASP B 994 14.38 -3.24 -8.28
CA ASP B 994 12.93 -3.32 -8.26
C ASP B 994 12.40 -3.39 -6.83
N ARG B 995 13.05 -4.18 -5.98
CA ARG B 995 12.63 -4.22 -4.59
C ARG B 995 12.72 -2.84 -3.95
N LEU B 996 13.84 -2.15 -4.16
CA LEU B 996 13.99 -0.83 -3.58
C LEU B 996 12.95 0.14 -4.11
N ILE B 997 12.67 0.09 -5.41
CA ILE B 997 11.70 0.99 -6.01
C ILE B 997 10.34 0.78 -5.40
N THR B 998 9.91 -0.48 -5.27
CA THR B 998 8.61 -0.76 -4.68
C THR B 998 8.52 -0.24 -3.26
N GLY B 999 9.54 -0.52 -2.44
CA GLY B 999 9.51 -0.05 -1.08
C GLY B 999 9.40 1.46 -0.98
N ARG B 1000 10.24 2.19 -1.72
CA ARG B 1000 10.24 3.64 -1.61
C ARG B 1000 8.96 4.25 -2.17
N LEU B 1001 8.39 3.66 -3.21
CA LEU B 1001 7.11 4.13 -3.70
C LEU B 1001 6.03 4.00 -2.64
N GLN B 1002 5.99 2.87 -1.93
CA GLN B 1002 4.95 2.73 -0.92
C GLN B 1002 5.19 3.67 0.26
N SER B 1003 6.46 3.99 0.55
CA SER B 1003 6.75 5.00 1.56
C SER B 1003 6.14 6.36 1.18
N LEU B 1004 6.38 6.79 -0.06
CA LEU B 1004 5.79 8.03 -0.53
C LEU B 1004 4.28 7.99 -0.47
N GLN B 1005 3.68 6.85 -0.82
CA GLN B 1005 2.23 6.72 -0.81
C GLN B 1005 1.68 6.89 0.60
N THR B 1006 2.32 6.26 1.58
CA THR B 1006 1.87 6.40 2.96
C THR B 1006 1.94 7.84 3.40
N TYR B 1007 3.04 8.53 3.08
CA TYR B 1007 3.15 9.94 3.44
C TYR B 1007 2.00 10.75 2.87
N VAL B 1008 1.72 10.57 1.58
CA VAL B 1008 0.70 11.40 0.94
C VAL B 1008 -0.67 11.11 1.53
N THR B 1009 -0.96 9.85 1.83
CA THR B 1009 -2.26 9.53 2.42
C THR B 1009 -2.43 10.19 3.77
N GLN B 1010 -1.44 10.10 4.64
CA GLN B 1010 -1.58 10.71 5.94
C GLN B 1010 -1.64 12.23 5.84
N GLN B 1011 -0.97 12.81 4.85
CA GLN B 1011 -1.08 14.25 4.65
C GLN B 1011 -2.49 14.64 4.25
N LEU B 1012 -3.14 13.83 3.39
CA LEU B 1012 -4.51 14.13 3.01
C LEU B 1012 -5.44 14.08 4.21
N ILE B 1013 -5.26 13.07 5.07
CA ILE B 1013 -6.12 12.98 6.24
C ILE B 1013 -5.92 14.18 7.16
N ARG B 1014 -4.66 14.57 7.39
CA ARG B 1014 -4.41 15.74 8.24
C ARG B 1014 -4.96 17.01 7.62
N ALA B 1015 -4.90 17.13 6.29
CA ALA B 1015 -5.42 18.33 5.65
C ALA B 1015 -6.93 18.43 5.79
N ALA B 1016 -7.62 17.29 5.79
CA ALA B 1016 -9.05 17.33 6.05
C ALA B 1016 -9.35 17.89 7.44
N GLU B 1017 -8.59 17.47 8.43
CA GLU B 1017 -8.80 17.98 9.78
C GLU B 1017 -8.51 19.48 9.88
N ILE B 1018 -7.42 19.93 9.25
CA ILE B 1018 -7.12 21.36 9.27
C ILE B 1018 -8.19 22.14 8.52
N ARG B 1019 -8.77 21.56 7.48
CA ARG B 1019 -9.85 22.21 6.76
C ARG B 1019 -11.06 22.42 7.65
N ALA B 1020 -11.42 21.40 8.43
CA ALA B 1020 -12.52 21.57 9.37
C ALA B 1020 -12.22 22.67 10.39
N SER B 1021 -10.99 22.70 10.90
CA SER B 1021 -10.64 23.74 11.87
C SER B 1021 -10.71 25.13 11.25
N ALA B 1022 -10.26 25.29 10.01
CA ALA B 1022 -10.32 26.58 9.36
C ALA B 1022 -11.75 27.01 9.06
N ASN B 1023 -12.63 26.06 8.74
CA ASN B 1023 -14.03 26.41 8.56
C ASN B 1023 -14.65 26.90 9.85
N LEU B 1024 -14.32 26.23 10.96
CA LEU B 1024 -14.80 26.71 12.25
C LEU B 1024 -14.28 28.11 12.56
N ALA B 1025 -13.01 28.37 12.23
CA ALA B 1025 -12.46 29.69 12.50
C ALA B 1025 -13.12 30.75 11.65
N ALA B 1026 -13.46 30.44 10.40
CA ALA B 1026 -14.16 31.41 9.57
C ALA B 1026 -15.55 31.70 10.10
N THR B 1027 -16.25 30.67 10.55
CA THR B 1027 -17.56 30.89 11.17
C THR B 1027 -17.46 31.75 12.41
N LYS B 1028 -16.45 31.50 13.25
CA LYS B 1028 -16.28 32.31 14.45
C LYS B 1028 -15.93 33.74 14.09
N MET B 1029 -15.18 33.94 13.02
CA MET B 1029 -14.85 35.30 12.61
C MET B 1029 -16.10 36.04 12.15
N SER B 1030 -16.98 35.39 11.42
CA SER B 1030 -18.16 36.10 10.95
C SER B 1030 -19.19 36.30 12.04
N GLU B 1031 -19.28 35.39 13.00
CA GLU B 1031 -20.37 35.43 13.96
C GLU B 1031 -20.00 36.03 15.30
N CYS B 1032 -18.75 35.96 15.71
CA CYS B 1032 -18.35 36.57 16.98
C CYS B 1032 -17.67 37.91 16.80
N VAL B 1033 -16.93 38.12 15.73
CA VAL B 1033 -16.21 39.37 15.51
C VAL B 1033 -17.05 40.36 14.72
N LEU B 1034 -17.74 39.91 13.69
CA LEU B 1034 -18.55 40.78 12.85
C LEU B 1034 -19.98 40.91 13.35
N GLY B 1035 -20.28 40.37 14.53
CA GLY B 1035 -21.60 40.47 15.09
C GLY B 1035 -21.58 40.13 16.56
N GLN B 1036 -22.76 39.89 17.11
CA GLN B 1036 -22.91 39.44 18.48
C GLN B 1036 -23.73 38.17 18.49
N SER B 1037 -23.23 37.14 19.16
CA SER B 1037 -23.79 35.81 19.06
C SER B 1037 -24.69 35.50 20.25
N LYS B 1038 -25.80 34.84 19.98
CA LYS B 1038 -26.69 34.33 21.02
C LYS B 1038 -26.46 32.85 21.30
N ARG B 1039 -25.58 32.21 20.54
CA ARG B 1039 -25.28 30.80 20.74
C ARG B 1039 -24.45 30.62 21.99
N VAL B 1040 -24.87 29.72 22.85
CA VAL B 1040 -24.24 29.53 24.15
C VAL B 1040 -22.88 28.89 23.98
N ASP B 1041 -21.87 29.46 24.64
CA ASP B 1041 -20.51 28.94 24.66
C ASP B 1041 -19.87 28.89 23.29
N PHE B 1042 -20.40 29.63 22.33
CA PHE B 1042 -19.77 29.66 21.01
C PHE B 1042 -18.64 30.67 20.97
N CYS B 1043 -18.80 31.79 21.66
CA CYS B 1043 -17.80 32.86 21.68
C CYS B 1043 -17.39 33.13 23.12
N GLY B 1044 -17.07 32.08 23.86
CA GLY B 1044 -16.59 32.21 25.21
C GLY B 1044 -17.63 31.79 26.23
N LYS B 1045 -17.22 31.82 27.49
CA LYS B 1045 -18.09 31.47 28.61
C LYS B 1045 -18.68 32.73 29.20
N GLY B 1046 -20.00 32.78 29.28
CA GLY B 1046 -20.72 33.96 29.68
C GLY B 1046 -21.64 34.44 28.58
N TYR B 1047 -22.10 35.68 28.73
CA TYR B 1047 -22.90 36.29 27.69
C TYR B 1047 -21.98 37.10 26.78
N HIS B 1048 -21.95 36.73 25.51
CA HIS B 1048 -20.99 37.31 24.59
C HIS B 1048 -21.28 38.79 24.36
N LEU B 1049 -20.26 39.63 24.55
CA LEU B 1049 -20.35 41.04 24.22
C LEU B 1049 -19.63 41.35 22.91
N MET B 1050 -18.36 41.00 22.79
CA MET B 1050 -17.65 41.25 21.53
C MET B 1050 -16.44 40.34 21.44
N SER B 1051 -15.69 40.47 20.35
CA SER B 1051 -14.52 39.65 20.12
C SER B 1051 -13.52 40.40 19.26
N PHE B 1052 -12.24 40.10 19.46
CA PHE B 1052 -11.16 40.71 18.70
C PHE B 1052 -10.25 39.63 18.16
N PRO B 1053 -9.88 39.68 16.89
CA PRO B 1053 -8.95 38.70 16.33
C PRO B 1053 -7.49 39.15 16.40
N GLN B 1054 -6.61 38.17 16.57
CA GLN B 1054 -5.17 38.37 16.49
C GLN B 1054 -4.60 37.24 15.66
N SER B 1055 -3.60 37.54 14.86
CA SER B 1055 -3.00 36.52 14.01
C SER B 1055 -1.86 35.83 14.75
N ALA B 1056 -1.68 34.54 14.49
CA ALA B 1056 -0.64 33.75 15.10
C ALA B 1056 -0.04 32.87 14.03
N PRO B 1057 1.17 32.33 14.24
CA PRO B 1057 1.78 31.46 13.23
C PRO B 1057 0.89 30.28 12.88
N HIS B 1058 0.41 30.25 11.64
CA HIS B 1058 -0.47 29.20 11.14
C HIS B 1058 -1.81 29.16 11.83
N GLY B 1059 -2.27 30.26 12.41
CA GLY B 1059 -3.54 30.19 13.09
C GLY B 1059 -4.05 31.54 13.52
N VAL B 1060 -5.14 31.51 14.28
CA VAL B 1060 -5.79 32.71 14.75
C VAL B 1060 -6.10 32.57 16.22
N VAL B 1061 -6.10 33.69 16.93
CA VAL B 1061 -6.46 33.76 18.33
C VAL B 1061 -7.63 34.74 18.46
N PHE B 1062 -8.66 34.34 19.18
CA PHE B 1062 -9.79 35.21 19.45
C PHE B 1062 -9.78 35.62 20.90
N LEU B 1063 -9.94 36.91 21.15
CA LEU B 1063 -10.15 37.43 22.50
C LEU B 1063 -11.65 37.72 22.62
N HIS B 1064 -12.33 36.92 23.41
CA HIS B 1064 -13.77 37.01 23.61
C HIS B 1064 -14.04 37.80 24.87
N VAL B 1065 -14.76 38.91 24.73
CA VAL B 1065 -15.20 39.72 25.85
C VAL B 1065 -16.65 39.35 26.16
N THR B 1066 -16.87 38.85 27.37
CA THR B 1066 -18.17 38.37 27.81
C THR B 1066 -18.53 38.99 29.15
N TYR B 1067 -19.81 38.89 29.49
CA TYR B 1067 -20.41 39.47 30.68
C TYR B 1067 -20.80 38.34 31.63
N VAL B 1068 -20.27 38.38 32.85
CA VAL B 1068 -20.48 37.31 33.82
C VAL B 1068 -21.16 37.89 35.05
N PRO B 1069 -22.36 37.45 35.42
CA PRO B 1069 -23.01 37.99 36.62
C PRO B 1069 -22.27 37.62 37.88
N ALA B 1070 -22.48 38.39 38.94
CA ALA B 1070 -21.74 38.19 40.17
C ALA B 1070 -22.51 38.76 41.35
N GLN B 1071 -22.19 38.25 42.54
CA GLN B 1071 -22.75 38.71 43.79
C GLN B 1071 -24.27 38.60 43.81
N GLU B 1072 -24.78 37.37 43.68
CA GLU B 1072 -26.20 37.16 43.65
C GLU B 1072 -26.79 37.27 45.05
N LYS B 1073 -28.12 37.39 45.10
CA LYS B 1073 -28.82 37.56 46.35
C LYS B 1073 -30.16 36.85 46.27
N ASN B 1074 -30.61 36.36 47.42
CA ASN B 1074 -31.85 35.59 47.51
C ASN B 1074 -33.06 36.51 47.66
N PHE B 1075 -34.15 36.13 47.02
CA PHE B 1075 -35.40 36.86 47.13
C PHE B 1075 -36.55 35.87 47.08
N THR B 1076 -37.67 36.28 47.64
CA THR B 1076 -38.93 35.59 47.44
C THR B 1076 -39.57 36.10 46.15
N THR B 1077 -40.26 35.22 45.45
CA THR B 1077 -40.79 35.54 44.14
C THR B 1077 -42.21 35.02 44.01
N ALA B 1078 -42.89 35.45 42.95
CA ALA B 1078 -44.26 35.05 42.70
C ALA B 1078 -44.52 35.13 41.21
N PRO B 1079 -45.39 34.28 40.68
CA PRO B 1079 -45.67 34.34 39.24
C PRO B 1079 -46.55 35.51 38.84
N ALA B 1080 -47.51 35.91 39.68
CA ALA B 1080 -48.42 36.98 39.33
C ALA B 1080 -48.83 37.71 40.60
N ILE B 1081 -49.43 38.88 40.40
CA ILE B 1081 -49.92 39.73 41.48
C ILE B 1081 -51.41 39.93 41.29
N CYS B 1082 -52.17 39.80 42.37
CA CYS B 1082 -53.62 39.95 42.33
C CYS B 1082 -53.99 41.27 43.00
N HIS B 1083 -54.64 42.16 42.26
CA HIS B 1083 -54.98 43.48 42.81
C HIS B 1083 -56.48 43.71 42.96
N ASP B 1084 -57.24 43.60 41.88
CA ASP B 1084 -58.68 43.84 41.94
C ASP B 1084 -59.45 42.66 41.35
N GLY B 1085 -59.10 41.44 41.77
CA GLY B 1085 -59.68 40.28 41.15
C GLY B 1085 -59.13 40.09 39.76
N LYS B 1086 -57.98 40.69 39.49
CA LYS B 1086 -57.30 40.56 38.22
C LYS B 1086 -55.86 40.15 38.48
N ALA B 1087 -55.30 39.40 37.55
CA ALA B 1087 -53.93 38.90 37.65
C ALA B 1087 -53.02 39.76 36.79
N HIS B 1088 -51.91 40.21 37.37
CA HIS B 1088 -50.97 41.07 36.68
C HIS B 1088 -49.64 40.35 36.51
N PHE B 1089 -49.14 40.32 35.28
CA PHE B 1089 -47.87 39.68 34.99
C PHE B 1089 -46.86 40.73 34.58
N PRO B 1090 -45.58 40.55 34.89
CA PRO B 1090 -44.59 41.55 34.53
C PRO B 1090 -44.36 41.58 33.03
N ARG B 1091 -44.00 42.75 32.51
CA ARG B 1091 -43.79 42.87 31.08
C ARG B 1091 -42.45 42.30 30.67
N GLU B 1092 -41.36 42.79 31.27
CA GLU B 1092 -40.04 42.28 30.93
C GLU B 1092 -39.20 42.06 32.17
N GLY B 1093 -39.77 41.49 33.21
CA GLY B 1093 -39.06 41.34 34.45
C GLY B 1093 -39.55 40.19 35.26
N VAL B 1094 -39.37 40.31 36.56
CA VAL B 1094 -39.77 39.28 37.52
C VAL B 1094 -40.14 39.98 38.81
N PHE B 1095 -41.14 39.44 39.50
CA PHE B 1095 -41.59 39.98 40.78
C PHE B 1095 -40.73 39.43 41.91
N VAL B 1096 -40.15 40.33 42.70
CA VAL B 1096 -39.35 39.94 43.84
C VAL B 1096 -39.88 40.65 45.09
N SER B 1097 -39.39 40.23 46.25
CA SER B 1097 -39.80 40.82 47.51
C SER B 1097 -38.62 40.83 48.47
N ASN B 1098 -38.33 42.01 49.02
CA ASN B 1098 -37.22 42.13 49.97
C ASN B 1098 -37.58 41.61 51.34
N GLY B 1099 -38.73 40.96 51.48
CA GLY B 1099 -39.20 40.44 52.74
C GLY B 1099 -40.54 41.00 53.14
N THR B 1100 -40.77 42.28 52.87
CA THR B 1100 -42.02 42.94 53.20
C THR B 1100 -42.70 43.63 52.02
N HIS B 1101 -41.94 44.23 51.11
CA HIS B 1101 -42.50 44.93 49.96
C HIS B 1101 -42.20 44.17 48.69
N TRP B 1102 -43.00 44.41 47.67
CA TRP B 1102 -42.88 43.74 46.38
C TRP B 1102 -42.42 44.72 45.32
N PHE B 1103 -41.46 44.30 44.51
CA PHE B 1103 -40.95 45.10 43.40
C PHE B 1103 -40.93 44.24 42.15
N VAL B 1104 -40.69 44.88 41.01
CA VAL B 1104 -40.45 44.19 39.75
C VAL B 1104 -39.08 44.61 39.25
N THR B 1105 -38.26 43.63 38.88
CA THR B 1105 -36.90 43.90 38.45
C THR B 1105 -36.66 43.22 37.11
N GLN B 1106 -35.49 43.48 36.53
CA GLN B 1106 -35.04 42.76 35.35
C GLN B 1106 -34.27 41.52 35.79
N ARG B 1107 -34.23 40.53 34.92
CA ARG B 1107 -33.81 39.21 35.35
C ARG B 1107 -32.32 39.10 35.60
N ASN B 1108 -31.51 39.90 34.90
CA ASN B 1108 -30.06 39.71 34.92
C ASN B 1108 -29.32 40.72 35.78
N PHE B 1109 -30.03 41.63 36.44
CA PHE B 1109 -29.40 42.66 37.24
C PHE B 1109 -30.44 43.20 38.20
N TYR B 1110 -30.10 43.23 39.48
CA TYR B 1110 -31.07 43.63 40.50
C TYR B 1110 -31.25 45.14 40.45
N GLU B 1111 -32.42 45.58 40.02
CA GLU B 1111 -32.76 47.00 39.95
C GLU B 1111 -34.24 47.15 40.25
N PRO B 1112 -34.61 47.16 41.51
CA PRO B 1112 -36.04 47.05 41.87
C PRO B 1112 -36.80 48.31 41.58
N GLN B 1113 -38.06 48.14 41.19
CA GLN B 1113 -38.93 49.25 40.86
C GLN B 1113 -40.33 48.97 41.39
N ILE B 1114 -41.10 50.03 41.54
CA ILE B 1114 -42.45 49.93 42.06
C ILE B 1114 -43.36 49.34 41.00
N ILE B 1115 -44.23 48.42 41.40
CA ILE B 1115 -45.15 47.78 40.47
C ILE B 1115 -46.25 48.77 40.10
N THR B 1116 -46.32 49.12 38.82
CA THR B 1116 -47.35 50.02 38.33
C THR B 1116 -48.11 49.35 37.20
N THR B 1117 -48.98 50.08 36.52
CA THR B 1117 -49.69 49.57 35.37
C THR B 1117 -48.89 49.73 34.08
N ASP B 1118 -47.69 50.32 34.16
CA ASP B 1118 -46.79 50.41 33.02
C ASP B 1118 -45.72 49.34 33.06
N ASN B 1119 -45.55 48.68 34.19
CA ASN B 1119 -44.62 47.56 34.33
C ASN B 1119 -45.27 46.23 34.02
N THR B 1120 -46.59 46.13 34.15
CA THR B 1120 -47.30 44.86 34.13
C THR B 1120 -48.35 44.89 33.03
N PHE B 1121 -48.98 43.75 32.83
CA PHE B 1121 -50.17 43.66 31.99
C PHE B 1121 -51.15 42.70 32.64
N VAL B 1122 -52.41 42.87 32.33
CA VAL B 1122 -53.48 42.13 32.97
C VAL B 1122 -53.96 41.02 32.06
N SER B 1123 -54.31 39.89 32.66
CA SER B 1123 -54.90 38.79 31.89
C SER B 1123 -55.64 37.89 32.87
N GLY B 1124 -56.96 37.85 32.76
CA GLY B 1124 -57.75 36.92 33.55
C GLY B 1124 -57.99 37.41 34.97
N ASN B 1125 -58.50 36.49 35.78
CA ASN B 1125 -58.78 36.75 37.18
C ASN B 1125 -57.84 35.92 38.06
N CYS B 1126 -58.06 35.98 39.36
CA CYS B 1126 -57.11 35.46 40.33
C CYS B 1126 -57.38 34.04 40.76
N ASP B 1127 -57.98 33.22 39.90
CA ASP B 1127 -58.39 31.88 40.30
C ASP B 1127 -57.61 30.76 39.64
N VAL B 1128 -56.77 31.05 38.65
CA VAL B 1128 -56.12 30.00 37.88
C VAL B 1128 -54.62 29.90 38.17
N VAL B 1129 -53.94 31.01 38.34
CA VAL B 1129 -52.51 30.98 38.59
C VAL B 1129 -52.26 30.36 39.95
N ILE B 1130 -51.18 29.57 40.06
CA ILE B 1130 -50.98 28.74 41.23
C ILE B 1130 -50.44 29.52 42.42
N GLY B 1131 -49.32 30.21 42.24
CA GLY B 1131 -48.72 30.89 43.37
C GLY B 1131 -48.95 32.38 43.41
N ILE B 1132 -50.13 32.81 42.97
CA ILE B 1132 -50.45 34.23 42.91
C ILE B 1132 -50.49 34.80 44.32
N VAL B 1133 -50.07 36.06 44.47
CA VAL B 1133 -50.07 36.73 45.76
C VAL B 1133 -50.81 38.05 45.65
N ASN B 1134 -51.23 38.56 46.79
CA ASN B 1134 -52.01 39.79 46.89
C ASN B 1134 -51.07 40.97 47.11
N ASN B 1135 -51.21 42.00 46.30
CA ASN B 1135 -50.45 43.22 46.49
C ASN B 1135 -51.12 44.32 45.68
N THR B 1136 -50.62 45.55 45.87
CA THR B 1136 -51.20 46.74 45.24
C THR B 1136 -50.42 47.07 43.98
N VAL B 1137 -51.14 47.49 42.94
CA VAL B 1137 -50.57 47.90 41.67
C VAL B 1137 -50.87 49.38 41.49
N TYR B 1138 -49.86 50.21 41.61
CA TYR B 1138 -50.03 51.66 41.65
C TYR B 1138 -50.35 52.20 40.25
N ASP B 1139 -51.48 52.88 40.14
CA ASP B 1139 -51.88 53.52 38.88
C ASP B 1139 -51.38 54.95 38.86
N PRO B 1140 -50.53 55.33 37.92
CA PRO B 1140 -49.96 56.69 37.91
C PRO B 1140 -50.81 57.72 37.20
N LEU B 1141 -52.13 57.71 37.39
CA LEU B 1141 -52.97 58.70 36.73
C LEU B 1141 -53.87 59.43 37.72
N GLN B 1142 -54.41 58.69 38.67
CA GLN B 1142 -55.30 59.26 39.69
C GLN B 1142 -54.61 60.43 40.38
N PRO B 1143 -53.37 60.22 40.80
CA PRO B 1143 -52.61 61.28 41.45
C PRO B 1143 -52.63 62.54 40.59
N GLU B 1144 -52.70 62.34 39.28
CA GLU B 1144 -52.74 63.44 38.32
C GLU B 1144 -54.15 64.02 38.28
N LEU B 1145 -55.06 63.41 39.04
CA LEU B 1145 -56.44 63.85 39.09
C LEU B 1145 -56.86 64.10 40.53
N ASP B 1146 -55.87 64.19 41.41
CA ASP B 1146 -56.12 64.43 42.84
C ASP B 1146 -55.17 65.50 43.40
N GLN C 14 -14.73 -68.69 -22.23
CA GLN C 14 -15.90 -68.28 -21.44
C GLN C 14 -16.24 -66.82 -21.65
N CYS C 15 -16.96 -66.51 -22.73
CA CYS C 15 -17.33 -65.13 -22.94
C CYS C 15 -18.51 -65.06 -23.90
N VAL C 16 -19.64 -64.58 -23.42
CA VAL C 16 -20.91 -64.69 -24.13
C VAL C 16 -21.48 -63.31 -24.42
N ASN C 17 -22.34 -63.26 -25.42
CA ASN C 17 -23.06 -62.05 -25.81
C ASN C 17 -24.47 -62.38 -25.37
N LEU C 18 -24.99 -61.64 -24.39
CA LEU C 18 -26.30 -61.95 -23.83
C LEU C 18 -27.41 -61.46 -24.74
N THR C 19 -28.60 -62.01 -24.52
CA THR C 19 -29.79 -61.65 -25.27
C THR C 19 -30.99 -61.61 -24.33
N THR C 20 -32.19 -61.60 -24.90
CA THR C 20 -33.45 -61.48 -24.18
C THR C 20 -33.51 -60.18 -23.38
N ARG C 21 -33.12 -59.08 -24.02
CA ARG C 21 -33.07 -57.77 -23.38
C ARG C 21 -33.99 -56.82 -24.13
N THR C 22 -34.81 -56.09 -23.40
CA THR C 22 -35.81 -55.21 -24.00
C THR C 22 -35.21 -53.83 -24.25
N GLN C 23 -35.82 -53.11 -25.18
CA GLN C 23 -35.34 -51.79 -25.58
C GLN C 23 -36.04 -50.72 -24.76
N LEU C 24 -35.29 -49.67 -24.42
CA LEU C 24 -35.82 -48.53 -23.67
C LEU C 24 -34.91 -47.33 -23.89
N PRO C 25 -35.45 -46.12 -23.87
CA PRO C 25 -34.62 -44.92 -23.90
C PRO C 25 -34.00 -44.67 -22.54
N PRO C 26 -33.02 -43.77 -22.45
CA PRO C 26 -32.38 -43.49 -21.16
C PRO C 26 -33.28 -42.71 -20.21
N ALA C 27 -32.94 -42.78 -18.93
CA ALA C 27 -33.64 -42.09 -17.87
C ALA C 27 -32.70 -41.15 -17.14
N TYR C 28 -33.22 -40.02 -16.69
CA TYR C 28 -32.44 -39.00 -16.02
C TYR C 28 -33.05 -38.66 -14.68
N THR C 29 -32.23 -38.10 -13.80
CA THR C 29 -32.66 -37.78 -12.44
C THR C 29 -31.85 -36.57 -11.98
N ASN C 30 -32.29 -35.96 -10.89
CA ASN C 30 -31.63 -34.80 -10.33
C ASN C 30 -30.78 -35.22 -9.14
N SER C 31 -29.62 -34.59 -9.00
CA SER C 31 -28.74 -34.81 -7.86
C SER C 31 -28.94 -33.69 -6.85
N PHE C 32 -29.65 -33.96 -5.76
CA PHE C 32 -29.99 -32.94 -4.78
C PHE C 32 -28.82 -32.75 -3.81
N THR C 33 -27.85 -31.94 -4.23
CA THR C 33 -26.69 -31.61 -3.40
C THR C 33 -25.93 -32.87 -2.96
N ARG C 34 -25.67 -33.77 -3.90
CA ARG C 34 -24.94 -34.98 -3.62
C ARG C 34 -23.53 -34.88 -4.16
N GLY C 35 -22.63 -35.68 -3.58
CA GLY C 35 -21.30 -35.84 -4.13
C GLY C 35 -20.26 -34.86 -3.64
N VAL C 36 -20.15 -34.68 -2.32
CA VAL C 36 -19.15 -33.84 -1.71
C VAL C 36 -18.20 -34.73 -0.92
N TYR C 37 -16.92 -34.39 -0.95
CA TYR C 37 -15.91 -35.20 -0.28
C TYR C 37 -14.95 -34.29 0.48
N TYR C 38 -14.26 -34.87 1.43
CA TYR C 38 -13.23 -34.14 2.17
C TYR C 38 -12.07 -33.83 1.25
N PRO C 39 -11.74 -32.57 1.02
CA PRO C 39 -10.71 -32.24 0.04
C PRO C 39 -9.27 -32.29 0.55
N ASP C 40 -9.04 -32.47 1.84
CA ASP C 40 -7.68 -32.69 2.34
C ASP C 40 -7.75 -33.68 3.49
N LYS C 41 -6.63 -33.81 4.18
CA LYS C 41 -6.51 -34.67 5.36
C LYS C 41 -6.29 -33.86 6.62
N VAL C 42 -6.75 -32.61 6.64
CA VAL C 42 -6.59 -31.75 7.80
C VAL C 42 -7.91 -31.71 8.57
N PHE C 43 -7.81 -31.64 9.90
CA PHE C 43 -8.98 -31.54 10.74
C PHE C 43 -9.39 -30.09 10.90
N ARG C 44 -10.67 -29.81 10.68
CA ARG C 44 -11.23 -28.49 10.90
C ARG C 44 -12.54 -28.62 11.66
N SER C 45 -12.81 -27.65 12.52
CA SER C 45 -13.94 -27.73 13.43
C SER C 45 -14.59 -26.36 13.55
N SER C 46 -15.91 -26.32 13.43
CA SER C 46 -16.70 -25.11 13.61
C SER C 46 -16.20 -23.99 12.70
N VAL C 47 -16.33 -24.19 11.39
CA VAL C 47 -15.75 -23.27 10.43
C VAL C 47 -16.46 -23.39 9.09
N LEU C 48 -16.30 -22.38 8.25
CA LEU C 48 -16.75 -22.42 6.87
C LEU C 48 -15.53 -22.22 5.99
N HIS C 49 -15.25 -23.21 5.14
CA HIS C 49 -14.03 -23.24 4.36
C HIS C 49 -14.37 -23.21 2.88
N SER C 50 -13.72 -22.33 2.13
CA SER C 50 -13.92 -22.22 0.70
C SER C 50 -12.86 -23.02 -0.03
N THR C 51 -13.28 -23.84 -0.99
CA THR C 51 -12.41 -24.80 -1.63
C THR C 51 -12.73 -24.88 -3.11
N GLN C 52 -11.70 -24.94 -3.95
CA GLN C 52 -11.89 -25.18 -5.37
C GLN C 52 -11.37 -26.57 -5.72
N ASP C 53 -12.19 -27.35 -6.42
CA ASP C 53 -11.81 -28.69 -6.82
C ASP C 53 -12.79 -29.28 -7.83
N LEU C 54 -12.62 -30.54 -8.19
CA LEU C 54 -13.53 -31.23 -9.10
C LEU C 54 -14.70 -31.75 -8.27
N PHE C 55 -15.85 -31.12 -8.41
CA PHE C 55 -17.03 -31.48 -7.65
C PHE C 55 -18.17 -31.78 -8.61
N LEU C 56 -19.17 -32.46 -8.11
CA LEU C 56 -20.40 -32.67 -8.86
C LEU C 56 -21.34 -31.49 -8.63
N PRO C 57 -21.66 -30.70 -9.65
CA PRO C 57 -22.48 -29.52 -9.43
C PRO C 57 -23.83 -29.86 -8.82
N PHE C 58 -24.36 -28.93 -8.04
CA PHE C 58 -25.62 -29.13 -7.37
C PHE C 58 -26.76 -29.14 -8.37
N PHE C 59 -27.74 -30.00 -8.13
CA PHE C 59 -28.91 -30.15 -9.00
C PHE C 59 -28.48 -30.43 -10.44
N SER C 60 -27.65 -31.47 -10.59
CA SER C 60 -27.17 -31.89 -11.89
C SER C 60 -28.07 -32.98 -12.45
N ASN C 61 -27.99 -33.16 -13.76
CA ASN C 61 -28.75 -34.16 -14.47
C ASN C 61 -27.93 -35.45 -14.57
N VAL C 62 -28.18 -36.37 -13.66
CA VAL C 62 -27.43 -37.63 -13.66
C VAL C 62 -28.22 -38.67 -14.43
N THR C 63 -27.50 -39.66 -14.95
CA THR C 63 -28.12 -40.71 -15.73
C THR C 63 -28.42 -41.92 -14.86
N TRP C 64 -29.52 -42.60 -15.16
CA TRP C 64 -30.12 -43.62 -14.33
C TRP C 64 -30.14 -44.94 -15.07
N PHE C 65 -29.62 -46.00 -14.44
CA PHE C 65 -29.54 -47.30 -15.06
C PHE C 65 -30.13 -48.34 -14.12
N HIS C 66 -30.88 -49.30 -14.65
CA HIS C 66 -31.44 -50.29 -13.75
C HIS C 66 -31.19 -51.74 -14.15
N ALA C 67 -32.14 -52.60 -13.80
CA ALA C 67 -32.05 -54.01 -14.10
C ALA C 67 -33.07 -54.75 -13.30
N ILE C 68 -34.30 -54.74 -13.79
CA ILE C 68 -35.40 -55.43 -13.15
C ILE C 68 -35.94 -56.34 -14.23
N HIS C 69 -36.19 -57.59 -13.87
CA HIS C 69 -36.71 -58.55 -14.82
C HIS C 69 -38.13 -58.92 -14.41
N VAL C 70 -39.06 -58.78 -15.36
CA VAL C 70 -40.47 -59.11 -15.14
C VAL C 70 -41.31 -57.97 -14.56
N THR C 76 -40.35 -57.73 -18.59
CA THR C 76 -39.28 -56.78 -18.84
C THR C 76 -37.98 -57.21 -18.16
N LYS C 77 -36.90 -57.16 -18.93
CA LYS C 77 -35.55 -57.50 -18.48
C LYS C 77 -34.77 -56.23 -18.79
N ARG C 78 -33.82 -55.88 -17.93
CA ARG C 78 -33.04 -54.67 -18.16
C ARG C 78 -31.68 -54.78 -17.51
N PHE C 79 -30.69 -55.25 -18.28
CA PHE C 79 -29.35 -55.38 -17.71
C PHE C 79 -28.50 -54.25 -18.29
N ASP C 80 -28.48 -53.09 -17.65
CA ASP C 80 -27.72 -51.99 -18.22
C ASP C 80 -26.26 -52.04 -17.79
N ASN C 81 -25.36 -52.13 -18.76
CA ASN C 81 -23.95 -51.92 -18.51
C ASN C 81 -23.26 -51.42 -19.78
N PRO C 82 -23.63 -50.26 -20.31
CA PRO C 82 -22.95 -49.76 -21.50
C PRO C 82 -21.60 -49.17 -21.17
N VAL C 83 -20.86 -48.80 -22.20
CA VAL C 83 -19.57 -48.14 -22.03
C VAL C 83 -19.80 -46.64 -21.97
N LEU C 84 -19.49 -46.04 -20.83
CA LEU C 84 -19.75 -44.64 -20.58
C LEU C 84 -18.45 -43.85 -20.59
N PRO C 85 -18.50 -42.57 -20.96
CA PRO C 85 -17.31 -41.74 -20.89
C PRO C 85 -16.84 -41.54 -19.45
N PHE C 86 -15.58 -41.17 -19.33
CA PHE C 86 -14.96 -40.82 -18.05
C PHE C 86 -14.28 -39.48 -18.30
N ASN C 87 -15.03 -38.40 -18.16
CA ASN C 87 -14.57 -37.13 -18.71
C ASN C 87 -13.47 -36.51 -17.86
N ASP C 88 -13.77 -36.15 -16.63
CA ASP C 88 -12.79 -35.53 -15.74
C ASP C 88 -12.84 -36.14 -14.35
N GLY C 89 -13.63 -37.18 -14.17
CA GLY C 89 -13.94 -37.74 -12.88
C GLY C 89 -15.39 -38.16 -12.92
N VAL C 90 -15.76 -39.05 -12.02
CA VAL C 90 -17.09 -39.64 -12.06
C VAL C 90 -17.63 -39.75 -10.64
N TYR C 91 -18.86 -39.29 -10.44
CA TYR C 91 -19.65 -39.62 -9.26
C TYR C 91 -20.53 -40.80 -9.62
N PHE C 92 -20.45 -41.86 -8.83
CA PHE C 92 -21.17 -43.09 -9.09
C PHE C 92 -21.95 -43.44 -7.83
N ALA C 93 -23.24 -43.68 -7.97
CA ALA C 93 -24.07 -44.05 -6.82
C ALA C 93 -24.83 -45.33 -7.14
N SER C 94 -24.99 -46.18 -6.14
CA SER C 94 -25.65 -47.46 -6.33
C SER C 94 -26.61 -47.72 -5.19
N THR C 95 -27.88 -47.94 -5.53
CA THR C 95 -28.89 -48.35 -4.57
C THR C 95 -29.19 -49.82 -4.80
N GLU C 96 -28.96 -50.65 -3.78
CA GLU C 96 -29.19 -52.08 -3.89
C GLU C 96 -29.66 -52.67 -2.57
N LYS C 97 -30.01 -53.95 -2.65
CA LYS C 97 -30.34 -54.79 -1.50
C LYS C 97 -29.68 -56.16 -1.57
N SER C 98 -29.13 -56.55 -2.72
CA SER C 98 -28.68 -57.92 -2.92
C SER C 98 -27.35 -58.02 -3.67
N ASN C 99 -26.54 -56.96 -3.60
CA ASN C 99 -25.15 -57.00 -4.05
C ASN C 99 -25.01 -57.33 -5.53
N ILE C 100 -25.54 -56.48 -6.40
CA ILE C 100 -25.54 -56.72 -7.83
C ILE C 100 -24.37 -56.03 -8.54
N ILE C 101 -24.06 -54.79 -8.17
CA ILE C 101 -22.88 -54.13 -8.73
C ILE C 101 -21.64 -54.61 -8.00
N ARG C 102 -20.62 -55.00 -8.75
CA ARG C 102 -19.44 -55.67 -8.21
C ARG C 102 -18.14 -54.95 -8.48
N GLY C 103 -18.14 -53.95 -9.37
CA GLY C 103 -16.91 -53.25 -9.67
C GLY C 103 -16.99 -52.62 -11.05
N TRP C 104 -15.84 -52.18 -11.53
CA TRP C 104 -15.76 -51.46 -12.78
C TRP C 104 -14.49 -51.83 -13.52
N ILE C 105 -14.47 -51.51 -14.81
CA ILE C 105 -13.27 -51.55 -15.62
C ILE C 105 -13.08 -50.18 -16.26
N PHE C 106 -11.85 -49.69 -16.26
CA PHE C 106 -11.51 -48.38 -16.78
C PHE C 106 -10.42 -48.52 -17.83
N GLY C 107 -10.49 -47.69 -18.86
CA GLY C 107 -9.46 -47.74 -19.89
C GLY C 107 -9.81 -46.82 -21.04
N THR C 108 -9.12 -46.98 -22.16
CA THR C 108 -9.41 -46.23 -23.37
C THR C 108 -10.00 -47.10 -24.47
N THR C 109 -9.33 -48.18 -24.86
CA THR C 109 -9.87 -49.06 -25.88
C THR C 109 -10.41 -50.38 -25.34
N LEU C 110 -9.94 -50.83 -24.19
CA LEU C 110 -10.45 -52.03 -23.52
C LEU C 110 -10.29 -53.28 -24.39
N ASP C 111 -9.24 -53.33 -25.22
CA ASP C 111 -9.12 -54.42 -26.16
C ASP C 111 -7.69 -54.95 -26.33
N SER C 112 -6.90 -54.92 -25.26
CA SER C 112 -5.59 -55.56 -25.19
C SER C 112 -4.53 -54.88 -26.05
N LYS C 113 -4.86 -53.78 -26.71
CA LYS C 113 -3.84 -52.94 -27.33
C LYS C 113 -3.35 -51.85 -26.39
N THR C 114 -3.99 -51.71 -25.24
CA THR C 114 -3.64 -50.70 -24.25
C THR C 114 -3.91 -51.28 -22.87
N GLN C 115 -3.35 -50.63 -21.86
CA GLN C 115 -3.50 -51.08 -20.49
C GLN C 115 -4.83 -50.62 -19.92
N SER C 116 -5.40 -51.44 -19.04
CA SER C 116 -6.68 -51.14 -18.43
C SER C 116 -6.65 -51.55 -16.96
N LEU C 117 -7.52 -50.90 -16.20
CA LEU C 117 -7.65 -51.12 -14.76
C LEU C 117 -8.95 -51.85 -14.49
N LEU C 118 -8.91 -52.81 -13.58
CA LEU C 118 -10.06 -53.61 -13.20
C LEU C 118 -10.16 -53.63 -11.69
N ILE C 119 -11.29 -53.17 -11.16
CA ILE C 119 -11.61 -53.25 -9.74
C ILE C 119 -12.83 -54.15 -9.64
N VAL C 120 -12.71 -55.28 -8.95
CA VAL C 120 -13.78 -56.24 -8.91
C VAL C 120 -13.92 -56.82 -7.52
N ASN C 121 -15.11 -57.29 -7.20
CA ASN C 121 -15.42 -57.89 -5.91
C ASN C 121 -15.96 -59.30 -6.17
N ASN C 122 -15.08 -60.29 -6.11
CA ASN C 122 -15.53 -61.67 -6.07
C ASN C 122 -16.34 -61.92 -4.82
N ALA C 123 -16.91 -63.09 -4.71
CA ALA C 123 -17.63 -63.37 -3.48
C ALA C 123 -16.70 -63.52 -2.28
N THR C 124 -15.38 -63.47 -2.49
CA THR C 124 -14.42 -63.70 -1.41
C THR C 124 -13.35 -62.62 -1.26
N ASN C 125 -12.89 -62.01 -2.36
CA ASN C 125 -11.84 -61.00 -2.29
C ASN C 125 -12.21 -59.77 -3.10
N VAL C 126 -11.50 -58.68 -2.84
CA VAL C 126 -11.48 -57.51 -3.71
C VAL C 126 -10.17 -57.52 -4.48
N VAL C 127 -10.27 -57.39 -5.80
CA VAL C 127 -9.13 -57.54 -6.69
C VAL C 127 -8.98 -56.27 -7.51
N ILE C 128 -7.79 -55.70 -7.49
CA ILE C 128 -7.45 -54.54 -8.30
C ILE C 128 -6.26 -54.93 -9.18
N LYS C 129 -6.40 -54.76 -10.48
CA LYS C 129 -5.35 -55.16 -11.40
C LYS C 129 -5.25 -54.19 -12.55
N VAL C 130 -4.02 -53.76 -12.85
CA VAL C 130 -3.78 -52.82 -13.94
C VAL C 130 -2.85 -53.42 -14.99
N CYS C 131 -3.41 -54.23 -15.88
CA CYS C 131 -2.63 -54.88 -16.93
C CYS C 131 -3.35 -54.79 -18.28
N GLU C 132 -2.92 -55.61 -19.23
CA GLU C 132 -3.52 -55.62 -20.55
C GLU C 132 -4.60 -56.70 -20.66
N PHE C 133 -5.85 -56.27 -20.57
CA PHE C 133 -6.98 -57.20 -20.65
C PHE C 133 -7.60 -57.16 -22.04
N GLN C 134 -8.21 -58.28 -22.43
CA GLN C 134 -9.10 -58.34 -23.59
C GLN C 134 -10.50 -58.55 -23.05
N PHE C 135 -11.22 -57.45 -22.86
CA PHE C 135 -12.54 -57.51 -22.28
C PHE C 135 -13.59 -57.94 -23.30
N CYS C 136 -14.68 -58.50 -22.80
CA CYS C 136 -15.78 -58.90 -23.66
C CYS C 136 -16.72 -57.75 -23.95
N ASN C 137 -17.68 -58.01 -24.84
CA ASN C 137 -18.74 -57.05 -25.10
C ASN C 137 -19.73 -56.98 -23.93
N ASP C 138 -19.89 -58.08 -23.20
CA ASP C 138 -20.82 -58.15 -22.08
C ASP C 138 -20.14 -58.84 -20.91
N PRO C 139 -19.28 -58.12 -20.19
CA PRO C 139 -18.64 -58.73 -19.02
C PRO C 139 -19.55 -58.75 -17.82
N PHE C 140 -19.50 -59.85 -17.08
CA PHE C 140 -20.36 -59.95 -15.91
C PHE C 140 -19.84 -61.05 -14.99
N LEU C 141 -20.51 -61.17 -13.85
CA LEU C 141 -20.33 -62.27 -12.93
C LEU C 141 -21.66 -63.00 -12.85
N GLY C 142 -21.67 -64.11 -12.13
CA GLY C 142 -22.90 -64.87 -12.07
C GLY C 142 -23.04 -65.76 -10.86
N VAL C 143 -24.18 -65.67 -10.20
CA VAL C 143 -24.50 -66.44 -9.00
C VAL C 143 -25.54 -67.48 -9.38
N TYR C 144 -25.39 -68.69 -8.84
CA TYR C 144 -26.31 -69.79 -9.10
C TYR C 144 -27.05 -70.17 -7.83
N TYR C 145 -28.33 -70.50 -7.97
CA TYR C 145 -29.21 -70.76 -6.84
C TYR C 145 -29.73 -72.19 -6.91
N HIS C 146 -29.44 -72.98 -5.89
CA HIS C 146 -29.92 -74.35 -5.76
C HIS C 146 -30.99 -74.41 -4.69
N LYS C 147 -31.98 -75.28 -4.88
CA LYS C 147 -32.93 -75.53 -3.80
C LYS C 147 -32.58 -76.78 -3.02
N ASN C 148 -32.16 -77.84 -3.72
CA ASN C 148 -31.73 -79.06 -3.04
C ASN C 148 -30.68 -78.72 -1.99
N ASN C 149 -29.68 -77.95 -2.41
CA ASN C 149 -28.65 -77.44 -1.51
C ASN C 149 -29.19 -76.07 -1.12
N LYS C 150 -29.12 -75.71 0.16
CA LYS C 150 -29.66 -74.44 0.61
C LYS C 150 -28.62 -73.33 0.45
N SER C 151 -28.46 -72.80 -0.77
CA SER C 151 -27.37 -71.86 -0.98
C SER C 151 -27.44 -71.17 -2.32
N TRP C 152 -27.09 -69.88 -2.32
CA TRP C 152 -26.66 -69.14 -3.48
C TRP C 152 -25.14 -69.16 -3.52
N MET C 153 -24.56 -69.58 -4.64
CA MET C 153 -23.11 -69.67 -4.74
C MET C 153 -22.62 -68.94 -5.98
N GLU C 154 -21.40 -68.41 -5.89
CA GLU C 154 -20.76 -67.70 -7.00
C GLU C 154 -20.27 -68.70 -8.03
N SER C 155 -20.75 -68.58 -9.26
CA SER C 155 -20.45 -69.56 -10.29
C SER C 155 -19.62 -69.03 -11.44
N GLU C 156 -20.06 -67.97 -12.14
CA GLU C 156 -19.34 -67.50 -13.32
C GLU C 156 -18.60 -66.20 -13.05
N PHE C 157 -17.46 -66.04 -13.73
CA PHE C 157 -16.67 -64.81 -13.75
C PHE C 157 -16.22 -64.63 -15.19
N ARG C 158 -17.03 -63.92 -15.98
CA ARG C 158 -16.78 -63.79 -17.41
C ARG C 158 -16.52 -62.32 -17.73
N VAL C 159 -15.27 -61.91 -17.57
CA VAL C 159 -14.86 -60.52 -17.77
C VAL C 159 -13.89 -60.41 -18.95
N TYR C 160 -12.78 -61.12 -18.89
CA TYR C 160 -11.73 -60.97 -19.89
C TYR C 160 -11.30 -62.33 -20.42
N SER C 161 -10.60 -62.30 -21.55
CA SER C 161 -10.04 -63.51 -22.12
C SER C 161 -8.57 -63.67 -21.74
N SER C 162 -7.80 -62.58 -21.78
CA SER C 162 -6.37 -62.65 -21.53
C SER C 162 -5.94 -61.49 -20.64
N ALA C 163 -4.76 -61.64 -20.02
CA ALA C 163 -4.15 -60.60 -19.21
C ALA C 163 -2.64 -60.77 -19.30
N ASN C 164 -1.99 -59.95 -20.13
CA ASN C 164 -0.61 -60.26 -20.49
C ASN C 164 0.46 -59.58 -19.66
N ASN C 165 0.52 -58.26 -19.69
CA ASN C 165 1.68 -57.53 -19.17
C ASN C 165 1.20 -56.65 -18.02
N CYS C 166 1.00 -57.29 -16.88
CA CYS C 166 0.47 -56.63 -15.69
C CYS C 166 1.49 -55.76 -15.01
N THR C 167 1.03 -54.61 -14.52
CA THR C 167 1.94 -53.71 -13.83
C THR C 167 1.62 -53.54 -12.35
N PHE C 168 0.35 -53.54 -11.98
CA PHE C 168 -0.07 -53.31 -10.60
C PHE C 168 -1.09 -54.36 -10.22
N GLU C 169 -0.99 -54.87 -8.99
CA GLU C 169 -1.90 -55.89 -8.52
C GLU C 169 -2.07 -55.80 -7.02
N TYR C 170 -3.32 -55.88 -6.57
CA TYR C 170 -3.64 -55.90 -5.16
C TYR C 170 -4.82 -56.84 -4.93
N VAL C 171 -4.73 -57.66 -3.88
CA VAL C 171 -5.79 -58.58 -3.49
C VAL C 171 -6.02 -58.46 -2.00
N SER C 172 -7.26 -58.19 -1.61
CA SER C 172 -7.63 -57.97 -0.22
C SER C 172 -7.61 -59.29 0.55
N GLN C 173 -7.78 -59.21 1.89
CA GLN C 173 -7.93 -60.40 2.70
C GLN C 173 -9.23 -61.12 2.36
N PRO C 174 -9.28 -62.44 2.54
CA PRO C 174 -10.47 -63.18 2.13
C PRO C 174 -11.65 -62.92 3.06
N PHE C 175 -12.85 -62.98 2.47
CA PHE C 175 -14.09 -62.89 3.22
C PHE C 175 -15.12 -63.73 2.49
N LEU C 176 -16.39 -63.53 2.82
CA LEU C 176 -17.48 -64.16 2.09
C LEU C 176 -18.72 -63.28 2.18
N MET C 177 -19.21 -62.84 1.03
CA MET C 177 -20.41 -62.01 0.96
C MET C 177 -21.64 -62.89 1.10
N ASP C 178 -22.82 -62.26 0.99
CA ASP C 178 -24.07 -62.97 1.24
C ASP C 178 -24.63 -63.57 -0.04
N LEU C 179 -24.71 -62.77 -1.10
CA LEU C 179 -25.15 -63.18 -2.44
C LEU C 179 -26.63 -63.57 -2.44
N GLU C 180 -27.28 -63.56 -1.29
CA GLU C 180 -28.66 -64.01 -1.19
C GLU C 180 -29.60 -62.94 -1.72
N GLY C 181 -30.59 -63.37 -2.51
CA GLY C 181 -31.49 -62.42 -3.15
C GLY C 181 -32.64 -62.02 -2.24
N LYS C 182 -32.67 -60.74 -1.86
CA LYS C 182 -33.73 -60.21 -1.01
C LYS C 182 -34.91 -59.79 -1.86
N GLN C 183 -36.01 -59.41 -1.20
CA GLN C 183 -37.25 -59.08 -1.91
C GLN C 183 -37.91 -57.82 -1.37
N GLY C 184 -37.22 -57.06 -0.51
CA GLY C 184 -37.83 -55.90 0.10
C GLY C 184 -37.65 -54.65 -0.74
N ASN C 185 -37.12 -53.59 -0.12
CA ASN C 185 -36.78 -52.36 -0.82
C ASN C 185 -35.27 -52.15 -0.75
N PHE C 186 -34.80 -51.19 -1.53
CA PHE C 186 -33.38 -50.87 -1.54
C PHE C 186 -32.93 -50.43 -0.16
N LYS C 187 -31.98 -51.16 0.41
CA LYS C 187 -31.55 -50.92 1.78
C LYS C 187 -30.15 -50.35 1.90
N ASN C 188 -29.39 -50.27 0.81
CA ASN C 188 -28.00 -49.83 0.89
C ASN C 188 -27.70 -48.86 -0.23
N LEU C 189 -27.16 -47.70 0.13
CA LEU C 189 -26.67 -46.73 -0.82
C LEU C 189 -25.16 -46.67 -0.71
N ARG C 190 -24.47 -46.77 -1.84
CA ARG C 190 -23.00 -46.69 -1.85
C ARG C 190 -22.59 -45.67 -2.89
N GLU C 191 -21.80 -44.68 -2.47
CA GLU C 191 -21.40 -43.60 -3.36
C GLU C 191 -19.88 -43.55 -3.46
N PHE C 192 -19.41 -43.31 -4.67
CA PHE C 192 -17.99 -43.28 -5.00
C PHE C 192 -17.69 -42.06 -5.85
N VAL C 193 -16.51 -41.51 -5.66
CA VAL C 193 -15.97 -40.48 -6.53
C VAL C 193 -14.64 -41.00 -7.05
N PHE C 194 -14.49 -41.03 -8.37
CA PHE C 194 -13.30 -41.49 -9.06
C PHE C 194 -12.63 -40.30 -9.74
N LYS C 195 -11.37 -40.07 -9.39
CA LYS C 195 -10.55 -39.05 -10.04
C LYS C 195 -9.27 -39.69 -10.55
N ASN C 196 -8.66 -39.07 -11.56
CA ASN C 196 -7.47 -39.62 -12.21
C ASN C 196 -6.54 -38.47 -12.56
N ILE C 197 -5.52 -38.22 -11.72
CA ILE C 197 -4.61 -37.10 -11.91
C ILE C 197 -3.19 -37.51 -11.55
N ASP C 198 -2.22 -37.10 -12.38
CA ASP C 198 -0.81 -37.43 -12.18
C ASP C 198 -0.56 -38.91 -12.00
N GLY C 199 -1.23 -39.72 -12.81
CA GLY C 199 -1.05 -41.15 -12.70
C GLY C 199 -1.57 -41.75 -11.42
N TYR C 200 -2.34 -40.98 -10.64
CA TYR C 200 -2.98 -41.48 -9.44
C TYR C 200 -4.47 -41.61 -9.69
N PHE C 201 -5.00 -42.77 -9.37
CA PHE C 201 -6.45 -43.01 -9.41
C PHE C 201 -6.95 -42.92 -7.98
N LYS C 202 -7.66 -41.85 -7.67
CA LYS C 202 -8.15 -41.61 -6.33
C LYS C 202 -9.61 -42.00 -6.22
N ILE C 203 -9.94 -42.70 -5.15
CA ILE C 203 -11.28 -43.19 -4.88
C ILE C 203 -11.72 -42.69 -3.51
N TYR C 204 -12.84 -41.98 -3.49
CA TYR C 204 -13.55 -41.57 -2.28
C TYR C 204 -14.85 -42.35 -2.19
N SER C 205 -15.28 -42.68 -0.96
CA SER C 205 -16.39 -43.60 -0.81
C SER C 205 -17.19 -43.28 0.43
N LYS C 206 -18.48 -43.63 0.39
CA LYS C 206 -19.33 -43.54 1.56
C LYS C 206 -20.49 -44.53 1.44
N HIS C 207 -20.78 -45.21 2.54
CA HIS C 207 -21.88 -46.17 2.61
C HIS C 207 -22.95 -45.61 3.54
N THR C 208 -24.22 -45.78 3.16
CA THR C 208 -25.33 -45.27 3.97
C THR C 208 -26.50 -46.23 3.99
N PRO C 209 -27.15 -46.39 5.14
CA PRO C 209 -28.36 -47.22 5.22
C PRO C 209 -29.59 -46.40 4.85
N ILE C 210 -30.38 -46.92 3.92
CA ILE C 210 -31.57 -46.24 3.44
C ILE C 210 -32.74 -47.23 3.46
N ASN C 211 -33.91 -46.74 3.06
CA ASN C 211 -35.11 -47.53 2.91
C ASN C 211 -35.93 -46.81 1.82
N LEU C 212 -35.85 -47.29 0.60
CA LEU C 212 -36.32 -46.51 -0.53
C LEU C 212 -36.74 -47.46 -1.64
N VAL C 213 -37.43 -46.94 -2.65
CA VAL C 213 -37.95 -47.77 -3.73
C VAL C 213 -37.36 -47.39 -5.09
N ARG C 214 -36.97 -46.14 -5.27
CA ARG C 214 -36.44 -45.70 -6.56
C ARG C 214 -35.87 -44.30 -6.41
N ASP C 215 -35.35 -43.75 -7.51
CA ASP C 215 -35.12 -42.32 -7.62
C ASP C 215 -34.21 -41.77 -6.52
N LEU C 216 -32.90 -41.96 -6.67
CA LEU C 216 -31.88 -41.69 -5.65
C LEU C 216 -32.25 -40.53 -4.74
N PRO C 217 -32.13 -40.70 -3.43
CA PRO C 217 -32.74 -39.76 -2.48
C PRO C 217 -32.03 -38.44 -2.36
N GLN C 218 -32.59 -37.56 -1.52
CA GLN C 218 -31.96 -36.32 -1.13
C GLN C 218 -31.28 -36.49 0.21
N GLY C 219 -30.48 -35.50 0.58
CA GLY C 219 -29.72 -35.56 1.81
C GLY C 219 -28.31 -35.09 1.56
N PHE C 220 -27.52 -35.12 2.63
CA PHE C 220 -26.13 -34.68 2.53
C PHE C 220 -25.26 -35.61 3.35
N SER C 221 -24.27 -36.20 2.70
CA SER C 221 -23.22 -36.95 3.38
C SER C 221 -21.95 -36.80 2.58
N ALA C 222 -20.84 -36.56 3.29
CA ALA C 222 -19.56 -36.29 2.66
C ALA C 222 -18.77 -37.59 2.55
N LEU C 223 -18.19 -37.82 1.38
CA LEU C 223 -17.42 -39.04 1.12
C LEU C 223 -16.00 -38.88 1.62
N GLU C 224 -15.49 -39.93 2.26
CA GLU C 224 -14.17 -39.88 2.84
C GLU C 224 -13.14 -40.55 1.92
N PRO C 225 -11.88 -40.15 1.99
CA PRO C 225 -10.87 -40.73 1.10
C PRO C 225 -10.68 -42.20 1.35
N LEU C 226 -10.77 -42.98 0.27
CA LEU C 226 -10.61 -44.43 0.35
C LEU C 226 -9.22 -44.86 -0.05
N VAL C 227 -8.73 -44.51 -1.24
CA VAL C 227 -7.42 -44.99 -1.69
C VAL C 227 -6.89 -44.15 -2.84
N ASP C 228 -5.56 -44.20 -3.02
CA ASP C 228 -4.86 -43.63 -4.19
C ASP C 228 -4.05 -44.76 -4.81
N LEU C 229 -4.41 -45.16 -6.01
CA LEU C 229 -3.66 -46.20 -6.68
C LEU C 229 -2.69 -45.58 -7.67
N PRO C 230 -1.41 -45.95 -7.65
CA PRO C 230 -0.45 -45.42 -8.63
C PRO C 230 -0.40 -46.24 -9.91
N ILE C 231 -1.40 -46.03 -10.77
CA ILE C 231 -1.56 -46.88 -11.95
C ILE C 231 -0.90 -46.28 -13.19
N GLY C 232 -0.91 -44.96 -13.34
CA GLY C 232 -0.19 -44.32 -14.43
C GLY C 232 -0.67 -44.64 -15.82
N ILE C 233 -1.98 -44.81 -16.02
CA ILE C 233 -2.53 -45.12 -17.34
C ILE C 233 -3.46 -44.00 -17.77
N ASN C 234 -3.84 -44.03 -19.04
CA ASN C 234 -4.78 -43.08 -19.61
C ASN C 234 -6.17 -43.69 -19.54
N ILE C 235 -7.15 -42.90 -19.10
CA ILE C 235 -8.52 -43.38 -18.91
C ILE C 235 -9.46 -42.40 -19.59
N THR C 236 -10.33 -42.93 -20.46
CA THR C 236 -11.33 -42.12 -21.12
C THR C 236 -12.71 -42.76 -21.13
N ARG C 237 -12.83 -44.04 -20.81
CA ARG C 237 -14.10 -44.75 -20.79
C ARG C 237 -14.10 -45.71 -19.61
N PHE C 238 -15.29 -46.13 -19.21
CA PHE C 238 -15.41 -47.13 -18.16
C PHE C 238 -16.72 -47.87 -18.31
N GLN C 239 -16.85 -48.96 -17.56
CA GLN C 239 -18.00 -49.83 -17.66
C GLN C 239 -18.22 -50.56 -16.34
N THR C 240 -19.48 -50.83 -16.03
CA THR C 240 -19.84 -51.42 -14.75
C THR C 240 -19.99 -52.92 -14.86
N LEU C 241 -19.65 -53.62 -13.79
CA LEU C 241 -19.70 -55.07 -13.72
C LEU C 241 -20.86 -55.49 -12.84
N LEU C 242 -21.84 -56.19 -13.41
CA LEU C 242 -23.02 -56.63 -12.69
C LEU C 242 -22.98 -58.15 -12.51
N ALA C 243 -23.74 -58.62 -11.53
CA ALA C 243 -23.88 -60.04 -11.26
C ALA C 243 -25.20 -60.56 -11.81
N LEU C 244 -25.17 -61.81 -12.27
CA LEU C 244 -26.31 -62.46 -12.90
C LEU C 244 -26.92 -63.46 -11.92
N HIS C 245 -28.14 -63.88 -12.21
CA HIS C 245 -28.83 -64.88 -11.42
C HIS C 245 -29.26 -66.03 -12.31
N ARG C 246 -28.85 -67.24 -11.93
CA ARG C 246 -29.23 -68.44 -12.66
C ARG C 246 -29.70 -69.49 -11.67
N SER C 247 -30.81 -70.14 -11.99
CA SER C 247 -31.38 -71.17 -11.13
C SER C 247 -32.23 -72.09 -11.99
N TYR C 248 -33.02 -72.93 -11.32
CA TYR C 248 -33.81 -73.94 -12.02
C TYR C 248 -34.95 -73.32 -12.82
N LEU C 249 -35.20 -72.02 -12.64
CA LEU C 249 -36.26 -71.35 -13.38
C LEU C 249 -35.74 -70.60 -14.60
N THR C 250 -34.45 -70.70 -14.90
CA THR C 250 -33.85 -70.00 -16.03
C THR C 250 -33.38 -71.00 -17.07
N PRO C 251 -34.28 -71.54 -17.91
CA PRO C 251 -33.88 -72.63 -18.79
C PRO C 251 -32.83 -72.23 -19.83
N GLY C 252 -33.18 -71.32 -20.72
CA GLY C 252 -32.28 -70.76 -21.71
C GLY C 252 -31.34 -71.79 -22.33
N ASP C 253 -30.16 -71.32 -22.74
CA ASP C 253 -29.03 -72.24 -22.84
C ASP C 253 -27.90 -71.80 -21.93
N SER C 254 -27.27 -70.68 -22.28
CA SER C 254 -26.39 -69.94 -21.38
C SER C 254 -26.43 -68.44 -21.67
N SER C 255 -27.29 -68.02 -22.59
CA SER C 255 -27.33 -66.64 -23.03
C SER C 255 -28.76 -66.11 -23.04
N SER C 256 -29.72 -66.97 -22.73
CA SER C 256 -31.11 -66.55 -22.58
C SER C 256 -31.67 -67.03 -21.25
N GLY C 257 -30.99 -67.97 -20.60
CA GLY C 257 -31.42 -68.47 -19.31
C GLY C 257 -30.79 -67.74 -18.14
N TRP C 258 -31.19 -66.50 -17.92
CA TRP C 258 -30.67 -65.72 -16.80
C TRP C 258 -31.76 -64.77 -16.32
N THR C 259 -31.74 -64.50 -15.01
CA THR C 259 -32.60 -63.48 -14.42
C THR C 259 -31.73 -62.34 -13.92
N ALA C 260 -32.26 -61.12 -14.00
CA ALA C 260 -31.46 -59.93 -13.72
C ALA C 260 -31.26 -59.74 -12.22
N GLY C 261 -32.35 -59.55 -11.49
CA GLY C 261 -32.23 -59.13 -10.11
C GLY C 261 -32.88 -57.78 -9.91
N ALA C 262 -32.35 -57.03 -8.96
CA ALA C 262 -32.87 -55.70 -8.68
C ALA C 262 -31.77 -54.78 -8.15
N ALA C 263 -31.40 -53.79 -8.95
CA ALA C 263 -30.45 -52.78 -8.48
C ALA C 263 -30.56 -51.56 -9.38
N ALA C 264 -30.06 -50.43 -8.89
CA ALA C 264 -30.03 -49.25 -9.74
C ALA C 264 -28.74 -48.48 -9.47
N TYR C 265 -28.23 -47.82 -10.52
CA TYR C 265 -27.06 -46.98 -10.32
C TYR C 265 -27.14 -45.74 -11.19
N TYR C 266 -26.51 -44.69 -10.69
CA TYR C 266 -26.60 -43.36 -11.24
C TYR C 266 -25.20 -42.82 -11.47
N VAL C 267 -25.01 -42.12 -12.59
CA VAL C 267 -23.71 -41.66 -13.01
C VAL C 267 -23.78 -40.16 -13.29
N GLY C 268 -22.82 -39.41 -12.73
CA GLY C 268 -22.68 -38.00 -13.04
C GLY C 268 -21.21 -37.65 -13.16
N TYR C 269 -20.94 -36.47 -13.73
CA TYR C 269 -19.59 -36.07 -14.07
C TYR C 269 -19.18 -34.83 -13.28
N LEU C 270 -17.93 -34.81 -12.85
CA LEU C 270 -17.40 -33.71 -12.05
C LEU C 270 -16.87 -32.60 -12.94
N GLN C 271 -16.89 -31.37 -12.43
CA GLN C 271 -16.29 -30.21 -13.07
C GLN C 271 -15.60 -29.38 -12.01
N PRO C 272 -14.68 -28.50 -12.41
CA PRO C 272 -14.01 -27.65 -11.43
C PRO C 272 -14.89 -26.52 -10.92
N ARG C 273 -15.24 -26.58 -9.64
CA ARG C 273 -16.12 -25.62 -9.00
C ARG C 273 -15.50 -25.13 -7.71
N THR C 274 -16.06 -24.03 -7.20
CA THR C 274 -15.76 -23.52 -5.87
C THR C 274 -16.95 -23.80 -4.97
N PHE C 275 -16.69 -24.47 -3.86
CA PHE C 275 -17.70 -24.79 -2.87
C PHE C 275 -17.35 -24.13 -1.55
N LEU C 276 -18.35 -23.94 -0.72
CA LEU C 276 -18.18 -23.46 0.64
C LEU C 276 -18.70 -24.53 1.57
N LEU C 277 -17.79 -25.21 2.26
CA LEU C 277 -18.12 -26.33 3.14
C LEU C 277 -18.26 -25.85 4.57
N LYS C 278 -19.11 -26.53 5.32
CA LYS C 278 -19.36 -26.17 6.71
C LYS C 278 -18.98 -27.34 7.62
N TYR C 279 -18.03 -27.11 8.51
CA TYR C 279 -17.62 -28.09 9.50
C TYR C 279 -18.28 -27.77 10.82
N ASN C 280 -18.93 -28.76 11.43
CA ASN C 280 -19.51 -28.57 12.74
C ASN C 280 -18.41 -28.68 13.78
N GLU C 281 -18.76 -28.72 15.07
CA GLU C 281 -17.73 -28.71 16.11
C GLU C 281 -17.00 -30.04 16.17
N ASN C 282 -17.63 -31.12 15.71
CA ASN C 282 -17.01 -32.44 15.73
C ASN C 282 -16.11 -32.69 14.53
N GLY C 283 -16.07 -31.78 13.57
CA GLY C 283 -15.17 -31.91 12.44
C GLY C 283 -15.79 -32.49 11.21
N THR C 284 -17.11 -32.68 11.19
CA THR C 284 -17.81 -33.27 10.07
C THR C 284 -18.35 -32.19 9.14
N ILE C 285 -18.27 -32.44 7.84
CA ILE C 285 -18.88 -31.56 6.86
C ILE C 285 -20.37 -31.85 6.82
N THR C 286 -21.19 -30.87 7.19
CA THR C 286 -22.62 -31.07 7.25
C THR C 286 -23.41 -30.28 6.22
N ASP C 287 -22.80 -29.33 5.53
CA ASP C 287 -23.51 -28.58 4.51
C ASP C 287 -22.50 -27.92 3.58
N ALA C 288 -22.99 -27.49 2.42
CA ALA C 288 -22.14 -26.89 1.41
C ALA C 288 -22.96 -25.95 0.55
N VAL C 289 -22.27 -24.98 -0.04
CA VAL C 289 -22.87 -24.01 -0.96
C VAL C 289 -22.07 -24.07 -2.26
N ASP C 290 -22.78 -24.22 -3.38
CA ASP C 290 -22.17 -24.21 -4.70
C ASP C 290 -22.13 -22.77 -5.19
N CYS C 291 -20.94 -22.17 -5.20
CA CYS C 291 -20.79 -20.74 -5.41
C CYS C 291 -20.99 -20.33 -6.86
N ALA C 292 -21.55 -21.19 -7.70
CA ALA C 292 -21.80 -20.81 -9.09
C ALA C 292 -23.13 -21.34 -9.58
N LEU C 293 -24.00 -21.76 -8.68
CA LEU C 293 -25.31 -22.29 -9.08
C LEU C 293 -26.27 -21.17 -9.45
N ASP C 294 -26.41 -20.18 -8.59
CA ASP C 294 -27.31 -19.06 -8.79
C ASP C 294 -26.59 -17.78 -8.40
N PRO C 295 -27.22 -16.63 -8.60
CA PRO C 295 -26.70 -15.42 -7.93
C PRO C 295 -26.91 -15.43 -6.42
N LEU C 296 -27.98 -16.07 -5.95
CA LEU C 296 -28.18 -16.21 -4.52
C LEU C 296 -27.01 -16.93 -3.87
N SER C 297 -26.57 -18.03 -4.48
CA SER C 297 -25.43 -18.76 -3.92
C SER C 297 -24.14 -17.97 -4.09
N GLU C 298 -24.01 -17.23 -5.18
CA GLU C 298 -22.88 -16.32 -5.33
C GLU C 298 -22.78 -15.37 -4.15
N THR C 299 -23.91 -14.82 -3.72
CA THR C 299 -23.89 -13.90 -2.59
C THR C 299 -23.66 -14.63 -1.28
N LYS C 300 -24.30 -15.79 -1.09
CA LYS C 300 -24.03 -16.59 0.10
C LYS C 300 -22.54 -16.88 0.24
N CYS C 301 -21.87 -17.05 -0.89
CA CYS C 301 -20.49 -17.51 -0.86
C CYS C 301 -19.52 -16.34 -0.72
N THR C 302 -19.86 -15.20 -1.32
CA THR C 302 -19.04 -14.00 -1.12
C THR C 302 -19.26 -13.41 0.27
N LEU C 303 -20.40 -13.68 0.88
CA LEU C 303 -20.64 -13.29 2.26
C LEU C 303 -20.00 -14.23 3.25
N LYS C 304 -19.62 -15.44 2.83
CA LYS C 304 -19.14 -16.48 3.72
C LYS C 304 -20.13 -16.72 4.84
N SER C 305 -21.39 -16.94 4.46
CA SER C 305 -22.44 -17.26 5.40
C SER C 305 -23.54 -17.98 4.64
N PHE C 306 -24.31 -18.77 5.38
CA PHE C 306 -25.41 -19.52 4.79
C PHE C 306 -26.72 -18.77 4.81
N THR C 307 -26.77 -17.63 5.48
CA THR C 307 -27.98 -16.82 5.57
C THR C 307 -27.73 -15.47 4.93
N VAL C 308 -28.70 -14.99 4.17
CA VAL C 308 -28.64 -13.68 3.54
C VAL C 308 -29.76 -12.83 4.09
N GLU C 309 -29.44 -11.59 4.45
CA GLU C 309 -30.40 -10.65 5.00
C GLU C 309 -31.02 -9.82 3.88
N LYS C 310 -32.25 -9.36 4.12
CA LYS C 310 -33.00 -8.60 3.13
C LYS C 310 -32.16 -7.49 2.53
N GLY C 311 -32.22 -7.33 1.22
CA GLY C 311 -31.50 -6.25 0.59
C GLY C 311 -31.21 -6.55 -0.87
N ILE C 312 -30.28 -5.78 -1.41
CA ILE C 312 -29.81 -5.95 -2.78
C ILE C 312 -28.29 -5.97 -2.75
N TYR C 313 -27.70 -6.91 -3.48
CA TYR C 313 -26.27 -7.17 -3.43
C TYR C 313 -25.68 -7.20 -4.82
N GLN C 314 -24.48 -6.67 -4.98
CA GLN C 314 -23.79 -6.73 -6.25
C GLN C 314 -23.11 -8.08 -6.40
N THR C 315 -23.23 -8.69 -7.58
CA THR C 315 -22.57 -9.95 -7.89
C THR C 315 -21.58 -9.72 -9.03
N SER C 316 -20.97 -10.76 -9.55
CA SER C 316 -19.97 -10.61 -10.59
C SER C 316 -20.63 -10.17 -11.90
N ASN C 317 -19.83 -9.55 -12.76
CA ASN C 317 -20.32 -9.12 -14.06
C ASN C 317 -20.82 -10.31 -14.87
N PHE C 318 -21.58 -10.04 -15.92
CA PHE C 318 -22.16 -11.10 -16.72
C PHE C 318 -21.07 -11.73 -17.59
N ARG C 319 -20.82 -13.02 -17.39
CA ARG C 319 -19.77 -13.73 -18.09
C ARG C 319 -20.35 -14.55 -19.23
N VAL C 320 -19.59 -14.64 -20.32
CA VAL C 320 -19.90 -15.52 -21.44
C VAL C 320 -18.70 -16.43 -21.65
N GLN C 321 -18.97 -17.72 -21.85
CA GLN C 321 -17.90 -18.70 -22.02
C GLN C 321 -17.59 -18.91 -23.49
N PRO C 322 -16.33 -19.15 -23.85
CA PRO C 322 -15.99 -19.40 -25.25
C PRO C 322 -16.50 -20.74 -25.72
N THR C 323 -16.94 -20.77 -26.97
CA THR C 323 -17.58 -21.95 -27.54
C THR C 323 -16.62 -22.78 -28.39
N GLU C 324 -15.64 -22.14 -29.02
CA GLU C 324 -14.72 -22.80 -29.94
C GLU C 324 -13.29 -22.39 -29.64
N SER C 325 -12.37 -23.04 -30.35
CA SER C 325 -10.96 -22.72 -30.32
C SER C 325 -10.45 -22.67 -31.75
N ILE C 326 -9.74 -21.62 -32.10
CA ILE C 326 -9.22 -21.46 -33.46
C ILE C 326 -7.73 -21.16 -33.41
N VAL C 327 -7.04 -21.61 -34.45
CA VAL C 327 -5.62 -21.34 -34.64
C VAL C 327 -5.44 -20.79 -36.04
N ARG C 328 -4.62 -19.74 -36.17
CA ARG C 328 -4.37 -19.12 -37.47
C ARG C 328 -2.88 -18.86 -37.61
N PHE C 329 -2.20 -19.72 -38.35
CA PHE C 329 -0.80 -19.57 -38.67
C PHE C 329 -0.67 -19.27 -40.15
N PRO C 330 0.45 -18.69 -40.58
CA PRO C 330 0.65 -18.43 -42.01
C PRO C 330 0.78 -19.71 -42.82
N ASN C 331 0.69 -19.56 -44.14
CA ASN C 331 0.80 -20.67 -45.07
C ASN C 331 2.27 -21.00 -45.29
N ILE C 332 2.79 -21.96 -44.52
CA ILE C 332 4.16 -22.40 -44.63
C ILE C 332 4.16 -23.90 -44.88
N THR C 333 4.96 -24.34 -45.84
CA THR C 333 4.99 -25.73 -46.24
C THR C 333 6.32 -26.41 -45.98
N ASN C 334 7.44 -25.75 -46.27
CA ASN C 334 8.75 -26.38 -46.13
C ASN C 334 9.09 -26.62 -44.67
N LEU C 335 10.10 -27.46 -44.45
CA LEU C 335 10.66 -27.69 -43.13
C LEU C 335 11.98 -26.94 -43.03
N CYS C 336 12.32 -26.53 -41.81
CA CYS C 336 13.51 -25.71 -41.64
C CYS C 336 14.77 -26.53 -41.88
N PRO C 337 15.85 -25.89 -42.30
CA PRO C 337 17.07 -26.63 -42.62
C PRO C 337 17.75 -27.21 -41.39
N PHE C 338 17.12 -28.21 -40.80
CA PHE C 338 17.69 -28.88 -39.63
C PHE C 338 18.91 -29.71 -39.99
N GLY C 339 19.03 -30.12 -41.25
CA GLY C 339 20.12 -30.98 -41.64
C GLY C 339 21.29 -30.28 -42.28
N GLU C 340 21.19 -28.97 -42.51
CA GLU C 340 22.35 -28.24 -42.98
C GLU C 340 22.82 -27.22 -41.95
N VAL C 341 22.26 -27.25 -40.76
CA VAL C 341 22.73 -26.47 -39.62
C VAL C 341 23.34 -27.37 -38.55
N PHE C 342 22.62 -28.43 -38.19
CA PHE C 342 23.10 -29.37 -37.19
C PHE C 342 23.90 -30.51 -37.78
N ASN C 343 23.76 -30.76 -39.09
CA ASN C 343 24.42 -31.90 -39.72
C ASN C 343 25.42 -31.44 -40.77
N ALA C 344 25.93 -30.21 -40.65
CA ALA C 344 26.88 -29.68 -41.60
C ALA C 344 28.20 -30.42 -41.49
N THR C 345 29.05 -30.25 -42.50
CA THR C 345 30.31 -30.99 -42.57
C THR C 345 31.48 -30.22 -41.99
N ARG C 346 31.42 -28.90 -41.96
CA ARG C 346 32.49 -28.06 -41.46
C ARG C 346 31.89 -26.87 -40.74
N PHE C 347 32.32 -26.65 -39.50
CA PHE C 347 31.87 -25.52 -38.70
C PHE C 347 32.94 -24.44 -38.73
N ALA C 348 32.57 -23.25 -38.26
CA ALA C 348 33.48 -22.12 -38.29
C ALA C 348 34.32 -22.08 -37.02
N SER C 349 35.37 -21.28 -37.08
CA SER C 349 36.17 -20.99 -35.89
C SER C 349 35.41 -20.02 -35.01
N VAL C 350 35.64 -20.10 -33.70
CA VAL C 350 34.87 -19.28 -32.78
C VAL C 350 35.17 -17.80 -32.95
N TYR C 351 36.38 -17.44 -33.39
CA TYR C 351 36.68 -16.04 -33.58
C TYR C 351 36.03 -15.47 -34.83
N ALA C 352 35.65 -16.32 -35.77
CA ALA C 352 34.98 -15.91 -37.00
C ALA C 352 33.69 -16.70 -37.17
N TRP C 353 32.89 -16.75 -36.11
CA TRP C 353 31.69 -17.58 -36.06
C TRP C 353 30.77 -17.27 -37.23
N ASN C 354 29.91 -18.23 -37.56
CA ASN C 354 29.04 -18.06 -38.70
C ASN C 354 27.63 -17.71 -38.25
N ARG C 355 26.96 -16.86 -39.03
CA ARG C 355 25.59 -16.46 -38.77
C ARG C 355 24.74 -16.71 -40.00
N LYS C 356 23.62 -17.40 -39.83
CA LYS C 356 22.77 -17.80 -40.93
C LYS C 356 21.35 -17.33 -40.68
N ARG C 357 20.68 -16.89 -41.75
CA ARG C 357 19.31 -16.43 -41.66
C ARG C 357 18.34 -17.56 -41.93
N ILE C 358 17.26 -17.65 -41.16
CA ILE C 358 16.27 -18.71 -41.31
C ILE C 358 14.90 -18.07 -41.48
N SER C 359 14.16 -18.51 -42.49
CA SER C 359 12.86 -17.92 -42.77
C SER C 359 12.03 -18.87 -43.63
N ASN C 360 10.71 -18.76 -43.47
CA ASN C 360 9.73 -19.45 -44.31
C ASN C 360 9.81 -20.97 -44.19
N CYS C 361 9.81 -21.49 -42.97
CA CYS C 361 9.85 -22.93 -42.81
C CYS C 361 9.22 -23.30 -41.48
N VAL C 362 8.64 -24.49 -41.43
CA VAL C 362 8.03 -25.03 -40.22
C VAL C 362 9.13 -25.59 -39.32
N ALA C 363 9.12 -25.20 -38.05
CA ALA C 363 10.18 -25.57 -37.12
C ALA C 363 9.78 -26.79 -36.28
N ASP C 364 9.62 -27.92 -36.97
CA ASP C 364 9.28 -29.19 -36.32
C ASP C 364 10.56 -29.91 -35.92
N TYR C 365 11.03 -29.66 -34.70
CA TYR C 365 12.34 -30.14 -34.28
C TYR C 365 12.34 -31.61 -33.87
N SER C 366 11.18 -32.26 -33.85
CA SER C 366 11.13 -33.67 -33.50
C SER C 366 11.92 -34.53 -34.46
N VAL C 367 12.16 -34.07 -35.69
CA VAL C 367 12.97 -34.82 -36.64
C VAL C 367 14.41 -34.96 -36.16
N LEU C 368 14.82 -34.19 -35.16
CA LEU C 368 16.16 -34.32 -34.62
C LEU C 368 16.27 -35.41 -33.57
N TYR C 369 15.21 -36.19 -33.33
CA TYR C 369 15.23 -37.13 -32.23
C TYR C 369 16.00 -38.40 -32.57
N ASN C 370 16.09 -38.77 -33.84
CA ASN C 370 16.77 -40.00 -34.23
C ASN C 370 18.26 -39.80 -34.46
N SER C 371 18.66 -38.65 -34.98
CA SER C 371 20.00 -38.51 -35.52
C SER C 371 20.87 -37.56 -34.70
N ALA C 372 20.34 -37.03 -33.60
CA ALA C 372 21.07 -36.02 -32.85
C ALA C 372 20.85 -36.23 -31.36
N SER C 373 21.90 -35.95 -30.59
CA SER C 373 21.81 -36.00 -29.14
C SER C 373 22.68 -34.86 -28.60
N PHE C 374 22.02 -33.89 -27.97
CA PHE C 374 22.66 -32.68 -27.49
C PHE C 374 22.94 -32.78 -26.01
N SER C 375 24.15 -32.41 -25.62
CA SER C 375 24.54 -32.41 -24.23
C SER C 375 24.15 -31.12 -23.51
N THR C 376 23.95 -30.03 -24.23
CA THR C 376 23.50 -28.79 -23.64
C THR C 376 22.37 -28.23 -24.49
N PHE C 377 21.25 -27.88 -23.86
CA PHE C 377 20.16 -27.21 -24.56
C PHE C 377 19.45 -26.31 -23.55
N LYS C 378 19.57 -24.99 -23.71
CA LYS C 378 18.95 -24.05 -22.78
C LYS C 378 18.38 -22.86 -23.52
N CYS C 379 17.10 -22.56 -23.31
CA CYS C 379 16.48 -21.35 -23.85
C CYS C 379 16.24 -20.30 -22.78
N TYR C 380 16.38 -19.04 -23.21
CA TYR C 380 16.20 -17.85 -22.40
C TYR C 380 15.07 -17.03 -23.01
N GLY C 381 14.14 -16.61 -22.17
CA GLY C 381 13.04 -15.77 -22.60
C GLY C 381 11.82 -16.53 -23.05
N VAL C 382 11.85 -17.86 -23.00
CA VAL C 382 10.77 -18.69 -23.50
C VAL C 382 10.90 -20.04 -22.83
N SER C 383 9.80 -20.77 -22.77
CA SER C 383 9.83 -22.09 -22.17
C SER C 383 9.96 -23.16 -23.25
N PRO C 384 10.74 -24.22 -22.99
CA PRO C 384 10.89 -25.27 -24.00
C PRO C 384 9.60 -25.97 -24.34
N THR C 385 8.67 -26.07 -23.38
CA THR C 385 7.40 -26.72 -23.64
C THR C 385 6.44 -25.86 -24.43
N LYS C 386 6.78 -24.60 -24.69
CA LYS C 386 5.91 -23.71 -25.46
C LYS C 386 6.39 -23.52 -26.89
N LEU C 387 7.55 -24.06 -27.24
CA LEU C 387 8.16 -23.81 -28.55
C LEU C 387 7.33 -24.33 -29.70
N ASN C 388 6.45 -25.30 -29.45
CA ASN C 388 5.67 -25.91 -30.51
C ASN C 388 4.42 -25.11 -30.83
N ASP C 389 4.01 -24.18 -29.98
CA ASP C 389 2.81 -23.39 -30.21
C ASP C 389 3.11 -22.01 -30.79
N LEU C 390 4.36 -21.57 -30.74
CA LEU C 390 4.71 -20.20 -31.02
C LEU C 390 5.02 -20.00 -32.50
N CYS C 391 5.45 -18.78 -32.81
CA CYS C 391 5.85 -18.38 -34.15
C CYS C 391 6.91 -17.30 -33.98
N PHE C 392 8.02 -17.44 -34.69
CA PHE C 392 9.27 -16.77 -34.36
C PHE C 392 9.62 -15.71 -35.40
N THR C 393 10.15 -14.59 -34.93
CA THR C 393 10.51 -13.46 -35.77
C THR C 393 12.02 -13.27 -35.80
N ASN C 394 12.55 -13.05 -37.00
CA ASN C 394 13.96 -12.71 -37.19
C ASN C 394 14.89 -13.78 -36.63
N VAL C 395 14.81 -14.97 -37.21
CA VAL C 395 15.52 -16.12 -36.66
C VAL C 395 16.90 -16.21 -37.30
N TYR C 396 17.93 -16.22 -36.45
CA TYR C 396 19.31 -16.37 -36.88
C TYR C 396 19.94 -17.52 -36.12
N ALA C 397 20.87 -18.21 -36.77
CA ALA C 397 21.59 -19.33 -36.18
C ALA C 397 23.09 -19.06 -36.28
N ASP C 398 23.76 -18.96 -35.14
CA ASP C 398 25.20 -18.77 -35.09
C ASP C 398 25.86 -20.10 -34.74
N SER C 399 26.87 -20.49 -35.50
CA SER C 399 27.52 -21.77 -35.33
C SER C 399 29.02 -21.61 -35.21
N PHE C 400 29.61 -22.41 -34.33
CA PHE C 400 31.06 -22.48 -34.19
C PHE C 400 31.44 -23.73 -33.43
N VAL C 401 32.73 -23.88 -33.15
CA VAL C 401 33.29 -25.03 -32.45
C VAL C 401 34.24 -24.51 -31.37
N ILE C 402 34.08 -25.00 -30.14
CA ILE C 402 34.95 -24.60 -29.05
C ILE C 402 35.41 -25.84 -28.29
N ARG C 403 36.18 -25.59 -27.23
CA ARG C 403 36.62 -26.64 -26.33
C ARG C 403 35.45 -27.09 -25.47
N GLY C 404 35.62 -28.24 -24.82
CA GLY C 404 34.55 -28.75 -23.98
C GLY C 404 34.37 -27.97 -22.70
N ASP C 405 35.44 -27.35 -22.21
CA ASP C 405 35.37 -26.64 -20.95
C ASP C 405 34.73 -25.27 -21.09
N GLU C 406 34.67 -24.74 -22.30
CA GLU C 406 34.22 -23.38 -22.53
C GLU C 406 32.75 -23.29 -22.91
N VAL C 407 32.03 -24.41 -22.94
CA VAL C 407 30.62 -24.36 -23.28
C VAL C 407 29.84 -23.61 -22.21
N ARG C 408 30.33 -23.61 -20.98
CA ARG C 408 29.70 -22.83 -19.91
C ARG C 408 29.79 -21.34 -20.16
N GLN C 409 30.72 -20.90 -21.01
CA GLN C 409 30.88 -19.47 -21.27
C GLN C 409 29.91 -18.94 -22.31
N ILE C 410 29.12 -19.79 -22.94
CA ILE C 410 28.11 -19.31 -23.87
C ILE C 410 26.83 -19.09 -23.09
N ALA C 411 26.72 -17.94 -22.45
CA ALA C 411 25.58 -17.59 -21.62
C ALA C 411 25.67 -16.09 -21.34
N PRO C 412 24.55 -15.45 -21.07
CA PRO C 412 24.60 -14.02 -20.76
C PRO C 412 25.32 -13.76 -19.45
N GLY C 413 26.21 -12.77 -19.47
CA GLY C 413 26.90 -12.34 -18.28
C GLY C 413 28.02 -13.23 -17.81
N GLN C 414 28.85 -13.72 -18.73
CA GLN C 414 29.94 -14.63 -18.40
C GLN C 414 31.28 -13.96 -18.70
N THR C 415 32.32 -14.45 -18.03
CA THR C 415 33.68 -13.99 -18.25
C THR C 415 34.56 -15.16 -18.65
N GLY C 416 35.71 -14.85 -19.21
CA GLY C 416 36.57 -15.83 -19.83
C GLY C 416 36.94 -15.39 -21.24
N LYS C 417 37.91 -16.10 -21.81
CA LYS C 417 38.45 -15.63 -23.08
C LYS C 417 37.45 -15.78 -24.22
N ILE C 418 36.59 -16.79 -24.18
CA ILE C 418 35.61 -16.95 -25.24
C ILE C 418 34.56 -15.84 -25.17
N ALA C 419 34.10 -15.53 -23.97
CA ALA C 419 33.09 -14.50 -23.79
C ALA C 419 33.67 -13.09 -23.86
N ASP C 420 34.96 -12.92 -23.63
CA ASP C 420 35.60 -11.62 -23.70
C ASP C 420 36.10 -11.26 -25.08
N TYR C 421 36.72 -12.19 -25.79
CA TYR C 421 37.41 -11.86 -27.02
C TYR C 421 36.82 -12.49 -28.27
N ASN C 422 35.93 -13.47 -28.15
CA ASN C 422 35.48 -14.21 -29.32
C ASN C 422 33.99 -14.09 -29.56
N TYR C 423 33.15 -14.38 -28.58
CA TYR C 423 31.71 -14.42 -28.80
C TYR C 423 30.99 -13.99 -27.52
N LYS C 424 30.22 -12.91 -27.61
CA LYS C 424 29.54 -12.33 -26.46
C LYS C 424 28.03 -12.39 -26.68
N LEU C 425 27.31 -12.81 -25.66
CA LEU C 425 25.85 -12.84 -25.72
C LEU C 425 25.26 -11.63 -25.02
N PRO C 426 24.19 -11.04 -25.56
CA PRO C 426 23.58 -9.90 -24.88
C PRO C 426 22.90 -10.33 -23.60
N ASP C 427 22.74 -9.37 -22.68
CA ASP C 427 22.10 -9.67 -21.41
C ASP C 427 20.60 -9.79 -21.56
N ASP C 428 20.02 -9.13 -22.55
CA ASP C 428 18.61 -9.24 -22.89
C ASP C 428 18.41 -10.29 -23.98
N PHE C 429 18.89 -11.50 -23.74
CA PHE C 429 18.93 -12.52 -24.79
C PHE C 429 17.63 -13.31 -24.82
N THR C 430 17.12 -13.57 -26.02
CA THR C 430 15.96 -14.41 -26.25
C THR C 430 16.32 -15.46 -27.30
N GLY C 431 16.25 -16.72 -26.94
CA GLY C 431 16.63 -17.78 -27.84
C GLY C 431 17.29 -18.90 -27.07
N CYS C 432 17.78 -19.90 -27.80
CA CYS C 432 18.40 -21.03 -27.14
C CYS C 432 19.84 -21.26 -27.58
N VAL C 433 20.57 -21.94 -26.70
CA VAL C 433 21.94 -22.37 -26.92
C VAL C 433 21.97 -23.89 -26.91
N ILE C 434 22.53 -24.49 -27.95
CA ILE C 434 22.59 -25.93 -28.13
C ILE C 434 24.04 -26.31 -28.38
N ALA C 435 24.49 -27.38 -27.74
CA ALA C 435 25.88 -27.80 -27.85
C ALA C 435 25.97 -29.31 -27.73
N TRP C 436 26.85 -29.90 -28.53
CA TRP C 436 27.05 -31.34 -28.49
C TRP C 436 28.49 -31.69 -28.81
N ASN C 437 28.94 -32.82 -28.24
CA ASN C 437 30.30 -33.29 -28.44
C ASN C 437 30.49 -33.79 -29.86
N SER C 438 31.60 -33.40 -30.48
CA SER C 438 31.93 -33.81 -31.84
C SER C 438 33.37 -34.27 -31.91
N ASN C 439 33.78 -35.11 -30.96
CA ASN C 439 35.13 -35.67 -30.98
C ASN C 439 35.33 -36.62 -32.15
N ASN C 440 34.23 -37.13 -32.72
CA ASN C 440 34.32 -38.09 -33.80
C ASN C 440 34.47 -37.45 -35.17
N LEU C 441 34.39 -36.13 -35.26
CA LEU C 441 34.47 -35.46 -36.55
C LEU C 441 35.53 -34.37 -36.62
N ASP C 442 35.94 -33.81 -35.48
CA ASP C 442 36.83 -32.65 -35.50
C ASP C 442 38.19 -32.94 -34.89
N SER C 443 38.57 -34.20 -34.75
CA SER C 443 39.88 -34.54 -34.22
C SER C 443 40.58 -35.56 -35.10
N LYS C 444 41.87 -35.36 -35.33
CA LYS C 444 42.70 -36.32 -36.03
C LYS C 444 43.73 -36.87 -35.05
N VAL C 445 44.34 -37.99 -35.44
CA VAL C 445 45.32 -38.67 -34.59
C VAL C 445 46.61 -37.86 -34.46
N GLY C 446 46.91 -37.00 -35.42
CA GLY C 446 48.08 -36.15 -35.28
C GLY C 446 47.75 -34.82 -34.65
N GLY C 447 46.46 -34.46 -34.66
CA GLY C 447 46.01 -33.19 -34.14
C GLY C 447 45.21 -32.47 -35.22
N ASN C 448 44.31 -31.61 -34.78
CA ASN C 448 43.50 -30.81 -35.69
C ASN C 448 43.70 -29.34 -35.37
N TYR C 449 44.50 -28.66 -36.17
CA TYR C 449 44.83 -27.26 -35.94
C TYR C 449 44.09 -26.34 -36.90
N ASN C 450 42.90 -26.74 -37.33
CA ASN C 450 42.08 -25.92 -38.21
C ASN C 450 41.24 -24.90 -37.44
N TYR C 451 40.90 -25.19 -36.19
CA TYR C 451 40.04 -24.32 -35.40
C TYR C 451 40.90 -23.39 -34.55
N LEU C 452 40.65 -22.09 -34.68
CA LEU C 452 41.42 -21.07 -33.98
C LEU C 452 40.55 -20.31 -33.00
N TYR C 453 41.21 -19.53 -32.16
CA TYR C 453 40.52 -18.64 -31.23
C TYR C 453 41.42 -17.46 -30.93
N ARG C 454 40.81 -16.33 -30.57
CA ARG C 454 41.57 -15.14 -30.23
C ARG C 454 41.95 -15.18 -28.76
N LEU C 455 43.22 -14.91 -28.49
CA LEU C 455 43.75 -14.98 -27.13
C LEU C 455 44.06 -13.63 -26.52
N PHE C 456 44.33 -12.62 -27.33
CA PHE C 456 44.67 -11.28 -26.85
C PHE C 456 43.76 -10.25 -27.51
N ARG C 457 43.36 -9.25 -26.74
CA ARG C 457 42.59 -8.13 -27.27
C ARG C 457 42.70 -6.97 -26.30
N LYS C 458 42.56 -5.76 -26.84
CA LYS C 458 42.68 -4.56 -26.02
C LYS C 458 41.43 -4.28 -25.20
N SER C 459 40.28 -4.78 -25.61
CA SER C 459 39.05 -4.58 -24.86
C SER C 459 38.10 -5.73 -25.16
N ASN C 460 37.13 -5.91 -24.27
CA ASN C 460 36.13 -6.93 -24.48
C ASN C 460 35.27 -6.59 -25.69
N LEU C 461 34.60 -7.60 -26.22
CA LEU C 461 33.72 -7.44 -27.35
C LEU C 461 32.38 -6.89 -26.90
N LYS C 462 31.65 -6.31 -27.84
CA LYS C 462 30.26 -5.97 -27.64
C LYS C 462 29.39 -7.16 -28.00
N PRO C 463 28.16 -7.22 -27.49
CA PRO C 463 27.28 -8.35 -27.83
C PRO C 463 27.09 -8.51 -29.33
N PHE C 464 27.28 -9.75 -29.79
CA PHE C 464 27.09 -10.12 -31.19
C PHE C 464 28.01 -9.35 -32.13
N GLU C 465 29.22 -9.06 -31.66
CA GLU C 465 30.23 -8.42 -32.48
C GLU C 465 31.31 -9.44 -32.85
N ARG C 466 31.89 -9.27 -34.04
CA ARG C 466 32.84 -10.23 -34.59
C ARG C 466 34.11 -9.52 -35.02
N ASP C 467 35.25 -10.00 -34.54
CA ASP C 467 36.55 -9.42 -34.81
C ASP C 467 37.42 -10.44 -35.54
N ILE C 468 37.77 -10.16 -36.79
CA ILE C 468 38.55 -11.10 -37.58
C ILE C 468 39.89 -10.50 -37.97
N SER C 469 40.29 -9.45 -37.27
CA SER C 469 41.56 -8.80 -37.52
C SER C 469 42.71 -9.67 -37.02
N THR C 470 43.88 -9.49 -37.62
CA THR C 470 45.08 -10.27 -37.28
C THR C 470 46.30 -9.36 -37.14
N GLU C 471 46.13 -8.21 -36.51
CA GLU C 471 47.26 -7.34 -36.22
C GLU C 471 48.03 -7.86 -35.02
N ILE C 472 49.32 -7.53 -34.97
CA ILE C 472 50.16 -7.99 -33.87
C ILE C 472 49.77 -7.26 -32.60
N TYR C 473 49.54 -8.02 -31.53
CA TYR C 473 49.11 -7.45 -30.27
C TYR C 473 50.32 -7.00 -29.46
N GLN C 474 50.36 -5.72 -29.12
CA GLN C 474 51.44 -5.15 -28.34
C GLN C 474 51.10 -5.28 -26.86
N ALA C 475 51.80 -6.16 -26.17
CA ALA C 475 51.55 -6.39 -24.75
C ALA C 475 52.51 -5.62 -23.86
N GLY C 476 53.63 -5.16 -24.41
CA GLY C 476 54.65 -4.48 -23.62
C GLY C 476 54.57 -2.97 -23.75
N SER C 477 55.74 -2.34 -23.74
CA SER C 477 55.84 -0.87 -23.80
C SER C 477 56.62 -0.43 -25.03
N THR C 478 56.50 -1.14 -26.15
CA THR C 478 57.23 -0.81 -27.35
C THR C 478 56.42 -1.11 -28.60
N PRO C 479 56.44 -0.23 -29.60
CA PRO C 479 55.81 -0.58 -30.88
C PRO C 479 56.46 -1.81 -31.50
N CYS C 480 55.62 -2.65 -32.08
CA CYS C 480 56.08 -3.90 -32.70
C CYS C 480 56.24 -3.83 -34.20
N ASN C 481 55.71 -2.80 -34.85
CA ASN C 481 55.87 -2.61 -36.28
C ASN C 481 55.42 -3.84 -37.07
N GLY C 482 54.57 -4.67 -36.47
CA GLY C 482 54.10 -5.88 -37.12
C GLY C 482 55.19 -6.89 -37.45
N VAL C 483 56.07 -7.21 -36.51
CA VAL C 483 57.10 -8.21 -36.74
C VAL C 483 57.02 -9.37 -35.76
N GLU C 484 56.16 -9.29 -34.75
CA GLU C 484 55.94 -10.38 -33.80
C GLU C 484 57.25 -10.78 -33.10
N GLY C 485 57.81 -9.86 -32.33
CA GLY C 485 59.02 -10.15 -31.58
C GLY C 485 58.76 -10.53 -30.15
N PHE C 486 59.44 -9.86 -29.22
CA PHE C 486 59.29 -10.12 -27.79
C PHE C 486 58.28 -9.13 -27.23
N ASN C 487 57.35 -9.65 -26.42
CA ASN C 487 56.26 -8.85 -25.85
C ASN C 487 55.33 -8.30 -26.94
N CYS C 488 55.36 -8.93 -28.11
CA CYS C 488 54.38 -8.66 -29.16
C CYS C 488 53.97 -9.99 -29.77
N TYR C 489 52.70 -10.34 -29.64
CA TYR C 489 52.23 -11.67 -29.95
C TYR C 489 51.30 -11.66 -31.15
N PHE C 490 51.17 -12.81 -31.79
CA PHE C 490 50.11 -13.00 -32.75
C PHE C 490 48.81 -13.26 -32.00
N PRO C 491 47.72 -12.61 -32.38
CA PRO C 491 46.51 -12.65 -31.55
C PRO C 491 45.81 -13.99 -31.53
N LEU C 492 45.88 -14.74 -32.62
CA LEU C 492 45.13 -15.98 -32.74
C LEU C 492 45.99 -17.18 -32.39
N GLN C 493 45.39 -18.14 -31.69
CA GLN C 493 46.04 -19.40 -31.39
C GLN C 493 45.13 -20.52 -31.86
N SER C 494 45.63 -21.75 -31.78
CA SER C 494 44.95 -22.89 -32.36
C SER C 494 44.61 -23.94 -31.32
N TYR C 495 43.42 -24.50 -31.42
CA TYR C 495 43.05 -25.66 -30.63
C TYR C 495 43.76 -26.89 -31.16
N GLY C 496 44.28 -27.71 -30.28
CA GLY C 496 44.82 -28.98 -30.71
C GLY C 496 43.93 -30.14 -30.32
N PHE C 497 43.16 -30.66 -31.27
CA PHE C 497 42.13 -31.65 -30.99
C PHE C 497 42.62 -33.02 -31.39
N GLN C 498 42.95 -33.85 -30.40
CA GLN C 498 43.31 -35.23 -30.62
C GLN C 498 42.29 -36.15 -29.96
N PRO C 499 42.00 -37.31 -30.54
CA PRO C 499 40.92 -38.15 -30.00
C PRO C 499 41.22 -38.74 -28.64
N THR C 500 42.42 -38.54 -28.11
CA THR C 500 42.79 -39.07 -26.80
C THR C 500 42.93 -37.94 -25.78
N ASN C 501 42.13 -36.90 -25.94
CA ASN C 501 42.08 -35.81 -24.99
C ASN C 501 41.08 -36.11 -23.89
N GLY C 502 41.24 -35.45 -22.76
CA GLY C 502 40.19 -35.47 -21.76
C GLY C 502 38.93 -34.84 -22.30
N VAL C 503 37.81 -35.18 -21.66
CA VAL C 503 36.52 -34.68 -22.16
C VAL C 503 36.50 -33.16 -22.14
N GLY C 504 37.23 -32.55 -21.22
CA GLY C 504 37.26 -31.10 -21.15
C GLY C 504 38.07 -30.47 -22.26
N TYR C 505 38.81 -31.26 -23.01
CA TYR C 505 39.62 -30.75 -24.12
C TYR C 505 39.14 -31.23 -25.48
N GLN C 506 38.02 -31.92 -25.54
CA GLN C 506 37.48 -32.41 -26.79
C GLN C 506 36.60 -31.35 -27.44
N PRO C 507 36.47 -31.37 -28.75
CA PRO C 507 35.72 -30.29 -29.42
C PRO C 507 34.22 -30.46 -29.26
N TYR C 508 33.54 -29.32 -29.13
CA TYR C 508 32.09 -29.27 -29.05
C TYR C 508 31.58 -28.32 -30.11
N ARG C 509 30.51 -28.73 -30.80
CA ARG C 509 29.85 -27.88 -31.77
C ARG C 509 28.71 -27.14 -31.09
N VAL C 510 28.62 -25.83 -31.34
CA VAL C 510 27.68 -24.96 -30.66
C VAL C 510 26.86 -24.22 -31.70
N VAL C 511 25.54 -24.24 -31.52
CA VAL C 511 24.58 -23.49 -32.32
C VAL C 511 23.74 -22.62 -31.38
N VAL C 512 23.67 -21.33 -31.68
CA VAL C 512 22.91 -20.36 -30.90
C VAL C 512 21.79 -19.83 -31.79
N LEU C 513 20.55 -20.14 -31.43
CA LEU C 513 19.38 -19.66 -32.15
C LEU C 513 18.84 -18.44 -31.45
N SER C 514 18.63 -17.36 -32.21
CA SER C 514 18.16 -16.08 -31.68
C SER C 514 16.96 -15.61 -32.49
N PHE C 515 15.91 -15.15 -31.78
CA PHE C 515 14.67 -14.76 -32.41
C PHE C 515 13.94 -13.77 -31.50
N GLU C 516 12.82 -13.24 -31.99
CA GLU C 516 11.91 -12.42 -31.20
C GLU C 516 10.52 -13.03 -31.23
N LEU C 517 9.68 -12.65 -30.27
CA LEU C 517 8.39 -13.29 -30.04
C LEU C 517 7.29 -12.25 -29.90
N LEU C 518 6.25 -12.39 -30.73
CA LEU C 518 4.95 -11.77 -30.53
C LEU C 518 4.92 -10.25 -30.67
N HIS C 519 5.70 -9.68 -31.57
CA HIS C 519 5.59 -8.24 -31.81
C HIS C 519 5.49 -7.87 -33.28
N ALA C 520 6.08 -8.64 -34.18
CA ALA C 520 6.16 -8.26 -35.59
C ALA C 520 5.69 -9.44 -36.43
N PRO C 521 5.57 -9.28 -37.75
CA PRO C 521 5.23 -10.43 -38.59
C PRO C 521 6.28 -11.52 -38.53
N ALA C 522 5.84 -12.77 -38.41
CA ALA C 522 6.75 -13.89 -38.27
C ALA C 522 6.55 -14.85 -39.44
N THR C 523 7.58 -15.66 -39.71
CA THR C 523 7.52 -16.57 -40.84
C THR C 523 7.99 -17.98 -40.52
N VAL C 524 8.32 -18.29 -39.26
CA VAL C 524 8.83 -19.63 -38.97
C VAL C 524 7.70 -20.52 -38.48
N CYS C 525 7.10 -20.18 -37.34
CA CYS C 525 6.00 -20.96 -36.78
C CYS C 525 6.46 -22.37 -36.42
N GLY C 526 5.54 -23.15 -35.85
CA GLY C 526 5.85 -24.52 -35.46
C GLY C 526 5.12 -25.54 -36.30
N PRO C 527 4.69 -26.64 -35.68
CA PRO C 527 3.98 -27.70 -36.39
C PRO C 527 2.47 -27.59 -36.25
N LYS C 528 2.01 -26.65 -35.43
CA LYS C 528 0.58 -26.44 -35.21
C LYS C 528 -0.17 -26.34 -36.53
N LYS C 529 -1.44 -26.75 -36.52
CA LYS C 529 -2.26 -26.70 -37.71
C LYS C 529 -3.39 -25.69 -37.55
N SER C 530 -3.69 -24.99 -38.63
CA SER C 530 -4.70 -23.94 -38.62
C SER C 530 -6.12 -24.43 -38.80
N THR C 531 -7.05 -23.55 -38.47
CA THR C 531 -8.48 -23.82 -38.57
C THR C 531 -9.12 -22.73 -39.40
N ASN C 532 -10.45 -22.68 -39.42
CA ASN C 532 -11.15 -21.62 -40.12
C ASN C 532 -11.39 -20.45 -39.17
N LEU C 533 -11.83 -19.34 -39.75
CA LEU C 533 -12.05 -18.09 -39.03
C LEU C 533 -13.53 -17.98 -38.67
N VAL C 534 -13.82 -18.02 -37.37
CA VAL C 534 -15.18 -17.84 -36.86
C VAL C 534 -15.28 -16.44 -36.30
N LYS C 535 -16.16 -15.64 -36.89
CA LYS C 535 -16.37 -14.26 -36.49
C LYS C 535 -17.70 -14.13 -35.79
N ASN C 536 -17.84 -13.06 -35.00
CA ASN C 536 -19.06 -12.71 -34.29
C ASN C 536 -19.44 -13.70 -33.21
N LYS C 537 -18.46 -14.40 -32.63
CA LYS C 537 -18.71 -15.35 -31.57
C LYS C 537 -17.58 -15.29 -30.56
N CYS C 538 -17.83 -15.82 -29.37
CA CYS C 538 -16.81 -15.90 -28.34
C CYS C 538 -15.96 -17.14 -28.55
N VAL C 539 -14.68 -16.96 -28.87
CA VAL C 539 -13.78 -18.06 -29.16
C VAL C 539 -12.47 -17.85 -28.44
N ASN C 540 -11.77 -18.95 -28.13
CA ASN C 540 -10.35 -18.87 -27.86
C ASN C 540 -9.61 -18.81 -29.19
N PHE C 541 -8.58 -17.97 -29.26
CA PHE C 541 -7.87 -17.81 -30.51
C PHE C 541 -6.38 -17.93 -30.26
N ASN C 542 -5.67 -18.34 -31.31
CA ASN C 542 -4.22 -18.39 -31.34
C ASN C 542 -3.77 -17.80 -32.67
N PHE C 543 -3.34 -16.55 -32.65
CA PHE C 543 -2.89 -15.84 -33.85
C PHE C 543 -1.37 -15.72 -33.78
N ASN C 544 -0.67 -16.47 -34.63
CA ASN C 544 0.78 -16.43 -34.73
C ASN C 544 1.45 -16.68 -33.38
N GLY C 545 0.84 -17.50 -32.53
CA GLY C 545 1.39 -17.78 -31.22
C GLY C 545 0.78 -16.99 -30.10
N LEU C 546 0.12 -15.87 -30.40
CA LEU C 546 -0.53 -15.04 -29.39
C LEU C 546 -1.90 -15.60 -29.08
N THR C 547 -2.11 -16.04 -27.84
CA THR C 547 -3.34 -16.68 -27.43
C THR C 547 -4.27 -15.67 -26.77
N GLY C 548 -5.55 -16.00 -26.75
CA GLY C 548 -6.48 -15.12 -26.07
C GLY C 548 -7.90 -15.63 -26.19
N THR C 549 -8.84 -14.81 -25.71
CA THR C 549 -10.26 -15.10 -25.74
C THR C 549 -11.01 -13.85 -26.12
N GLY C 550 -12.04 -13.98 -26.95
CA GLY C 550 -12.88 -12.85 -27.25
C GLY C 550 -13.69 -13.05 -28.51
N VAL C 551 -14.19 -11.94 -29.02
CA VAL C 551 -15.04 -11.90 -30.21
C VAL C 551 -14.27 -11.18 -31.30
N LEU C 552 -14.23 -11.77 -32.49
CA LEU C 552 -13.51 -11.22 -33.62
C LEU C 552 -14.49 -10.61 -34.60
N THR C 553 -14.23 -9.38 -35.02
CA THR C 553 -15.11 -8.71 -35.96
C THR C 553 -14.28 -8.02 -37.03
N GLU C 554 -14.92 -7.73 -38.16
CA GLU C 554 -14.22 -7.05 -39.25
C GLU C 554 -13.89 -5.62 -38.85
N SER C 555 -12.75 -5.13 -39.31
CA SER C 555 -12.19 -3.88 -38.81
C SER C 555 -12.08 -2.85 -39.93
N ASN C 556 -11.92 -1.60 -39.51
CA ASN C 556 -11.66 -0.50 -40.43
C ASN C 556 -10.25 0.07 -40.27
N LYS C 557 -9.52 -0.33 -39.24
CA LYS C 557 -8.13 0.07 -39.12
C LYS C 557 -7.33 -0.48 -40.29
N LYS C 558 -6.25 0.19 -40.61
CA LYS C 558 -5.46 -0.16 -41.79
C LYS C 558 -3.99 -0.09 -41.43
N PHE C 559 -3.36 -1.26 -41.35
CA PHE C 559 -2.00 -1.38 -40.84
C PHE C 559 -0.99 -1.04 -41.92
N LEU C 560 0.15 -0.53 -41.49
CA LEU C 560 1.29 -0.42 -42.39
C LEU C 560 1.86 -1.81 -42.63
N PRO C 561 2.60 -2.02 -43.72
CA PRO C 561 3.04 -3.39 -44.05
C PRO C 561 3.92 -4.04 -43.00
N PHE C 562 4.59 -3.28 -42.15
CA PHE C 562 5.46 -3.85 -41.13
C PHE C 562 4.77 -4.08 -39.79
N GLN C 563 3.44 -4.05 -39.76
CA GLN C 563 2.69 -4.19 -38.53
C GLN C 563 1.82 -5.44 -38.57
N GLN C 564 1.68 -6.08 -37.41
CA GLN C 564 0.88 -7.29 -37.29
C GLN C 564 -0.16 -7.19 -36.19
N PHE C 565 0.15 -6.56 -35.07
CA PHE C 565 -0.75 -6.43 -33.95
C PHE C 565 -1.06 -4.97 -33.69
N GLY C 566 -2.20 -4.72 -33.06
CA GLY C 566 -2.58 -3.37 -32.64
C GLY C 566 -2.93 -3.36 -31.17
N ARG C 567 -2.51 -2.32 -30.47
CA ARG C 567 -2.68 -2.23 -29.03
C ARG C 567 -3.41 -0.95 -28.65
N ASP C 568 -4.19 -1.03 -27.58
CA ASP C 568 -4.90 0.11 -27.04
C ASP C 568 -4.10 0.79 -25.94
N ILE C 569 -4.73 1.69 -25.20
CA ILE C 569 -4.02 2.46 -24.19
C ILE C 569 -3.62 1.59 -23.00
N ALA C 570 -4.45 0.60 -22.65
CA ALA C 570 -4.09 -0.34 -21.59
C ALA C 570 -3.10 -1.40 -22.08
N ASP C 571 -2.61 -1.28 -23.31
CA ASP C 571 -1.57 -2.15 -23.89
C ASP C 571 -2.07 -3.56 -24.16
N THR C 572 -3.38 -3.77 -24.19
CA THR C 572 -3.91 -5.06 -24.60
C THR C 572 -4.08 -5.10 -26.11
N THR C 573 -3.92 -6.27 -26.69
CA THR C 573 -4.06 -6.44 -28.13
C THR C 573 -5.54 -6.35 -28.49
N ASP C 574 -5.91 -5.36 -29.28
CA ASP C 574 -7.29 -5.19 -29.68
C ASP C 574 -7.50 -5.30 -31.18
N ALA C 575 -6.44 -5.41 -31.97
CA ALA C 575 -6.57 -5.66 -33.39
C ALA C 575 -5.47 -6.60 -33.83
N VAL C 576 -5.73 -7.34 -34.90
CA VAL C 576 -4.76 -8.31 -35.40
C VAL C 576 -4.96 -8.47 -36.90
N ARG C 577 -3.85 -8.71 -37.61
CA ARG C 577 -3.93 -9.00 -39.03
C ARG C 577 -3.94 -10.51 -39.23
N ASP C 578 -4.94 -11.02 -39.92
CA ASP C 578 -5.04 -12.45 -40.14
C ASP C 578 -3.90 -12.90 -41.05
N PRO C 579 -3.11 -13.90 -40.66
CA PRO C 579 -1.89 -14.22 -41.40
C PRO C 579 -2.13 -14.94 -42.71
N GLN C 580 -3.35 -15.35 -43.03
CA GLN C 580 -3.64 -16.04 -44.27
C GLN C 580 -4.45 -15.20 -45.25
N THR C 581 -5.44 -14.45 -44.75
CA THR C 581 -6.24 -13.60 -45.63
C THR C 581 -5.79 -12.15 -45.62
N LEU C 582 -4.87 -11.77 -44.73
CA LEU C 582 -4.30 -10.43 -44.66
C LEU C 582 -5.36 -9.37 -44.39
N GLU C 583 -6.40 -9.74 -43.65
CA GLU C 583 -7.44 -8.81 -43.28
C GLU C 583 -7.33 -8.47 -41.80
N ILE C 584 -7.68 -7.24 -41.47
CA ILE C 584 -7.58 -6.76 -40.10
C ILE C 584 -8.86 -7.10 -39.35
N LEU C 585 -8.71 -7.53 -38.11
CA LEU C 585 -9.82 -7.93 -37.25
C LEU C 585 -9.70 -7.20 -35.93
N ASP C 586 -10.84 -6.85 -35.35
CA ASP C 586 -10.90 -6.31 -34.01
C ASP C 586 -11.28 -7.41 -33.02
N ILE C 587 -10.64 -7.36 -31.86
CA ILE C 587 -10.84 -8.32 -30.78
C ILE C 587 -11.51 -7.60 -29.63
N THR C 588 -12.73 -8.01 -29.30
CA THR C 588 -13.50 -7.38 -28.24
C THR C 588 -13.71 -8.38 -27.13
N PRO C 589 -13.58 -7.98 -25.87
CA PRO C 589 -13.78 -8.92 -24.76
C PRO C 589 -15.19 -9.49 -24.73
N CYS C 590 -15.40 -10.48 -23.88
CA CYS C 590 -16.64 -11.24 -23.94
C CYS C 590 -17.56 -10.96 -22.76
N SER C 591 -17.02 -10.60 -21.60
CA SER C 591 -17.82 -10.33 -20.41
C SER C 591 -18.09 -8.84 -20.29
N PHE C 592 -19.31 -8.50 -19.88
CA PHE C 592 -19.76 -7.11 -19.89
C PHE C 592 -21.08 -6.98 -19.17
N GLY C 593 -21.21 -5.97 -18.31
CA GLY C 593 -22.48 -5.69 -17.67
C GLY C 593 -22.57 -6.13 -16.24
N GLY C 594 -23.06 -5.25 -15.37
CA GLY C 594 -23.19 -5.55 -13.96
C GLY C 594 -24.48 -6.29 -13.65
N VAL C 595 -24.48 -6.97 -12.51
CA VAL C 595 -25.60 -7.80 -12.07
C VAL C 595 -25.79 -7.62 -10.57
N SER C 596 -27.04 -7.43 -10.16
CA SER C 596 -27.36 -7.36 -8.74
C SER C 596 -28.49 -8.32 -8.44
N VAL C 597 -28.52 -8.83 -7.21
CA VAL C 597 -29.55 -9.76 -6.79
C VAL C 597 -30.32 -9.15 -5.62
N ILE C 598 -31.64 -9.20 -5.72
CA ILE C 598 -32.55 -8.63 -4.74
C ILE C 598 -33.20 -9.77 -3.98
N THR C 599 -32.95 -9.84 -2.67
CA THR C 599 -33.55 -10.89 -1.86
C THR C 599 -34.36 -10.30 -0.72
N PRO C 600 -35.49 -10.90 -0.39
CA PRO C 600 -36.22 -10.54 0.83
C PRO C 600 -35.66 -11.18 2.10
N GLY C 601 -34.47 -11.76 2.02
CA GLY C 601 -33.90 -12.49 3.13
C GLY C 601 -34.17 -13.98 3.03
N THR C 602 -33.13 -14.77 3.21
CA THR C 602 -33.28 -16.22 3.07
C THR C 602 -33.87 -16.83 4.34
N ASN C 603 -34.19 -16.01 5.32
CA ASN C 603 -34.88 -16.49 6.51
C ASN C 603 -36.38 -16.34 6.36
N THR C 604 -36.82 -15.92 5.18
CA THR C 604 -38.22 -15.72 4.84
C THR C 604 -38.60 -16.45 3.57
N SER C 605 -37.69 -16.48 2.59
CA SER C 605 -37.93 -17.18 1.33
C SER C 605 -36.62 -17.20 0.54
N ASN C 606 -36.53 -18.15 -0.40
CA ASN C 606 -35.42 -18.17 -1.34
C ASN C 606 -35.83 -17.71 -2.72
N GLN C 607 -36.95 -17.00 -2.82
CA GLN C 607 -37.26 -16.25 -4.03
C GLN C 607 -36.32 -15.06 -4.14
N VAL C 608 -35.86 -14.79 -5.36
CA VAL C 608 -34.99 -13.65 -5.61
C VAL C 608 -35.41 -12.99 -6.91
N ALA C 609 -35.00 -11.74 -7.08
CA ALA C 609 -35.08 -11.06 -8.35
C ALA C 609 -33.68 -10.67 -8.79
N VAL C 610 -33.47 -10.49 -10.09
CA VAL C 610 -32.15 -10.21 -10.61
C VAL C 610 -32.24 -8.96 -11.48
N LEU C 611 -31.34 -8.01 -11.25
CA LEU C 611 -31.28 -6.78 -12.00
C LEU C 611 -30.03 -6.80 -12.88
N TYR C 612 -30.24 -6.81 -14.18
CA TYR C 612 -29.17 -6.72 -15.16
C TYR C 612 -29.04 -5.26 -15.54
N GLN C 613 -27.99 -4.62 -15.06
CA GLN C 613 -27.86 -3.17 -15.11
C GLN C 613 -27.45 -2.66 -16.48
N ASP C 614 -27.36 -3.53 -17.49
CA ASP C 614 -26.90 -3.07 -18.79
C ASP C 614 -27.69 -3.70 -19.95
N VAL C 615 -28.89 -4.18 -19.65
CA VAL C 615 -29.74 -4.81 -20.67
C VAL C 615 -31.01 -3.99 -20.89
N ASN C 616 -31.47 -3.97 -22.14
CA ASN C 616 -32.67 -3.24 -22.52
C ASN C 616 -33.58 -4.14 -23.35
N CYS C 617 -34.60 -4.69 -22.71
CA CYS C 617 -35.52 -5.59 -23.39
C CYS C 617 -36.86 -4.96 -23.76
N THR C 618 -37.15 -4.90 -25.05
CA THR C 618 -38.41 -4.34 -25.51
C THR C 618 -38.85 -4.94 -26.83
N TRP C 633 -31.27 -12.27 -25.19
CA TRP C 633 -30.70 -11.28 -24.30
C TRP C 633 -29.53 -11.84 -23.51
N ARG C 634 -28.72 -10.95 -22.95
CA ARG C 634 -27.58 -11.36 -22.14
C ARG C 634 -28.04 -11.50 -20.68
N VAL C 635 -28.88 -12.52 -20.45
CA VAL C 635 -29.43 -12.80 -19.13
C VAL C 635 -29.19 -14.27 -18.80
N TYR C 636 -29.20 -14.59 -17.52
CA TYR C 636 -29.06 -15.96 -17.06
C TYR C 636 -30.33 -16.77 -17.28
N SER C 637 -31.49 -16.16 -17.04
CA SER C 637 -32.79 -16.79 -17.19
C SER C 637 -33.79 -15.75 -17.66
N THR C 638 -34.95 -16.21 -18.09
CA THR C 638 -35.96 -15.28 -18.58
C THR C 638 -37.27 -15.34 -17.81
N GLY C 639 -37.62 -16.48 -17.22
CA GLY C 639 -38.80 -16.63 -16.39
C GLY C 639 -40.02 -15.86 -16.84
N SER C 640 -40.67 -15.18 -15.91
CA SER C 640 -41.74 -14.24 -16.24
C SER C 640 -41.52 -12.98 -15.43
N ASN C 641 -42.41 -12.02 -15.59
CA ASN C 641 -42.26 -10.71 -14.97
C ASN C 641 -40.94 -10.07 -15.36
N VAL C 642 -40.78 -9.77 -16.64
CA VAL C 642 -39.67 -8.94 -17.10
C VAL C 642 -40.11 -7.49 -17.09
N PHE C 643 -39.36 -6.64 -16.41
CA PHE C 643 -39.74 -5.25 -16.22
C PHE C 643 -38.53 -4.37 -16.48
N GLN C 644 -38.65 -3.43 -17.40
CA GLN C 644 -37.54 -2.58 -17.80
C GLN C 644 -37.52 -1.32 -16.95
N THR C 645 -36.33 -0.89 -16.55
CA THR C 645 -36.12 0.26 -15.71
C THR C 645 -34.92 1.05 -16.22
N ARG C 646 -34.87 2.32 -15.85
CA ARG C 646 -33.70 3.13 -16.17
C ARG C 646 -32.47 2.69 -15.39
N ALA C 647 -32.60 1.69 -14.53
CA ALA C 647 -31.48 1.07 -13.86
C ALA C 647 -31.14 -0.30 -14.43
N GLY C 648 -31.92 -0.79 -15.39
CA GLY C 648 -31.64 -2.06 -16.01
C GLY C 648 -32.89 -2.90 -16.13
N CYS C 649 -32.71 -4.13 -16.56
CA CYS C 649 -33.81 -5.07 -16.72
C CYS C 649 -33.95 -5.89 -15.45
N LEU C 650 -35.13 -5.83 -14.83
CA LEU C 650 -35.41 -6.55 -13.61
C LEU C 650 -36.23 -7.78 -13.94
N ILE C 651 -35.78 -8.94 -13.47
CA ILE C 651 -36.38 -10.22 -13.80
C ILE C 651 -36.70 -10.94 -12.51
N GLY C 652 -37.98 -11.26 -12.32
CA GLY C 652 -38.45 -11.98 -11.15
C GLY C 652 -39.35 -11.18 -10.23
N ALA C 653 -39.67 -9.95 -10.58
CA ALA C 653 -40.52 -9.09 -9.75
C ALA C 653 -41.64 -8.52 -10.59
N GLU C 654 -42.83 -8.45 -10.01
CA GLU C 654 -44.02 -7.99 -10.71
C GLU C 654 -44.20 -6.49 -10.53
N HIS C 655 -44.47 -5.80 -11.63
CA HIS C 655 -44.65 -4.35 -11.61
C HIS C 655 -46.08 -4.00 -11.22
N VAL C 656 -46.22 -3.11 -10.25
CA VAL C 656 -47.52 -2.66 -9.79
C VAL C 656 -47.66 -1.16 -10.07
N ASN C 657 -48.88 -0.67 -9.96
CA ASN C 657 -49.16 0.74 -10.22
C ASN C 657 -49.25 1.61 -8.97
N ASN C 658 -49.20 0.99 -7.79
CA ASN C 658 -49.28 1.76 -6.57
C ASN C 658 -47.96 2.46 -6.30
N SER C 659 -47.84 3.03 -5.10
CA SER C 659 -46.62 3.69 -4.67
C SER C 659 -46.58 3.68 -3.15
N TYR C 660 -45.46 3.25 -2.60
CA TYR C 660 -45.29 3.17 -1.16
C TYR C 660 -43.95 3.81 -0.79
N GLU C 661 -43.60 3.76 0.47
CA GLU C 661 -42.26 4.14 0.89
C GLU C 661 -41.27 3.08 0.43
N CYS C 662 -40.05 3.51 0.18
CA CYS C 662 -39.03 2.60 -0.32
C CYS C 662 -38.74 1.51 0.69
N ASP C 663 -38.64 0.28 0.21
CA ASP C 663 -38.29 -0.86 1.05
C ASP C 663 -36.91 -1.37 0.72
N ILE C 664 -36.68 -1.75 -0.53
CA ILE C 664 -35.37 -2.12 -1.04
C ILE C 664 -35.10 -1.23 -2.24
N PRO C 665 -34.12 -0.33 -2.18
CA PRO C 665 -33.92 0.61 -3.28
C PRO C 665 -33.24 -0.06 -4.47
N ILE C 666 -33.97 -0.16 -5.58
CA ILE C 666 -33.41 -0.60 -6.84
C ILE C 666 -32.65 0.52 -7.53
N GLY C 667 -33.23 1.71 -7.57
CA GLY C 667 -32.55 2.83 -8.18
C GLY C 667 -33.38 3.53 -9.22
N ALA C 668 -32.95 4.73 -9.62
CA ALA C 668 -33.64 5.54 -10.62
C ALA C 668 -35.11 5.74 -10.27
N GLY C 669 -35.43 5.78 -8.98
CA GLY C 669 -36.78 6.02 -8.50
C GLY C 669 -37.59 4.77 -8.24
N ILE C 670 -37.00 3.59 -8.42
CA ILE C 670 -37.73 2.34 -8.31
C ILE C 670 -37.28 1.59 -7.07
N CYS C 671 -38.24 1.06 -6.32
CA CYS C 671 -37.98 0.25 -5.15
C CYS C 671 -38.70 -1.08 -5.30
N ALA C 672 -38.38 -2.02 -4.42
CA ALA C 672 -38.96 -3.36 -4.47
C ALA C 672 -39.27 -3.83 -3.06
N SER C 673 -40.24 -4.75 -2.96
CA SER C 673 -40.65 -5.24 -1.66
C SER C 673 -41.35 -6.58 -1.80
N TYR C 674 -41.32 -7.34 -0.70
CA TYR C 674 -41.92 -8.66 -0.64
C TYR C 674 -43.36 -8.55 -0.14
N GLN C 675 -44.27 -8.28 -1.06
CA GLN C 675 -45.68 -8.13 -0.72
C GLN C 675 -46.53 -9.25 -1.31
N THR C 676 -47.79 -8.95 -1.63
CA THR C 676 -48.70 -9.92 -2.19
C THR C 676 -49.34 -9.39 -3.48
N GLN C 690 -47.36 -14.98 -1.64
CA GLN C 690 -46.40 -13.90 -1.56
C GLN C 690 -45.50 -13.89 -2.78
N SER C 691 -44.99 -12.71 -3.11
CA SER C 691 -44.13 -12.51 -4.28
C SER C 691 -43.37 -11.21 -4.09
N ILE C 692 -42.52 -10.89 -5.08
CA ILE C 692 -41.71 -9.69 -5.05
C ILE C 692 -42.31 -8.70 -6.04
N ILE C 693 -42.55 -7.48 -5.58
CA ILE C 693 -43.15 -6.44 -6.40
C ILE C 693 -42.17 -5.29 -6.53
N ALA C 694 -42.29 -4.57 -7.64
CA ALA C 694 -41.45 -3.41 -7.92
C ALA C 694 -42.35 -2.23 -8.26
N TYR C 695 -42.05 -1.07 -7.68
CA TYR C 695 -42.91 0.08 -7.83
C TYR C 695 -42.06 1.35 -7.88
N THR C 696 -42.73 2.46 -8.17
CA THR C 696 -42.12 3.78 -8.08
C THR C 696 -42.37 4.35 -6.70
N MET C 697 -41.31 4.77 -6.02
CA MET C 697 -41.45 5.26 -4.67
C MET C 697 -42.22 6.57 -4.65
N SER C 698 -42.99 6.77 -3.59
CA SER C 698 -43.76 7.98 -3.39
C SER C 698 -42.98 8.95 -2.50
N LEU C 699 -43.06 10.23 -2.86
CA LEU C 699 -42.35 11.25 -2.11
C LEU C 699 -43.09 11.66 -0.84
N GLY C 700 -44.40 11.54 -0.84
CA GLY C 700 -45.20 11.93 0.31
C GLY C 700 -46.60 12.31 -0.12
N ALA C 701 -47.44 12.54 0.89
CA ALA C 701 -48.82 12.90 0.66
C ALA C 701 -48.91 14.29 0.05
N GLU C 702 -49.87 14.46 -0.85
CA GLU C 702 -50.06 15.75 -1.51
C GLU C 702 -50.89 16.66 -0.62
N ASN C 703 -50.60 17.96 -0.70
CA ASN C 703 -51.23 18.92 0.17
C ASN C 703 -51.32 20.26 -0.56
N SER C 704 -52.28 21.06 -0.13
CA SER C 704 -52.52 22.36 -0.74
C SER C 704 -52.87 23.35 0.37
N VAL C 705 -52.32 24.55 0.28
CA VAL C 705 -52.55 25.59 1.27
C VAL C 705 -53.59 26.54 0.73
N ALA C 706 -54.56 26.89 1.56
CA ALA C 706 -55.66 27.76 1.16
C ALA C 706 -55.21 29.22 1.21
N TYR C 707 -54.33 29.57 0.29
CA TYR C 707 -53.76 30.91 0.27
C TYR C 707 -54.71 31.89 -0.36
N SER C 708 -54.93 33.01 0.33
CA SER C 708 -55.63 34.17 -0.22
C SER C 708 -54.91 35.41 0.30
N ASN C 709 -55.28 36.57 -0.25
CA ASN C 709 -54.57 37.80 0.10
C ASN C 709 -55.07 38.43 1.38
N ASN C 710 -56.14 37.90 1.98
CA ASN C 710 -56.57 38.41 3.29
C ASN C 710 -57.03 37.30 4.22
N SER C 711 -56.33 36.18 4.24
CA SER C 711 -56.73 35.07 5.10
C SER C 711 -55.52 34.61 5.90
N ILE C 712 -55.73 34.34 7.18
CA ILE C 712 -54.67 33.89 8.06
C ILE C 712 -55.20 32.73 8.89
N ALA C 713 -54.29 31.87 9.34
CA ALA C 713 -54.65 30.75 10.18
C ALA C 713 -53.88 30.86 11.50
N ILE C 714 -54.61 30.84 12.60
CA ILE C 714 -54.00 31.03 13.92
C ILE C 714 -54.25 29.78 14.75
N PRO C 715 -53.26 29.26 15.45
CA PRO C 715 -53.49 28.09 16.30
C PRO C 715 -54.29 28.45 17.54
N THR C 716 -55.05 27.48 18.03
CA THR C 716 -55.84 27.67 19.23
C THR C 716 -55.45 26.75 20.37
N ASN C 717 -54.64 25.73 20.12
CA ASN C 717 -54.16 24.84 21.16
C ASN C 717 -52.71 24.50 20.85
N PHE C 718 -52.09 23.68 21.68
CA PHE C 718 -50.72 23.28 21.44
C PHE C 718 -50.51 21.85 21.93
N THR C 719 -49.35 21.32 21.61
CA THR C 719 -48.90 20.02 22.10
C THR C 719 -47.45 20.15 22.54
N ILE C 720 -47.11 19.47 23.61
CA ILE C 720 -45.75 19.38 24.10
C ILE C 720 -45.17 18.08 23.61
N SER C 721 -44.17 18.15 22.74
CA SER C 721 -43.61 16.97 22.11
C SER C 721 -42.22 16.70 22.67
N VAL C 722 -41.90 15.42 22.82
CA VAL C 722 -40.57 14.99 23.28
C VAL C 722 -40.02 14.00 22.26
N THR C 723 -38.84 14.31 21.74
CA THR C 723 -38.24 13.47 20.71
C THR C 723 -36.82 13.08 21.12
N THR C 724 -36.32 11.98 20.58
CA THR C 724 -34.98 11.52 20.87
C THR C 724 -34.04 11.78 19.70
N GLU C 725 -32.77 11.98 20.03
CA GLU C 725 -31.73 12.10 19.02
C GLU C 725 -30.48 11.40 19.52
N ILE C 726 -29.96 10.47 18.74
CA ILE C 726 -28.85 9.62 19.14
C ILE C 726 -27.59 10.06 18.40
N LEU C 727 -26.46 10.13 19.12
CA LEU C 727 -25.23 10.58 18.51
C LEU C 727 -24.05 9.76 19.02
N PRO C 728 -23.25 9.19 18.13
CA PRO C 728 -22.03 8.49 18.56
C PRO C 728 -20.96 9.46 19.03
N VAL C 729 -20.24 9.09 20.08
CA VAL C 729 -19.23 9.95 20.65
C VAL C 729 -17.84 9.33 20.67
N SER C 730 -17.72 8.01 20.79
CA SER C 730 -16.42 7.37 20.82
C SER C 730 -16.47 6.08 20.04
N MET C 731 -15.30 5.51 19.78
CA MET C 731 -15.19 4.16 19.28
C MET C 731 -14.13 3.43 20.08
N THR C 732 -13.92 2.16 19.78
CA THR C 732 -13.02 1.33 20.56
C THR C 732 -11.56 1.73 20.31
N LYS C 733 -10.79 1.80 21.38
CA LYS C 733 -9.37 2.08 21.30
C LYS C 733 -8.62 0.76 21.20
N THR C 734 -7.82 0.61 20.17
CA THR C 734 -7.10 -0.63 19.92
C THR C 734 -5.62 -0.36 19.82
N SER C 735 -4.84 -1.42 19.98
CA SER C 735 -3.40 -1.37 19.81
C SER C 735 -2.95 -2.67 19.18
N VAL C 736 -1.82 -2.62 18.48
CA VAL C 736 -1.33 -3.76 17.71
C VAL C 736 0.14 -3.95 18.00
N ASP C 737 0.54 -5.19 18.24
CA ASP C 737 1.94 -5.58 18.32
C ASP C 737 2.34 -6.15 16.96
N CYS C 738 3.15 -5.39 16.21
CA CYS C 738 3.60 -5.85 14.90
C CYS C 738 4.28 -7.20 14.98
N THR C 739 5.28 -7.33 15.84
CA THR C 739 6.07 -8.56 15.84
C THR C 739 5.20 -9.77 16.07
N MET C 740 4.22 -9.66 16.96
CA MET C 740 3.38 -10.80 17.28
C MET C 740 2.40 -11.10 16.17
N TYR C 741 2.01 -10.09 15.39
CA TYR C 741 1.07 -10.34 14.31
C TYR C 741 1.77 -10.89 13.08
N ILE C 742 2.92 -10.32 12.73
CA ILE C 742 3.61 -10.69 11.50
C ILE C 742 4.38 -11.98 11.70
N CYS C 743 5.06 -12.14 12.82
CA CYS C 743 5.96 -13.27 13.00
C CYS C 743 5.49 -14.30 14.00
N GLY C 744 4.86 -13.89 15.09
CA GLY C 744 4.61 -14.85 16.15
C GLY C 744 5.85 -15.04 17.00
N ASP C 745 6.07 -16.27 17.44
CA ASP C 745 7.27 -16.61 18.20
C ASP C 745 8.43 -17.05 17.32
N SER C 746 8.39 -16.73 16.03
CA SER C 746 9.50 -17.03 15.13
C SER C 746 10.63 -16.04 15.36
N THR C 747 11.84 -16.57 15.60
CA THR C 747 12.99 -15.69 15.80
C THR C 747 13.64 -15.32 14.49
N GLU C 748 13.61 -16.23 13.51
CA GLU C 748 14.11 -15.91 12.18
C GLU C 748 13.29 -14.81 11.54
N CYS C 749 11.96 -14.91 11.61
CA CYS C 749 11.11 -13.86 11.08
C CYS C 749 11.34 -12.54 11.80
N SER C 750 11.50 -12.60 13.13
CA SER C 750 11.66 -11.35 13.88
C SER C 750 12.99 -10.69 13.56
N ASN C 751 14.02 -11.47 13.25
CA ASN C 751 15.28 -10.88 12.82
C ASN C 751 15.16 -10.33 11.40
N LEU C 752 14.40 -10.98 10.54
CA LEU C 752 14.20 -10.46 9.20
C LEU C 752 13.37 -9.19 9.21
N LEU C 753 12.54 -9.00 10.22
CA LEU C 753 11.63 -7.87 10.26
C LEU C 753 12.33 -6.57 10.65
N LEU C 754 13.57 -6.63 11.13
CA LEU C 754 14.23 -5.44 11.63
C LEU C 754 14.53 -4.42 10.54
N GLN C 755 14.23 -4.72 9.28
CA GLN C 755 14.33 -3.75 8.20
C GLN C 755 13.03 -2.99 8.01
N TYR C 756 12.03 -3.25 8.86
CA TYR C 756 10.74 -2.61 8.73
C TYR C 756 10.25 -2.12 10.09
N GLY C 757 11.16 -1.62 10.93
CA GLY C 757 10.74 -1.16 12.25
C GLY C 757 10.14 0.24 12.23
N SER C 758 10.59 1.09 11.31
CA SER C 758 10.00 2.40 11.16
C SER C 758 8.52 2.32 10.85
N PHE C 759 8.13 1.33 10.05
CA PHE C 759 6.73 1.19 9.66
C PHE C 759 5.86 0.82 10.85
N CYS C 760 6.37 0.01 11.77
CA CYS C 760 5.59 -0.34 12.93
C CYS C 760 5.54 0.79 13.95
N THR C 761 6.64 1.51 14.14
CA THR C 761 6.54 2.68 14.99
C THR C 761 5.52 3.66 14.44
N GLN C 762 5.46 3.78 13.11
CA GLN C 762 4.49 4.68 12.48
C GLN C 762 3.05 4.21 12.72
N LEU C 763 2.79 2.91 12.51
CA LEU C 763 1.46 2.37 12.76
C LEU C 763 1.02 2.63 14.19
N ASN C 764 1.89 2.35 15.15
CA ASN C 764 1.50 2.51 16.53
C ASN C 764 1.33 3.98 16.91
N ARG C 765 2.12 4.87 16.30
CA ARG C 765 1.89 6.29 16.51
C ARG C 765 0.49 6.69 16.08
N ALA C 766 0.07 6.25 14.89
CA ALA C 766 -1.27 6.57 14.42
C ALA C 766 -2.33 6.03 15.36
N LEU C 767 -2.19 4.78 15.79
CA LEU C 767 -3.20 4.17 16.65
C LEU C 767 -3.29 4.88 18.00
N THR C 768 -2.16 5.30 18.56
CA THR C 768 -2.22 6.02 19.83
C THR C 768 -2.85 7.39 19.68
N GLY C 769 -2.61 8.06 18.55
CA GLY C 769 -3.32 9.30 18.30
C GLY C 769 -4.82 9.12 18.35
N ILE C 770 -5.32 8.10 17.65
CA ILE C 770 -6.75 7.80 17.70
C ILE C 770 -7.19 7.53 19.14
N ALA C 771 -6.39 6.77 19.88
CA ALA C 771 -6.80 6.34 21.21
C ALA C 771 -6.93 7.53 22.16
N VAL C 772 -6.03 8.50 22.09
CA VAL C 772 -6.19 9.64 23.00
C VAL C 772 -7.29 10.57 22.50
N GLU C 773 -7.49 10.63 21.18
CA GLU C 773 -8.58 11.44 20.66
C GLU C 773 -9.93 10.97 21.18
N GLN C 774 -10.11 9.66 21.37
CA GLN C 774 -11.40 9.17 21.86
C GLN C 774 -11.73 9.72 23.25
N ASP C 775 -10.76 9.68 24.16
CA ASP C 775 -10.99 10.23 25.49
C ASP C 775 -11.22 11.73 25.42
N LYS C 776 -10.50 12.43 24.55
CA LYS C 776 -10.75 13.86 24.41
C LYS C 776 -12.18 14.11 23.95
N ASN C 777 -12.68 13.30 23.01
CA ASN C 777 -14.07 13.42 22.55
C ASN C 777 -15.04 13.33 23.71
N THR C 778 -14.93 12.25 24.49
CA THR C 778 -15.87 12.07 25.60
C THR C 778 -15.79 13.23 26.57
N GLN C 779 -14.59 13.77 26.79
CA GLN C 779 -14.46 14.89 27.71
C GLN C 779 -15.14 16.14 27.18
N GLU C 780 -15.01 16.44 25.88
CA GLU C 780 -15.69 17.62 25.38
C GLU C 780 -17.18 17.48 25.47
N VAL C 781 -17.72 16.27 25.26
CA VAL C 781 -19.17 16.16 25.28
C VAL C 781 -19.70 16.23 26.70
N PHE C 782 -19.16 15.44 27.63
CA PHE C 782 -19.83 15.25 28.90
C PHE C 782 -19.29 16.11 30.04
N ALA C 783 -18.06 16.59 29.96
CA ALA C 783 -17.43 17.29 31.08
C ALA C 783 -17.54 18.80 30.93
N GLN C 784 -18.66 19.28 30.41
CA GLN C 784 -18.83 20.71 30.18
C GLN C 784 -18.76 21.50 31.48
N VAL C 785 -19.46 21.05 32.51
CA VAL C 785 -19.50 21.74 33.80
C VAL C 785 -18.68 20.95 34.80
N LYS C 786 -17.99 21.66 35.68
CA LYS C 786 -17.16 21.04 36.70
C LYS C 786 -17.68 21.30 38.11
N GLN C 787 -19.00 21.31 38.26
CA GLN C 787 -19.65 21.28 39.56
C GLN C 787 -20.70 20.20 39.52
N ILE C 788 -20.62 19.26 40.45
CA ILE C 788 -21.53 18.12 40.46
C ILE C 788 -22.76 18.51 41.27
N TYR C 789 -23.75 19.06 40.60
CA TYR C 789 -24.99 19.46 41.25
C TYR C 789 -25.83 18.24 41.58
N LYS C 790 -26.48 18.30 42.73
CA LYS C 790 -27.47 17.30 43.10
C LYS C 790 -28.86 17.93 43.13
N THR C 791 -29.86 17.12 42.85
CA THR C 791 -31.21 17.63 42.95
C THR C 791 -31.75 17.40 44.36
N PRO C 792 -32.43 18.40 44.93
CA PRO C 792 -32.85 18.30 46.32
C PRO C 792 -33.95 17.25 46.46
N PRO C 793 -34.24 16.83 47.68
CA PRO C 793 -35.42 15.98 47.90
C PRO C 793 -36.74 16.70 47.72
N ILE C 794 -36.70 17.99 47.41
CA ILE C 794 -37.89 18.78 47.10
C ILE C 794 -38.28 18.47 45.66
N LYS C 795 -39.12 17.45 45.48
CA LYS C 795 -39.56 17.11 44.14
C LYS C 795 -40.85 17.85 43.81
N ASP C 796 -40.83 19.16 44.00
CA ASP C 796 -41.97 20.02 43.70
C ASP C 796 -41.60 20.88 42.51
N PHE C 797 -41.83 20.34 41.32
CA PHE C 797 -41.47 21.01 40.08
C PHE C 797 -42.67 21.50 39.31
N GLY C 798 -43.72 21.92 40.00
CA GLY C 798 -44.90 22.44 39.36
C GLY C 798 -45.81 21.41 38.73
N GLY C 799 -45.62 20.13 39.04
CA GLY C 799 -46.40 19.07 38.46
C GLY C 799 -45.66 18.23 37.44
N PHE C 800 -44.47 18.66 37.03
CA PHE C 800 -43.68 17.91 36.08
C PHE C 800 -42.97 16.77 36.80
N ASN C 801 -42.95 15.59 36.17
CA ASN C 801 -42.39 14.38 36.76
C ASN C 801 -41.12 14.01 36.02
N PHE C 802 -39.99 14.11 36.70
CA PHE C 802 -38.69 13.80 36.12
C PHE C 802 -38.13 12.50 36.67
N SER C 803 -38.98 11.59 37.10
CA SER C 803 -38.53 10.40 37.81
C SER C 803 -37.88 9.38 36.90
N GLN C 804 -38.23 9.35 35.61
CA GLN C 804 -37.65 8.36 34.71
C GLN C 804 -36.32 8.77 34.13
N ILE C 805 -35.91 10.03 34.30
CA ILE C 805 -34.62 10.50 33.81
C ILE C 805 -33.70 10.92 34.94
N LEU C 806 -34.11 10.81 36.16
CA LEU C 806 -33.26 11.14 37.28
C LEU C 806 -32.66 9.87 37.87
N PRO C 807 -31.49 9.97 38.49
CA PRO C 807 -30.79 8.76 38.96
C PRO C 807 -31.61 7.86 39.87
N ASP C 808 -31.37 6.56 39.77
CA ASP C 808 -32.03 5.58 40.61
C ASP C 808 -31.08 5.09 41.69
N PRO C 809 -31.24 5.50 42.95
CA PRO C 809 -30.32 5.04 43.99
C PRO C 809 -30.48 3.58 44.36
N SER C 810 -31.42 2.86 43.74
CA SER C 810 -31.65 1.46 44.04
C SER C 810 -30.80 0.53 43.19
N LYS C 811 -29.97 1.08 42.32
CA LYS C 811 -29.12 0.29 41.45
C LYS C 811 -27.71 0.25 42.02
N PRO C 812 -26.86 -0.69 41.57
CA PRO C 812 -25.44 -0.59 41.92
C PRO C 812 -24.83 0.69 41.36
N SER C 813 -25.05 0.94 40.08
CA SER C 813 -24.79 2.23 39.48
C SER C 813 -25.90 3.19 39.86
N LYS C 814 -25.77 4.44 39.47
CA LYS C 814 -26.82 5.43 39.72
C LYS C 814 -27.40 5.88 38.38
N ARG C 815 -27.68 4.91 37.52
CA ARG C 815 -28.24 5.20 36.22
C ARG C 815 -29.75 5.36 36.30
N SER C 816 -30.30 6.15 35.39
CA SER C 816 -31.72 6.40 35.32
C SER C 816 -32.45 5.15 34.85
N PHE C 817 -33.77 5.29 34.75
CA PHE C 817 -34.56 4.23 34.11
C PHE C 817 -34.31 4.20 32.61
N ILE C 818 -34.36 5.36 31.96
CA ILE C 818 -34.14 5.41 30.52
C ILE C 818 -32.72 5.01 30.18
N GLU C 819 -31.75 5.38 31.02
CA GLU C 819 -30.37 5.01 30.75
C GLU C 819 -30.18 3.50 30.85
N ASP C 820 -30.90 2.84 31.76
CA ASP C 820 -30.85 1.39 31.82
C ASP C 820 -31.49 0.77 30.59
N LEU C 821 -32.63 1.29 30.15
CA LEU C 821 -33.23 0.75 28.94
C LEU C 821 -32.30 0.91 27.75
N LEU C 822 -31.57 2.02 27.68
CA LEU C 822 -30.62 2.22 26.58
C LEU C 822 -29.43 1.29 26.69
N PHE C 823 -28.99 1.02 27.92
CA PHE C 823 -27.79 0.23 28.12
C PHE C 823 -27.96 -1.21 27.66
N ASN C 824 -29.19 -1.72 27.64
CA ASN C 824 -29.44 -3.10 27.30
C ASN C 824 -29.80 -3.29 25.83
N LYS C 825 -29.79 -2.23 25.03
CA LYS C 825 -30.09 -2.34 23.61
C LYS C 825 -28.84 -2.26 22.74
N VAL C 826 -27.67 -2.17 23.37
CA VAL C 826 -26.39 -2.16 22.64
C VAL C 826 -25.53 -3.26 23.24
N THR C 827 -25.28 -4.30 22.45
CA THR C 827 -24.48 -5.44 22.89
C THR C 827 -23.04 -5.23 22.49
N LEU C 828 -22.16 -5.05 23.49
CA LEU C 828 -20.74 -4.91 23.22
C LEU C 828 -20.10 -6.25 22.91
N ALA C 829 -18.78 -6.24 22.76
CA ALA C 829 -18.04 -7.49 22.54
C ALA C 829 -17.10 -7.80 23.70
N ASP C 830 -16.84 -6.82 24.57
CA ASP C 830 -15.93 -6.99 25.70
C ASP C 830 -16.68 -6.66 26.98
N ALA C 831 -17.15 -7.69 27.68
CA ALA C 831 -17.73 -7.51 29.01
C ALA C 831 -16.60 -7.47 30.02
N GLY C 832 -15.99 -6.30 30.17
CA GLY C 832 -14.76 -6.16 30.92
C GLY C 832 -13.55 -6.17 30.01
N PHE C 833 -12.39 -5.98 30.61
CA PHE C 833 -11.15 -5.93 29.83
C PHE C 833 -10.04 -6.76 30.46
N ILE C 834 -10.35 -7.75 31.28
CA ILE C 834 -9.36 -8.64 31.85
C ILE C 834 -9.73 -10.06 31.44
N LYS C 835 -9.11 -10.56 30.37
CA LYS C 835 -9.26 -11.94 29.94
C LYS C 835 -7.93 -12.63 30.14
N GLN C 836 -7.84 -13.48 31.15
CA GLN C 836 -6.57 -14.04 31.59
C GLN C 836 -6.10 -15.14 30.65
N TYR C 837 -4.79 -15.39 30.68
CA TYR C 837 -4.22 -16.43 29.84
C TYR C 837 -4.81 -17.80 30.17
N GLY C 838 -4.86 -18.15 31.46
CA GLY C 838 -5.41 -19.43 31.86
C GLY C 838 -6.87 -19.61 31.52
N ASP C 839 -7.57 -18.52 31.19
CA ASP C 839 -9.02 -18.61 30.98
C ASP C 839 -9.35 -19.16 29.60
N CYS C 840 -8.57 -18.83 28.58
CA CYS C 840 -8.63 -19.52 27.30
C CYS C 840 -7.31 -20.21 27.02
N LEU C 841 -7.17 -21.42 27.56
CA LEU C 841 -5.99 -22.24 27.36
C LEU C 841 -6.44 -23.61 26.89
N GLY C 842 -6.19 -23.91 25.62
CA GLY C 842 -6.68 -25.13 25.01
C GLY C 842 -7.35 -24.83 23.68
N ASP C 843 -8.52 -25.44 23.47
CA ASP C 843 -9.29 -25.18 22.27
C ASP C 843 -10.28 -24.05 22.46
N ILE C 844 -10.34 -23.47 23.67
CA ILE C 844 -11.14 -22.27 23.88
C ILE C 844 -10.63 -21.13 23.00
N ALA C 845 -9.33 -21.12 22.72
CA ALA C 845 -8.78 -20.22 21.72
C ALA C 845 -9.25 -20.65 20.33
N ALA C 846 -9.36 -19.66 19.43
CA ALA C 846 -9.80 -19.89 18.06
C ALA C 846 -11.24 -20.45 18.02
N ARG C 847 -11.95 -20.27 19.14
CA ARG C 847 -13.37 -20.51 19.19
C ARG C 847 -14.01 -19.32 19.90
N ASP C 848 -13.22 -18.65 20.72
CA ASP C 848 -13.56 -17.33 21.24
C ASP C 848 -12.79 -16.30 20.43
N LEU C 849 -13.52 -15.39 19.78
CA LEU C 849 -12.88 -14.47 18.86
C LEU C 849 -11.91 -13.54 19.57
N ILE C 850 -12.15 -13.24 20.84
CA ILE C 850 -11.30 -12.29 21.54
C ILE C 850 -9.94 -12.90 21.85
N CYS C 851 -9.91 -14.19 22.23
CA CYS C 851 -8.62 -14.85 22.43
C CYS C 851 -7.89 -15.05 21.10
N ALA C 852 -8.64 -15.30 20.03
CA ALA C 852 -8.01 -15.35 18.71
C ALA C 852 -7.36 -14.02 18.35
N GLN C 853 -8.00 -12.92 18.69
CA GLN C 853 -7.40 -11.62 18.44
C GLN C 853 -6.20 -11.39 19.34
N LYS C 854 -6.29 -11.80 20.60
CA LYS C 854 -5.23 -11.52 21.55
C LYS C 854 -3.98 -12.35 21.29
N PHE C 855 -4.13 -13.58 20.84
CA PHE C 855 -2.98 -14.40 20.52
C PHE C 855 -2.23 -13.90 19.30
N ASN C 856 -2.80 -12.97 18.55
CA ASN C 856 -2.16 -12.41 17.37
C ASN C 856 -1.74 -10.95 17.57
N GLY C 857 -1.76 -10.46 18.79
CA GLY C 857 -1.23 -9.15 19.11
C GLY C 857 -2.19 -8.00 19.01
N LEU C 858 -3.49 -8.25 19.01
CA LEU C 858 -4.50 -7.21 18.85
C LEU C 858 -5.20 -6.97 20.17
N THR C 859 -4.96 -5.81 20.78
CA THR C 859 -5.43 -5.49 22.12
C THR C 859 -6.47 -4.38 22.06
N VAL C 860 -7.41 -4.42 22.98
CA VAL C 860 -8.41 -3.36 23.14
C VAL C 860 -8.23 -2.73 24.51
N LEU C 861 -8.04 -1.43 24.54
CA LEU C 861 -7.77 -0.74 25.80
C LEU C 861 -9.04 -0.13 26.38
N PRO C 862 -9.15 -0.04 27.69
CA PRO C 862 -10.39 0.45 28.30
C PRO C 862 -10.46 1.96 28.28
N PRO C 863 -11.67 2.53 28.22
CA PRO C 863 -11.79 3.99 28.21
C PRO C 863 -11.42 4.59 29.56
N LEU C 864 -11.04 5.87 29.52
CA LEU C 864 -10.58 6.54 30.74
C LEU C 864 -11.73 6.77 31.71
N LEU C 865 -12.88 7.21 31.23
CA LEU C 865 -14.04 7.44 32.08
C LEU C 865 -14.92 6.21 32.08
N THR C 866 -15.17 5.66 33.26
CA THR C 866 -16.09 4.54 33.38
C THR C 866 -17.51 5.01 33.08
N ASP C 867 -18.42 4.05 32.96
CA ASP C 867 -19.81 4.39 32.67
C ASP C 867 -20.48 5.08 33.85
N GLU C 868 -20.04 4.78 35.06
CA GLU C 868 -20.59 5.44 36.23
C GLU C 868 -20.20 6.91 36.27
N MET C 869 -18.99 7.24 35.83
CA MET C 869 -18.58 8.64 35.81
C MET C 869 -19.39 9.42 34.78
N ILE C 870 -19.67 8.82 33.63
CA ILE C 870 -20.47 9.49 32.63
C ILE C 870 -21.90 9.66 33.12
N ALA C 871 -22.42 8.66 33.84
CA ALA C 871 -23.75 8.80 34.42
C ALA C 871 -23.77 9.92 35.46
N GLN C 872 -22.70 10.07 36.23
CA GLN C 872 -22.62 11.17 37.18
C GLN C 872 -22.63 12.51 36.47
N TYR C 873 -21.90 12.62 35.36
CA TYR C 873 -21.89 13.87 34.61
C TYR C 873 -23.27 14.22 34.09
N THR C 874 -23.98 13.26 33.48
CA THR C 874 -25.30 13.57 32.97
C THR C 874 -26.27 13.89 34.10
N SER C 875 -26.10 13.24 35.25
CA SER C 875 -26.94 13.57 36.40
C SER C 875 -26.71 15.00 36.86
N ALA C 876 -25.46 15.45 36.90
CA ALA C 876 -25.19 16.83 37.28
C ALA C 876 -25.79 17.80 36.28
N LEU C 877 -25.70 17.49 34.99
CA LEU C 877 -26.30 18.35 33.98
C LEU C 877 -27.80 18.46 34.16
N LEU C 878 -28.47 17.33 34.39
CA LEU C 878 -29.92 17.35 34.59
C LEU C 878 -30.31 18.14 35.83
N ALA C 879 -29.62 17.90 36.94
CA ALA C 879 -29.95 18.62 38.18
C ALA C 879 -29.78 20.11 37.99
N GLY C 880 -28.67 20.52 37.37
CA GLY C 880 -28.47 21.94 37.12
C GLY C 880 -29.54 22.53 36.24
N THR C 881 -29.94 21.80 35.21
CA THR C 881 -30.87 22.39 34.25
C THR C 881 -32.30 22.44 34.78
N ILE C 882 -32.66 21.57 35.72
CA ILE C 882 -34.02 21.64 36.24
C ILE C 882 -34.12 22.47 37.50
N THR C 883 -33.01 22.79 38.17
CA THR C 883 -33.09 23.68 39.31
C THR C 883 -32.54 25.07 39.06
N SER C 884 -31.94 25.33 37.90
CA SER C 884 -31.31 26.61 37.66
C SER C 884 -31.61 27.19 36.28
N GLY C 885 -32.32 26.46 35.44
CA GLY C 885 -32.57 26.96 34.11
C GLY C 885 -31.32 26.98 33.27
N TRP C 886 -31.02 28.11 32.67
CA TRP C 886 -29.84 28.25 31.82
C TRP C 886 -28.75 29.08 32.46
N THR C 887 -28.79 29.29 33.77
CA THR C 887 -27.84 30.18 34.41
C THR C 887 -26.57 29.45 34.82
N PHE C 888 -26.65 28.14 35.06
CA PHE C 888 -25.46 27.40 35.47
C PHE C 888 -24.48 27.21 34.33
N GLY C 889 -24.89 27.45 33.10
CA GLY C 889 -23.98 27.40 31.98
C GLY C 889 -23.26 28.68 31.68
N ALA C 890 -23.61 29.77 32.36
CA ALA C 890 -23.00 31.07 32.14
C ALA C 890 -22.28 31.61 33.37
N GLY C 891 -22.29 30.88 34.47
CA GLY C 891 -21.69 31.35 35.70
C GLY C 891 -22.08 30.49 36.87
N ALA C 892 -22.53 31.11 37.96
CA ALA C 892 -23.01 30.38 39.12
C ALA C 892 -24.48 30.05 38.96
N ALA C 893 -24.86 28.88 39.45
CA ALA C 893 -26.25 28.46 39.34
C ALA C 893 -27.14 29.31 40.23
N LEU C 894 -28.18 29.89 39.65
CA LEU C 894 -29.14 30.73 40.36
C LEU C 894 -30.49 30.03 40.33
N GLN C 895 -30.97 29.62 41.49
CA GLN C 895 -32.21 28.85 41.54
C GLN C 895 -33.39 29.68 41.05
N ILE C 896 -34.43 28.98 40.63
CA ILE C 896 -35.66 29.60 40.14
C ILE C 896 -36.73 28.51 40.10
N PRO C 897 -37.96 28.80 40.52
CA PRO C 897 -39.01 27.78 40.45
C PRO C 897 -39.21 27.29 39.03
N PHE C 898 -39.56 26.01 38.90
CA PHE C 898 -39.57 25.41 37.57
C PHE C 898 -40.66 25.99 36.70
N ALA C 899 -41.81 26.34 37.28
CA ALA C 899 -42.88 26.92 36.47
C ALA C 899 -42.49 28.29 35.93
N MET C 900 -41.76 29.08 36.71
CA MET C 900 -41.33 30.37 36.22
C MET C 900 -40.26 30.24 35.16
N GLN C 901 -39.41 29.23 35.27
CA GLN C 901 -38.45 28.94 34.21
C GLN C 901 -39.16 28.53 32.93
N MET C 902 -40.20 27.72 33.05
CA MET C 902 -40.97 27.33 31.88
C MET C 902 -41.68 28.53 31.27
N ALA C 903 -42.10 29.49 32.09
CA ALA C 903 -42.68 30.71 31.54
C ALA C 903 -41.66 31.53 30.79
N TYR C 904 -40.44 31.63 31.33
CA TYR C 904 -39.36 32.27 30.57
C TYR C 904 -39.16 31.60 29.22
N ARG C 905 -39.18 30.28 29.20
CA ARG C 905 -38.95 29.57 27.94
C ARG C 905 -40.13 29.73 26.98
N PHE C 906 -41.34 29.90 27.50
CA PHE C 906 -42.47 30.22 26.64
C PHE C 906 -42.32 31.61 26.04
N ASN C 907 -41.83 32.56 26.83
CA ASN C 907 -41.53 33.88 26.28
C ASN C 907 -40.53 33.79 25.15
N GLY C 908 -39.54 32.90 25.26
CA GLY C 908 -38.51 32.80 24.25
C GLY C 908 -38.96 32.35 22.88
N ILE C 909 -40.16 31.77 22.76
CA ILE C 909 -40.66 31.33 21.47
C ILE C 909 -41.82 32.18 20.98
N GLY C 910 -42.13 33.28 21.67
CA GLY C 910 -43.16 34.19 21.20
C GLY C 910 -44.54 33.95 21.75
N VAL C 911 -44.65 33.39 22.95
CA VAL C 911 -45.92 33.16 23.60
C VAL C 911 -45.86 33.80 24.97
N THR C 912 -46.92 34.50 25.36
CA THR C 912 -46.91 35.21 26.63
C THR C 912 -46.94 34.23 27.79
N GLN C 913 -46.57 34.72 28.97
CA GLN C 913 -46.42 33.82 30.12
C GLN C 913 -47.77 33.34 30.64
N ASN C 914 -48.80 34.18 30.54
CA ASN C 914 -50.10 33.76 31.04
C ASN C 914 -50.62 32.53 30.32
N VAL C 915 -50.13 32.29 29.11
CA VAL C 915 -50.51 31.07 28.40
C VAL C 915 -49.99 29.84 29.13
N LEU C 916 -48.81 29.96 29.73
CA LEU C 916 -48.30 28.87 30.56
C LEU C 916 -49.03 28.80 31.88
N TYR C 917 -49.11 29.94 32.58
CA TYR C 917 -49.65 29.91 33.93
C TYR C 917 -51.11 29.49 33.96
N GLU C 918 -51.85 29.75 32.89
CA GLU C 918 -53.26 29.40 32.87
C GLU C 918 -53.49 27.98 32.39
N ASN C 919 -52.50 27.36 31.77
CA ASN C 919 -52.59 25.99 31.30
C ASN C 919 -51.55 25.08 31.92
N GLN C 920 -51.22 25.30 33.19
CA GLN C 920 -50.06 24.62 33.77
C GLN C 920 -50.30 23.12 33.93
N LYS C 921 -51.50 22.74 34.38
CA LYS C 921 -51.78 21.32 34.58
C LYS C 921 -51.81 20.57 33.27
N LEU C 922 -52.42 21.16 32.23
CA LEU C 922 -52.44 20.52 30.93
C LEU C 922 -51.04 20.31 30.38
N ILE C 923 -50.18 21.32 30.55
CA ILE C 923 -48.81 21.22 30.04
C ILE C 923 -48.03 20.16 30.81
N ALA C 924 -48.17 20.13 32.13
CA ALA C 924 -47.48 19.11 32.90
C ALA C 924 -47.96 17.71 32.51
N ASN C 925 -49.25 17.54 32.29
CA ASN C 925 -49.76 16.23 31.90
C ASN C 925 -49.25 15.82 30.54
N GLN C 926 -49.20 16.76 29.59
CA GLN C 926 -48.70 16.44 28.26
C GLN C 926 -47.22 16.04 28.32
N PHE C 927 -46.43 16.75 29.13
CA PHE C 927 -45.03 16.40 29.28
C PHE C 927 -44.87 15.00 29.88
N ASN C 928 -45.61 14.71 30.95
CA ASN C 928 -45.50 13.40 31.58
C ASN C 928 -45.91 12.29 30.62
N SER C 929 -46.96 12.51 29.85
CA SER C 929 -47.39 11.50 28.89
C SER C 929 -46.34 11.28 27.81
N ALA C 930 -45.70 12.36 27.35
CA ALA C 930 -44.70 12.21 26.30
C ALA C 930 -43.48 11.46 26.81
N ILE C 931 -43.06 11.71 28.05
CA ILE C 931 -41.95 10.96 28.61
C ILE C 931 -42.31 9.49 28.76
N GLY C 932 -43.53 9.22 29.22
CA GLY C 932 -43.97 7.82 29.29
C GLY C 932 -43.95 7.15 27.93
N LYS C 933 -44.31 7.88 26.89
CA LYS C 933 -44.30 7.33 25.54
C LYS C 933 -42.89 6.91 25.12
N ILE C 934 -41.89 7.69 25.51
CA ILE C 934 -40.50 7.40 25.17
C ILE C 934 -40.09 6.07 25.77
N GLN C 935 -40.14 5.98 27.10
CA GLN C 935 -39.78 4.76 27.80
C GLN C 935 -40.48 3.59 27.14
N ASP C 936 -41.79 3.73 26.98
CA ASP C 936 -42.60 2.70 26.35
C ASP C 936 -41.91 2.25 25.07
N SER C 937 -41.96 3.11 24.05
CA SER C 937 -41.36 2.81 22.75
C SER C 937 -40.02 2.10 22.86
N LEU C 938 -39.13 2.63 23.69
CA LEU C 938 -37.82 2.03 23.87
C LEU C 938 -37.95 0.59 24.36
N SER C 939 -38.32 0.43 25.62
CA SER C 939 -38.47 -0.89 26.23
C SER C 939 -39.21 -1.85 25.31
N SER C 940 -39.93 -1.29 24.33
CA SER C 940 -40.68 -2.09 23.37
C SER C 940 -39.73 -2.55 22.27
N THR C 941 -39.51 -1.68 21.30
CA THR C 941 -38.63 -1.97 20.17
C THR C 941 -38.87 -0.99 19.03
N ALA C 944 -34.75 1.55 17.66
CA ALA C 944 -33.54 0.98 18.25
C ALA C 944 -32.36 1.94 18.12
N LEU C 945 -31.23 1.55 18.71
CA LEU C 945 -30.02 2.36 18.64
C LEU C 945 -29.09 1.82 17.56
N GLY C 946 -29.53 1.89 16.31
CA GLY C 946 -28.73 1.33 15.23
C GLY C 946 -27.43 2.08 15.02
N LYS C 947 -27.46 3.41 15.17
CA LYS C 947 -26.28 4.20 14.91
C LYS C 947 -25.18 3.94 15.93
N LEU C 948 -25.55 3.51 17.13
CA LEU C 948 -24.56 3.17 18.13
C LEU C 948 -24.09 1.74 18.04
N GLN C 949 -24.91 0.85 17.48
CA GLN C 949 -24.49 -0.53 17.29
C GLN C 949 -23.62 -0.69 16.07
N ASP C 950 -23.80 0.14 15.06
CA ASP C 950 -22.95 0.06 13.88
C ASP C 950 -21.49 0.32 14.18
N VAL C 951 -21.20 1.19 15.14
CA VAL C 951 -19.81 1.46 15.50
C VAL C 951 -19.16 0.21 16.07
N VAL C 952 -19.82 -0.43 17.03
CA VAL C 952 -19.31 -1.66 17.62
C VAL C 952 -19.14 -2.73 16.55
N ASN C 953 -20.14 -2.88 15.69
CA ASN C 953 -20.08 -3.90 14.66
C ASN C 953 -18.90 -3.65 13.72
N GLN C 954 -18.68 -2.39 13.32
CA GLN C 954 -17.60 -2.10 12.40
C GLN C 954 -16.24 -2.37 13.00
N ASN C 955 -16.04 -1.98 14.25
CA ASN C 955 -14.73 -2.24 14.87
C ASN C 955 -14.49 -3.73 15.02
N ALA C 956 -15.49 -4.48 15.47
CA ALA C 956 -15.31 -5.93 15.60
C ALA C 956 -15.03 -6.58 14.26
N GLN C 957 -15.74 -6.17 13.22
CA GLN C 957 -15.52 -6.77 11.91
C GLN C 957 -14.12 -6.45 11.40
N ALA C 958 -13.63 -5.24 11.65
CA ALA C 958 -12.28 -4.91 11.20
C ALA C 958 -11.24 -5.79 11.88
N LEU C 959 -11.35 -5.98 13.19
CA LEU C 959 -10.39 -6.83 13.88
C LEU C 959 -10.47 -8.27 13.39
N ASN C 960 -11.68 -8.79 13.19
CA ASN C 960 -11.80 -10.17 12.74
C ASN C 960 -11.27 -10.34 11.32
N THR C 961 -11.46 -9.34 10.47
CA THR C 961 -10.88 -9.42 9.13
C THR C 961 -9.37 -9.45 9.19
N LEU C 962 -8.78 -8.66 10.08
CA LEU C 962 -7.34 -8.76 10.29
C LEU C 962 -6.94 -10.17 10.64
N VAL C 963 -7.69 -10.82 11.52
CA VAL C 963 -7.29 -12.15 11.95
C VAL C 963 -7.39 -13.15 10.81
N LYS C 964 -8.48 -13.12 10.03
CA LYS C 964 -8.58 -14.08 8.94
C LYS C 964 -7.60 -13.77 7.81
N GLN C 965 -7.12 -12.55 7.70
CA GLN C 965 -6.16 -12.34 6.62
C GLN C 965 -4.82 -12.95 6.90
N LEU C 966 -4.64 -13.74 7.95
CA LEU C 966 -3.40 -14.44 8.20
C LEU C 966 -3.34 -15.77 7.47
N SER C 967 -4.30 -16.05 6.59
CA SER C 967 -4.38 -17.29 5.85
C SER C 967 -4.01 -17.09 4.39
N SER C 968 -3.43 -15.95 4.06
CA SER C 968 -3.08 -15.65 2.69
C SER C 968 -1.62 -15.98 2.45
N ASN C 969 -1.34 -16.55 1.28
CA ASN C 969 0.03 -16.90 0.92
C ASN C 969 0.79 -15.68 0.44
N PHE C 970 0.11 -14.72 -0.18
CA PHE C 970 0.73 -13.55 -0.78
C PHE C 970 1.75 -13.93 -1.84
N GLY C 971 1.60 -15.11 -2.45
CA GLY C 971 2.52 -15.57 -3.45
C GLY C 971 3.64 -16.45 -2.94
N ALA C 972 3.56 -16.88 -1.70
CA ALA C 972 4.55 -17.79 -1.12
C ALA C 972 4.05 -19.22 -1.28
N ILE C 973 4.81 -20.18 -0.77
CA ILE C 973 4.44 -21.59 -0.88
C ILE C 973 3.44 -22.01 0.17
N SER C 974 3.34 -21.28 1.28
CA SER C 974 2.41 -21.59 2.34
C SER C 974 2.20 -20.32 3.15
N SER C 975 1.21 -20.34 4.03
CA SER C 975 0.93 -19.20 4.89
C SER C 975 1.35 -19.43 6.32
N VAL C 976 2.05 -20.52 6.60
CA VAL C 976 2.53 -20.84 7.94
C VAL C 976 4.04 -20.70 7.95
N LEU C 977 4.56 -19.99 8.94
CA LEU C 977 6.00 -19.82 9.02
C LEU C 977 6.69 -21.12 9.39
N ASN C 978 5.98 -22.02 10.06
CA ASN C 978 6.62 -23.24 10.52
C ASN C 978 6.69 -24.31 9.43
N ASP C 979 5.84 -24.20 8.41
CA ASP C 979 5.99 -25.07 7.25
C ASP C 979 7.09 -24.58 6.33
N ILE C 980 7.37 -23.28 6.35
CA ILE C 980 8.48 -22.77 5.55
C ILE C 980 9.81 -23.02 6.25
N LEU C 981 9.88 -22.72 7.54
CA LEU C 981 11.14 -22.81 8.26
C LEU C 981 11.57 -24.25 8.44
N SER C 982 10.64 -25.18 8.37
CA SER C 982 10.93 -26.60 8.32
C SER C 982 10.56 -27.14 6.96
N ARG C 983 11.50 -27.83 6.29
CA ARG C 983 11.57 -28.13 4.86
C ARG C 983 12.27 -27.08 4.01
N LEU C 984 12.75 -25.99 4.59
CA LEU C 984 13.56 -25.04 3.82
C LEU C 984 14.65 -24.48 4.70
N ASP C 985 15.81 -24.22 4.10
CA ASP C 985 16.97 -23.71 4.84
C ASP C 985 17.08 -22.20 4.68
N PRO C 986 17.82 -21.53 5.56
CA PRO C 986 17.67 -20.08 5.74
C PRO C 986 17.66 -19.29 4.44
N PRO C 987 18.70 -19.36 3.61
CA PRO C 987 18.79 -18.40 2.50
C PRO C 987 17.66 -18.51 1.50
N GLU C 988 17.08 -19.68 1.35
CA GLU C 988 16.00 -19.87 0.38
C GLU C 988 14.64 -19.94 1.05
N ALA C 989 14.58 -19.94 2.38
CA ALA C 989 13.34 -19.67 3.09
C ALA C 989 13.12 -18.18 3.28
N GLU C 990 14.19 -17.39 3.19
CA GLU C 990 14.08 -15.95 3.37
C GLU C 990 13.21 -15.30 2.29
N VAL C 991 13.20 -15.86 1.08
CA VAL C 991 12.36 -15.28 0.04
C VAL C 991 10.90 -15.43 0.40
N GLN C 992 10.50 -16.61 0.84
CA GLN C 992 9.11 -16.84 1.24
C GLN C 992 8.74 -15.99 2.44
N ILE C 993 9.62 -15.93 3.44
CA ILE C 993 9.32 -15.14 4.62
C ILE C 993 9.22 -13.66 4.25
N ASP C 994 9.99 -13.21 3.27
CA ASP C 994 9.88 -11.84 2.81
C ASP C 994 8.52 -11.58 2.18
N ARG C 995 8.04 -12.52 1.36
CA ARG C 995 6.71 -12.35 0.78
C ARG C 995 5.65 -12.24 1.87
N LEU C 996 5.71 -13.13 2.87
CA LEU C 996 4.74 -13.09 3.95
C LEU C 996 4.82 -11.77 4.72
N ILE C 997 6.03 -11.31 4.99
CA ILE C 997 6.21 -10.08 5.76
C ILE C 997 5.60 -8.91 5.02
N THR C 998 5.87 -8.81 3.72
CA THR C 998 5.30 -7.71 2.94
C THR C 998 3.79 -7.74 2.95
N GLY C 999 3.20 -8.91 2.71
CA GLY C 999 1.76 -9.01 2.73
C GLY C 999 1.14 -8.58 4.05
N ARG C 1000 1.67 -9.11 5.16
CA ARG C 1000 1.08 -8.81 6.45
C ARG C 1000 1.29 -7.36 6.85
N LEU C 1001 2.42 -6.77 6.47
CA LEU C 1001 2.62 -5.35 6.72
C LEU C 1001 1.57 -4.52 6.00
N GLN C 1002 1.28 -4.85 4.74
CA GLN C 1002 0.29 -4.04 4.03
C GLN C 1002 -1.11 -4.27 4.59
N SER C 1003 -1.38 -5.46 5.13
CA SER C 1003 -2.65 -5.67 5.82
C SER C 1003 -2.80 -4.75 7.02
N LEU C 1004 -1.75 -4.67 7.85
CA LEU C 1004 -1.79 -3.75 8.99
C LEU C 1004 -1.96 -2.31 8.53
N GLN C 1005 -1.29 -1.94 7.45
CA GLN C 1005 -1.39 -0.57 6.95
C GLN C 1005 -2.81 -0.23 6.52
N THR C 1006 -3.45 -1.15 5.81
CA THR C 1006 -4.83 -0.92 5.40
C THR C 1006 -5.74 -0.73 6.61
N TYR C 1007 -5.57 -1.58 7.63
CA TYR C 1007 -6.37 -1.44 8.83
C TYR C 1007 -6.20 -0.06 9.45
N VAL C 1008 -4.95 0.38 9.62
CA VAL C 1008 -4.71 1.64 10.30
C VAL C 1008 -5.29 2.80 9.49
N THR C 1009 -5.17 2.75 8.17
CA THR C 1009 -5.72 3.84 7.35
C THR C 1009 -7.24 3.93 7.51
N GLN C 1010 -7.93 2.80 7.42
CA GLN C 1010 -9.38 2.86 7.54
C GLN C 1010 -9.80 3.27 8.95
N GLN C 1011 -9.01 2.91 9.96
CA GLN C 1011 -9.31 3.37 11.31
C GLN C 1011 -9.17 4.88 11.42
N LEU C 1012 -8.15 5.46 10.77
CA LEU C 1012 -8.01 6.91 10.80
C LEU C 1012 -9.20 7.60 10.16
N ILE C 1013 -9.65 7.07 9.01
CA ILE C 1013 -10.80 7.68 8.35
C ILE C 1013 -12.04 7.60 9.22
N ARG C 1014 -12.28 6.44 9.84
CA ARG C 1014 -13.45 6.32 10.72
C ARG C 1014 -13.34 7.23 11.92
N ALA C 1015 -12.14 7.41 12.45
CA ALA C 1015 -11.97 8.27 13.61
C ALA C 1015 -12.27 9.72 13.26
N ALA C 1016 -11.95 10.14 12.04
CA ALA C 1016 -12.32 11.49 11.63
C ALA C 1016 -13.83 11.67 11.63
N GLU C 1017 -14.56 10.68 11.16
CA GLU C 1017 -16.03 10.78 11.16
C GLU C 1017 -16.59 10.81 12.58
N ILE C 1018 -16.07 9.96 13.46
CA ILE C 1018 -16.53 9.99 14.84
C ILE C 1018 -16.18 11.30 15.51
N ARG C 1019 -15.05 11.91 15.13
CA ARG C 1019 -14.69 13.21 15.67
C ARG C 1019 -15.70 14.27 15.28
N ALA C 1020 -16.12 14.26 14.01
CA ALA C 1020 -17.15 15.20 13.59
C ALA C 1020 -18.44 15.00 14.37
N SER C 1021 -18.83 13.74 14.56
CA SER C 1021 -20.06 13.46 15.31
C SER C 1021 -19.96 13.94 16.75
N ALA C 1022 -18.80 13.75 17.38
CA ALA C 1022 -18.63 14.19 18.76
C ALA C 1022 -18.61 15.70 18.87
N ASN C 1023 -18.07 16.39 17.87
CA ASN C 1023 -18.13 17.85 17.88
C ASN C 1023 -19.57 18.34 17.77
N LEU C 1024 -20.36 17.70 16.90
CA LEU C 1024 -21.77 18.06 16.82
C LEU C 1024 -22.48 17.81 18.15
N ALA C 1025 -22.16 16.71 18.82
CA ALA C 1025 -22.81 16.41 20.09
C ALA C 1025 -22.42 17.42 21.15
N ALA C 1026 -21.18 17.88 21.16
CA ALA C 1026 -20.78 18.90 22.12
C ALA C 1026 -21.49 20.23 21.86
N THR C 1027 -21.63 20.59 20.59
CA THR C 1027 -22.38 21.80 20.27
C THR C 1027 -23.83 21.69 20.70
N LYS C 1028 -24.45 20.53 20.48
CA LYS C 1028 -25.83 20.35 20.90
C LYS C 1028 -25.95 20.38 22.41
N MET C 1029 -24.95 19.87 23.12
CA MET C 1029 -25.00 19.93 24.58
C MET C 1029 -24.92 21.36 25.07
N SER C 1030 -24.08 22.19 24.46
CA SER C 1030 -23.98 23.56 24.96
C SER C 1030 -25.17 24.41 24.54
N GLU C 1031 -25.76 24.14 23.37
CA GLU C 1031 -26.77 25.04 22.85
C GLU C 1031 -28.20 24.60 23.07
N CYS C 1032 -28.46 23.31 23.22
CA CYS C 1032 -29.81 22.85 23.49
C CYS C 1032 -30.04 22.52 24.95
N VAL C 1033 -29.04 22.03 25.67
CA VAL C 1033 -29.20 21.65 27.06
C VAL C 1033 -28.87 22.81 28.00
N LEU C 1034 -27.79 23.53 27.72
CA LEU C 1034 -27.37 24.64 28.56
C LEU C 1034 -28.01 25.97 28.15
N GLY C 1035 -28.95 25.95 27.22
CA GLY C 1035 -29.63 27.15 26.80
C GLY C 1035 -30.88 26.81 26.04
N GLN C 1036 -31.42 27.81 25.35
CA GLN C 1036 -32.57 27.63 24.48
C GLN C 1036 -32.21 28.13 23.09
N SER C 1037 -32.44 27.32 22.08
CA SER C 1037 -31.96 27.58 20.74
C SER C 1037 -33.05 28.18 19.87
N LYS C 1038 -32.67 29.15 19.05
CA LYS C 1038 -33.54 29.72 18.03
C LYS C 1038 -33.29 29.12 16.66
N ARG C 1039 -32.29 28.26 16.52
CA ARG C 1039 -31.97 27.65 15.25
C ARG C 1039 -33.02 26.59 14.92
N VAL C 1040 -33.56 26.66 13.72
CA VAL C 1040 -34.67 25.81 13.32
C VAL C 1040 -34.17 24.38 13.14
N ASP C 1041 -34.90 23.43 13.72
CA ASP C 1041 -34.64 22.00 13.59
C ASP C 1041 -33.28 21.60 14.13
N PHE C 1042 -32.66 22.43 14.96
CA PHE C 1042 -31.40 22.04 15.56
C PHE C 1042 -31.59 21.19 16.79
N CYS C 1043 -32.64 21.47 17.57
CA CYS C 1043 -32.92 20.75 18.79
C CYS C 1043 -34.34 20.18 18.72
N GLY C 1044 -34.65 19.51 17.61
CA GLY C 1044 -35.93 18.85 17.45
C GLY C 1044 -36.83 19.59 16.48
N LYS C 1045 -37.98 19.00 16.22
CA LYS C 1045 -38.98 19.57 15.33
C LYS C 1045 -40.02 20.33 16.15
N GLY C 1046 -40.21 21.59 15.84
CA GLY C 1046 -41.06 22.49 16.60
C GLY C 1046 -40.25 23.66 17.14
N TYR C 1047 -40.85 24.34 18.11
CA TYR C 1047 -40.14 25.41 18.79
C TYR C 1047 -39.49 24.86 20.03
N HIS C 1048 -38.17 24.95 20.10
CA HIS C 1048 -37.42 24.30 21.17
C HIS C 1048 -37.72 24.95 22.51
N LEU C 1049 -38.10 24.13 23.49
CA LEU C 1049 -38.28 24.57 24.86
C LEU C 1049 -37.08 24.16 25.73
N MET C 1050 -36.75 22.87 25.78
CA MET C 1050 -35.60 22.46 26.58
C MET C 1050 -35.11 21.10 26.08
N SER C 1051 -34.05 20.61 26.73
CA SER C 1051 -33.48 19.32 26.36
C SER C 1051 -32.83 18.67 27.56
N PHE C 1052 -32.82 17.34 27.56
CA PHE C 1052 -32.23 16.57 28.63
C PHE C 1052 -31.27 15.54 28.04
N PRO C 1053 -30.06 15.40 28.58
CA PRO C 1053 -29.15 14.39 28.09
C PRO C 1053 -29.22 13.08 28.86
N GLN C 1054 -28.99 11.99 28.14
CA GLN C 1054 -28.86 10.66 28.71
C GLN C 1054 -27.66 9.99 28.09
N SER C 1055 -26.92 9.22 28.86
CA SER C 1055 -25.74 8.56 28.35
C SER C 1055 -26.10 7.19 27.79
N ALA C 1056 -25.41 6.78 26.74
CA ALA C 1056 -25.63 5.50 26.10
C ALA C 1056 -24.27 4.91 25.77
N PRO C 1057 -24.20 3.59 25.54
CA PRO C 1057 -22.90 2.99 25.20
C PRO C 1057 -22.25 3.63 24.00
N HIS C 1058 -21.12 4.30 24.23
CA HIS C 1058 -20.37 4.99 23.19
C HIS C 1058 -21.11 6.17 22.59
N GLY C 1059 -22.07 6.76 23.30
CA GLY C 1059 -22.78 7.85 22.69
C GLY C 1059 -23.69 8.57 23.67
N VAL C 1060 -24.47 9.49 23.12
CA VAL C 1060 -25.38 10.29 23.92
C VAL C 1060 -26.74 10.32 23.25
N VAL C 1061 -27.78 10.45 24.07
CA VAL C 1061 -29.15 10.59 23.61
C VAL C 1061 -29.69 11.89 24.15
N PHE C 1062 -30.32 12.67 23.31
CA PHE C 1062 -30.96 13.92 23.71
C PHE C 1062 -32.47 13.76 23.65
N LEU C 1063 -33.14 14.14 24.72
CA LEU C 1063 -34.59 14.25 24.73
C LEU C 1063 -34.94 15.73 24.57
N HIS C 1064 -35.46 16.09 23.42
CA HIS C 1064 -35.80 17.46 23.07
C HIS C 1064 -37.27 17.68 23.34
N VAL C 1065 -37.57 18.64 24.21
CA VAL C 1065 -38.94 19.06 24.49
C VAL C 1065 -39.22 20.31 23.68
N THR C 1066 -40.20 20.23 22.79
CA THR C 1066 -40.57 21.30 21.88
C THR C 1066 -42.06 21.57 21.94
N TYR C 1067 -42.45 22.72 21.42
CA TYR C 1067 -43.81 23.22 21.43
C TYR C 1067 -44.35 23.20 20.01
N VAL C 1068 -45.47 22.50 19.80
CA VAL C 1068 -46.03 22.31 18.47
C VAL C 1068 -47.44 22.89 18.46
N PRO C 1069 -47.74 23.89 17.63
CA PRO C 1069 -49.10 24.43 17.58
C PRO C 1069 -50.10 23.43 17.04
N ALA C 1070 -51.36 23.63 17.39
CA ALA C 1070 -52.39 22.66 17.01
C ALA C 1070 -53.75 23.34 16.98
N GLN C 1071 -54.67 22.72 16.23
CA GLN C 1071 -56.06 23.17 16.12
C GLN C 1071 -56.15 24.59 15.61
N GLU C 1072 -55.67 24.84 14.41
CA GLU C 1072 -55.68 26.17 13.84
C GLU C 1072 -57.08 26.52 13.36
N LYS C 1073 -57.28 27.81 13.12
CA LYS C 1073 -58.58 28.33 12.71
C LYS C 1073 -58.37 29.47 11.74
N ASN C 1074 -59.32 29.62 10.81
CA ASN C 1074 -59.25 30.62 9.76
C ASN C 1074 -59.80 31.95 10.23
N PHE C 1075 -59.16 33.03 9.81
CA PHE C 1075 -59.61 34.38 10.12
C PHE C 1075 -59.32 35.28 8.91
N THR C 1076 -60.09 36.35 8.83
CA THR C 1076 -59.77 37.45 7.93
C THR C 1076 -58.79 38.38 8.63
N THR C 1077 -57.89 38.96 7.86
CA THR C 1077 -56.82 39.77 8.41
C THR C 1077 -56.64 41.03 7.60
N ALA C 1078 -55.84 41.95 8.14
CA ALA C 1078 -55.59 43.23 7.50
C ALA C 1078 -54.23 43.74 7.96
N PRO C 1079 -53.52 44.47 7.12
CA PRO C 1079 -52.22 44.99 7.53
C PRO C 1079 -52.31 46.16 8.50
N ALA C 1080 -53.31 47.03 8.36
CA ALA C 1080 -53.42 48.20 9.21
C ALA C 1080 -54.89 48.56 9.38
N ILE C 1081 -55.15 49.42 10.36
CA ILE C 1081 -56.48 49.89 10.68
C ILE C 1081 -56.50 51.40 10.54
N CYS C 1082 -57.53 51.93 9.89
CA CYS C 1082 -57.67 53.37 9.67
C CYS C 1082 -58.78 53.90 10.57
N HIS C 1083 -58.43 54.84 11.44
CA HIS C 1083 -59.41 55.37 12.39
C HIS C 1083 -59.76 56.83 12.16
N ASP C 1084 -58.77 57.72 12.20
CA ASP C 1084 -59.03 59.14 12.01
C ASP C 1084 -58.14 59.73 10.91
N GLY C 1085 -58.10 59.06 9.76
CA GLY C 1085 -57.18 59.46 8.74
C GLY C 1085 -55.77 59.12 9.13
N LYS C 1086 -55.62 58.19 10.06
CA LYS C 1086 -54.33 57.71 10.51
C LYS C 1086 -54.31 56.19 10.44
N ALA C 1087 -53.13 55.64 10.17
CA ALA C 1087 -52.95 54.20 10.04
C ALA C 1087 -52.35 53.65 11.33
N HIS C 1088 -52.94 52.59 11.85
CA HIS C 1088 -52.52 51.99 13.10
C HIS C 1088 -52.01 50.57 12.84
N PHE C 1089 -50.81 50.28 13.32
CA PHE C 1089 -50.21 48.98 13.15
C PHE C 1089 -50.09 48.30 14.51
N PRO C 1090 -50.23 46.98 14.57
CA PRO C 1090 -50.14 46.30 15.87
C PRO C 1090 -48.72 46.34 16.40
N ARG C 1091 -48.60 46.34 17.73
CA ARG C 1091 -47.27 46.40 18.33
C ARG C 1091 -46.59 45.05 18.28
N GLU C 1092 -47.22 44.01 18.83
CA GLU C 1092 -46.63 42.68 18.81
C GLU C 1092 -47.65 41.62 18.46
N GLY C 1093 -48.47 41.88 17.46
CA GLY C 1093 -49.53 40.95 17.13
C GLY C 1093 -49.94 41.05 15.70
N VAL C 1094 -51.19 40.69 15.46
CA VAL C 1094 -51.77 40.69 14.12
C VAL C 1094 -53.26 40.98 14.27
N PHE C 1095 -53.80 41.71 13.30
CA PHE C 1095 -55.22 42.06 13.30
C PHE C 1095 -56.02 40.92 12.67
N VAL C 1096 -57.02 40.43 13.40
CA VAL C 1096 -57.90 39.38 12.90
C VAL C 1096 -59.34 39.85 13.05
N SER C 1097 -60.25 39.10 12.43
CA SER C 1097 -61.67 39.40 12.47
C SER C 1097 -62.47 38.13 12.51
N ASN C 1098 -63.36 38.00 13.49
CA ASN C 1098 -64.19 36.82 13.61
C ASN C 1098 -65.35 36.82 12.61
N GLY C 1099 -65.35 37.77 11.68
CA GLY C 1099 -66.40 37.89 10.69
C GLY C 1099 -67.07 39.25 10.73
N THR C 1100 -67.28 39.78 11.93
CA THR C 1100 -67.91 41.08 12.10
C THR C 1100 -67.08 42.08 12.91
N HIS C 1101 -66.36 41.63 13.94
CA HIS C 1101 -65.57 42.51 14.78
C HIS C 1101 -64.10 42.26 14.55
N TRP C 1102 -63.28 43.25 14.88
CA TRP C 1102 -61.84 43.19 14.68
C TRP C 1102 -61.15 43.14 16.04
N PHE C 1103 -60.16 42.27 16.16
CA PHE C 1103 -59.34 42.13 17.34
C PHE C 1103 -57.88 42.13 16.96
N VAL C 1104 -57.01 42.23 17.95
CA VAL C 1104 -55.58 42.06 17.77
C VAL C 1104 -55.13 40.90 18.66
N THR C 1105 -54.39 39.96 18.08
CA THR C 1105 -53.96 38.79 18.81
C THR C 1105 -52.46 38.62 18.67
N GLN C 1106 -51.91 37.65 19.38
CA GLN C 1106 -50.52 37.25 19.20
C GLN C 1106 -50.45 36.17 18.14
N ARG C 1107 -49.29 36.05 17.50
CA ARG C 1107 -49.21 35.29 16.27
C ARG C 1107 -49.30 33.79 16.49
N ASN C 1108 -48.84 33.31 17.64
CA ASN C 1108 -48.68 31.86 17.84
C ASN C 1108 -49.77 31.24 18.70
N PHE C 1109 -50.74 32.01 19.15
CA PHE C 1109 -51.79 31.49 20.02
C PHE C 1109 -52.95 32.46 19.94
N TYR C 1110 -54.14 31.93 19.66
CA TYR C 1110 -55.31 32.78 19.47
C TYR C 1110 -55.79 33.29 20.82
N GLU C 1111 -55.62 34.60 21.04
CA GLU C 1111 -56.07 35.24 22.27
C GLU C 1111 -56.52 36.64 21.94
N PRO C 1112 -57.75 36.80 21.46
CA PRO C 1112 -58.15 38.08 20.88
C PRO C 1112 -58.37 39.15 21.94
N GLN C 1113 -58.07 40.38 21.55
CA GLN C 1113 -58.19 41.51 22.45
C GLN C 1113 -58.71 42.70 21.67
N ILE C 1114 -59.27 43.66 22.40
CA ILE C 1114 -59.84 44.85 21.79
C ILE C 1114 -58.72 45.78 21.35
N ILE C 1115 -58.86 46.34 20.15
CA ILE C 1115 -57.86 47.24 19.61
C ILE C 1115 -57.92 48.57 20.34
N THR C 1116 -56.85 48.92 21.04
CA THR C 1116 -56.78 50.20 21.74
C THR C 1116 -55.55 50.96 21.26
N THR C 1117 -55.24 52.07 21.92
CA THR C 1117 -54.04 52.83 21.62
C THR C 1117 -52.83 52.31 22.36
N ASP C 1118 -52.99 51.27 23.19
CA ASP C 1118 -51.89 50.62 23.86
C ASP C 1118 -51.46 49.34 23.14
N ASN C 1119 -52.29 48.85 22.24
CA ASN C 1119 -51.97 47.70 21.41
C ASN C 1119 -51.30 48.07 20.12
N THR C 1120 -51.48 49.29 19.65
CA THR C 1120 -51.10 49.70 18.32
C THR C 1120 -50.18 50.91 18.39
N PHE C 1121 -49.65 51.30 17.24
CA PHE C 1121 -48.92 52.55 17.12
C PHE C 1121 -49.29 53.18 15.78
N VAL C 1122 -49.17 54.48 15.71
CA VAL C 1122 -49.61 55.24 14.55
C VAL C 1122 -48.42 55.60 13.69
N SER C 1123 -48.63 55.60 12.38
CA SER C 1123 -47.60 56.06 11.45
C SER C 1123 -48.27 56.40 10.13
N GLY C 1124 -48.27 57.68 9.78
CA GLY C 1124 -48.77 58.11 8.50
C GLY C 1124 -50.27 58.21 8.44
N ASN C 1125 -50.77 58.36 7.22
CA ASN C 1125 -52.20 58.47 6.95
C ASN C 1125 -52.65 57.24 6.17
N CYS C 1126 -53.92 57.25 5.77
CA CYS C 1126 -54.57 56.06 5.26
C CYS C 1126 -54.52 55.95 3.73
N ASP C 1127 -53.49 56.48 3.09
CA ASP C 1127 -53.45 56.52 1.65
C ASP C 1127 -52.38 55.63 1.02
N VAL C 1128 -51.48 55.04 1.81
CA VAL C 1128 -50.35 54.31 1.25
C VAL C 1128 -50.46 52.80 1.46
N VAL C 1129 -50.94 52.37 2.61
CA VAL C 1129 -51.06 50.94 2.88
C VAL C 1129 -52.10 50.35 1.95
N ILE C 1130 -51.85 49.12 1.48
CA ILE C 1130 -52.65 48.54 0.41
C ILE C 1130 -53.98 48.01 0.92
N GLY C 1131 -53.95 47.11 1.88
CA GLY C 1131 -55.19 46.49 2.32
C GLY C 1131 -55.74 47.04 3.61
N ILE C 1132 -55.56 48.34 3.83
CA ILE C 1132 -56.02 48.97 5.05
C ILE C 1132 -57.54 48.90 5.15
N VAL C 1133 -58.06 48.76 6.37
CA VAL C 1133 -59.50 48.67 6.60
C VAL C 1133 -59.90 49.71 7.64
N ASN C 1134 -61.19 50.03 7.65
CA ASN C 1134 -61.76 51.03 8.54
C ASN C 1134 -62.29 50.35 9.79
N ASN C 1135 -61.87 50.84 10.95
CA ASN C 1135 -62.40 50.35 12.22
C ASN C 1135 -62.07 51.37 13.30
N THR C 1136 -62.62 51.14 14.49
CA THR C 1136 -62.47 52.04 15.61
C THR C 1136 -61.34 51.59 16.51
N VAL C 1137 -60.57 52.54 17.02
CA VAL C 1137 -59.47 52.28 17.95
C VAL C 1137 -59.82 52.93 19.27
N TYR C 1138 -60.12 52.11 20.26
CA TYR C 1138 -60.66 52.59 21.52
C TYR C 1138 -59.57 53.24 22.36
N ASP C 1139 -59.78 54.51 22.73
CA ASP C 1139 -58.85 55.23 23.59
C ASP C 1139 -59.27 55.07 25.04
N PRO C 1140 -58.43 54.48 25.90
CA PRO C 1140 -58.85 54.24 27.28
C PRO C 1140 -58.60 55.40 28.23
N LEU C 1141 -58.88 56.63 27.82
CA LEU C 1141 -58.66 57.76 28.70
C LEU C 1141 -59.90 58.63 28.84
N GLN C 1142 -60.61 58.83 27.73
CA GLN C 1142 -61.82 59.64 27.71
C GLN C 1142 -62.79 59.12 28.76
N PRO C 1143 -63.02 57.81 28.76
CA PRO C 1143 -63.93 57.20 29.73
C PRO C 1143 -63.54 57.65 31.14
N GLU C 1144 -62.25 57.89 31.34
CA GLU C 1144 -61.74 58.33 32.62
C GLU C 1144 -62.00 59.82 32.80
N LEU C 1145 -62.58 60.43 31.78
CA LEU C 1145 -62.90 61.84 31.81
C LEU C 1145 -64.37 62.07 31.48
N ASP C 1146 -65.15 60.99 31.55
CA ASP C 1146 -66.58 61.05 31.27
C ASP C 1146 -67.38 60.28 32.32
C1 NAG D . 51.75 6.53 -4.14
C2 NAG D . 52.50 6.81 -2.85
C3 NAG D . 52.73 8.31 -2.74
C4 NAG D . 53.34 8.87 -4.02
C5 NAG D . 52.66 8.32 -5.28
C6 NAG D . 53.43 8.59 -6.55
C7 NAG D . 52.41 6.10 -0.51
C8 NAG D . 51.55 5.56 0.60
N2 NAG D . 51.81 6.29 -1.68
O3 NAG D . 53.55 8.61 -1.61
O4 NAG D . 53.24 10.28 -4.06
O5 NAG D . 52.52 6.91 -5.19
O6 NAG D . 52.97 7.76 -7.61
O7 NAG D . 53.60 6.34 -0.34
C1 NAG D . 54.46 10.95 -3.48
C2 NAG D . 54.73 12.00 -4.44
C3 NAG D . 55.93 12.86 -3.99
C4 NAG D . 55.72 13.33 -2.55
C5 NAG D . 55.36 12.14 -1.67
C6 NAG D . 54.96 12.52 -0.27
C7 NAG D . 54.17 11.96 -6.84
C8 NAG D . 54.53 11.40 -8.19
N2 NAG D . 54.92 11.54 -5.81
O3 NAG D . 56.14 13.97 -4.85
O4 NAG D . 56.90 13.95 -2.06
O5 NAG D . 54.26 11.41 -2.27
O6 NAG D . 55.83 11.97 0.71
O7 NAG D . 53.24 12.75 -6.71
C1 NAG E . -34.37 54.97 -2.45
C2 NAG E . -34.90 56.33 -2.90
C3 NAG E . -35.78 56.17 -4.15
C4 NAG E . -35.03 55.43 -5.25
C5 NAG E . -34.48 54.11 -4.70
C6 NAG E . -33.59 53.39 -5.68
C7 NAG E . -35.18 58.05 -1.19
C8 NAG E . -36.07 58.60 -0.11
N2 NAG E . -35.64 56.98 -1.84
O3 NAG E . -36.17 57.45 -4.61
O4 NAG E . -35.93 55.13 -6.31
O5 NAG E . -33.68 54.36 -3.53
O6 NAG E . -33.30 52.07 -5.24
O7 NAG E . -34.10 58.54 -1.45
C1 NAG E . -35.39 55.47 -7.61
C2 NAG E . -36.08 54.62 -8.69
C3 NAG E . -35.61 55.03 -10.08
C4 NAG E . -35.67 56.54 -10.27
C5 NAG E . -35.00 57.27 -9.12
C6 NAG E . -35.19 58.77 -9.16
C7 NAG E . -36.82 52.30 -8.40
C8 NAG E . -36.40 50.88 -8.20
N2 NAG E . -35.84 53.21 -8.48
O3 NAG E . -36.45 54.40 -11.04
O4 NAG E . -35.01 56.90 -11.48
O5 NAG E . -35.60 56.84 -7.87
O6 NAG E . -36.49 59.12 -8.70
O7 NAG E . -38.01 52.63 -8.47
C1 NAG F . -19.56 62.52 7.96
C2 NAG F . -19.59 62.43 6.45
C3 NAG F . -18.16 62.27 5.92
C4 NAG F . -17.18 63.26 6.56
C5 NAG F . -17.42 63.44 8.06
C6 NAG F . -16.69 64.63 8.66
C7 NAG F . -21.53 61.42 5.33
C8 NAG F . -22.23 60.13 5.00
N2 NAG F . -20.40 61.30 6.02
O3 NAG F . -18.18 62.45 4.50
O4 NAG F . -15.87 62.74 6.43
O5 NAG F . -18.82 63.62 8.35
O6 NAG F . -16.47 65.65 7.69
O7 NAG F . -21.98 62.50 5.00
C1 NAG F . -14.48 63.25 5.98
C2 NAG F . -13.22 62.43 6.34
C3 NAG F . -11.97 63.05 5.72
C4 NAG F . -12.17 63.23 4.22
C5 NAG F . -13.45 64.02 3.95
C6 NAG F . -13.76 64.12 2.47
C7 NAG F . -12.85 63.04 8.78
C8 NAG F . -12.79 64.51 8.45
N2 NAG F . -13.06 62.18 7.77
O3 NAG F . -10.87 62.19 5.95
O4 NAG F . -11.05 63.90 3.66
O5 NAG F . -14.57 63.39 4.57
O6 NAG F . -14.35 62.91 2.02
O7 NAG F . -12.72 62.65 9.94
C1 NAG G . -34.47 70.40 12.25
C2 NAG G . -34.24 71.58 11.34
C3 NAG G . -35.24 72.68 11.66
C4 NAG G . -36.67 72.16 11.64
C5 NAG G . -36.80 70.85 12.43
C6 NAG G . -38.11 70.13 12.18
C7 NAG G . -31.95 71.91 10.53
C8 NAG G . -30.59 72.49 10.83
N2 NAG G . -32.88 72.08 11.47
O3 NAG G . -35.11 73.75 10.72
O4 NAG G . -37.50 73.13 12.26
O5 NAG G . -35.76 69.92 12.06
O6 NAG G . -38.85 69.97 13.38
O7 NAG G . -32.18 71.32 9.48
C1 NAG G . -38.74 73.39 11.57
C2 NAG G . -39.39 74.59 12.24
C3 NAG G . -40.69 74.95 11.53
C4 NAG G . -40.45 75.14 10.04
C5 NAG G . -39.70 73.96 9.45
C6 NAG G . -39.25 74.19 8.02
C7 NAG G . -40.42 73.42 14.17
C8 NAG G . -40.50 73.38 15.65
N2 NAG G . -39.61 74.36 13.66
O3 NAG G . -41.22 76.13 12.11
O4 NAG G . -41.69 75.31 9.36
O5 NAG G . -38.50 73.69 10.20
O6 NAG G . -38.00 74.85 7.97
O7 NAG G . -41.04 72.63 13.46
C1 NAG H . 6.09 -47.57 20.76
C2 NAG H . 4.86 -48.45 20.82
C3 NAG H . 4.26 -48.35 22.22
C4 NAG H . 5.33 -48.61 23.29
C5 NAG H . 6.63 -47.86 22.98
C6 NAG H . 7.80 -48.34 23.81
C7 NAG H . 2.88 -48.90 19.43
C8 NAG H . 1.95 -48.37 18.37
N2 NAG H . 3.87 -48.08 19.80
O3 NAG H . 3.18 -49.26 22.37
O4 NAG H . 4.87 -48.19 24.56
O5 NAG H . 7.02 -48.05 21.63
O6 NAG H . 9.04 -47.91 23.26
O7 NAG H . 2.74 -50.02 19.92
C1 NAG H . 4.06 -49.22 25.26
C2 NAG H . 4.63 -49.09 26.59
C3 NAG H . 4.02 -50.12 27.55
C4 NAG H . 2.50 -50.06 27.48
C5 NAG H . 2.04 -50.12 26.03
C6 NAG H . 0.56 -49.87 25.85
C7 NAG H . 6.85 -48.16 27.14
C8 NAG H . 8.34 -48.42 27.13
N2 NAG H . 6.08 -49.15 26.64
O3 NAG H . 4.46 -49.93 28.89
O4 NAG H . 1.93 -51.14 28.21
O5 NAG H . 2.74 -49.12 25.26
O6 NAG H . -0.10 -51.00 25.27
O7 NAG H . 6.37 -47.12 27.58
C1 NAG I . -18.96 45.62 42.07
C2 NAG I . -19.04 46.50 43.31
C3 NAG I . -17.90 47.50 43.31
C4 NAG I . -16.56 46.81 43.16
C5 NAG I . -16.58 45.90 41.94
C6 NAG I . -15.35 45.05 41.81
C7 NAG I . -21.25 46.86 44.29
C8 NAG I . -22.52 47.67 44.23
N2 NAG I . -20.33 47.18 43.39
O3 NAG I . -17.92 48.24 44.53
O4 NAG I . -15.53 47.78 42.99
O5 NAG I . -17.69 44.99 42.02
O6 NAG I . -15.28 44.41 40.55
O7 NAG I . -21.09 45.97 45.11
C1 NAG I . -14.38 47.55 43.84
C2 NAG I . -13.15 48.21 43.21
C3 NAG I . -11.94 48.07 44.12
C4 NAG I . -12.27 48.50 45.55
C5 NAG I . -13.55 47.82 46.04
C6 NAG I . -14.01 48.35 47.37
C7 NAG I . -12.70 48.36 40.79
C8 NAG I . -12.38 47.61 39.54
N2 NAG I . -12.85 47.63 41.91
O3 NAG I . -10.89 48.89 43.63
O4 NAG I . -11.20 48.13 46.41
O5 NAG I . -14.61 48.10 45.11
O6 NAG I . -14.68 49.59 47.21
O7 NAG I . -12.84 49.59 40.80
C1 NAG J . -37.96 46.69 51.68
C2 NAG J . -37.48 46.88 53.11
C3 NAG J . -38.24 48.03 53.76
C4 NAG J . -38.16 49.29 52.90
C5 NAG J . -38.47 49.00 51.43
C6 NAG J . -38.10 50.14 50.51
C7 NAG J . -36.64 44.88 54.26
C8 NAG J . -37.00 43.66 55.05
N2 NAG J . -37.66 45.66 53.89
O3 NAG J . -37.69 48.29 55.05
O4 NAG J . -39.13 50.20 53.40
O5 NAG J . -37.73 47.86 50.97
O6 NAG J . -39.24 50.61 49.80
O7 NAG J . -35.47 45.15 53.97
C1 NAG J . -38.68 51.56 53.52
C2 NAG J . -39.76 52.35 54.24
C3 NAG J . -39.33 53.79 54.44
C4 NAG J . -37.98 53.83 55.15
C5 NAG J . -36.96 52.95 54.43
C6 NAG J . -35.66 52.82 55.20
C7 NAG J . -41.26 52.76 52.31
C8 NAG J . -42.65 52.59 51.79
N2 NAG J . -41.04 52.28 53.54
O3 NAG J . -40.31 54.46 55.21
O4 NAG J . -37.50 55.18 55.18
O5 NAG J . -37.47 51.63 54.26
O6 NAG J . -35.73 51.77 56.15
O7 NAG J . -40.38 53.30 51.65
C1 NAG K . -3.04 -19.71 -48.36
C2 NAG K . -2.90 -18.73 -49.50
C3 NAG K . -4.30 -18.37 -50.00
C4 NAG K . -5.12 -19.63 -50.28
C5 NAG K . -4.99 -20.66 -49.16
C6 NAG K . -5.51 -22.03 -49.54
C7 NAG K . -1.61 -16.71 -50.01
C8 NAG K . -0.88 -15.52 -49.44
N2 NAG K . -2.16 -17.54 -49.11
O3 NAG K . -4.22 -17.55 -51.16
O4 NAG K . -6.50 -19.31 -50.40
O5 NAG K . -3.62 -20.85 -48.82
O6 NAG K . -5.02 -23.03 -48.67
O7 NAG K . -1.70 -16.89 -51.22
C1 NAG K . -6.87 -19.04 -51.81
C2 NAG K . -8.11 -19.77 -51.95
C3 NAG K . -8.71 -19.56 -53.34
C4 NAG K . -8.81 -18.07 -53.66
C5 NAG K . -7.45 -17.42 -53.39
C6 NAG K . -7.49 -15.90 -53.50
C7 NAG K . -8.75 -21.79 -50.68
C8 NAG K . -8.54 -23.27 -50.52
N2 NAG K . -8.01 -21.18 -51.63
O3 NAG K . -10.00 -20.17 -53.46
O4 NAG K . -9.17 -17.88 -55.01
O5 NAG K . -7.00 -17.75 -52.06
O6 NAG K . -6.63 -15.43 -54.52
O7 NAG K . -9.55 -21.17 -49.98
C1 NAG L . 22.62 -36.47 -40.90
C2 NAG L . 21.32 -36.57 -41.64
C3 NAG L . 20.54 -37.78 -41.14
C4 NAG L . 21.38 -39.04 -41.16
C5 NAG L . 22.78 -38.79 -40.58
C6 NAG L . 23.72 -39.92 -40.86
C7 NAG L . 19.97 -34.71 -42.47
C8 NAG L . 19.27 -33.45 -42.12
N2 NAG L . 20.55 -35.35 -41.46
O3 NAG L . 19.32 -37.96 -41.85
O4 NAG L . 20.78 -40.03 -40.35
O5 NAG L . 23.37 -37.61 -41.14
O6 NAG L . 24.15 -39.86 -42.20
O7 NAG L . 19.98 -35.14 -43.62
C1 NAG L . 20.09 -41.27 -40.98
C2 NAG L . 20.51 -42.47 -40.36
C3 NAG L . 19.63 -43.66 -40.83
C4 NAG L . 18.15 -43.34 -40.85
C5 NAG L . 17.92 -42.00 -41.52
C6 NAG L . 16.51 -41.52 -41.35
C7 NAG L . 22.57 -43.65 -39.69
C8 NAG L . 24.04 -43.76 -39.97
N2 NAG L . 21.89 -42.79 -40.47
O3 NAG L . 19.87 -44.78 -40.00
O4 NAG L . 17.41 -44.36 -41.53
O5 NAG L . 18.81 -41.00 -40.94
O6 NAG L . 16.26 -41.19 -39.99
O7 NAG L . 22.01 -44.29 -38.80
C1 NAG M . -56.44 21.31 23.96
C2 NAG M . -57.90 21.38 24.38
C3 NAG M . -58.15 20.51 25.59
C4 NAG M . -57.67 19.08 25.35
C5 NAG M . -56.21 19.11 24.89
C6 NAG M . -55.71 17.76 24.46
C7 NAG M . -59.14 23.43 23.83
C8 NAG M . -59.46 24.83 24.25
N2 NAG M . -58.32 22.75 24.64
O3 NAG M . -59.54 20.49 25.90
O4 NAG M . -57.75 18.34 26.56
O5 NAG M . -56.07 19.96 23.74
O6 NAG M . -54.30 17.77 24.29
O7 NAG M . -59.59 22.94 22.81
C1 NAG M . -58.37 17.04 26.39
C2 NAG M . -57.90 16.10 27.51
C3 NAG M . -58.62 14.76 27.42
C4 NAG M . -60.12 14.93 27.28
C5 NAG M . -60.46 15.94 26.18
C6 NAG M . -61.93 16.28 26.14
C7 NAG M . -55.66 16.10 28.50
C8 NAG M . -54.20 15.83 28.27
N2 NAG M . -56.46 15.90 27.45
O3 NAG M . -58.33 14.02 28.59
O4 NAG M . -60.72 13.68 26.96
O5 NAG M . -59.78 17.17 26.44
O6 NAG M . -62.25 17.22 27.15
O7 NAG M . -56.08 16.51 29.58
C1 NAG N . -67.41 38.25 17.07
C2 NAG N . -68.76 37.59 16.92
C3 NAG N . -69.82 38.46 17.58
C4 NAG N . -69.43 38.81 19.02
C5 NAG N . -67.99 39.29 19.11
C6 NAG N . -67.47 39.33 20.53
C7 NAG N . -69.10 36.15 14.96
C8 NAG N . -69.46 36.10 13.51
N2 NAG N . -69.10 37.37 15.53
O3 NAG N . -71.07 37.79 17.57
O4 NAG N . -70.29 39.87 19.44
O5 NAG N . -67.11 38.39 18.41
O6 NAG N . -67.06 40.64 20.90
O7 NAG N . -68.83 35.14 15.59
C1 NAG N . -70.82 39.71 20.77
C2 NAG N . -71.85 40.80 20.99
C3 NAG N . -72.49 40.66 22.36
C4 NAG N . -73.06 39.27 22.54
C5 NAG N . -72.01 38.21 22.22
C6 NAG N . -72.57 36.81 22.20
C7 NAG N . -70.31 42.65 21.57
C8 NAG N . -69.88 44.03 21.20
N2 NAG N . -71.28 42.13 20.81
O3 NAG N . -73.53 41.63 22.49
O4 NAG N . -73.49 39.09 23.89
O5 NAG N . -71.44 38.44 20.92
O6 NAG N . -73.11 36.49 20.93
O7 NAG N . -69.79 42.03 22.49
C1 NAG O . 46.64 11.16 -51.72
C2 NAG O . 47.78 10.25 -52.19
C3 NAG O . 48.33 9.47 -50.98
C4 NAG O . 48.78 10.48 -49.91
C5 NAG O . 47.60 11.37 -49.53
C6 NAG O . 48.06 12.40 -48.50
C7 NAG O . 47.21 9.67 -54.49
C8 NAG O . 46.70 8.70 -55.52
N2 NAG O . 47.28 9.31 -53.19
O3 NAG O . 49.45 8.69 -51.40
O4 NAG O . 49.23 9.76 -48.76
O5 NAG O . 47.12 12.03 -50.71
O6 NAG O . 46.93 13.16 -48.07
O7 NAG O . 47.57 10.78 -54.82
C1 NAG P . 50.52 8.91 -48.07
C2 NAG P . 50.67 8.71 -46.56
C3 NAG P . 51.92 7.86 -46.28
C4 NAG P . 51.79 6.53 -47.04
C5 NAG P . 51.61 6.81 -48.53
C6 NAG P . 51.42 5.49 -49.29
C7 NAG P . 49.72 10.72 -45.58
C8 NAG P . 49.87 12.06 -44.90
N2 NAG P . 50.81 10.01 -45.91
O3 NAG P . 52.03 7.61 -44.88
O4 NAG P . 52.98 5.76 -46.85
O5 NAG P . 50.45 7.63 -48.71
O6 NAG P . 51.36 5.74 -50.69
O7 NAG P . 48.62 10.28 -45.82
C1 NAG Q . 26.62 25.61 -33.54
C2 NAG Q . 26.12 27.03 -33.37
C3 NAG Q . 27.19 28.02 -33.81
C4 NAG Q . 28.50 27.74 -33.08
C5 NAG Q . 28.89 26.28 -33.23
C6 NAG Q . 30.10 25.90 -32.40
C7 NAG Q . 23.72 27.53 -33.58
C8 NAG Q . 22.57 27.71 -34.53
N2 NAG Q . 24.90 27.25 -34.14
O3 NAG Q . 26.77 29.35 -33.54
O4 NAG Q . 29.53 28.56 -33.60
O5 NAG Q . 27.82 25.44 -32.78
O6 NAG Q . 31.03 26.97 -32.34
O7 NAG Q . 23.59 27.64 -32.37
C1 NAG R . 27.22 -2.20 -59.25
C2 NAG R . 27.21 -3.03 -60.52
C3 NAG R . 26.89 -4.48 -60.18
C4 NAG R . 27.88 -5.01 -59.15
C5 NAG R . 27.83 -4.12 -57.91
C6 NAG R . 28.86 -4.52 -56.86
C7 NAG R . 26.23 -2.90 -62.76
C8 NAG R . 25.18 -2.25 -63.63
N2 NAG R . 26.25 -2.53 -61.48
O3 NAG R . 26.97 -5.28 -61.35
O4 NAG R . 27.56 -6.35 -58.79
O5 NAG R . 28.15 -2.77 -58.29
O6 NAG R . 29.49 -5.76 -57.18
O7 NAG R . 27.01 -3.73 -63.21
C1 NAG S . 26.86 6.71 -76.38
C2 NAG S . 26.95 5.21 -76.08
C3 NAG S . 28.12 4.96 -75.13
C4 NAG S . 29.41 5.50 -75.76
C5 NAG S . 29.23 6.98 -76.07
C6 NAG S . 30.48 7.52 -76.76
C7 NAG S . 24.65 4.41 -76.21
C8 NAG S . 23.37 3.96 -75.57
N2 NAG S . 25.71 4.77 -75.45
O3 NAG S . 28.26 3.55 -74.90
O4 NAG S . 30.50 5.33 -74.85
O5 NAG S . 28.10 7.15 -76.94
O6 NAG S . 30.36 8.93 -76.95
O7 NAG S . 24.74 4.47 -77.42
C1 NAG T . 41.64 -12.80 -44.59
C2 NAG T . 41.43 -14.25 -44.21
C3 NAG T . 42.69 -14.80 -43.56
C4 NAG T . 43.89 -14.57 -44.45
C5 NAG T . 43.97 -13.11 -44.89
C6 NAG T . 45.05 -12.87 -45.94
C7 NAG T . 39.57 -15.51 -43.23
C8 NAG T . 38.40 -15.47 -42.30
N2 NAG T . 40.28 -14.39 -43.33
O3 NAG T . 42.53 -16.20 -43.32
O4 NAG T . 45.09 -14.90 -43.76
O5 NAG T . 42.73 -12.70 -45.48
O6 NAG T . 44.56 -13.13 -47.24
O7 NAG T . 39.85 -16.53 -43.87
C1 NAG U . 35.89 0.48 -31.71
C2 NAG U . 36.31 -0.35 -30.46
C3 NAG U . 37.22 0.54 -29.57
C4 NAG U . 38.35 1.16 -30.38
C5 NAG U . 37.81 1.88 -31.61
C6 NAG U . 38.86 2.48 -32.49
C7 NAG U . 35.31 -1.68 -28.66
C8 NAG U . 34.02 -2.10 -28.00
N2 NAG U . 35.20 -0.85 -29.72
O3 NAG U . 37.76 -0.21 -28.47
O4 NAG U . 39.06 2.10 -29.57
O5 NAG U . 37.04 0.96 -32.40
O6 NAG U . 39.16 3.81 -32.10
O7 NAG U . 36.41 -2.08 -28.26
C1 NAG V . -6.83 9.76 -42.41
C2 NAG V . -7.89 9.58 -43.49
C3 NAG V . -7.90 10.77 -44.44
C4 NAG V . -7.96 12.08 -43.67
C5 NAG V . -6.90 12.11 -42.57
C6 NAG V . -6.99 13.40 -41.76
C7 NAG V . -8.63 7.50 -44.52
C8 NAG V . -9.65 8.01 -45.49
N2 NAG V . -7.64 8.36 -44.23
O3 NAG V . -9.04 10.68 -45.31
O4 NAG V . -7.73 13.17 -44.57
O5 NAG V . -7.06 10.99 -41.72
O6 NAG V . -6.07 13.33 -40.67
O7 NAG V . -8.69 6.39 -44.03
C1 NAG W . 52.51 -23.08 -14.99
C2 NAG W . 53.13 -21.73 -15.20
C3 NAG W . 52.99 -21.32 -16.66
C4 NAG W . 53.51 -22.42 -17.59
C5 NAG W . 53.01 -23.79 -17.17
C6 NAG W . 53.72 -24.90 -17.87
C7 NAG W . 53.18 -19.88 -13.60
C8 NAG W . 52.36 -18.99 -12.74
N2 NAG W . 52.49 -20.74 -14.34
O3 NAG W . 53.63 -20.07 -16.93
O4 NAG W . 53.03 -22.19 -18.91
O5 NAG W . 53.19 -24.01 -15.76
O6 NAG W . 55.00 -25.08 -17.30
O7 NAG W . 54.40 -19.79 -13.64
C1 NAG X . 53.86 -21.77 -20.14
C2 NAG X . 53.72 -22.54 -21.32
C3 NAG X . 54.49 -21.88 -22.50
C4 NAG X . 54.27 -20.38 -22.59
C5 NAG X . 54.43 -19.76 -21.22
C6 NAG X . 53.99 -18.32 -21.20
C7 NAG X . 53.66 -24.89 -22.06
C8 NAG X . 54.08 -26.28 -21.70
N2 NAG X . 54.04 -23.92 -21.22
O3 NAG X . 54.10 -22.50 -23.72
O4 NAG X . 55.19 -19.79 -23.52
O5 NAG X . 53.63 -20.49 -20.24
O6 NAG X . 52.58 -18.23 -21.38
O7 NAG X . 53.00 -24.66 -23.07
C1 NAG Y . -8.09 26.83 -27.23
C2 NAG Y . -9.30 27.80 -27.30
C3 NAG Y . -10.59 26.99 -27.51
C4 NAG Y . -10.47 26.13 -28.75
C5 NAG Y . -9.23 25.23 -28.63
C6 NAG Y . -8.95 24.43 -29.88
C7 NAG Y . -10.03 29.80 -26.09
C8 NAG Y . -10.08 30.48 -24.75
N2 NAG Y . -9.43 28.61 -26.11
O3 NAG Y . -11.70 27.88 -27.61
O4 NAG Y . -11.62 25.31 -28.91
O5 NAG Y . -8.06 26.03 -28.40
O6 NAG Y . -8.07 25.12 -30.76
O7 NAG Y . -10.50 30.32 -27.10
C1 NAG Z . 19.42 37.44 -0.96
C2 NAG Z . 18.39 37.07 0.11
C3 NAG Z . 18.18 38.22 1.09
C4 NAG Z . 19.51 38.76 1.59
C5 NAG Z . 20.46 39.03 0.43
C6 NAG Z . 21.83 39.50 0.94
C7 NAG Z . 16.05 36.44 0.22
C8 NAG Z . 14.75 36.91 -0.36
N2 NAG Z . 17.13 36.70 -0.51
O3 NAG Z . 17.39 37.76 2.20
O4 NAG Z . 19.29 39.97 2.32
O5 NAG Z . 20.63 37.85 -0.33
O6 NAG Z . 22.82 38.55 0.58
O7 NAG Z . 16.11 35.85 1.29
C1 NAG AA . 20.33 41.16 3.30
C2 NAG AA . 20.47 42.57 2.72
C3 NAG AA . 20.85 43.54 3.85
C4 NAG AA . 19.77 43.48 4.93
C5 NAG AA . 19.64 42.04 5.44
C6 NAG AA . 18.53 41.95 6.47
C7 NAG AA . 21.26 42.21 0.44
C8 NAG AA . 22.35 42.20 -0.59
N2 NAG AA . 21.54 42.55 1.71
O3 NAG AA . 20.92 44.87 3.31
O4 NAG AA . 20.14 44.33 6.02
O5 NAG AA . 19.33 41.17 4.34
O6 NAG AA . 18.49 40.63 7.02
O7 NAG AA . 20.13 41.88 0.13
C1 NAG BA . 9.02 51.65 -8.96
C2 NAG BA . 9.25 53.06 -9.50
C3 NAG BA . 10.66 53.55 -9.18
C4 NAG BA . 10.98 53.34 -7.70
C5 NAG BA . 10.65 51.91 -7.27
C6 NAG BA . 10.91 51.72 -5.79
C7 NAG BA . 9.58 52.18 -11.74
C8 NAG BA . 11.04 51.91 -11.50
N2 NAG BA . 9.04 53.08 -10.93
O3 NAG BA . 10.76 54.94 -9.49
O4 NAG BA . 12.37 53.58 -7.48
O5 NAG BA . 9.28 51.64 -7.56
O6 NAG BA . 12.11 52.38 -5.42
O7 NAG BA . 8.95 51.61 -12.60
C1 NAG CA . -15.94 64.28 23.73
C2 NAG CA . -16.26 64.52 25.20
C3 NAG CA . -16.15 66.01 25.52
C4 NAG CA . -14.82 66.58 25.03
C5 NAG CA . -14.61 66.21 23.56
C6 NAG CA . -13.29 66.67 23.01
C7 NAG CA . -17.86 62.75 25.80
C8 NAG CA . -19.29 62.41 26.07
N2 NAG CA . -17.60 64.03 25.52
O3 NAG CA . -16.25 66.20 26.92
O4 NAG CA . -14.80 67.99 25.16
O5 NAG CA . -14.66 64.79 23.43
O6 NAG CA . -13.44 67.22 21.72
O7 NAG CA . -16.98 61.90 25.85
C1 NAG DA . -43.19 38.18 -14.03
C2 NAG DA . -44.42 38.72 -14.73
C3 NAG DA . -44.56 38.08 -16.11
C4 NAG DA . -43.28 38.24 -16.91
C5 NAG DA . -42.06 37.80 -16.11
C6 NAG DA . -40.75 38.17 -16.76
C7 NAG DA . -46.53 39.45 -13.72
C8 NAG DA . -47.71 39.06 -12.90
N2 NAG DA . -45.63 38.49 -13.95
O3 NAG DA . -45.64 38.68 -16.80
O4 NAG DA . -43.39 37.37 -18.04
O5 NAG DA . -42.05 38.43 -14.82
O6 NAG DA . -39.77 37.16 -16.58
O7 NAG DA . -46.37 40.60 -14.15
C1 NAG EA . -43.13 37.79 -19.59
C2 NAG EA . -42.71 36.82 -20.69
C3 NAG EA . -42.82 37.47 -22.07
C4 NAG EA . -44.23 38.00 -22.26
C5 NAG EA . -44.63 38.91 -21.10
C6 NAG EA . -46.08 39.34 -21.17
C7 NAG EA . -40.18 36.79 -20.40
C8 NAG EA . -40.11 38.29 -20.56
N2 NAG EA . -41.40 36.20 -20.47
O3 NAG EA . -42.51 36.51 -23.08
O4 NAG EA . -44.30 38.75 -23.47
O5 NAG EA . -44.47 38.23 -19.84
O6 NAG EA . -46.93 38.22 -21.43
O7 NAG EA . -39.18 36.12 -20.21
C1 NAG FA . -28.31 71.66 31.80
C2 NAG FA . -27.07 72.54 31.85
C3 NAG FA . -26.62 72.74 33.29
C4 NAG FA . -27.76 73.32 34.11
C5 NAG FA . -28.96 72.39 34.01
C6 NAG FA . -30.18 72.93 34.74
C7 NAG FA . -25.43 72.69 30.05
C8 NAG FA . -24.32 72.00 29.33
N2 NAG FA . -25.99 72.00 31.06
O3 NAG FA . -25.49 73.60 33.33
O4 NAG FA . -27.36 73.44 35.46
O5 NAG FA . -29.33 72.22 32.64
O6 NAG FA . -30.92 73.84 33.93
O7 NAG FA . -25.81 73.81 29.74
C1 NAG GA . -26.30 74.41 36.37
C2 NAG GA . -26.96 75.03 37.59
C3 NAG GA . -25.97 75.90 38.34
C4 NAG GA . -24.72 75.10 38.68
C5 NAG GA . -24.15 74.44 37.44
C6 NAG GA . -22.99 73.51 37.72
C7 NAG GA . -29.37 75.27 37.23
C8 NAG GA . -30.47 76.18 36.80
N2 NAG GA . -28.14 75.79 37.21
O3 NAG GA . -26.59 76.38 39.53
O4 NAG GA . -23.74 75.96 39.25
O5 NAG GA . -25.15 73.65 36.78
O6 NAG GA . -23.41 72.33 38.40
O7 NAG GA . -29.57 74.12 37.57
C1 EIC HA . 37.92 -17.85 -16.29
C2 EIC HA . 37.78 -16.93 -15.09
C3 EIC HA . 39.12 -16.85 -14.35
C4 EIC HA . 38.87 -16.84 -12.85
C5 EIC HA . 40.16 -16.54 -12.10
C6 EIC HA . 39.86 -16.07 -10.68
C7 EIC HA . 38.83 -14.93 -10.73
C8 EIC HA . 39.35 -13.76 -9.91
C9 EIC HA . 38.22 -13.21 -9.04
C10 EIC HA . 38.50 -12.51 -7.95
C11 EIC HA . 39.94 -12.23 -7.57
C12 EIC HA . 40.01 -12.03 -6.06
C13 EIC HA . 41.16 -12.14 -5.43
C14 EIC HA . 42.45 -12.46 -6.19
C15 EIC HA . 42.52 -13.95 -6.48
C16 EIC HA . 43.65 -14.57 -5.66
C17 EIC HA . 44.91 -14.64 -6.51
C18 EIC HA . 45.36 -16.09 -6.63
O1 EIC HA . 39.05 -18.03 -16.82
O2 EIC HA . 36.91 -18.45 -16.75
C1 NAG IA . 48.75 -33.82 38.16
C2 NAG IA . 49.58 -35.04 37.77
C3 NAG IA . 48.76 -35.94 36.84
C4 NAG IA . 47.46 -36.32 37.55
C5 NAG IA . 46.71 -35.05 37.94
C6 NAG IA . 45.43 -35.44 38.70
C7 NAG IA . 51.88 -34.24 37.79
C8 NAG IA . 53.14 -33.79 37.09
N2 NAG IA . 50.80 -34.60 37.09
O3 NAG IA . 49.51 -37.11 36.54
O4 NAG IA . 46.65 -37.10 36.66
O5 NAG IA . 47.53 -34.24 38.79
O6 NAG IA . 44.67 -34.25 38.97
O7 NAG IA . 51.85 -34.28 39.02
C1 NAG JA . 46.40 -38.64 36.02
C2 NAG JA . 45.07 -39.08 35.41
C3 NAG JA . 45.20 -40.51 34.87
C4 NAG JA . 46.35 -40.56 33.85
C5 NAG JA . 47.63 -40.06 34.52
C6 NAG JA . 48.76 -40.06 33.48
C7 NAG JA . 43.39 -37.88 36.70
C8 NAG JA . 42.32 -37.84 37.76
N2 NAG JA . 44.02 -39.04 36.44
O3 NAG JA . 43.98 -40.90 34.25
O4 NAG JA . 46.52 -41.91 33.40
O5 NAG JA . 47.43 -38.75 35.01
O6 NAG JA . 49.99 -39.70 34.13
O7 NAG JA . 43.67 -36.88 36.08
C1 NAG KA . 25.16 -14.38 40.61
C2 NAG KA . 24.48 -13.60 41.74
C3 NAG KA . 24.65 -14.35 43.06
C4 NAG KA . 24.16 -15.79 42.92
C5 NAG KA . 24.83 -16.47 41.73
C6 NAG KA . 24.28 -17.85 41.46
C7 NAG KA . 24.30 -11.16 41.63
C8 NAG KA . 25.04 -9.86 41.79
N2 NAG KA . 25.03 -12.25 41.85
O3 NAG KA . 23.92 -13.69 44.08
O4 NAG KA . 24.47 -16.53 44.10
O5 NAG KA . 24.61 -15.69 40.54
O6 NAG KA . 23.94 -18.52 42.66
O7 NAG KA . 23.12 -11.21 41.32
C1 NAG LA . 58.67 -16.83 23.15
C2 NAG LA . 60.14 -16.81 22.78
C3 NAG LA . 60.29 -16.88 21.25
C4 NAG LA . 59.58 -18.12 20.72
C5 NAG LA . 58.12 -18.08 21.14
C6 NAG LA . 57.36 -19.32 20.73
C7 NAG LA . 62.12 -15.47 23.32
C8 NAG LA . 62.63 -14.18 23.90
N2 NAG LA . 60.80 -15.62 23.29
O3 NAG LA . 61.66 -16.94 20.90
O4 NAG LA . 59.66 -18.15 19.31
O5 NAG LA . 58.04 -18.01 22.58
O6 NAG LA . 58.12 -20.15 19.85
O7 NAG LA . 62.88 -16.33 22.91
C1 NAG MA . 71.72 -11.72 36.43
C2 NAG MA . 71.95 -12.18 35.00
C3 NAG MA . 71.24 -13.53 34.78
C4 NAG MA . 71.76 -14.54 35.80
C5 NAG MA . 71.54 -13.98 37.22
C6 NAG MA . 72.11 -14.96 38.24
C7 NAG MA . 72.15 -10.13 33.71
C8 NAG MA . 71.59 -9.10 32.76
N2 NAG MA . 71.41 -11.19 34.07
O3 NAG MA . 71.50 -14.01 33.46
O4 NAG MA . 71.05 -15.77 35.66
O5 NAG MA . 72.20 -12.72 37.34
O6 NAG MA . 71.81 -14.50 39.56
O7 NAG MA . 73.28 -10.00 34.15
C1 NAG NA . 49.70 -35.45 12.74
C2 NAG NA . 49.81 -35.63 11.25
C3 NAG NA . 49.49 -37.07 10.87
C4 NAG NA . 50.36 -38.03 11.68
C5 NAG NA . 50.28 -37.72 13.16
C6 NAG NA . 51.27 -38.52 13.98
C7 NAG NA . 49.17 -34.28 9.31
C8 NAG NA . 48.17 -33.30 8.75
N2 NAG NA . 48.94 -34.70 10.55
O3 NAG NA . 49.71 -37.26 9.48
O4 NAG NA . 49.91 -39.36 11.47
O5 NAG NA . 50.59 -36.33 13.40
O6 NAG NA . 52.54 -37.89 14.01
O7 NAG NA . 50.13 -34.66 8.65
C1 NAG OA . 32.65 -29.12 19.48
C2 NAG OA . 31.81 -29.91 18.45
C3 NAG OA . 30.76 -30.74 19.22
C4 NAG OA . 31.39 -31.56 20.34
C5 NAG OA . 32.26 -30.66 21.22
C6 NAG OA . 32.98 -31.41 22.32
C7 NAG OA . 30.49 -29.53 16.41
C8 NAG OA . 29.90 -28.50 15.50
N2 NAG OA . 31.18 -29.07 17.47
O3 NAG OA . 30.01 -31.59 18.35
O4 NAG OA . 30.37 -32.16 21.13
O5 NAG OA . 33.25 -30.01 20.43
O6 NAG OA . 32.18 -31.47 23.50
O7 NAG OA . 30.33 -30.74 16.21
C1 NAG PA . 36.01 15.76 20.06
C2 NAG PA . 37.00 16.92 19.94
C3 NAG PA . 37.49 17.35 21.32
C4 NAG PA . 36.32 17.55 22.28
C5 NAG PA . 35.38 16.37 22.25
C6 NAG PA . 34.17 16.60 23.15
C7 NAG PA . 38.60 17.34 18.16
C8 NAG PA . 39.25 18.60 18.66
N2 NAG PA . 38.12 16.53 19.11
O3 NAG PA . 38.24 18.57 21.20
O4 NAG PA . 36.82 17.73 23.60
O5 NAG PA . 34.93 16.14 20.90
O6 NAG PA . 33.24 15.53 22.99
O7 NAG PA . 38.51 17.07 16.98
C1 NAG QA . 26.29 -53.04 -2.85
C2 NAG QA . 26.08 -53.30 -1.37
C3 NAG QA . 27.31 -52.84 -0.60
C4 NAG QA . 28.60 -53.43 -1.18
C5 NAG QA . 28.62 -53.31 -2.70
C6 NAG QA . 29.71 -54.12 -3.32
C7 NAG QA . 23.97 -53.20 -0.16
C8 NAG QA . 22.79 -52.36 0.18
N2 NAG QA . 24.89 -52.62 -0.92
O3 NAG QA . 27.19 -53.13 0.79
O4 NAG QA . 29.71 -52.70 -0.70
O5 NAG QA . 27.39 -53.77 -3.29
O6 NAG QA . 29.34 -55.49 -3.32
O7 NAG QA . 24.09 -54.35 0.24
C1 NAG RA . 30.79 -53.21 0.33
C2 NAG RA . 32.15 -53.04 -0.05
C3 NAG RA . 33.10 -53.44 1.11
C4 NAG RA . 32.66 -52.89 2.46
C5 NAG RA . 31.17 -53.13 2.64
C6 NAG RA . 30.64 -52.39 3.84
C7 NAG RA . 33.62 -53.38 -2.00
C8 NAG RA . 33.79 -54.15 -3.26
N2 NAG RA . 32.54 -53.67 -1.26
O3 NAG RA . 34.41 -53.00 0.82
O4 NAG RA . 33.40 -53.49 3.52
O5 NAG RA . 30.44 -52.67 1.47
O6 NAG RA . 30.66 -50.99 3.61
O7 NAG RA . 34.43 -52.52 -1.64
C1 NAG SA . 15.93 18.23 30.73
C2 NAG SA . 15.56 19.62 31.32
C3 NAG SA . 15.93 20.72 30.31
C4 NAG SA . 17.40 20.61 29.93
C5 NAG SA . 17.69 19.20 29.40
C6 NAG SA . 19.15 18.97 29.11
C7 NAG SA . 13.69 20.56 32.60
C8 NAG SA . 12.22 20.54 32.80
N2 NAG SA . 14.17 19.72 31.67
O3 NAG SA . 15.64 21.99 30.86
O4 NAG SA . 17.72 21.58 28.93
O5 NAG SA . 17.30 18.22 30.37
O6 NAG SA . 19.82 18.42 30.25
O7 NAG SA . 14.43 21.30 33.26
C1 NAG TA . -9.99 -10.20 39.64
C2 NAG TA . -10.95 -9.48 38.70
C3 NAG TA . -12.27 -9.18 39.40
C4 NAG TA . -12.81 -10.43 40.09
C5 NAG TA . -11.74 -11.09 40.94
C6 NAG TA . -12.27 -12.38 41.57
C7 NAG TA . -11.03 -7.39 37.48
C8 NAG TA . -10.76 -5.93 37.75
N2 NAG TA . -10.35 -8.25 38.23
O3 NAG TA . -13.23 -8.71 38.44
O4 NAG TA . -13.92 -10.07 40.92
O5 NAG TA . -10.60 -11.39 40.14
O6 NAG TA . -11.51 -13.49 41.07
O7 NAG TA . -11.83 -7.75 36.63
C1 NAG UA . -15.16 -10.96 41.98
C2 NAG UA . -15.07 -10.70 43.48
C3 NAG UA . -16.42 -11.03 44.13
C4 NAG UA . -17.51 -10.18 43.46
C5 NAG UA . -17.51 -10.47 41.95
C6 NAG UA . -18.55 -9.58 41.26
C7 NAG UA . -12.75 -11.16 44.06
C8 NAG UA . -11.68 -12.04 44.65
N2 NAG UA . -14.03 -11.56 44.06
O3 NAG UA . -16.37 -10.72 45.52
O4 NAG UA . -18.78 -10.53 44.00
O5 NAG UA . -16.21 -10.17 41.42
O6 NAG UA . -18.63 -9.93 39.88
O7 NAG UA . -12.45 -10.10 43.55
C1 NAG VA . -8.12 4.24 52.37
C2 NAG VA . -8.08 4.41 53.88
C3 NAG VA . -8.42 3.12 54.60
C4 NAG VA . -9.71 2.51 54.04
C5 NAG VA . -9.66 2.45 52.52
C6 NAG VA . -10.97 1.92 51.95
C7 NAG VA . -5.65 4.27 53.84
C8 NAG VA . -5.66 2.77 53.91
N2 NAG VA . -6.75 4.86 54.28
O3 NAG VA . -8.59 3.37 56.00
O4 NAG VA . -9.88 1.19 54.56
O5 NAG VA . -9.41 3.76 51.99
O6 NAG VA . -11.44 0.83 52.77
O7 NAG VA . -4.70 4.89 53.42
C1 NAG WA . -45.12 25.64 47.43
C2 NAG WA . -46.61 25.75 47.12
C3 NAG WA . -47.40 25.92 48.42
C4 NAG WA . -47.02 24.85 49.43
C5 NAG WA . -45.51 24.82 49.60
C6 NAG WA . -45.03 23.73 50.53
C7 NAG WA . -46.70 26.80 44.89
C8 NAG WA . -46.97 28.06 44.13
N2 NAG WA . -46.85 26.88 46.22
O3 NAG WA . -48.79 25.83 48.14
O4 NAG WA . -47.61 25.11 50.69
O5 NAG WA . -44.90 24.57 48.32
O6 NAG WA . -44.02 24.21 51.40
O7 NAG WA . -46.38 25.76 44.34
C1 NAG XA . -3.20 52.31 27.91
C2 NAG XA . -2.82 53.73 28.30
C3 NAG XA . -1.33 53.94 28.10
C4 NAG XA . -0.52 52.88 28.83
C5 NAG XA . -1.04 51.48 28.49
C6 NAG XA . -0.43 50.41 29.37
C7 NAG XA . -4.19 55.75 28.12
C8 NAG XA . -4.93 56.67 27.20
N2 NAG XA . -3.58 54.71 27.54
O3 NAG XA . -0.97 55.23 28.58
O4 NAG XA . 0.82 52.99 28.35
O5 NAG XA . -2.46 51.40 28.68
O6 NAG XA . -0.18 49.21 28.64
O7 NAG XA . -4.17 55.92 29.33
C1 NAG YA . 2.15 53.08 29.27
C2 NAG YA . 3.55 52.64 28.83
C3 NAG YA . 4.62 53.12 29.81
C4 NAG YA . 4.50 54.62 30.00
C5 NAG YA . 3.07 55.02 30.36
C6 NAG YA . 2.87 56.52 30.39
C7 NAG YA . 3.50 50.16 29.37
C8 NAG YA . 3.14 50.44 30.81
N2 NAG YA . 3.67 51.20 28.54
O3 NAG YA . 5.91 52.78 29.33
O4 NAG YA . 5.37 55.05 31.03
O5 NAG YA . 2.13 54.50 29.40
O6 NAG YA . 3.41 57.13 29.23
O7 NAG YA . 3.63 49.01 28.97
C1 NAG ZA . -30.03 31.32 49.68
C2 NAG ZA . -28.59 31.58 50.05
C3 NAG ZA . -27.93 30.26 50.46
C4 NAG ZA . -28.78 29.43 51.41
C5 NAG ZA . -30.26 29.45 51.05
C6 NAG ZA . -31.16 28.91 52.15
C7 NAG ZA . -27.38 33.42 48.95
C8 NAG ZA . -26.68 33.86 47.70
N2 NAG ZA . -27.88 32.18 48.93
O3 NAG ZA . -26.66 30.54 51.04
O4 NAG ZA . -28.36 28.07 51.32
O5 NAG ZA . -30.70 30.79 50.77
O6 NAG ZA . -30.58 29.09 53.43
O7 NAG ZA . -27.46 34.14 49.93
C1 NAG AB . -27.94 26.79 52.21
C2 NAG AB . -27.89 25.36 51.69
C3 NAG AB . -27.40 24.38 52.76
C4 NAG AB . -26.08 24.86 53.34
C5 NAG AB . -26.21 26.31 53.82
C6 NAG AB . -24.88 26.88 54.26
C7 NAG AB . -30.35 24.73 51.61
C8 NAG AB . -30.53 25.04 53.06
N2 NAG AB . -29.14 24.90 51.05
O3 NAG AB . -27.24 23.09 52.21
O4 NAG AB . -25.69 24.03 54.42
O5 NAG AB . -26.67 27.15 52.75
O6 NAG AB . -24.08 27.24 53.15
O7 NAG AB . -31.30 24.33 50.92
C1 NAG BB . -56.20 37.82 48.50
C2 NAG BB . -56.44 36.83 49.61
C3 NAG BB . -57.82 36.19 49.46
C4 NAG BB . -58.89 37.29 49.46
C5 NAG BB . -58.58 38.25 48.32
C6 NAG BB . -59.54 39.42 48.28
C7 NAG BB . -54.67 35.58 50.71
C8 NAG BB . -53.66 34.48 50.59
N2 NAG BB . -55.42 35.79 49.64
O3 NAG BB . -58.05 35.30 50.53
O4 NAG BB . -60.16 36.70 49.25
O5 NAG BB . -57.27 38.80 48.48
O6 NAG BB . -59.15 40.47 49.16
O7 NAG BB . -54.79 36.24 51.74
C1 NAG CB . -61.25 35.75 50.14
C2 NAG CB . -62.65 36.32 50.16
C3 NAG CB . -63.57 35.43 50.99
C4 NAG CB . -63.52 34.00 50.48
C5 NAG CB . -62.07 33.50 50.41
C6 NAG CB . -61.94 32.15 49.77
C7 NAG CB . -62.60 38.74 49.87
C8 NAG CB . -62.60 40.08 50.54
N2 NAG CB . -62.65 37.68 50.67
O3 NAG CB . -64.90 35.94 50.90
O4 NAG CB . -64.25 33.15 51.36
O5 NAG CB . -61.29 34.41 49.62
O6 NAG CB . -62.22 32.18 48.38
O7 NAG CB . -62.56 38.63 48.64
C1 EIC DB . 24.68 -37.13 -1.40
C2 EIC DB . 23.68 -37.95 -0.58
C3 EIC DB . 22.77 -38.75 -1.52
C4 EIC DB . 21.58 -39.27 -0.72
C5 EIC DB . 20.45 -39.68 -1.68
C6 EIC DB . 19.24 -40.15 -0.87
C7 EIC DB . 18.34 -38.94 -0.56
C8 EIC DB . 17.19 -39.37 0.34
C9 EIC DB . 16.30 -38.16 0.61
C10 EIC DB . 15.18 -38.27 1.29
C11 EIC DB . 14.73 -39.61 1.85
C12 EIC DB . 13.32 -39.93 1.35
C13 EIC DB . 12.97 -41.17 1.10
C14 EIC DB . 13.96 -42.31 1.33
C15 EIC DB . 13.71 -43.45 0.34
C16 EIC DB . 14.85 -44.46 0.44
C17 EIC DB . 15.00 -45.23 -0.86
C18 EIC DB . 14.05 -46.41 -0.86
O1 EIC DB . 25.78 -37.65 -1.76
O2 EIC DB . 24.42 -35.94 -1.72
C1 NAG EB . -20.44 -60.59 -29.95
C2 NAG EB . -19.59 -61.59 -30.74
C3 NAG EB . -18.50 -60.85 -31.49
C4 NAG EB . -19.14 -59.78 -32.40
C5 NAG EB . -19.99 -58.85 -31.55
C6 NAG EB . -20.68 -57.83 -32.45
C7 NAG EB . -19.70 -63.64 -29.41
C8 NAG EB . -19.08 -64.62 -28.46
N2 NAG EB . -19.00 -62.55 -29.81
O3 NAG EB . -17.75 -61.77 -32.28
O4 NAG EB . -18.11 -59.04 -33.05
O5 NAG EB . -20.98 -59.61 -30.85
O6 NAG EB . -21.39 -56.88 -31.66
O7 NAG EB . -20.81 -63.82 -29.83
C1 NAG FB . -17.00 -59.03 -34.33
C2 NAG FB . -16.40 -57.74 -34.89
C3 NAG FB . -15.40 -58.10 -36.00
C4 NAG FB . -14.32 -59.03 -35.44
C5 NAG FB . -15.01 -60.27 -34.85
C6 NAG FB . -13.95 -61.19 -34.24
C7 NAG FB . -18.14 -56.08 -34.63
C8 NAG FB . -19.24 -55.21 -35.19
N2 NAG FB . -17.46 -56.90 -35.43
O3 NAG FB . -14.78 -56.90 -36.49
O4 NAG FB . -13.43 -59.43 -36.48
O5 NAG FB . -15.94 -59.88 -33.85
O6 NAG FB . -14.58 -62.41 -33.79
O7 NAG FB . -17.87 -56.03 -33.45
C1 NAG GB . -31.24 -34.03 -19.05
C2 NAG GB . -32.61 -33.40 -18.85
C3 NAG GB . -33.59 -33.94 -19.90
C4 NAG GB . -33.01 -33.76 -21.31
C5 NAG GB . -31.61 -34.36 -21.39
C6 NAG GB . -30.93 -34.09 -22.70
C7 NAG GB . -33.34 -32.68 -16.62
C8 NAG GB . -33.86 -33.12 -15.29
N2 NAG GB . -33.12 -33.65 -17.52
O3 NAG GB . -34.83 -33.26 -19.79
O4 NAG GB . -33.84 -34.41 -22.25
O5 NAG GB . -30.77 -33.78 -20.36
O6 NAG GB . -31.86 -34.11 -23.77
O7 NAG GB . -33.13 -31.50 -16.89
C1 NAG HB . -11.24 -63.94 -7.23
C2 NAG HB . -10.77 -65.29 -6.71
C3 NAG HB . -9.31 -65.20 -6.26
C4 NAG HB . -8.45 -64.70 -7.42
C5 NAG HB . -8.98 -63.36 -7.91
C6 NAG HB . -8.24 -62.83 -9.11
C7 NAG HB . -11.57 -66.99 -5.13
C8 NAG HB . -12.51 -67.29 -4.00
N2 NAG HB . -11.59 -65.75 -5.60
O3 NAG HB . -8.84 -66.47 -5.86
O4 NAG HB . -7.11 -64.56 -7.01
O5 NAG HB . -10.35 -63.50 -8.31
O6 NAG HB . -7.08 -63.60 -9.40
O7 NAG HB . -10.83 -67.85 -5.59
C1 NAG IB . -24.33 -77.55 -3.20
C2 NAG IB . -22.81 -77.63 -3.12
C3 NAG IB . -22.21 -77.21 -4.47
C4 NAG IB . -22.80 -78.11 -5.58
C5 NAG IB . -24.32 -78.00 -5.55
C6 NAG IB . -24.91 -78.94 -6.62
C7 NAG IB . -22.28 -77.17 -0.79
C8 NAG IB . -21.77 -76.25 0.29
N2 NAG IB . -22.32 -76.74 -2.07
O3 NAG IB . -20.80 -77.36 -4.43
O4 NAG IB . -22.30 -77.67 -6.85
O5 NAG IB . -24.80 -78.38 -4.27
O6 NAG IB . -26.33 -78.75 -6.67
O7 NAG IB . -22.64 -78.29 -0.52
C1 NAG JB . 4.04 -57.68 -23.44
C2 NAG JB . 5.51 -57.60 -23.12
C3 NAG JB . 6.32 -57.53 -24.41
C4 NAG JB . 5.96 -58.71 -25.31
C5 NAG JB . 4.44 -58.81 -25.49
C6 NAG JB . 4.04 -60.07 -26.23
C7 NAG JB . 6.83 -56.35 -21.46
C8 NAG JB . 6.93 -55.09 -20.66
N2 NAG JB . 5.78 -56.43 -22.29
O3 NAG JB . 7.70 -57.56 -24.10
O4 NAG JB . 6.56 -58.54 -26.59
O5 NAG JB . 3.79 -58.84 -24.22
O6 NAG JB . 3.90 -61.17 -25.33
O7 NAG JB . 7.64 -57.26 -21.37
C1 NAG KB . -5.83 -41.01 -24.15
C2 NAG KB . -4.67 -40.20 -24.78
C3 NAG KB . -5.21 -39.50 -26.04
C4 NAG KB . -5.92 -40.47 -26.97
C5 NAG KB . -6.99 -41.25 -26.19
C6 NAG KB . -7.70 -42.30 -27.02
C7 NAG KB . -2.99 -38.52 -24.15
C8 NAG KB . -2.53 -37.58 -23.09
N2 NAG KB . -4.08 -39.26 -23.87
O3 NAG KB . -4.16 -38.83 -26.75
O4 NAG KB . -6.54 -39.75 -28.03
O5 NAG KB . -6.37 -41.93 -25.09
O6 NAG KB . -8.85 -41.73 -27.64
O7 NAG KB . -2.42 -38.59 -25.23
C1 NAG LB . -21.17 -34.50 17.67
C2 NAG LB . -21.38 -35.18 19.02
C3 NAG LB . -22.77 -35.78 19.12
C4 NAG LB . -23.84 -34.77 18.71
C5 NAG LB . -23.49 -34.12 17.38
C6 NAG LB . -24.51 -33.05 17.01
C7 NAG LB . -19.72 -36.34 20.36
C8 NAG LB . -20.55 -36.76 21.53
N2 NAG LB . -20.38 -36.21 19.21
O3 NAG LB . -23.01 -36.21 20.47
O4 NAG LB . -25.10 -35.43 18.60
O5 NAG LB . -22.20 -33.52 17.48
O6 NAG LB . -24.09 -32.36 15.84
O7 NAG LB . -18.53 -36.12 20.45
C1 NAG MB . -33.70 -16.39 11.43
C2 NAG MB . -34.75 -15.83 12.43
C3 NAG MB . -34.13 -15.78 13.84
C4 NAG MB . -33.62 -17.15 14.24
C5 NAG MB . -32.63 -17.65 13.20
C6 NAG MB . -32.16 -19.06 13.44
C7 NAG MB . -36.42 -14.03 12.42
C8 NAG MB . -36.72 -12.65 11.95
N2 NAG MB . -35.22 -14.52 12.06
O3 NAG MB . -35.11 -15.31 14.77
O4 NAG MB . -32.98 -17.09 15.52
O5 NAG MB . -33.23 -17.66 11.89
O6 NAG MB . -32.98 -20.01 12.77
O7 NAG MB . -37.23 -14.69 13.08
C1 NAG NB . -34.65 0.84 -24.08
C2 NAG NB . -34.09 2.08 -23.38
C3 NAG NB . -34.96 3.30 -23.67
C4 NAG NB . -35.23 3.44 -25.16
C5 NAG NB . -35.72 2.12 -25.75
C6 NAG NB . -35.92 2.24 -27.26
C7 NAG NB . -33.66 2.81 -21.11
C8 NAG NB . -34.38 2.83 -19.80
N2 NAG NB . -34.01 1.85 -21.96
O3 NAG NB . -34.29 4.47 -23.20
O4 NAG NB . -36.22 4.45 -25.37
O5 NAG NB . -34.77 1.10 -25.48
O6 NAG NB . -35.02 1.36 -27.93
O7 NAG NB . -32.81 3.65 -21.40
C1 NAG OB . -37.01 5.28 -26.84
C2 NAG OB . -38.51 4.99 -27.04
C3 NAG OB . -39.11 6.12 -27.88
C4 NAG OB . -38.86 7.46 -27.19
C5 NAG OB . -37.36 7.64 -26.99
C6 NAG OB . -37.10 8.95 -26.23
C7 NAG OB . -38.70 2.56 -27.03
C8 NAG OB . -38.87 1.25 -27.73
N2 NAG OB . -38.68 3.71 -27.73
O3 NAG OB . -40.53 5.91 -28.02
O4 NAG OB . -39.36 8.52 -28.01
O5 NAG OB . -36.84 6.55 -26.22
O6 NAG OB . -35.69 9.18 -26.15
O7 NAG OB . -38.57 2.59 -25.82
C1 NAG PB . -51.30 0.13 -14.25
C2 NAG PB . -52.76 -0.12 -14.55
C3 NAG PB . -53.03 -0.19 -16.05
C4 NAG PB . -52.41 1.00 -16.75
C5 NAG PB . -50.96 1.20 -16.34
C6 NAG PB . -50.35 2.43 -17.00
C7 NAG PB . -52.48 -2.48 -14.04
C8 NAG PB . -52.04 -2.82 -15.43
N2 NAG PB . -53.19 -1.37 -13.91
O3 NAG PB . -54.44 -0.21 -16.28
O4 NAG PB . -52.47 0.79 -18.18
O5 NAG PB . -50.88 1.32 -14.92
O6 NAG PB . -50.80 2.51 -18.36
O7 NAG PB . -52.21 -3.19 -13.08
C1 NAG QB . -56.93 41.21 -2.80
C2 NAG QB . -56.81 42.73 -2.97
C3 NAG QB . -58.14 43.30 -3.43
C4 NAG QB . -58.70 42.54 -4.61
C5 NAG QB . -58.72 41.05 -4.31
C6 NAG QB . -59.19 40.20 -5.46
C7 NAG QB . -55.08 43.41 -1.37
C8 NAG QB . -54.80 44.06 -0.05
N2 NAG QB . -56.36 43.35 -1.74
O3 NAG QB . -57.96 44.67 -3.79
O4 NAG QB . -60.02 42.96 -4.92
O5 NAG QB . -57.39 40.63 -3.98
O6 NAG QB . -60.07 39.19 -5.02
O7 NAG QB . -54.18 42.96 -2.06
C1 NAG RB . -44.10 9.94 38.53
C2 NAG RB . -44.91 9.82 39.80
C3 NAG RB . -44.67 8.46 40.45
C4 NAG RB . -44.92 7.33 39.46
C5 NAG RB . -44.18 7.57 38.15
C6 NAG RB . -44.60 6.63 37.05
C7 NAG RB . -45.53 11.61 41.35
C8 NAG RB . -45.03 12.68 42.27
N2 NAG RB . -44.59 10.89 40.74
O3 NAG RB . -45.52 8.32 41.58
O4 NAG RB . -44.40 6.16 40.06
O5 NAG RB . -44.45 8.89 37.65
O6 NAG RB . -43.50 6.24 36.24
O7 NAG RB . -46.73 11.42 41.15
C1 NAG SB . -45.19 4.74 40.21
C2 NAG SB . -44.50 3.37 40.30
C3 NAG SB . -45.50 2.29 40.72
C4 NAG SB . -46.19 2.70 42.02
C5 NAG SB . -46.78 4.11 41.89
C6 NAG SB . -47.34 4.62 43.20
C7 NAG SB . -44.19 2.79 37.85
C8 NAG SB . -45.66 2.96 37.58
N2 NAG SB . -43.74 2.99 39.11
O3 NAG SB . -44.83 1.05 40.89
O4 NAG SB . -47.24 1.78 42.32
O5 NAG SB . -45.79 5.05 41.47
O6 NAG SB . -46.41 4.42 44.26
O7 NAG SB . -43.41 2.48 36.96
C1 NAG TB . -59.70 27.58 5.67
C2 NAG TB . -60.01 26.20 6.16
C3 NAG TB . -59.89 25.20 5.01
C4 NAG TB . -60.58 25.68 3.73
C5 NAG TB . -60.37 27.17 3.47
C6 NAG TB . -61.29 27.73 2.41
C7 NAG TB . -59.50 25.60 8.49
C8 NAG TB . -58.41 25.25 9.46
N2 NAG TB . -59.10 25.83 7.23
O3 NAG TB . -60.43 23.94 5.41
O4 NAG TB . -60.01 24.99 2.62
O5 NAG TB . -60.59 27.93 4.66
O6 NAG TB . -62.51 27.01 2.32
O7 NAG TB . -60.67 25.68 8.84
C1 NAG UB . -60.40 24.16 1.35
C2 NAG UB . -59.42 23.89 0.20
C3 NAG UB . -60.07 23.03 -0.89
C4 NAG UB . -60.66 21.77 -0.28
C5 NAG UB . -61.59 22.12 0.86
C6 NAG UB . -62.10 20.89 1.60
C7 NAG UB . -59.33 26.13 -0.99
C8 NAG UB . -60.82 26.12 -1.19
N2 NAG UB . -58.78 25.08 -0.34
O3 NAG UB . -59.09 22.67 -1.86
O4 NAG UB . -61.35 21.03 -1.27
O5 NAG UB . -60.92 22.93 1.84
O6 NAG UB . -61.11 20.39 2.48
O7 NAG UB . -58.64 27.06 -1.39
C1 NAG VB . -62.95 54.37 5.15
C2 NAG VB . -63.67 54.20 3.83
C3 NAG VB . -63.45 55.41 2.95
C4 NAG VB . -63.89 56.68 3.67
C5 NAG VB . -63.12 56.78 4.99
C6 NAG VB . -63.56 57.97 5.82
C7 NAG VB . -64.15 52.04 2.82
C8 NAG VB . -63.58 50.86 2.11
N2 NAG VB . -63.28 52.99 3.15
O3 NAG VB . -64.17 55.25 1.73
O4 NAG VB . -63.61 57.81 2.86
O5 NAG VB . -63.36 55.61 5.78
O6 NAG VB . -64.70 57.68 6.61
O7 NAG VB . -65.34 52.13 3.09
C1 NAG WB . -64.21 58.50 1.44
C2 NAG WB . -64.55 59.97 1.59
C3 NAG WB . -65.10 60.53 0.29
C4 NAG WB . -64.14 60.25 -0.86
C5 NAG WB . -63.79 58.76 -0.92
C6 NAG WB . -62.72 58.44 -1.93
C7 NAG WB . -65.08 60.50 3.91
C8 NAG WB . -66.16 60.68 4.93
N2 NAG WB . -65.48 60.19 2.68
O3 NAG WB . -65.30 61.93 0.42
O4 NAG WB . -64.74 60.61 -2.09
O5 NAG WB . -63.29 58.33 0.36
O6 NAG WB . -61.44 58.94 -1.54
O7 NAG WB . -63.89 60.63 4.19
C1 EIC XB . 16.71 -33.53 -27.83
C2 EIC XB . 16.08 -32.15 -27.66
C3 EIC XB . 15.72 -31.59 -29.04
C4 EIC XB . 15.58 -30.08 -28.96
C5 EIC XB . 16.14 -29.44 -30.24
C6 EIC XB . 16.22 -27.92 -30.06
C7 EIC XB . 15.46 -27.22 -31.19
C8 EIC XB . 14.82 -25.95 -30.65
C9 EIC XB . 13.91 -25.33 -31.72
C10 EIC XB . 13.56 -24.07 -31.62
C11 EIC XB . 12.66 -23.43 -32.68
C12 EIC XB . 13.08 -21.99 -32.94
C13 EIC XB . 13.59 -21.64 -34.10
C14 EIC XB . 13.74 -22.67 -35.22
C15 EIC XB . 15.22 -22.87 -35.52
C16 EIC XB . 15.38 -23.63 -36.85
C17 EIC XB . 16.87 -23.80 -37.15
C18 EIC XB . 17.07 -24.99 -38.07
O1 EIC XB . 16.20 -34.54 -27.27
O2 EIC XB . 17.76 -33.67 -28.51
#